data_8PDZ
#
_entry.id   8PDZ
#
_cell.length_a   1.00
_cell.length_b   1.00
_cell.length_c   1.00
_cell.angle_alpha   90.00
_cell.angle_beta   90.00
_cell.angle_gamma   90.00
#
_symmetry.space_group_name_H-M   'P 1'
#
_entity_poly.entity_id   1
_entity_poly.type   'polypeptide(L)'
_entity_poly.pdbx_seq_one_letter_code
;MAQIGNCCTEQLCCVNDAVCCTIILDDTGGTALPIWDDATTFVINGTIMVENNGTVGVGPTAALTVNGTAVGGFVVAPGE
CRSITMNDINSIAIVGAGTGTSSVKISFSINYKF
;
_entity_poly.pdbx_strand_id   R,Q,P,O,U,T,S,V,W,X,Y,Z,a,b,H,I,J,K,L,M,N,A,B,C,D,E,F,G
#
# COMPACT_ATOMS: atom_id res chain seq x y z
N ALA A 2 25.56 -10.78 1.79
CA ALA A 2 24.31 -10.75 2.53
C ALA A 2 23.89 -9.31 2.81
N GLN A 3 22.65 -8.98 2.45
CA GLN A 3 22.15 -7.63 2.67
C GLN A 3 22.06 -7.33 4.16
N ILE A 4 22.46 -6.12 4.53
CA ILE A 4 22.37 -5.63 5.91
C ILE A 4 21.42 -4.44 5.91
N GLY A 5 20.32 -4.58 6.64
CA GLY A 5 19.30 -3.55 6.65
C GLY A 5 18.50 -3.55 5.37
N ASN A 6 17.58 -2.57 5.28
CA ASN A 6 16.75 -2.41 4.10
C ASN A 6 16.64 -0.93 3.79
N CYS A 7 16.89 -0.57 2.53
CA CYS A 7 16.68 0.82 2.11
C CYS A 7 15.23 1.23 2.31
N CYS A 8 14.30 0.32 1.98
CA CYS A 8 12.88 0.52 2.23
C CYS A 8 12.37 1.83 1.64
N THR A 9 11.65 2.61 2.45
CA THR A 9 11.06 3.86 1.99
C THR A 9 10.80 4.74 3.21
N GLU A 10 10.24 5.92 2.97
CA GLU A 10 9.90 6.90 3.99
C GLU A 10 8.46 7.37 3.78
N GLN A 11 7.55 6.41 3.68
CA GLN A 11 6.18 6.66 3.23
C GLN A 11 5.64 7.99 3.75
N LEU A 12 5.00 8.73 2.85
CA LEU A 12 4.51 10.07 3.12
C LEU A 12 2.99 10.07 3.10
N CYS A 13 2.40 10.72 4.09
CA CYS A 13 0.95 10.88 4.14
C CYS A 13 0.55 12.03 3.22
N CYS A 14 -0.51 11.82 2.44
CA CYS A 14 -0.96 12.80 1.46
C CYS A 14 -2.15 13.57 2.05
N VAL A 15 -2.01 14.88 2.14
CA VAL A 15 -3.03 15.76 2.69
C VAL A 15 -3.78 16.40 1.55
N ASN A 16 -5.12 16.33 1.60
CA ASN A 16 -6.01 16.92 0.60
C ASN A 16 -7.13 17.60 1.40
N ASP A 17 -6.99 18.90 1.62
CA ASP A 17 -7.95 19.69 2.36
C ASP A 17 -8.69 20.65 1.44
N ALA A 18 -9.85 21.11 1.91
CA ALA A 18 -10.67 22.06 1.16
C ALA A 18 -11.08 23.20 2.08
N VAL A 19 -11.12 24.42 1.55
CA VAL A 19 -11.49 25.60 2.30
C VAL A 19 -12.51 26.38 1.49
N CYS A 20 -13.50 26.94 2.19
CA CYS A 20 -14.56 27.74 1.57
C CYS A 20 -14.92 28.89 2.50
N CYS A 21 -15.10 30.08 1.91
CA CYS A 21 -15.63 31.20 2.68
C CYS A 21 -16.34 32.17 1.74
N THR A 22 -17.11 33.07 2.34
CA THR A 22 -17.86 34.08 1.61
C THR A 22 -17.51 35.46 2.17
N ILE A 23 -17.34 36.43 1.28
CA ILE A 23 -16.93 37.78 1.65
C ILE A 23 -17.84 38.79 0.96
N ILE A 24 -17.91 39.96 1.56
CA ILE A 24 -18.61 41.11 0.99
C ILE A 24 -17.54 41.96 0.33
N LEU A 25 -17.49 41.92 -1.00
CA LEU A 25 -16.43 42.56 -1.77
C LEU A 25 -16.93 43.89 -2.30
N ASP A 26 -16.14 44.94 -2.06
CA ASP A 26 -16.39 46.28 -2.58
C ASP A 26 -15.14 46.76 -3.34
N ASP A 27 -15.14 48.03 -3.70
CA ASP A 27 -14.02 48.60 -4.43
C ASP A 27 -12.84 48.79 -3.47
N THR A 28 -11.71 48.15 -3.79
CA THR A 28 -10.51 48.23 -2.97
C THR A 28 -9.41 49.07 -3.60
N GLY A 29 -9.67 49.70 -4.73
CA GLY A 29 -8.67 50.56 -5.36
C GLY A 29 -7.43 49.82 -5.82
N GLY A 30 -7.60 48.60 -6.33
CA GLY A 30 -6.49 47.85 -6.86
C GLY A 30 -5.67 47.09 -5.85
N THR A 31 -6.01 47.19 -4.56
CA THR A 31 -5.28 46.49 -3.52
C THR A 31 -5.82 45.08 -3.36
N ALA A 32 -4.90 44.12 -3.22
CA ALA A 32 -5.27 42.71 -3.11
C ALA A 32 -5.56 42.36 -1.66
N LEU A 33 -6.77 41.87 -1.40
CA LEU A 33 -7.13 41.43 -0.06
C LEU A 33 -6.56 40.04 0.18
N PRO A 34 -5.74 39.83 1.21
CA PRO A 34 -5.14 38.51 1.41
C PRO A 34 -6.19 37.49 1.82
N ILE A 35 -6.18 36.35 1.14
CA ILE A 35 -7.10 35.25 1.43
C ILE A 35 -6.37 34.04 1.98
N TRP A 36 -5.25 33.66 1.36
CA TRP A 36 -4.50 32.49 1.81
C TRP A 36 -3.01 32.75 1.62
N ASP A 37 -2.20 32.31 2.58
CA ASP A 37 -0.76 32.46 2.52
C ASP A 37 -0.11 31.16 2.95
N ASP A 38 1.10 30.93 2.46
CA ASP A 38 1.85 29.71 2.75
C ASP A 38 3.04 30.06 3.65
N ALA A 39 3.18 29.32 4.75
CA ALA A 39 4.28 29.50 5.69
C ALA A 39 5.12 28.24 5.86
N THR A 40 4.88 27.21 5.06
CA THR A 40 5.58 25.94 5.15
C THR A 40 6.58 25.83 4.00
N THR A 41 7.36 24.76 4.03
CA THR A 41 8.36 24.48 3.00
C THR A 41 7.88 23.42 2.00
N PHE A 42 6.61 23.02 2.07
CA PHE A 42 6.09 21.99 1.19
C PHE A 42 5.77 22.59 -0.18
N VAL A 43 5.51 21.70 -1.14
CA VAL A 43 5.03 22.06 -2.46
C VAL A 43 3.53 21.76 -2.50
N ILE A 44 2.73 22.78 -2.81
CA ILE A 44 1.29 22.72 -2.67
C ILE A 44 0.65 22.89 -4.05
N ASN A 45 -0.24 21.98 -4.41
CA ASN A 45 -1.04 22.07 -5.62
C ASN A 45 -2.51 22.24 -5.25
N GLY A 46 -3.33 22.55 -6.24
CA GLY A 46 -4.76 22.55 -6.01
C GLY A 46 -5.50 23.43 -6.98
N THR A 47 -6.81 23.47 -6.79
CA THR A 47 -7.72 24.24 -7.62
C THR A 47 -8.37 25.34 -6.81
N ILE A 48 -8.52 26.51 -7.43
CA ILE A 48 -9.10 27.69 -6.81
C ILE A 48 -10.33 28.08 -7.61
N MET A 49 -11.46 28.26 -6.92
CA MET A 49 -12.73 28.61 -7.54
C MET A 49 -13.27 29.87 -6.89
N VAL A 50 -13.73 30.80 -7.74
CA VAL A 50 -14.33 32.05 -7.30
C VAL A 50 -15.69 32.17 -7.96
N GLU A 51 -16.73 32.40 -7.16
CA GLU A 51 -18.09 32.56 -7.65
C GLU A 51 -18.63 33.90 -7.17
N ASN A 52 -19.11 34.72 -8.10
CA ASN A 52 -19.63 36.04 -7.76
C ASN A 52 -21.16 35.98 -7.87
N ASN A 53 -21.83 35.96 -6.72
CA ASN A 53 -23.27 35.83 -6.65
C ASN A 53 -23.99 37.17 -6.56
N GLY A 54 -23.27 38.29 -6.62
CA GLY A 54 -23.88 39.59 -6.51
C GLY A 54 -24.92 39.84 -7.59
N THR A 55 -25.63 40.96 -7.48
CA THR A 55 -26.65 41.29 -8.46
C THR A 55 -26.01 41.45 -9.84
N VAL A 56 -26.73 40.99 -10.87
CA VAL A 56 -26.20 41.02 -12.22
C VAL A 56 -26.15 42.45 -12.73
N GLY A 57 -24.98 42.84 -13.25
CA GLY A 57 -24.82 44.15 -13.85
C GLY A 57 -24.67 45.29 -12.86
N VAL A 58 -24.58 45.01 -11.57
CA VAL A 58 -24.48 46.04 -10.55
C VAL A 58 -23.26 45.81 -9.68
N GLY A 59 -23.12 44.59 -9.16
CA GLY A 59 -22.08 44.29 -8.20
C GLY A 59 -20.69 44.36 -8.81
N PRO A 60 -19.69 44.67 -7.99
CA PRO A 60 -18.32 44.75 -8.51
C PRO A 60 -17.83 43.39 -8.99
N THR A 61 -16.86 43.44 -9.90
CA THR A 61 -16.18 42.25 -10.39
C THR A 61 -14.98 41.93 -9.51
N ALA A 62 -14.57 40.67 -9.53
CA ALA A 62 -13.46 40.17 -8.73
C ALA A 62 -12.40 39.56 -9.63
N ALA A 63 -11.14 39.72 -9.22
CA ALA A 63 -9.99 39.17 -9.95
C ALA A 63 -9.09 38.42 -8.98
N LEU A 64 -8.58 37.28 -9.42
CA LEU A 64 -7.71 36.45 -8.60
C LEU A 64 -6.25 36.85 -8.78
N THR A 65 -5.50 36.77 -7.68
CA THR A 65 -4.07 37.02 -7.69
C THR A 65 -3.37 35.89 -6.96
N VAL A 66 -2.36 35.30 -7.59
CA VAL A 66 -1.63 34.17 -7.04
C VAL A 66 -0.15 34.46 -7.15
N ASN A 67 0.60 34.20 -6.07
CA ASN A 67 2.04 34.42 -6.05
C ASN A 67 2.39 35.87 -6.33
N GLY A 68 1.47 36.79 -6.01
CA GLY A 68 1.71 38.20 -6.25
C GLY A 68 1.53 38.66 -7.67
N THR A 69 1.08 37.77 -8.57
CA THR A 69 0.88 38.11 -9.97
C THR A 69 -0.55 37.76 -10.35
N ALA A 70 -1.22 38.71 -11.00
CA ALA A 70 -2.61 38.49 -11.41
C ALA A 70 -2.69 37.42 -12.47
N VAL A 71 -3.71 36.56 -12.36
CA VAL A 71 -3.91 35.51 -13.34
C VAL A 71 -4.48 36.11 -14.62
N GLY A 72 -3.90 35.74 -15.76
CA GLY A 72 -4.28 36.31 -17.03
C GLY A 72 -5.76 36.11 -17.37
N GLY A 73 -6.52 37.20 -17.36
CA GLY A 73 -7.90 37.17 -17.77
C GLY A 73 -8.87 36.63 -16.75
N PHE A 74 -8.43 36.33 -15.53
CA PHE A 74 -9.30 35.76 -14.50
C PHE A 74 -10.06 36.90 -13.81
N VAL A 75 -11.13 37.33 -14.46
CA VAL A 75 -12.08 38.29 -13.91
C VAL A 75 -13.46 37.66 -13.98
N VAL A 76 -14.20 37.72 -12.87
CA VAL A 76 -15.50 37.06 -12.75
C VAL A 76 -16.56 38.15 -12.61
N ALA A 77 -17.53 38.13 -13.52
CA ALA A 77 -18.67 39.03 -13.46
C ALA A 77 -19.76 38.42 -12.59
N PRO A 78 -20.70 39.23 -12.09
CA PRO A 78 -21.75 38.68 -11.25
C PRO A 78 -22.60 37.66 -11.99
N GLY A 79 -23.03 36.63 -11.25
CA GLY A 79 -23.73 35.53 -11.85
C GLY A 79 -22.86 34.51 -12.55
N GLU A 80 -21.62 34.35 -12.10
CA GLU A 80 -20.66 33.46 -12.76
C GLU A 80 -19.77 32.80 -11.72
N CYS A 81 -19.14 31.71 -12.12
CA CYS A 81 -18.07 31.07 -11.35
C CYS A 81 -16.94 30.73 -12.29
N ARG A 82 -15.72 30.70 -11.75
CA ARG A 82 -14.56 30.33 -12.54
C ARG A 82 -13.55 29.62 -11.64
N SER A 83 -12.97 28.55 -12.16
CA SER A 83 -12.03 27.73 -11.41
C SER A 83 -10.77 27.50 -12.23
N ILE A 84 -9.64 27.38 -11.54
CA ILE A 84 -8.35 27.19 -12.19
C ILE A 84 -7.51 26.27 -11.30
N THR A 85 -6.86 25.29 -11.94
CA THR A 85 -5.97 24.37 -11.24
C THR A 85 -4.53 24.81 -11.45
N MET A 86 -3.70 24.67 -10.42
CA MET A 86 -2.32 25.12 -10.48
C MET A 86 -1.46 24.34 -9.51
N ASN A 87 -0.16 24.46 -9.69
CA ASN A 87 0.86 23.79 -8.89
C ASN A 87 1.80 24.84 -8.35
N ASP A 88 2.38 24.55 -7.19
CA ASP A 88 3.29 25.49 -6.50
C ASP A 88 2.57 26.79 -6.19
N ILE A 89 1.51 26.68 -5.39
CA ILE A 89 0.70 27.80 -4.98
C ILE A 89 1.13 28.23 -3.58
N ASN A 90 1.46 29.51 -3.42
CA ASN A 90 1.92 30.05 -2.14
C ASN A 90 1.08 31.20 -1.62
N SER A 91 0.26 31.84 -2.45
CA SER A 91 -0.55 32.95 -1.99
C SER A 91 -1.79 33.07 -2.87
N ILE A 92 -2.91 33.44 -2.26
CA ILE A 92 -4.18 33.64 -2.94
C ILE A 92 -4.80 34.93 -2.40
N ALA A 93 -5.17 35.84 -3.30
CA ALA A 93 -5.79 37.09 -2.92
C ALA A 93 -6.83 37.48 -3.97
N ILE A 94 -7.73 38.37 -3.57
CA ILE A 94 -8.83 38.81 -4.42
C ILE A 94 -8.79 40.34 -4.51
N VAL A 95 -8.99 40.85 -5.72
CA VAL A 95 -9.05 42.29 -5.97
C VAL A 95 -10.43 42.60 -6.53
N GLY A 96 -11.13 43.50 -5.86
CA GLY A 96 -12.46 43.92 -6.28
C GLY A 96 -12.41 45.23 -7.04
N ALA A 97 -13.28 45.36 -8.03
CA ALA A 97 -13.35 46.57 -8.86
C ALA A 97 -14.78 46.82 -9.27
N GLY A 98 -15.29 48.02 -8.97
CA GLY A 98 -16.64 48.38 -9.34
C GLY A 98 -17.31 49.29 -8.31
N THR A 99 -18.64 49.27 -8.29
CA THR A 99 -19.42 50.06 -7.34
C THR A 99 -20.43 49.16 -6.66
N GLY A 100 -20.63 49.40 -5.37
CA GLY A 100 -21.52 48.56 -4.59
C GLY A 100 -20.77 47.43 -3.89
N THR A 101 -21.55 46.46 -3.42
CA THR A 101 -21.01 45.30 -2.71
C THR A 101 -21.55 44.03 -3.33
N SER A 102 -20.73 42.98 -3.31
CA SER A 102 -21.10 41.69 -3.88
C SER A 102 -20.77 40.58 -2.91
N SER A 103 -21.61 39.54 -2.88
CA SER A 103 -21.35 38.36 -2.08
C SER A 103 -20.52 37.40 -2.91
N VAL A 104 -19.22 37.35 -2.64
CA VAL A 104 -18.27 36.59 -3.44
C VAL A 104 -17.77 35.41 -2.61
N LYS A 105 -17.88 34.21 -3.18
CA LYS A 105 -17.51 32.97 -2.50
C LYS A 105 -16.20 32.47 -3.09
N ILE A 106 -15.23 32.23 -2.21
CA ILE A 106 -13.92 31.72 -2.59
C ILE A 106 -13.75 30.34 -1.97
N SER A 107 -13.43 29.36 -2.80
CA SER A 107 -13.10 28.02 -2.35
C SER A 107 -11.78 27.60 -2.98
N PHE A 108 -11.07 26.71 -2.29
CA PHE A 108 -9.80 26.24 -2.83
C PHE A 108 -9.37 24.95 -2.14
N SER A 109 -8.69 24.11 -2.91
CA SER A 109 -8.18 22.83 -2.41
C SER A 109 -6.67 22.91 -2.25
N ILE A 110 -6.18 22.40 -1.12
CA ILE A 110 -4.76 22.31 -0.83
C ILE A 110 -4.40 20.83 -0.87
N ASN A 111 -3.51 20.45 -1.79
CA ASN A 111 -3.04 19.08 -1.91
C ASN A 111 -1.53 19.06 -1.82
N TYR A 112 -1.01 18.22 -0.93
CA TYR A 112 0.43 18.07 -0.77
C TYR A 112 0.71 16.74 -0.08
N LYS A 113 1.99 16.50 0.22
CA LYS A 113 2.40 15.29 0.91
C LYS A 113 3.47 15.64 1.93
N PHE A 114 3.49 14.89 3.03
CA PHE A 114 4.47 15.15 4.08
C PHE A 114 4.97 13.85 4.72
N ALA B 2 26.09 -8.51 -4.39
CA ALA B 2 25.27 -7.91 -3.34
C ALA B 2 24.61 -6.63 -3.83
N GLN B 3 23.29 -6.55 -3.66
CA GLN B 3 22.56 -5.37 -4.08
C GLN B 3 22.98 -4.16 -3.26
N ILE B 4 23.13 -3.02 -3.95
CA ILE B 4 23.45 -1.75 -3.31
C ILE B 4 22.29 -0.80 -3.56
N GLY B 5 21.64 -0.36 -2.49
CA GLY B 5 20.46 0.47 -2.61
C GLY B 5 19.26 -0.33 -3.05
N ASN B 6 18.15 0.38 -3.27
CA ASN B 6 16.91 -0.23 -3.72
C ASN B 6 16.27 0.68 -4.74
N CYS B 7 15.90 0.12 -5.90
CA CYS B 7 15.18 0.89 -6.89
C CYS B 7 13.86 1.40 -6.31
N CYS B 8 13.17 0.56 -5.55
CA CYS B 8 11.97 0.95 -4.82
C CYS B 8 10.93 1.56 -5.74
N THR B 9 10.39 2.72 -5.35
CA THR B 9 9.35 3.39 -6.10
C THR B 9 9.35 4.87 -5.73
N GLU B 10 8.43 5.62 -6.32
CA GLU B 10 8.25 7.05 -6.10
C GLU B 10 6.79 7.35 -5.83
N GLN B 11 6.21 6.61 -4.87
CA GLN B 11 4.76 6.57 -4.66
C GLN B 11 4.12 7.93 -4.87
N LEU B 12 3.00 7.93 -5.58
CA LEU B 12 2.30 9.14 -5.97
C LEU B 12 0.96 9.22 -5.26
N CYS B 13 0.64 10.40 -4.73
CA CYS B 13 -0.65 10.62 -4.11
C CYS B 13 -1.69 10.88 -5.20
N CYS B 14 -2.86 10.28 -5.06
CA CYS B 14 -3.91 10.39 -6.05
C CYS B 14 -4.94 11.41 -5.58
N VAL B 15 -5.15 12.45 -6.38
CA VAL B 15 -6.08 13.53 -6.05
C VAL B 15 -7.37 13.31 -6.81
N ASN B 16 -8.49 13.36 -6.10
CA ASN B 16 -9.83 13.19 -6.67
C ASN B 16 -10.69 14.28 -6.03
N ASP B 17 -10.85 15.39 -6.74
CA ASP B 17 -11.62 16.52 -6.26
C ASP B 17 -12.90 16.68 -7.09
N ALA B 18 -13.87 17.39 -6.51
CA ALA B 18 -15.15 17.66 -7.16
C ALA B 18 -15.45 19.14 -7.06
N VAL B 19 -16.05 19.69 -8.11
CA VAL B 19 -16.41 21.10 -8.17
C VAL B 19 -17.85 21.21 -8.65
N CYS B 20 -18.59 22.15 -8.08
CA CYS B 20 -19.98 22.40 -8.44
C CYS B 20 -20.27 23.89 -8.37
N CYS B 21 -20.99 24.41 -9.37
CA CYS B 21 -21.47 25.77 -9.30
C CYS B 21 -22.72 25.91 -10.14
N THR B 22 -23.42 27.03 -9.93
CA THR B 22 -24.65 27.36 -10.64
C THR B 22 -24.51 28.73 -11.27
N ILE B 23 -24.98 28.86 -12.52
CA ILE B 23 -24.86 30.09 -13.28
C ILE B 23 -26.20 30.45 -13.89
N ILE B 24 -26.37 31.73 -14.18
CA ILE B 24 -27.53 32.25 -14.90
C ILE B 24 -27.08 32.39 -16.35
N LEU B 25 -27.54 31.47 -17.20
CA LEU B 25 -27.10 31.39 -18.58
C LEU B 25 -28.12 32.07 -19.48
N ASP B 26 -27.63 32.96 -20.34
CA ASP B 26 -28.43 33.64 -21.35
C ASP B 26 -27.76 33.43 -22.72
N ASP B 27 -28.27 34.15 -23.72
CA ASP B 27 -27.72 34.03 -25.07
C ASP B 27 -26.36 34.74 -25.13
N THR B 28 -25.32 33.99 -25.50
CA THR B 28 -23.97 34.53 -25.58
C THR B 28 -23.49 34.69 -27.01
N GLY B 29 -24.34 34.42 -28.00
CA GLY B 29 -23.95 34.60 -29.39
C GLY B 29 -22.83 33.68 -29.83
N GLY B 30 -22.85 32.43 -29.36
CA GLY B 30 -21.87 31.45 -29.78
C GLY B 30 -20.53 31.52 -29.06
N THR B 31 -20.36 32.45 -28.12
CA THR B 31 -19.11 32.58 -27.39
C THR B 31 -19.12 31.66 -26.18
N ALA B 32 -17.99 30.99 -25.95
CA ALA B 32 -17.89 30.01 -24.87
C ALA B 32 -17.47 30.72 -23.58
N LEU B 33 -18.30 30.60 -22.55
CA LEU B 33 -17.96 31.16 -21.25
C LEU B 33 -16.98 30.26 -20.54
N PRO B 34 -15.80 30.74 -20.15
CA PRO B 34 -14.82 29.85 -19.51
C PRO B 34 -15.30 29.41 -18.14
N ILE B 35 -15.23 28.10 -17.88
CA ILE B 35 -15.62 27.53 -16.61
C ILE B 35 -14.41 26.95 -15.87
N TRP B 36 -13.57 26.19 -16.58
CA TRP B 36 -12.41 25.57 -15.95
C TRP B 36 -11.26 25.56 -16.94
N ASP B 37 -10.05 25.81 -16.45
CA ASP B 37 -8.85 25.81 -17.26
C ASP B 37 -7.74 25.09 -16.51
N ASP B 38 -6.81 24.51 -17.27
CA ASP B 38 -5.69 23.76 -16.73
C ASP B 38 -4.41 24.56 -16.92
N ALA B 39 -3.64 24.70 -15.84
CA ALA B 39 -2.37 25.41 -15.87
C ALA B 39 -1.20 24.54 -15.40
N THR B 40 -1.44 23.25 -15.18
CA THR B 40 -0.43 22.32 -14.71
C THR B 40 0.02 21.42 -15.85
N THR B 41 1.03 20.58 -15.57
CA THR B 41 1.57 19.65 -16.54
C THR B 41 1.06 18.23 -16.31
N PHE B 42 0.10 18.04 -15.42
CA PHE B 42 -0.43 16.72 -15.13
C PHE B 42 -1.40 16.28 -16.21
N VAL B 43 -1.77 15.00 -16.15
CA VAL B 43 -2.81 14.42 -16.99
C VAL B 43 -4.04 14.24 -16.13
N ILE B 44 -5.15 14.85 -16.55
CA ILE B 44 -6.35 14.97 -15.74
C ILE B 44 -7.48 14.22 -16.42
N ASN B 45 -8.16 13.35 -15.67
CA ASN B 45 -9.35 12.67 -16.13
C ASN B 45 -10.54 13.12 -15.29
N GLY B 46 -11.74 12.74 -15.72
CA GLY B 46 -12.90 12.97 -14.88
C GLY B 46 -14.18 13.03 -15.68
N THR B 47 -15.27 13.25 -14.95
CA THR B 47 -16.61 13.33 -15.51
C THR B 47 -17.17 14.74 -15.35
N ILE B 48 -17.87 15.20 -16.37
CA ILE B 48 -18.46 16.53 -16.41
C ILE B 48 -19.97 16.36 -16.56
N MET B 49 -20.73 17.00 -15.68
CA MET B 49 -22.18 16.93 -15.68
C MET B 49 -22.77 18.33 -15.77
N VAL B 50 -23.75 18.50 -16.65
CA VAL B 50 -24.46 19.76 -16.83
C VAL B 50 -25.95 19.49 -16.67
N GLU B 51 -26.61 20.25 -15.80
CA GLU B 51 -28.04 20.11 -15.57
C GLU B 51 -28.70 21.46 -15.81
N ASN B 52 -29.72 21.49 -16.67
CA ASN B 52 -30.42 22.73 -16.98
C ASN B 52 -31.77 22.69 -16.29
N ASN B 53 -31.91 23.48 -15.22
CA ASN B 53 -33.11 23.50 -14.41
C ASN B 53 -34.08 24.60 -14.81
N GLY B 54 -33.78 25.36 -15.86
CA GLY B 54 -34.65 26.45 -16.29
C GLY B 54 -36.05 25.98 -16.62
N THR B 55 -36.95 26.92 -16.88
CA THR B 55 -38.32 26.57 -17.23
C THR B 55 -38.34 25.75 -18.51
N VAL B 56 -39.25 24.78 -18.55
CA VAL B 56 -39.31 23.86 -19.70
C VAL B 56 -39.86 24.60 -20.90
N GLY B 57 -39.17 24.49 -22.04
CA GLY B 57 -39.62 25.06 -23.28
C GLY B 57 -39.42 26.56 -23.40
N VAL B 58 -38.76 27.19 -22.43
CA VAL B 58 -38.57 28.64 -22.45
C VAL B 58 -37.09 28.97 -22.34
N GLY B 59 -36.42 28.40 -21.34
CA GLY B 59 -35.05 28.75 -21.05
C GLY B 59 -34.09 28.32 -22.14
N PRO B 60 -32.98 29.04 -22.29
CA PRO B 60 -32.00 28.68 -23.31
C PRO B 60 -31.37 27.32 -23.04
N THR B 61 -30.89 26.70 -24.12
CA THR B 61 -30.16 25.46 -24.04
C THR B 61 -28.67 25.74 -23.86
N ALA B 62 -27.97 24.74 -23.31
CA ALA B 62 -26.54 24.85 -23.04
C ALA B 62 -25.79 23.74 -23.76
N ALA B 63 -24.57 24.06 -24.18
CA ALA B 63 -23.70 23.11 -24.87
C ALA B 63 -22.32 23.14 -24.23
N LEU B 64 -21.72 21.97 -24.09
CA LEU B 64 -20.41 21.83 -23.47
C LEU B 64 -19.31 21.95 -24.52
N THR B 65 -18.20 22.56 -24.13
CA THR B 65 -17.02 22.67 -24.98
C THR B 65 -15.80 22.27 -24.15
N VAL B 66 -15.01 21.35 -24.69
CA VAL B 66 -13.83 20.83 -24.01
C VAL B 66 -12.64 20.89 -24.96
N ASN B 67 -11.51 21.37 -24.47
CA ASN B 67 -10.29 21.47 -25.28
C ASN B 67 -10.51 22.36 -26.50
N GLY B 68 -11.44 23.29 -26.40
CA GLY B 68 -11.72 24.19 -27.51
C GLY B 68 -12.57 23.60 -28.62
N THR B 69 -13.06 22.37 -28.45
CA THR B 69 -13.88 21.70 -29.45
C THR B 69 -15.19 21.28 -28.81
N ALA B 70 -16.30 21.59 -29.47
CA ALA B 70 -17.61 21.24 -28.94
C ALA B 70 -17.79 19.72 -28.93
N VAL B 71 -18.40 19.22 -27.86
CA VAL B 71 -18.66 17.79 -27.76
C VAL B 71 -19.83 17.43 -28.67
N GLY B 72 -19.66 16.37 -29.46
CA GLY B 72 -20.66 15.98 -30.43
C GLY B 72 -22.03 15.69 -29.83
N GLY B 73 -22.99 16.56 -30.10
CA GLY B 73 -24.36 16.33 -29.69
C GLY B 73 -24.67 16.65 -28.24
N PHE B 74 -23.71 17.21 -27.51
CA PHE B 74 -23.91 17.51 -26.08
C PHE B 74 -24.63 18.85 -25.96
N VAL B 75 -25.95 18.80 -26.12
CA VAL B 75 -26.82 19.94 -25.89
C VAL B 75 -27.89 19.50 -24.90
N VAL B 76 -28.12 20.32 -23.87
CA VAL B 76 -29.03 19.98 -22.78
C VAL B 76 -30.22 20.93 -22.82
N ALA B 77 -31.41 20.37 -22.94
CA ALA B 77 -32.63 21.15 -22.89
C ALA B 77 -33.09 21.33 -21.44
N PRO B 78 -33.94 22.31 -21.17
CA PRO B 78 -34.38 22.52 -19.78
C PRO B 78 -35.12 21.31 -19.25
N GLY B 79 -34.92 21.05 -17.95
CA GLY B 79 -35.47 19.87 -17.33
C GLY B 79 -34.69 18.60 -17.60
N GLU B 80 -33.37 18.70 -17.81
CA GLU B 80 -32.55 17.56 -18.15
C GLU B 80 -31.17 17.70 -17.51
N CYS B 81 -30.47 16.57 -17.43
CA CYS B 81 -29.06 16.56 -17.05
C CYS B 81 -28.34 15.61 -18.00
N ARG B 82 -27.05 15.87 -18.21
CA ARG B 82 -26.23 15.02 -19.06
C ARG B 82 -24.80 15.03 -18.54
N SER B 83 -24.19 13.85 -18.50
CA SER B 83 -22.83 13.68 -17.98
C SER B 83 -21.99 12.90 -18.98
N ILE B 84 -20.70 13.21 -19.00
CA ILE B 84 -19.76 12.56 -19.92
C ILE B 84 -18.43 12.41 -19.20
N THR B 85 -17.83 11.23 -19.33
CA THR B 85 -16.52 10.94 -18.75
C THR B 85 -15.46 11.06 -19.84
N MET B 86 -14.29 11.58 -19.49
CA MET B 86 -13.23 11.81 -20.46
C MET B 86 -11.88 11.82 -19.77
N ASN B 87 -10.85 11.71 -20.60
CA ASN B 87 -9.46 11.68 -20.16
C ASN B 87 -8.70 12.79 -20.90
N ASP B 88 -7.66 13.32 -20.26
CA ASP B 88 -6.87 14.40 -20.81
C ASP B 88 -7.74 15.64 -21.04
N ILE B 89 -8.33 16.13 -19.96
CA ILE B 89 -9.19 17.30 -19.99
C ILE B 89 -8.38 18.50 -19.55
N ASN B 90 -8.40 19.56 -20.37
CA ASN B 90 -7.64 20.77 -20.09
C ASN B 90 -8.49 22.03 -20.04
N SER B 91 -9.72 22.00 -20.57
CA SER B 91 -10.58 23.19 -20.56
C SER B 91 -12.03 22.76 -20.60
N ILE B 92 -12.88 23.50 -19.89
CA ILE B 92 -14.31 23.28 -19.85
C ILE B 92 -15.00 24.64 -19.98
N ALA B 93 -15.94 24.73 -20.92
CA ALA B 93 -16.69 25.96 -21.13
C ALA B 93 -18.12 25.61 -21.53
N ILE B 94 -19.00 26.59 -21.39
CA ILE B 94 -20.42 26.43 -21.67
C ILE B 94 -20.86 27.50 -22.66
N VAL B 95 -21.64 27.10 -23.66
CA VAL B 95 -22.19 28.00 -24.65
C VAL B 95 -23.70 27.96 -24.53
N GLY B 96 -24.33 29.12 -24.30
CA GLY B 96 -25.77 29.21 -24.18
C GLY B 96 -26.39 29.69 -25.49
N ALA B 97 -27.58 29.18 -25.78
CA ALA B 97 -28.29 29.55 -27.01
C ALA B 97 -29.79 29.55 -26.74
N GLY B 98 -30.44 30.67 -27.02
CA GLY B 98 -31.87 30.77 -26.83
C GLY B 98 -32.32 32.16 -26.40
N THR B 99 -33.47 32.24 -25.73
CA THR B 99 -34.00 33.50 -25.23
C THR B 99 -34.37 33.32 -23.76
N GLY B 100 -34.11 34.37 -22.99
CA GLY B 100 -34.34 34.31 -21.55
C GLY B 100 -33.10 33.88 -20.79
N THR B 101 -33.32 33.50 -19.54
CA THR B 101 -32.25 33.07 -18.64
C THR B 101 -32.61 31.74 -18.02
N SER B 102 -31.59 30.92 -17.77
CA SER B 102 -31.78 29.59 -17.18
C SER B 102 -30.79 29.39 -16.05
N SER B 103 -31.23 28.68 -15.01
CA SER B 103 -30.35 28.31 -13.90
C SER B 103 -29.67 26.99 -14.26
N VAL B 104 -28.41 27.07 -14.69
CA VAL B 104 -27.68 25.91 -15.20
C VAL B 104 -26.60 25.55 -14.20
N LYS B 105 -26.58 24.29 -13.78
CA LYS B 105 -25.65 23.78 -12.78
C LYS B 105 -24.57 22.95 -13.48
N ILE B 106 -23.31 23.29 -13.24
CA ILE B 106 -22.17 22.60 -13.81
C ILE B 106 -21.40 21.95 -12.66
N SER B 107 -21.16 20.65 -12.76
CA SER B 107 -20.32 19.93 -11.82
C SER B 107 -19.28 19.13 -12.61
N PHE B 108 -18.15 18.88 -11.98
CA PHE B 108 -17.12 18.10 -12.65
C PHE B 108 -16.11 17.57 -11.64
N SER B 109 -15.57 16.40 -11.94
CA SER B 109 -14.58 15.74 -11.11
C SER B 109 -13.21 15.82 -11.78
N ILE B 110 -12.20 16.17 -10.98
CA ILE B 110 -10.81 16.21 -11.41
C ILE B 110 -10.09 15.05 -10.72
N ASN B 111 -9.57 14.12 -11.52
CA ASN B 111 -8.83 12.97 -11.00
C ASN B 111 -7.46 12.94 -11.64
N TYR B 112 -6.41 12.88 -10.83
CA TYR B 112 -5.05 12.78 -11.32
C TYR B 112 -4.16 12.24 -10.21
N LYS B 113 -2.86 12.18 -10.48
CA LYS B 113 -1.88 11.71 -9.52
C LYS B 113 -0.65 12.59 -9.59
N PHE B 114 0.02 12.75 -8.44
CA PHE B 114 1.22 13.59 -8.39
C PHE B 114 2.26 13.00 -7.44
N ALA C 2 23.36 -11.13 -10.13
CA ALA C 2 22.91 -9.93 -9.43
C ALA C 2 21.78 -9.25 -10.20
N GLN C 3 20.67 -8.99 -9.51
CA GLN C 3 19.54 -8.34 -10.14
C GLN C 3 19.90 -6.93 -10.56
N ILE C 4 19.45 -6.53 -11.75
CA ILE C 4 19.63 -5.19 -12.28
C ILE C 4 18.26 -4.57 -12.45
N GLY C 5 18.00 -3.49 -11.74
CA GLY C 5 16.69 -2.86 -11.74
C GLY C 5 15.68 -3.67 -10.96
N ASN C 6 14.44 -3.21 -11.00
CA ASN C 6 13.34 -3.88 -10.31
C ASN C 6 12.11 -3.84 -11.22
N CYS C 7 11.49 -5.00 -11.42
CA CYS C 7 10.24 -5.03 -12.17
C CYS C 7 9.18 -4.17 -11.48
N CYS C 8 9.11 -4.25 -10.15
CA CYS C 8 8.25 -3.40 -9.35
C CYS C 8 6.80 -3.47 -9.80
N THR C 9 6.17 -2.31 -10.00
CA THR C 9 4.77 -2.24 -10.38
C THR C 9 4.52 -0.89 -11.04
N GLU C 10 3.27 -0.67 -11.43
CA GLU C 10 2.81 0.56 -12.08
C GLU C 10 1.55 1.07 -11.38
N GLN C 11 1.64 1.19 -10.05
CA GLN C 11 0.47 1.39 -9.19
C GLN C 11 -0.55 2.31 -9.84
N LEU C 12 -1.81 1.93 -9.75
CA LEU C 12 -2.92 2.61 -10.41
C LEU C 12 -3.83 3.23 -9.36
N CYS C 13 -4.21 4.48 -9.58
CA CYS C 13 -5.17 5.15 -8.70
C CYS C 13 -6.58 4.71 -9.06
N CYS C 14 -7.37 4.42 -8.03
CA CYS C 14 -8.73 3.92 -8.22
C CYS C 14 -9.71 5.07 -8.05
N VAL C 15 -10.51 5.32 -9.08
CA VAL C 15 -11.48 6.41 -9.09
C VAL C 15 -12.86 5.82 -8.82
N ASN C 16 -13.57 6.41 -7.85
CA ASN C 16 -14.92 6.00 -7.47
C ASN C 16 -15.72 7.30 -7.31
N ASP C 17 -16.44 7.67 -8.36
CA ASP C 17 -17.25 8.88 -8.38
C ASP C 17 -18.73 8.54 -8.37
N ALA C 18 -19.54 9.52 -7.97
CA ALA C 18 -20.99 9.37 -7.93
C ALA C 18 -21.63 10.57 -8.62
N VAL C 19 -22.72 10.32 -9.34
CA VAL C 19 -23.45 11.36 -10.06
C VAL C 19 -24.93 11.21 -9.74
N CYS C 20 -25.61 12.35 -9.57
CA CYS C 20 -27.03 12.39 -9.29
C CYS C 20 -27.66 13.56 -10.03
N CYS C 21 -28.83 13.34 -10.62
CA CYS C 21 -29.61 14.45 -11.17
C CYS C 21 -31.08 14.08 -11.19
N THR C 22 -31.91 15.09 -11.40
CA THR C 22 -33.36 14.95 -11.46
C THR C 22 -33.87 15.54 -12.76
N ILE C 23 -34.81 14.85 -13.40
CA ILE C 23 -35.35 15.26 -14.68
C ILE C 23 -36.87 15.20 -14.64
N ILE C 24 -37.48 15.98 -15.52
CA ILE C 24 -38.92 15.97 -15.73
C ILE C 24 -39.16 15.08 -16.96
N LEU C 25 -39.64 13.87 -16.71
CA LEU C 25 -39.79 12.86 -17.76
C LEU C 25 -41.23 12.84 -18.25
N ASP C 26 -41.40 12.91 -19.56
CA ASP C 26 -42.68 12.79 -20.23
C ASP C 26 -42.59 11.70 -21.29
N ASP C 27 -43.62 11.59 -22.11
CA ASP C 27 -43.65 10.58 -23.17
C ASP C 27 -42.68 10.97 -24.28
N THR C 28 -41.73 10.10 -24.56
CA THR C 28 -40.72 10.34 -25.59
C THR C 28 -40.91 9.48 -26.82
N GLY C 29 -41.97 8.69 -26.89
CA GLY C 29 -42.24 7.88 -28.06
C GLY C 29 -41.19 6.82 -28.31
N GLY C 30 -40.67 6.20 -27.25
CA GLY C 30 -39.71 5.13 -27.39
C GLY C 30 -38.27 5.56 -27.62
N THR C 31 -38.01 6.87 -27.68
CA THR C 31 -36.65 7.36 -27.89
C THR C 31 -35.93 7.47 -26.56
N ALA C 32 -34.66 7.05 -26.55
CA ALA C 32 -33.87 7.04 -25.33
C ALA C 32 -33.18 8.39 -25.14
N LEU C 33 -33.46 9.04 -24.01
CA LEU C 33 -32.81 10.30 -23.69
C LEU C 33 -31.41 10.03 -23.16
N PRO C 34 -30.35 10.56 -23.78
CA PRO C 34 -29.00 10.25 -23.30
C PRO C 34 -28.74 10.87 -21.94
N ILE C 35 -28.23 10.06 -21.02
CA ILE C 35 -27.90 10.50 -19.68
C ILE C 35 -26.39 10.47 -19.44
N TRP C 36 -25.73 9.39 -19.83
CA TRP C 36 -24.29 9.25 -19.62
C TRP C 36 -23.68 8.52 -20.80
N ASP C 37 -22.49 8.95 -21.20
CA ASP C 37 -21.77 8.32 -22.30
C ASP C 37 -20.30 8.20 -21.93
N ASP C 38 -19.64 7.21 -22.51
CA ASP C 38 -18.23 6.94 -22.24
C ASP C 38 -17.40 7.31 -23.46
N ALA C 39 -16.34 8.09 -23.24
CA ALA C 39 -15.43 8.50 -24.30
C ALA C 39 -14.00 8.09 -24.03
N THR C 40 -13.76 7.28 -22.99
CA THR C 40 -12.42 6.84 -22.61
C THR C 40 -12.24 5.37 -23.02
N THR C 41 -11.02 4.88 -22.81
CA THR C 41 -10.67 3.50 -23.12
C THR C 41 -10.63 2.62 -21.87
N PHE C 42 -11.07 3.13 -20.73
CA PHE C 42 -11.05 2.38 -19.48
C PHE C 42 -12.21 1.40 -19.42
N VAL C 43 -12.15 0.51 -18.44
CA VAL C 43 -13.24 -0.40 -18.13
C VAL C 43 -13.93 0.12 -16.88
N ILE C 44 -15.23 0.37 -16.98
CA ILE C 44 -15.99 1.08 -15.95
C ILE C 44 -17.06 0.15 -15.39
N ASN C 45 -17.10 0.04 -14.07
CA ASN C 45 -18.14 -0.68 -13.37
C ASN C 45 -18.97 0.28 -12.54
N GLY C 46 -20.08 -0.20 -12.00
CA GLY C 46 -20.82 0.61 -11.06
C GLY C 46 -22.28 0.21 -10.99
N THR C 47 -23.00 0.93 -10.14
CA THR C 47 -24.42 0.71 -9.90
C THR C 47 -25.22 1.91 -10.37
N ILE C 48 -26.38 1.62 -10.97
CA ILE C 48 -27.28 2.62 -11.51
C ILE C 48 -28.61 2.50 -10.78
N MET C 49 -29.11 3.62 -10.24
CA MET C 49 -30.35 3.66 -9.50
C MET C 49 -31.28 4.69 -10.13
N VAL C 50 -32.54 4.30 -10.31
CA VAL C 50 -33.57 5.17 -10.86
C VAL C 50 -34.74 5.17 -9.88
N GLU C 51 -35.18 6.35 -9.47
CA GLU C 51 -36.30 6.51 -8.54
C GLU C 51 -37.34 7.40 -9.20
N ASN C 52 -38.58 6.93 -9.27
CA ASN C 52 -39.67 7.68 -9.89
C ASN C 52 -40.56 8.21 -8.78
N ASN C 53 -40.47 9.52 -8.51
CA ASN C 53 -41.20 10.15 -7.43
C ASN C 53 -42.51 10.78 -7.89
N GLY C 54 -42.88 10.63 -9.16
CA GLY C 54 -44.10 11.22 -9.66
C GLY C 54 -45.34 10.73 -8.93
N THR C 55 -46.49 11.33 -9.24
CA THR C 55 -47.72 10.94 -8.58
C THR C 55 -48.04 9.47 -8.88
N VAL C 56 -48.58 8.78 -7.88
CA VAL C 56 -48.84 7.35 -8.02
C VAL C 56 -50.01 7.13 -8.97
N GLY C 57 -49.82 6.25 -9.94
CA GLY C 57 -50.87 5.89 -10.87
C GLY C 57 -51.16 6.91 -11.95
N VAL C 58 -50.36 7.97 -12.05
CA VAL C 58 -50.61 9.04 -13.02
C VAL C 58 -49.36 9.24 -13.87
N GLY C 59 -48.21 9.45 -13.21
CA GLY C 59 -47.00 9.80 -13.88
C GLY C 59 -46.48 8.69 -14.78
N PRO C 60 -45.76 9.06 -15.85
CA PRO C 60 -45.21 8.04 -16.75
C PRO C 60 -44.19 7.16 -16.06
N THR C 61 -44.03 5.95 -16.59
CA THR C 61 -43.02 5.03 -16.14
C THR C 61 -41.72 5.26 -16.91
N ALA C 62 -40.61 4.84 -16.30
CA ALA C 62 -39.28 4.99 -16.87
C ALA C 62 -38.61 3.64 -17.02
N ALA C 63 -37.81 3.50 -18.07
CA ALA C 63 -37.05 2.28 -18.34
C ALA C 63 -35.60 2.64 -18.62
N LEU C 64 -34.69 1.82 -18.10
CA LEU C 64 -33.27 2.04 -18.26
C LEU C 64 -32.76 1.35 -19.53
N THR C 65 -31.80 1.99 -20.18
CA THR C 65 -31.13 1.43 -21.35
C THR C 65 -29.63 1.59 -21.17
N VAL C 66 -28.90 0.49 -21.34
CA VAL C 66 -27.45 0.49 -21.16
C VAL C 66 -26.82 -0.19 -22.36
N ASN C 67 -25.75 0.41 -22.89
CA ASN C 67 -25.04 -0.12 -24.05
C ASN C 67 -25.97 -0.26 -25.26
N GLY C 68 -27.00 0.57 -25.32
CA GLY C 68 -27.93 0.52 -26.43
C GLY C 68 -28.96 -0.59 -26.36
N THR C 69 -28.97 -1.36 -25.28
CA THR C 69 -29.91 -2.46 -25.11
C THR C 69 -30.68 -2.28 -23.81
N ALA C 70 -32.01 -2.40 -23.89
CA ALA C 70 -32.84 -2.22 -22.71
C ALA C 70 -32.58 -3.33 -21.70
N VAL C 71 -32.54 -2.96 -20.42
CA VAL C 71 -32.34 -3.95 -19.37
C VAL C 71 -33.63 -4.73 -19.17
N GLY C 72 -33.50 -6.05 -19.10
CA GLY C 72 -34.66 -6.92 -19.00
C GLY C 72 -35.53 -6.64 -17.78
N GLY C 73 -36.73 -6.12 -18.03
CA GLY C 73 -37.69 -5.92 -16.97
C GLY C 73 -37.47 -4.70 -16.10
N PHE C 74 -36.49 -3.85 -16.42
CA PHE C 74 -36.18 -2.67 -15.61
C PHE C 74 -37.13 -1.55 -16.00
N VAL C 75 -38.33 -1.60 -15.44
CA VAL C 75 -39.32 -0.54 -15.57
C VAL C 75 -39.73 -0.13 -14.15
N VAL C 76 -39.74 1.17 -13.89
CA VAL C 76 -40.02 1.70 -12.56
C VAL C 76 -41.33 2.46 -12.60
N ALA C 77 -42.27 2.05 -11.76
CA ALA C 77 -43.53 2.75 -11.61
C ALA C 77 -43.39 3.87 -10.58
N PRO C 78 -44.30 4.85 -10.59
CA PRO C 78 -44.19 5.95 -9.63
C PRO C 78 -44.29 5.46 -8.20
N GLY C 79 -43.53 6.10 -7.32
CA GLY C 79 -43.44 5.66 -5.94
C GLY C 79 -42.51 4.49 -5.73
N GLU C 80 -41.47 4.34 -6.55
CA GLU C 80 -40.57 3.21 -6.46
C GLU C 80 -39.15 3.65 -6.80
N CYS C 81 -38.19 2.81 -6.41
CA CYS C 81 -36.81 2.95 -6.84
C CYS C 81 -36.29 1.57 -7.22
N ARG C 82 -35.32 1.53 -8.14
CA ARG C 82 -34.71 0.28 -8.53
C ARG C 82 -33.25 0.54 -8.90
N SER C 83 -32.38 -0.36 -8.45
CA SER C 83 -30.95 -0.24 -8.67
C SER C 83 -30.39 -1.54 -9.23
N ILE C 84 -29.36 -1.41 -10.06
CA ILE C 84 -28.72 -2.57 -10.70
C ILE C 84 -27.23 -2.30 -10.79
N THR C 85 -26.43 -3.30 -10.45
CA THR C 85 -24.98 -3.22 -10.55
C THR C 85 -24.52 -3.93 -11.81
N MET C 86 -23.50 -3.38 -12.47
CA MET C 86 -23.03 -3.93 -13.72
C MET C 86 -21.57 -3.57 -13.94
N ASN C 87 -20.97 -4.26 -14.91
CA ASN C 87 -19.57 -4.09 -15.28
C ASN C 87 -19.52 -3.80 -16.77
N ASP C 88 -18.49 -3.06 -17.18
CA ASP C 88 -18.31 -2.67 -18.58
C ASP C 88 -19.51 -1.84 -19.06
N ILE C 89 -19.73 -0.71 -18.39
CA ILE C 89 -20.82 0.20 -18.70
C ILE C 89 -20.27 1.34 -19.54
N ASN C 90 -20.90 1.57 -20.70
CA ASN C 90 -20.46 2.61 -21.62
C ASN C 90 -21.53 3.63 -21.94
N SER C 91 -22.81 3.36 -21.67
CA SER C 91 -23.87 4.31 -21.97
C SER C 91 -25.05 4.06 -21.04
N ILE C 92 -25.70 5.14 -20.63
CA ILE C 92 -26.88 5.10 -19.78
C ILE C 92 -27.91 6.07 -20.35
N ALA C 93 -29.13 5.58 -20.55
CA ALA C 93 -30.21 6.41 -21.08
C ALA C 93 -31.53 5.97 -20.44
N ILE C 94 -32.51 6.87 -20.51
CA ILE C 94 -33.82 6.65 -19.91
C ILE C 94 -34.89 6.83 -20.98
N VAL C 95 -35.86 5.93 -20.99
CA VAL C 95 -36.99 5.98 -21.91
C VAL C 95 -38.26 6.13 -21.07
N GLY C 96 -39.02 7.19 -21.33
CA GLY C 96 -40.27 7.43 -20.62
C GLY C 96 -41.46 6.97 -21.44
N ALA C 97 -42.48 6.47 -20.74
CA ALA C 97 -43.69 5.99 -21.40
C ALA C 97 -44.89 6.27 -20.51
N GLY C 98 -45.89 6.96 -21.05
CA GLY C 98 -47.09 7.26 -20.30
C GLY C 98 -47.69 8.61 -20.65
N THR C 99 -48.45 9.19 -19.73
CA THR C 99 -49.06 10.50 -19.92
C THR C 99 -48.75 11.37 -18.71
N GLY C 100 -48.50 12.64 -18.97
CA GLY C 100 -48.11 13.56 -17.92
C GLY C 100 -46.61 13.66 -17.78
N THR C 101 -46.19 14.23 -16.64
CA THR C 101 -44.78 14.44 -16.34
C THR C 101 -44.47 13.87 -14.95
N SER C 102 -43.26 13.36 -14.79
CA SER C 102 -42.82 12.77 -13.53
C SER C 102 -41.45 13.30 -13.16
N SER C 103 -41.22 13.50 -11.87
CA SER C 103 -39.91 13.89 -11.36
C SER C 103 -39.10 12.62 -11.11
N VAL C 104 -38.19 12.31 -12.03
CA VAL C 104 -37.43 11.06 -12.01
C VAL C 104 -35.98 11.38 -11.67
N LYS C 105 -35.46 10.71 -10.66
CA LYS C 105 -34.10 10.94 -10.17
C LYS C 105 -33.22 9.78 -10.62
N ILE C 106 -32.12 10.10 -11.28
CA ILE C 106 -31.15 9.13 -11.76
C ILE C 106 -29.84 9.36 -11.02
N SER C 107 -29.32 8.30 -10.41
CA SER C 107 -28.00 8.33 -9.78
C SER C 107 -27.20 7.14 -10.28
N PHE C 108 -25.88 7.30 -10.28
CA PHE C 108 -25.03 6.20 -10.73
C PHE C 108 -23.60 6.41 -10.25
N SER C 109 -22.93 5.30 -9.99
CA SER C 109 -21.54 5.28 -9.55
C SER C 109 -20.64 4.81 -10.67
N ILE C 110 -19.53 5.53 -10.87
CA ILE C 110 -18.50 5.17 -11.83
C ILE C 110 -17.29 4.72 -11.04
N ASN C 111 -16.88 3.47 -11.23
CA ASN C 111 -15.71 2.91 -10.56
C ASN C 111 -14.76 2.35 -11.61
N TYR C 112 -13.51 2.78 -11.55
CA TYR C 112 -12.49 2.29 -12.47
C TYR C 112 -11.11 2.56 -11.86
N LYS C 113 -10.07 2.25 -12.62
CA LYS C 113 -8.70 2.47 -12.20
C LYS C 113 -7.89 2.99 -13.37
N PHE C 114 -6.90 3.83 -13.06
CA PHE C 114 -6.06 4.40 -14.10
C PHE C 114 -4.60 4.52 -13.65
N ALA D 2 19.34 -16.72 -10.87
CA ALA D 2 18.89 -15.34 -10.93
C ALA D 2 17.41 -15.26 -11.29
N GLN D 3 16.64 -14.54 -10.48
CA GLN D 3 15.21 -14.40 -10.74
C GLN D 3 14.97 -13.65 -12.04
N ILE D 4 14.00 -14.12 -12.81
CA ILE D 4 13.58 -13.48 -14.05
C ILE D 4 12.13 -13.04 -13.87
N GLY D 5 11.89 -11.74 -13.96
CA GLY D 5 10.58 -11.19 -13.72
C GLY D 5 10.23 -11.21 -12.24
N ASN D 6 8.99 -10.79 -11.96
CA ASN D 6 8.49 -10.77 -10.59
C ASN D 6 7.06 -11.25 -10.59
N CYS D 7 6.74 -12.20 -9.72
CA CYS D 7 5.36 -12.64 -9.57
C CYS D 7 4.48 -11.48 -9.15
N CYS D 8 4.97 -10.64 -8.24
CA CYS D 8 4.29 -9.42 -7.84
C CYS D 8 2.86 -9.68 -7.38
N THR D 9 1.92 -8.91 -7.90
CA THR D 9 0.52 -9.02 -7.52
C THR D 9 -0.33 -8.43 -8.63
N GLU D 10 -1.65 -8.44 -8.42
CA GLU D 10 -2.65 -7.91 -9.35
C GLU D 10 -3.61 -6.99 -8.62
N GLN D 11 -3.04 -6.03 -7.89
CA GLN D 11 -3.78 -5.23 -6.92
C GLN D 11 -5.19 -4.90 -7.39
N LEU D 12 -6.15 -5.04 -6.49
CA LEU D 12 -7.55 -4.89 -6.79
C LEU D 12 -8.11 -3.67 -6.07
N CYS D 13 -8.88 -2.86 -6.79
CA CYS D 13 -9.55 -1.72 -6.19
C CYS D 13 -10.79 -2.19 -5.47
N CYS D 14 -11.01 -1.67 -4.26
CA CYS D 14 -12.13 -2.08 -3.43
C CYS D 14 -13.24 -1.03 -3.54
N VAL D 15 -14.41 -1.48 -3.97
CA VAL D 15 -15.58 -0.62 -4.16
C VAL D 15 -16.50 -0.77 -2.97
N ASN D 16 -16.90 0.35 -2.39
CA ASN D 16 -17.82 0.41 -1.25
C ASN D 16 -18.81 1.52 -1.55
N ASP D 17 -19.96 1.15 -2.10
CA ASP D 17 -21.01 2.10 -2.46
C ASP D 17 -22.22 1.94 -1.54
N ALA D 18 -23.03 2.98 -1.48
CA ALA D 18 -24.24 3.01 -0.67
C ALA D 18 -25.41 3.48 -1.53
N VAL D 19 -26.58 2.89 -1.31
CA VAL D 19 -27.79 3.24 -2.05
C VAL D 19 -28.91 3.45 -1.05
N CYS D 20 -29.76 4.44 -1.32
CA CYS D 20 -30.90 4.76 -0.47
C CYS D 20 -32.08 5.19 -1.34
N CYS D 21 -33.27 4.71 -1.03
CA CYS D 21 -34.47 5.21 -1.68
C CYS D 21 -35.66 5.03 -0.75
N THR D 22 -36.76 5.71 -1.10
CA THR D 22 -38.01 5.65 -0.35
C THR D 22 -39.14 5.26 -1.29
N ILE D 23 -40.03 4.39 -0.83
CA ILE D 23 -41.12 3.87 -1.63
C ILE D 23 -42.42 3.97 -0.84
N ILE D 24 -43.52 3.99 -1.58
CA ILE D 24 -44.86 3.95 -1.01
C ILE D 24 -45.31 2.50 -1.13
N LEU D 25 -45.30 1.79 -0.01
CA LEU D 25 -45.56 0.35 0.02
C LEU D 25 -47.01 0.11 0.42
N ASP D 26 -47.70 -0.71 -0.38
CA ASP D 26 -49.06 -1.15 -0.11
C ASP D 26 -49.10 -2.68 -0.16
N ASP D 27 -50.31 -3.23 -0.12
CA ASP D 27 -50.46 -4.68 -0.15
C ASP D 27 -50.17 -5.20 -1.55
N THR D 28 -49.20 -6.10 -1.66
CA THR D 28 -48.80 -6.66 -2.94
C THR D 28 -49.22 -8.12 -3.11
N GLY D 29 -49.96 -8.67 -2.15
CA GLY D 29 -50.43 -10.04 -2.27
C GLY D 29 -49.32 -11.07 -2.29
N GLY D 30 -48.27 -10.86 -1.49
CA GLY D 30 -47.20 -11.81 -1.39
C GLY D 30 -46.16 -11.74 -2.48
N THR D 31 -46.30 -10.83 -3.45
CA THR D 31 -45.34 -10.69 -4.52
C THR D 31 -44.20 -9.78 -4.10
N ALA D 32 -42.98 -10.17 -4.45
CA ALA D 32 -41.79 -9.42 -4.05
C ALA D 32 -41.50 -8.35 -5.08
N LEU D 33 -41.46 -7.09 -4.64
CA LEU D 33 -41.12 -5.98 -5.52
C LEU D 33 -39.61 -5.92 -5.68
N PRO D 34 -39.07 -6.02 -6.91
CA PRO D 34 -37.62 -6.02 -7.07
C PRO D 34 -37.03 -4.67 -6.71
N ILE D 35 -35.99 -4.69 -5.88
CA ILE D 35 -35.28 -3.50 -5.47
C ILE D 35 -33.86 -3.46 -6.01
N TRP D 36 -33.13 -4.57 -5.92
CA TRP D 36 -31.76 -4.63 -6.39
C TRP D 36 -31.49 -6.00 -6.98
N ASP D 37 -30.73 -6.04 -8.08
CA ASP D 37 -30.36 -7.28 -8.73
C ASP D 37 -28.90 -7.22 -9.13
N ASP D 38 -28.27 -8.38 -9.21
CA ASP D 38 -26.86 -8.51 -9.55
C ASP D 38 -26.72 -9.11 -10.95
N ALA D 39 -25.92 -8.45 -11.79
CA ALA D 39 -25.66 -8.91 -13.14
C ALA D 39 -24.19 -9.14 -13.41
N THR D 40 -23.35 -9.05 -12.39
CA THR D 40 -21.91 -9.23 -12.51
C THR D 40 -21.50 -10.60 -11.96
N THR D 41 -20.22 -10.91 -12.12
CA THR D 41 -19.65 -12.17 -11.63
C THR D 41 -18.87 -11.99 -10.33
N PHE D 42 -18.95 -10.81 -9.71
CA PHE D 42 -18.22 -10.55 -8.49
C PHE D 42 -18.95 -11.16 -7.29
N VAL D 43 -18.25 -11.18 -6.15
CA VAL D 43 -18.83 -11.58 -4.87
C VAL D 43 -19.08 -10.30 -4.08
N ILE D 44 -20.33 -10.09 -3.66
CA ILE D 44 -20.77 -8.84 -3.09
C ILE D 44 -21.23 -9.08 -1.66
N ASN D 45 -20.70 -8.27 -0.73
CA ASN D 45 -21.14 -8.28 0.65
C ASN D 45 -21.80 -6.95 0.98
N GLY D 46 -22.43 -6.87 2.15
CA GLY D 46 -22.91 -5.59 2.61
C GLY D 46 -24.06 -5.74 3.59
N THR D 47 -24.55 -4.59 4.04
CA THR D 47 -25.63 -4.51 5.00
C THR D 47 -26.85 -3.88 4.37
N ILE D 48 -28.03 -4.40 4.72
CA ILE D 48 -29.31 -3.96 4.19
C ILE D 48 -30.14 -3.47 5.37
N MET D 49 -30.67 -2.25 5.26
CA MET D 49 -31.48 -1.64 6.31
C MET D 49 -32.83 -1.23 5.73
N VAL D 50 -33.89 -1.55 6.45
CA VAL D 50 -35.26 -1.20 6.08
C VAL D 50 -35.88 -0.47 7.26
N GLU D 51 -36.43 0.72 7.00
CA GLU D 51 -37.09 1.52 8.03
C GLU D 51 -38.50 1.82 7.57
N ASN D 52 -39.49 1.51 8.42
CA ASN D 52 -40.89 1.73 8.08
C ASN D 52 -41.38 2.93 8.89
N ASN D 53 -41.55 4.06 8.22
CA ASN D 53 -41.94 5.31 8.87
C ASN D 53 -43.44 5.56 8.83
N GLY D 54 -44.22 4.62 8.30
CA GLY D 54 -45.66 4.81 8.21
C GLY D 54 -46.31 5.03 9.55
N THR D 55 -47.60 5.34 9.55
CA THR D 55 -48.32 5.57 10.80
C THR D 55 -48.31 4.31 11.64
N VAL D 56 -48.18 4.49 12.96
CA VAL D 56 -48.07 3.35 13.87
C VAL D 56 -49.41 2.64 13.96
N GLY D 57 -49.40 1.32 13.79
CA GLY D 57 -50.59 0.51 13.94
C GLY D 57 -51.55 0.58 12.77
N VAL D 58 -51.19 1.25 11.68
CA VAL D 58 -52.08 1.39 10.54
C VAL D 58 -51.38 0.91 9.27
N GLY D 59 -50.18 1.42 9.02
CA GLY D 59 -49.48 1.15 7.79
C GLY D 59 -49.08 -0.32 7.65
N PRO D 60 -48.98 -0.79 6.41
CA PRO D 60 -48.58 -2.18 6.20
C PRO D 60 -47.16 -2.45 6.68
N THR D 61 -46.91 -3.72 7.00
CA THR D 61 -45.57 -4.18 7.36
C THR D 61 -44.81 -4.61 6.12
N ALA D 62 -43.48 -4.59 6.23
CA ALA D 62 -42.60 -4.94 5.13
C ALA D 62 -41.68 -6.09 5.54
N ALA D 63 -41.36 -6.95 4.58
CA ALA D 63 -40.49 -8.09 4.79
C ALA D 63 -39.42 -8.11 3.70
N LEU D 64 -38.19 -8.43 4.09
CA LEU D 64 -37.07 -8.48 3.16
C LEU D 64 -36.94 -9.86 2.55
N THR D 65 -36.54 -9.89 1.28
CA THR D 65 -36.26 -11.13 0.56
C THR D 65 -34.93 -10.99 -0.15
N VAL D 66 -34.05 -11.96 0.06
CA VAL D 66 -32.70 -11.96 -0.51
C VAL D 66 -32.45 -13.31 -1.16
N ASN D 67 -31.90 -13.28 -2.37
CA ASN D 67 -31.59 -14.50 -3.13
C ASN D 67 -32.84 -15.34 -3.36
N GLY D 68 -34.00 -14.69 -3.40
CA GLY D 68 -35.24 -15.41 -3.62
C GLY D 68 -35.80 -16.12 -2.41
N THR D 69 -35.17 -15.96 -1.24
CA THR D 69 -35.62 -16.61 -0.02
C THR D 69 -35.83 -15.55 1.04
N ALA D 70 -36.98 -15.61 1.71
CA ALA D 70 -37.29 -14.63 2.74
C ALA D 70 -36.36 -14.81 3.93
N VAL D 71 -35.92 -13.68 4.50
CA VAL D 71 -35.05 -13.71 5.67
C VAL D 71 -35.88 -14.09 6.89
N GLY D 72 -35.37 -15.03 7.68
CA GLY D 72 -36.11 -15.53 8.83
C GLY D 72 -36.45 -14.46 9.84
N GLY D 73 -37.75 -14.14 9.95
CA GLY D 73 -38.22 -13.22 10.95
C GLY D 73 -38.01 -11.75 10.66
N PHE D 74 -37.53 -11.41 9.46
CA PHE D 74 -37.26 -10.02 9.11
C PHE D 74 -38.56 -9.38 8.63
N VAL D 75 -39.37 -8.95 9.60
CA VAL D 75 -40.58 -8.18 9.35
C VAL D 75 -40.49 -6.91 10.19
N VAL D 76 -40.76 -5.77 9.57
CA VAL D 76 -40.60 -4.46 10.21
C VAL D 76 -41.98 -3.84 10.35
N ALA D 77 -42.35 -3.52 11.59
CA ALA D 77 -43.59 -2.82 11.86
C ALA D 77 -43.37 -1.31 11.76
N PRO D 78 -44.44 -0.53 11.60
CA PRO D 78 -44.26 0.92 11.47
C PRO D 78 -43.65 1.52 12.73
N GLY D 79 -42.81 2.52 12.52
CA GLY D 79 -42.05 3.11 13.61
C GLY D 79 -40.83 2.32 14.01
N GLU D 80 -40.22 1.59 13.10
CA GLU D 80 -39.07 0.74 13.41
C GLU D 80 -38.10 0.74 12.25
N CYS D 81 -36.87 0.32 12.54
CA CYS D 81 -35.87 0.04 11.53
C CYS D 81 -35.18 -1.27 11.88
N ARG D 82 -34.69 -1.97 10.85
CA ARG D 82 -33.97 -3.21 11.07
C ARG D 82 -32.91 -3.36 9.98
N SER D 83 -31.72 -3.79 10.39
CA SER D 83 -30.59 -3.95 9.50
C SER D 83 -29.96 -5.32 9.67
N ILE D 84 -29.43 -5.84 8.57
CA ILE D 84 -28.81 -7.17 8.56
C ILE D 84 -27.62 -7.14 7.62
N THR D 85 -26.51 -7.71 8.07
CA THR D 85 -25.29 -7.81 7.26
C THR D 85 -25.21 -9.21 6.68
N MET D 86 -24.73 -9.31 5.44
CA MET D 86 -24.66 -10.59 4.75
C MET D 86 -23.57 -10.56 3.69
N ASN D 87 -23.23 -11.76 3.22
CA ASN D 87 -22.21 -11.97 2.21
C ASN D 87 -22.83 -12.77 1.06
N ASP D 88 -22.31 -12.56 -0.14
CA ASP D 88 -22.82 -13.21 -1.35
C ASP D 88 -24.28 -12.83 -1.58
N ILE D 89 -24.51 -11.53 -1.74
CA ILE D 89 -25.85 -10.98 -1.97
C ILE D 89 -26.01 -10.74 -3.46
N ASN D 90 -27.10 -11.29 -4.02
CA ASN D 90 -27.37 -11.15 -5.44
C ASN D 90 -28.72 -10.54 -5.77
N SER D 91 -29.65 -10.48 -4.81
CA SER D 91 -30.96 -9.90 -5.06
C SER D 91 -31.54 -9.39 -3.77
N ILE D 92 -32.26 -8.27 -3.86
CA ILE D 92 -32.94 -7.65 -2.72
C ILE D 92 -34.33 -7.24 -3.18
N ALA D 93 -35.35 -7.64 -2.42
CA ALA D 93 -36.73 -7.31 -2.74
C ALA D 93 -37.50 -7.12 -1.45
N ILE D 94 -38.64 -6.44 -1.56
CA ILE D 94 -39.48 -6.10 -0.42
C ILE D 94 -40.90 -6.61 -0.69
N VAL D 95 -41.50 -7.22 0.32
CA VAL D 95 -42.87 -7.71 0.25
C VAL D 95 -43.68 -6.95 1.30
N GLY D 96 -44.75 -6.30 0.86
CA GLY D 96 -45.62 -5.55 1.75
C GLY D 96 -46.86 -6.36 2.08
N ALA D 97 -47.34 -6.21 3.32
CA ALA D 97 -48.53 -6.91 3.79
C ALA D 97 -49.30 -6.04 4.76
N GLY D 98 -50.58 -5.81 4.46
CA GLY D 98 -51.41 -5.01 5.33
C GLY D 98 -52.45 -4.20 4.57
N THR D 99 -52.91 -3.11 5.17
CA THR D 99 -53.88 -2.21 4.55
C THR D 99 -53.37 -0.78 4.63
N GLY D 100 -53.61 -0.02 3.56
CA GLY D 100 -53.11 1.33 3.49
C GLY D 100 -51.75 1.40 2.80
N THR D 101 -51.09 2.54 2.96
CA THR D 101 -49.80 2.81 2.36
C THR D 101 -48.82 3.29 3.42
N SER D 102 -47.55 2.93 3.25
CA SER D 102 -46.51 3.30 4.20
C SER D 102 -45.30 3.85 3.45
N SER D 103 -44.65 4.84 4.05
CA SER D 103 -43.40 5.38 3.50
C SER D 103 -42.25 4.55 4.03
N VAL D 104 -41.73 3.64 3.21
CA VAL D 104 -40.71 2.68 3.61
C VAL D 104 -39.40 3.04 2.94
N LYS D 105 -38.35 3.18 3.74
CA LYS D 105 -37.03 3.58 3.26
C LYS D 105 -36.12 2.35 3.26
N ILE D 106 -35.51 2.09 2.10
CA ILE D 106 -34.59 0.98 1.93
C ILE D 106 -33.21 1.55 1.63
N SER D 107 -32.22 1.13 2.40
CA SER D 107 -30.83 1.48 2.16
C SER D 107 -29.99 0.22 2.18
N PHE D 108 -28.88 0.24 1.45
CA PHE D 108 -28.01 -0.93 1.43
C PHE D 108 -26.63 -0.55 0.91
N SER D 109 -25.63 -1.26 1.44
CA SER D 109 -24.25 -1.06 1.06
C SER D 109 -23.77 -2.22 0.20
N ILE D 110 -23.07 -1.90 -0.89
CA ILE D 110 -22.46 -2.87 -1.77
C ILE D 110 -20.96 -2.76 -1.58
N ASN D 111 -20.33 -3.86 -1.13
CA ASN D 111 -18.89 -3.90 -0.93
C ASN D 111 -18.33 -5.08 -1.72
N TYR D 112 -17.32 -4.80 -2.53
CA TYR D 112 -16.65 -5.85 -3.31
C TYR D 112 -15.29 -5.34 -3.74
N LYS D 113 -14.59 -6.16 -4.53
CA LYS D 113 -13.28 -5.80 -5.05
C LYS D 113 -13.19 -6.23 -6.51
N PHE D 114 -12.43 -5.49 -7.30
CA PHE D 114 -12.27 -5.81 -8.71
C PHE D 114 -10.86 -5.52 -9.19
N ALA E 2 17.29 -20.89 -5.83
CA ALA E 2 16.50 -19.87 -6.49
C ALA E 2 15.04 -19.95 -6.06
N GLN E 3 14.49 -18.83 -5.62
CA GLN E 3 13.10 -18.79 -5.19
C GLN E 3 12.16 -19.07 -6.35
N ILE E 4 11.14 -19.87 -6.08
CA ILE E 4 10.11 -20.19 -7.07
C ILE E 4 8.78 -19.66 -6.54
N GLY E 5 8.19 -18.72 -7.26
CA GLY E 5 6.98 -18.06 -6.81
C GLY E 5 7.26 -17.07 -5.70
N ASN E 6 6.18 -16.49 -5.18
CA ASN E 6 6.27 -15.53 -4.10
C ASN E 6 5.14 -15.80 -3.11
N CYS E 7 5.48 -15.91 -1.83
CA CYS E 7 4.45 -16.04 -0.81
C CYS E 7 3.52 -14.83 -0.83
N CYS E 8 4.09 -13.63 -0.99
CA CYS E 8 3.32 -12.41 -1.16
C CYS E 8 2.33 -12.20 -0.03
N THR E 9 1.07 -11.91 -0.39
CA THR E 9 0.03 -11.64 0.60
C THR E 9 -1.32 -11.88 -0.06
N GLU E 10 -2.39 -11.66 0.71
CA GLU E 10 -3.77 -11.83 0.27
C GLU E 10 -4.57 -10.58 0.63
N GLN E 11 -4.05 -9.42 0.24
CA GLN E 11 -4.53 -8.12 0.72
C GLN E 11 -6.04 -8.11 0.88
N LEU E 12 -6.49 -7.55 2.01
CA LEU E 12 -7.88 -7.54 2.40
C LEU E 12 -8.42 -6.12 2.37
N CYS E 13 -9.60 -5.94 1.79
CA CYS E 13 -10.25 -4.64 1.79
C CYS E 13 -10.93 -4.43 3.14
N CYS E 14 -10.79 -3.23 3.69
CA CYS E 14 -11.33 -2.90 5.00
C CYS E 14 -12.63 -2.12 4.83
N VAL E 15 -13.71 -2.66 5.38
CA VAL E 15 -15.04 -2.07 5.28
C VAL E 15 -15.33 -1.33 6.58
N ASN E 16 -15.76 -0.08 6.46
CA ASN E 16 -16.12 0.78 7.59
C ASN E 16 -17.43 1.47 7.19
N ASP E 17 -18.55 0.92 7.63
CA ASP E 17 -19.86 1.46 7.31
C ASP E 17 -20.51 2.03 8.56
N ALA E 18 -21.49 2.90 8.35
CA ALA E 18 -22.24 3.53 9.43
C ALA E 18 -23.73 3.40 9.15
N VAL E 19 -24.51 3.19 10.21
CA VAL E 19 -25.96 3.04 10.10
C VAL E 19 -26.61 3.93 11.15
N CYS E 20 -27.72 4.56 10.78
CA CYS E 20 -28.48 5.43 11.67
C CYS E 20 -29.96 5.24 11.42
N CYS E 21 -30.75 5.19 12.49
CA CYS E 21 -32.20 5.21 12.34
C CYS E 21 -32.84 5.76 13.60
N THR E 22 -34.12 6.11 13.49
CA THR E 22 -34.90 6.65 14.59
C THR E 22 -36.16 5.82 14.77
N ILE E 23 -36.50 5.54 16.02
CA ILE E 23 -37.64 4.69 16.35
C ILE E 23 -38.49 5.37 17.41
N ILE E 24 -39.76 4.99 17.44
CA ILE E 24 -40.70 5.41 18.48
C ILE E 24 -40.74 4.28 19.50
N LEU E 25 -40.10 4.50 20.64
CA LEU E 25 -39.92 3.47 21.65
C LEU E 25 -40.97 3.64 22.75
N ASP E 26 -41.67 2.55 23.07
CA ASP E 26 -42.63 2.50 24.15
C ASP E 26 -42.26 1.33 25.07
N ASP E 27 -43.16 1.02 26.01
CA ASP E 27 -42.91 -0.06 26.94
C ASP E 27 -43.08 -1.41 26.23
N THR E 28 -42.02 -2.22 26.24
CA THR E 28 -42.02 -3.52 25.58
C THR E 28 -42.06 -4.68 26.57
N GLY E 29 -42.17 -4.40 27.86
CA GLY E 29 -42.26 -5.48 28.84
C GLY E 29 -41.02 -6.33 28.92
N GLY E 30 -39.84 -5.72 28.80
CA GLY E 30 -38.59 -6.43 28.93
C GLY E 30 -38.13 -7.17 27.70
N THR E 31 -38.89 -7.12 26.60
CA THR E 31 -38.52 -7.80 25.38
C THR E 31 -37.61 -6.91 24.54
N ALA E 32 -36.56 -7.52 23.99
CA ALA E 32 -35.56 -6.77 23.21
C ALA E 32 -36.02 -6.68 21.76
N LEU E 33 -36.15 -5.45 21.27
CA LEU E 33 -36.50 -5.24 19.87
C LEU E 33 -35.25 -5.41 19.01
N PRO E 34 -35.25 -6.32 18.04
CA PRO E 34 -34.03 -6.53 17.24
C PRO E 34 -33.74 -5.32 16.36
N ILE E 35 -32.49 -4.86 16.41
CA ILE E 35 -32.04 -3.74 15.61
C ILE E 35 -31.02 -4.18 14.56
N TRP E 36 -30.04 -4.99 14.95
CA TRP E 36 -29.01 -5.44 14.02
C TRP E 36 -28.63 -6.87 14.36
N ASP E 37 -28.40 -7.67 13.32
CA ASP E 37 -27.99 -9.06 13.49
C ASP E 37 -26.88 -9.37 12.50
N ASP E 38 -26.04 -10.35 12.87
CA ASP E 38 -24.91 -10.75 12.05
C ASP E 38 -25.18 -12.13 11.46
N ALA E 39 -24.99 -12.26 10.15
CA ALA E 39 -25.18 -13.52 9.43
C ALA E 39 -23.93 -13.96 8.71
N THR E 40 -22.80 -13.28 8.91
CA THR E 40 -21.55 -13.59 8.24
C THR E 40 -20.59 -14.28 9.23
N THR E 41 -19.45 -14.70 8.71
CA THR E 41 -18.41 -15.36 9.50
C THR E 41 -17.27 -14.41 9.86
N PHE E 42 -17.41 -13.12 9.57
CA PHE E 42 -16.36 -12.16 9.85
C PHE E 42 -16.35 -11.77 11.33
N VAL E 43 -15.29 -11.08 11.72
CA VAL E 43 -15.18 -10.48 13.05
C VAL E 43 -15.43 -8.99 12.90
N ILE E 44 -16.41 -8.49 13.63
CA ILE E 44 -16.92 -7.13 13.45
C ILE E 44 -16.68 -6.33 14.72
N ASN E 45 -16.08 -5.15 14.56
CA ASN E 45 -15.91 -4.20 15.66
C ASN E 45 -16.73 -2.96 15.37
N GLY E 46 -16.83 -2.08 16.37
CA GLY E 46 -17.43 -0.78 16.12
C GLY E 46 -17.99 -0.17 17.38
N THR E 47 -18.57 1.01 17.19
CA THR E 47 -19.15 1.80 18.27
C THR E 47 -20.65 1.93 18.06
N ILE E 48 -21.40 1.85 19.16
CA ILE E 48 -22.85 1.92 19.18
C ILE E 48 -23.25 3.12 20.02
N MET E 49 -24.09 3.99 19.46
CA MET E 49 -24.54 5.19 20.15
C MET E 49 -26.06 5.21 20.17
N VAL E 50 -26.63 5.52 21.33
CA VAL E 50 -28.07 5.63 21.53
C VAL E 50 -28.35 6.99 22.13
N GLU E 51 -29.25 7.75 21.51
CA GLU E 51 -29.64 9.07 21.99
C GLU E 51 -31.14 9.09 22.18
N ASN E 52 -31.59 9.48 23.38
CA ASN E 52 -33.01 9.52 23.70
C ASN E 52 -33.44 10.98 23.72
N ASN E 53 -34.16 11.40 22.70
CA ASN E 53 -34.59 12.78 22.53
C ASN E 53 -36.00 13.04 23.07
N GLY E 54 -36.63 12.04 23.67
CA GLY E 54 -37.97 12.21 24.18
C GLY E 54 -38.07 13.32 25.22
N THR E 55 -39.29 13.64 25.65
CA THR E 55 -39.48 14.69 26.63
C THR E 55 -38.80 14.31 27.94
N VAL E 56 -38.22 15.31 28.60
CA VAL E 56 -37.44 15.05 29.81
C VAL E 56 -38.39 14.68 30.95
N GLY E 57 -38.09 13.58 31.64
CA GLY E 57 -38.85 13.15 32.78
C GLY E 57 -40.18 12.49 32.47
N VAL E 58 -40.47 12.24 31.19
CA VAL E 58 -41.74 11.65 30.80
C VAL E 58 -41.50 10.41 29.97
N GLY E 59 -40.70 10.54 28.92
CA GLY E 59 -40.49 9.47 27.97
C GLY E 59 -39.80 8.27 28.58
N PRO E 60 -40.06 7.08 28.03
CA PRO E 60 -39.42 5.87 28.55
C PRO E 60 -37.91 5.90 28.35
N THR E 61 -37.22 5.15 29.20
CA THR E 61 -35.79 4.96 29.07
C THR E 61 -35.49 3.76 28.18
N ALA E 62 -34.29 3.75 27.61
CA ALA E 62 -33.85 2.71 26.70
C ALA E 62 -32.58 2.06 27.23
N ALA E 63 -32.44 0.75 26.98
CA ALA E 63 -31.28 -0.02 27.39
C ALA E 63 -30.77 -0.82 26.21
N LEU E 64 -29.46 -0.89 26.07
CA LEU E 64 -28.82 -1.61 24.98
C LEU E 64 -28.58 -3.07 25.36
N THR E 65 -28.72 -3.96 24.38
CA THR E 65 -28.43 -5.37 24.55
C THR E 65 -27.57 -5.83 23.38
N VAL E 66 -26.45 -6.47 23.68
CA VAL E 66 -25.51 -6.93 22.67
C VAL E 66 -25.17 -8.39 22.95
N ASN E 67 -25.18 -9.21 21.90
CA ASN E 67 -24.87 -10.64 22.03
C ASN E 67 -25.83 -11.34 22.98
N GLY E 68 -27.04 -10.80 23.12
CA GLY E 68 -28.02 -11.39 24.00
C GLY E 68 -27.83 -11.09 25.46
N THR E 69 -26.87 -10.24 25.81
CA THR E 69 -26.60 -9.88 27.20
C THR E 69 -26.65 -8.37 27.34
N ALA E 70 -27.37 -7.89 28.34
CA ALA E 70 -27.50 -6.46 28.56
C ALA E 70 -26.16 -5.86 28.97
N VAL E 71 -25.86 -4.68 28.43
CA VAL E 71 -24.62 -3.99 28.78
C VAL E 71 -24.77 -3.39 30.18
N GLY E 72 -23.75 -3.62 31.02
CA GLY E 72 -23.81 -3.18 32.39
C GLY E 72 -24.00 -1.68 32.55
N GLY E 73 -25.17 -1.29 33.04
CA GLY E 73 -25.45 0.10 33.35
C GLY E 73 -25.78 0.98 32.17
N PHE E 74 -25.92 0.41 30.97
CA PHE E 74 -26.22 1.19 29.77
C PHE E 74 -27.72 1.44 29.69
N VAL E 75 -28.16 2.45 30.44
CA VAL E 75 -29.53 2.95 30.38
C VAL E 75 -29.46 4.44 30.11
N VAL E 76 -30.25 4.91 29.14
CA VAL E 76 -30.22 6.29 28.69
C VAL E 76 -31.54 6.94 29.06
N ALA E 77 -31.47 8.02 29.82
CA ALA E 77 -32.64 8.82 30.16
C ALA E 77 -32.89 9.86 29.08
N PRO E 78 -34.11 10.40 29.00
CA PRO E 78 -34.39 11.39 27.96
C PRO E 78 -33.52 12.63 28.11
N GLY E 79 -33.15 13.19 26.96
CA GLY E 79 -32.21 14.29 26.93
C GLY E 79 -30.76 13.90 27.08
N GLU E 80 -30.39 12.69 26.65
CA GLU E 80 -29.04 12.19 26.82
C GLU E 80 -28.64 11.35 25.62
N CYS E 81 -27.33 11.15 25.48
CA CYS E 81 -26.78 10.20 24.53
C CYS E 81 -25.68 9.41 25.22
N ARG E 82 -25.47 8.18 24.76
CA ARG E 82 -24.41 7.35 25.31
C ARG E 82 -23.87 6.45 24.20
N SER E 83 -22.55 6.31 24.16
CA SER E 83 -21.87 5.53 23.14
C SER E 83 -20.88 4.57 23.79
N ILE E 84 -20.70 3.42 23.15
CA ILE E 84 -19.81 2.38 23.67
C ILE E 84 -19.13 1.70 22.47
N THR E 85 -17.82 1.49 22.58
CA THR E 85 -17.06 0.80 21.55
C THR E 85 -16.83 -0.64 21.99
N MET E 86 -16.88 -1.56 21.04
CA MET E 86 -16.74 -2.98 21.35
C MET E 86 -16.21 -3.74 20.14
N ASN E 87 -15.78 -4.96 20.40
CA ASN E 87 -15.23 -5.86 19.40
C ASN E 87 -16.01 -7.17 19.45
N ASP E 88 -16.08 -7.84 18.32
CA ASP E 88 -16.83 -9.09 18.19
C ASP E 88 -18.31 -8.86 18.51
N ILE E 89 -18.93 -7.99 17.73
CA ILE E 89 -20.34 -7.63 17.89
C ILE E 89 -21.15 -8.44 16.87
N ASN E 90 -22.16 -9.15 17.35
CA ASN E 90 -23.01 -9.98 16.51
C ASN E 90 -24.48 -9.64 16.57
N SER E 91 -24.93 -8.89 17.59
CA SER E 91 -26.34 -8.54 17.70
C SER E 91 -26.48 -7.25 18.49
N ILE E 92 -27.45 -6.43 18.09
CA ILE E 92 -27.76 -5.18 18.76
C ILE E 92 -29.28 -5.07 18.88
N ALA E 93 -29.76 -4.81 20.10
CA ALA E 93 -31.19 -4.68 20.34
C ALA E 93 -31.40 -3.63 21.42
N ILE E 94 -32.63 -3.12 21.48
CA ILE E 94 -33.01 -2.05 22.40
C ILE E 94 -34.21 -2.51 23.21
N VAL E 95 -34.17 -2.26 24.51
CA VAL E 95 -35.27 -2.57 25.42
C VAL E 95 -35.77 -1.27 26.02
N GLY E 96 -37.06 -1.00 25.84
CA GLY E 96 -37.68 0.21 26.38
C GLY E 96 -38.41 -0.08 27.67
N ALA E 97 -38.39 0.88 28.59
CA ALA E 97 -39.05 0.75 29.88
C ALA E 97 -39.57 2.10 30.33
N GLY E 98 -40.87 2.16 30.61
CA GLY E 98 -41.49 3.39 31.08
C GLY E 98 -42.91 3.56 30.60
N THR E 99 -43.37 4.80 30.53
CA THR E 99 -44.71 5.12 30.05
C THR E 99 -44.63 6.20 28.99
N GLY E 100 -45.46 6.07 27.96
CA GLY E 100 -45.43 7.00 26.85
C GLY E 100 -44.53 6.50 25.73
N THR E 101 -44.20 7.43 24.83
CA THR E 101 -43.38 7.13 23.67
C THR E 101 -42.24 8.12 23.58
N SER E 102 -41.08 7.67 23.09
CA SER E 102 -39.90 8.50 22.97
C SER E 102 -39.29 8.33 21.58
N SER E 103 -38.75 9.42 21.04
CA SER E 103 -38.03 9.36 19.78
C SER E 103 -36.57 9.02 20.07
N VAL E 104 -36.20 7.77 19.84
CA VAL E 104 -34.89 7.25 20.21
C VAL E 104 -34.10 6.99 18.94
N LYS E 105 -32.91 7.55 18.85
CA LYS E 105 -32.04 7.43 17.69
C LYS E 105 -30.91 6.46 17.98
N ILE E 106 -30.76 5.46 17.13
CA ILE E 106 -29.71 4.45 17.25
C ILE E 106 -28.79 4.58 16.05
N SER E 107 -27.50 4.73 16.33
CA SER E 107 -26.47 4.73 15.30
C SER E 107 -25.38 3.73 15.68
N PHE E 108 -24.70 3.20 14.68
CA PHE E 108 -23.63 2.25 14.96
C PHE E 108 -22.73 2.10 13.75
N SER E 109 -21.46 1.85 14.03
CA SER E 109 -20.44 1.65 13.01
C SER E 109 -20.05 0.18 12.94
N ILE E 110 -19.96 -0.34 11.72
CA ILE E 110 -19.51 -1.70 11.46
C ILE E 110 -18.14 -1.59 10.80
N ASN E 111 -17.12 -2.14 11.45
CA ASN E 111 -15.76 -2.15 10.92
C ASN E 111 -15.25 -3.58 10.87
N TYR E 112 -14.78 -3.99 9.70
CA TYR E 112 -14.22 -5.33 9.53
C TYR E 112 -13.33 -5.33 8.29
N LYS E 113 -12.82 -6.51 7.95
CA LYS E 113 -11.97 -6.68 6.77
C LYS E 113 -12.34 -7.98 6.08
N PHE E 114 -12.19 -7.99 4.76
CA PHE E 114 -12.53 -9.18 3.98
C PHE E 114 -11.56 -9.38 2.82
N ALA F 2 18.40 -20.81 0.69
CA ALA F 2 17.15 -20.45 0.05
C ALA F 2 16.08 -20.11 1.08
N GLN F 3 15.47 -18.94 0.92
CA GLN F 3 14.42 -18.52 1.85
C GLN F 3 13.22 -19.44 1.76
N ILE F 4 12.65 -19.77 2.92
CA ILE F 4 11.45 -20.58 3.01
C ILE F 4 10.36 -19.73 3.66
N GLY F 5 9.28 -19.49 2.92
CA GLY F 5 8.24 -18.61 3.39
C GLY F 5 8.64 -17.16 3.32
N ASN F 6 7.76 -16.29 3.82
CA ASN F 6 8.01 -14.87 3.86
C ASN F 6 7.50 -14.32 5.18
N CYS F 7 8.35 -13.56 5.88
CA CYS F 7 7.90 -12.90 7.10
C CYS F 7 6.75 -11.96 6.79
N CYS F 8 6.84 -11.23 5.69
CA CYS F 8 5.76 -10.37 5.20
C CYS F 8 5.29 -9.38 6.26
N THR F 9 3.98 -9.32 6.47
CA THR F 9 3.40 -8.39 7.42
C THR F 9 2.02 -8.89 7.83
N GLU F 10 1.35 -8.14 8.69
CA GLU F 10 0.01 -8.45 9.19
C GLU F 10 -0.89 -7.23 9.05
N GLN F 11 -0.93 -6.68 7.83
CA GLN F 11 -1.50 -5.36 7.57
C GLN F 11 -2.76 -5.12 8.40
N LEU F 12 -2.85 -3.93 8.96
CA LEU F 12 -3.91 -3.55 9.89
C LEU F 12 -4.78 -2.47 9.25
N CYS F 13 -6.09 -2.65 9.36
CA CYS F 13 -7.03 -1.64 8.89
C CYS F 13 -7.13 -0.52 9.93
N CYS F 14 -7.12 0.72 9.45
CA CYS F 14 -7.14 1.88 10.33
C CYS F 14 -8.57 2.43 10.38
N VAL F 15 -9.13 2.49 11.58
CA VAL F 15 -10.49 2.96 11.80
C VAL F 15 -10.43 4.39 12.30
N ASN F 16 -11.20 5.28 11.66
CA ASN F 16 -11.30 6.69 12.02
C ASN F 16 -12.79 7.03 11.97
N ASP F 17 -13.44 7.00 13.13
CA ASP F 17 -14.85 7.29 13.25
C ASP F 17 -15.07 8.60 13.99
N ALA F 18 -16.26 9.17 13.81
CA ALA F 18 -16.65 10.42 14.44
C ALA F 18 -18.01 10.25 15.08
N VAL F 19 -18.20 10.87 16.25
CA VAL F 19 -19.46 10.79 16.98
C VAL F 19 -19.85 12.20 17.40
N CYS F 20 -21.14 12.50 17.34
CA CYS F 20 -21.69 13.79 17.72
C CYS F 20 -23.04 13.59 18.40
N CYS F 21 -23.27 14.33 19.48
CA CYS F 21 -24.60 14.35 20.08
C CYS F 21 -24.79 15.67 20.84
N THR F 22 -26.04 15.94 21.17
CA THR F 22 -26.43 17.13 21.91
C THR F 22 -27.22 16.74 23.14
N ILE F 23 -26.93 17.40 24.27
CA ILE F 23 -27.55 17.08 25.54
C ILE F 23 -28.05 18.36 26.20
N ILE F 24 -29.03 18.19 27.08
CA ILE F 24 -29.55 19.27 27.91
C ILE F 24 -28.85 19.12 29.26
N LEU F 25 -27.88 20.00 29.52
CA LEU F 25 -27.03 19.91 30.70
C LEU F 25 -27.55 20.85 31.78
N ASP F 26 -27.71 20.32 32.98
CA ASP F 26 -28.10 21.08 34.16
C ASP F 26 -27.08 20.80 35.27
N ASP F 27 -27.39 21.28 36.47
CA ASP F 27 -26.49 21.08 37.61
C ASP F 27 -26.54 19.63 38.06
N THR F 28 -25.39 18.97 38.05
CA THR F 28 -25.29 17.57 38.45
C THR F 28 -24.61 17.37 39.80
N GLY F 29 -24.25 18.45 40.48
CA GLY F 29 -23.62 18.33 41.78
C GLY F 29 -22.27 17.66 41.75
N GLY F 30 -21.48 17.93 40.73
CA GLY F 30 -20.13 17.41 40.64
C GLY F 30 -20.02 16.00 40.11
N THR F 31 -21.15 15.36 39.76
CA THR F 31 -21.13 14.00 39.24
C THR F 31 -20.92 14.03 37.74
N ALA F 32 -20.07 13.13 37.25
CA ALA F 32 -19.73 13.08 35.83
C ALA F 32 -20.74 12.21 35.08
N LEU F 33 -21.39 12.79 34.10
CA LEU F 33 -22.33 12.05 33.27
C LEU F 33 -21.56 11.25 32.23
N PRO F 34 -21.69 9.92 32.19
CA PRO F 34 -20.90 9.14 31.23
C PRO F 34 -21.34 9.42 29.80
N ILE F 35 -20.36 9.69 28.93
CA ILE F 35 -20.60 9.95 27.53
C ILE F 35 -20.03 8.84 26.65
N TRP F 36 -18.79 8.43 26.91
CA TRP F 36 -18.14 7.40 26.12
C TRP F 36 -17.27 6.54 27.02
N ASP F 37 -17.26 5.23 26.75
CA ASP F 37 -16.45 4.30 27.51
C ASP F 37 -15.80 3.31 26.55
N ASP F 38 -14.65 2.78 26.97
CA ASP F 38 -13.88 1.84 26.15
C ASP F 38 -13.97 0.45 26.77
N ALA F 39 -14.31 -0.53 25.94
CA ALA F 39 -14.41 -1.92 26.37
C ALA F 39 -13.48 -2.84 25.57
N THR F 40 -12.62 -2.29 24.73
CA THR F 40 -11.70 -3.06 23.90
C THR F 40 -10.29 -2.97 24.47
N THR F 41 -9.38 -3.71 23.84
CA THR F 41 -7.98 -3.74 24.24
C THR F 41 -7.10 -2.89 23.31
N PHE F 42 -7.70 -2.12 22.42
CA PHE F 42 -6.95 -1.31 21.48
C PHE F 42 -6.45 -0.04 22.15
N VAL F 43 -5.56 0.67 21.46
CA VAL F 43 -5.09 1.99 21.86
C VAL F 43 -5.79 3.01 20.97
N ILE F 44 -6.50 3.94 21.59
CA ILE F 44 -7.40 4.86 20.89
C ILE F 44 -6.89 6.28 21.07
N ASN F 45 -6.76 7.00 19.96
CA ASN F 45 -6.43 8.41 19.97
C ASN F 45 -7.61 9.21 19.42
N GLY F 46 -7.54 10.53 19.55
CA GLY F 46 -8.53 11.36 18.89
C GLY F 46 -8.69 12.70 19.57
N THR F 47 -9.59 13.50 19.01
CA THR F 47 -9.87 14.84 19.48
C THR F 47 -11.30 14.91 20.00
N ILE F 48 -11.48 15.65 21.10
CA ILE F 48 -12.76 15.82 21.77
C ILE F 48 -13.10 17.30 21.75
N MET F 49 -14.30 17.63 21.29
CA MET F 49 -14.76 19.01 21.19
C MET F 49 -16.08 19.15 21.93
N VAL F 50 -16.18 20.21 22.74
CA VAL F 50 -17.38 20.53 23.50
C VAL F 50 -17.77 21.96 23.17
N GLU F 51 -19.01 22.17 22.77
CA GLU F 51 -19.54 23.49 22.43
C GLU F 51 -20.76 23.75 23.29
N ASN F 52 -20.77 24.87 24.00
CA ASN F 52 -21.89 25.23 24.87
C ASN F 52 -22.67 26.36 24.19
N ASN F 53 -23.84 26.02 23.66
CA ASN F 53 -24.67 26.96 22.91
C ASN F 53 -25.73 27.62 23.77
N GLY F 54 -25.76 27.33 25.07
CA GLY F 54 -26.77 27.91 25.94
C GLY F 54 -26.75 29.43 25.95
N THR F 55 -27.72 30.04 26.61
CA THR F 55 -27.79 31.49 26.67
C THR F 55 -26.55 32.04 27.38
N VAL F 56 -26.05 33.18 26.89
CA VAL F 56 -24.82 33.75 27.42
C VAL F 56 -25.07 34.30 28.82
N GLY F 57 -24.22 33.92 29.77
CA GLY F 57 -24.30 34.45 31.12
C GLY F 57 -25.39 33.84 31.98
N VAL F 58 -26.10 32.83 31.48
CA VAL F 58 -27.20 32.24 32.22
C VAL F 58 -26.99 30.73 32.35
N GLY F 59 -26.73 30.07 31.23
CA GLY F 59 -26.65 28.63 31.20
C GLY F 59 -25.46 28.09 31.97
N PRO F 60 -25.58 26.87 32.49
CA PRO F 60 -24.47 26.28 33.25
C PRO F 60 -23.25 26.05 32.37
N THR F 61 -22.09 26.02 33.02
CA THR F 61 -20.84 25.68 32.36
C THR F 61 -20.61 24.18 32.39
N ALA F 62 -19.79 23.70 31.45
CA ALA F 62 -19.49 22.28 31.32
C ALA F 62 -17.99 22.06 31.43
N ALA F 63 -17.60 20.93 32.00
CA ALA F 63 -16.21 20.54 32.17
C ALA F 63 -16.03 19.11 31.68
N LEU F 64 -14.91 18.87 30.99
CA LEU F 64 -14.60 17.56 30.45
C LEU F 64 -13.82 16.73 31.46
N THR F 65 -14.10 15.42 31.47
CA THR F 65 -13.37 14.47 32.30
C THR F 65 -12.98 13.29 31.44
N VAL F 66 -11.70 12.93 31.48
CA VAL F 66 -11.15 11.84 30.68
C VAL F 66 -10.35 10.93 31.59
N ASN F 67 -10.54 9.62 31.45
CA ASN F 67 -9.83 8.63 32.24
C ASN F 67 -10.07 8.83 33.74
N GLY F 68 -11.23 9.40 34.08
CA GLY F 68 -11.55 9.63 35.47
C GLY F 68 -10.87 10.83 36.10
N THR F 69 -10.13 11.61 35.32
CA THR F 69 -9.43 12.79 35.84
C THR F 69 -9.85 14.00 35.01
N ALA F 70 -10.21 15.09 35.70
CA ALA F 70 -10.64 16.30 35.01
C ALA F 70 -9.48 16.91 34.24
N VAL F 71 -9.76 17.40 33.04
CA VAL F 71 -8.74 18.05 32.23
C VAL F 71 -8.47 19.43 32.80
N GLY F 72 -7.19 19.75 32.95
CA GLY F 72 -6.79 21.02 33.57
C GLY F 72 -7.31 22.23 32.84
N GLY F 73 -8.25 22.94 33.47
CA GLY F 73 -8.75 24.20 32.95
C GLY F 73 -9.76 24.07 31.83
N PHE F 74 -10.22 22.86 31.51
CA PHE F 74 -11.18 22.66 30.43
C PHE F 74 -12.58 22.90 30.96
N VAL F 75 -12.95 24.18 31.02
CA VAL F 75 -14.31 24.61 31.35
C VAL F 75 -14.78 25.52 30.23
N VAL F 76 -15.99 25.27 29.73
CA VAL F 76 -16.53 25.99 28.58
C VAL F 76 -17.72 26.82 29.05
N ALA F 77 -17.65 28.11 28.83
CA ALA F 77 -18.75 29.01 29.12
C ALA F 77 -19.70 29.08 27.93
N PRO F 78 -20.95 29.52 28.15
CA PRO F 78 -21.89 29.57 27.04
C PRO F 78 -21.42 30.51 25.93
N GLY F 79 -21.72 30.13 24.70
CA GLY F 79 -21.22 30.85 23.55
C GLY F 79 -19.79 30.56 23.18
N GLU F 80 -19.31 29.35 23.46
CA GLU F 80 -17.93 28.99 23.22
C GLU F 80 -17.83 27.54 22.80
N CYS F 81 -16.69 27.20 22.19
CA CYS F 81 -16.33 25.81 21.92
C CYS F 81 -14.87 25.61 22.30
N ARG F 82 -14.52 24.38 22.67
CA ARG F 82 -13.15 24.05 23.00
C ARG F 82 -12.88 22.61 22.62
N SER F 83 -11.71 22.38 22.02
CA SER F 83 -11.31 21.06 21.54
C SER F 83 -9.92 20.72 22.04
N ILE F 84 -9.69 19.44 22.27
CA ILE F 84 -8.42 18.95 22.78
C ILE F 84 -8.13 17.60 22.14
N THR F 85 -6.90 17.41 21.69
CA THR F 85 -6.44 16.15 21.11
C THR F 85 -5.67 15.38 22.15
N MET F 86 -5.83 14.05 22.15
CA MET F 86 -5.19 13.20 23.15
C MET F 86 -5.01 11.80 22.61
N ASN F 87 -4.18 11.04 23.31
CA ASN F 87 -3.85 9.66 22.98
C ASN F 87 -4.14 8.80 24.19
N ASP F 88 -4.49 7.53 23.94
CA ASP F 88 -4.84 6.58 25.00
C ASP F 88 -6.04 7.08 25.78
N ILE F 89 -7.15 7.24 25.06
CA ILE F 89 -8.41 7.72 25.63
C ILE F 89 -9.30 6.51 25.88
N ASN F 90 -9.79 6.39 27.11
CA ASN F 90 -10.63 5.27 27.50
C ASN F 90 -11.99 5.68 28.06
N SER F 91 -12.18 6.94 28.45
CA SER F 91 -13.46 7.38 28.99
C SER F 91 -13.61 8.87 28.76
N ILE F 92 -14.85 9.28 28.48
CA ILE F 92 -15.21 10.68 28.27
C ILE F 92 -16.50 10.95 29.02
N ALA F 93 -16.50 11.99 29.86
CA ALA F 93 -17.67 12.37 30.62
C ALA F 93 -17.73 13.89 30.75
N ILE F 94 -18.91 14.40 31.07
CA ILE F 94 -19.17 15.83 31.17
C ILE F 94 -19.76 16.12 32.55
N VAL F 95 -19.26 17.18 33.18
CA VAL F 95 -19.76 17.64 34.47
C VAL F 95 -20.32 19.04 34.28
N GLY F 96 -21.59 19.22 34.64
CA GLY F 96 -22.24 20.52 34.53
C GLY F 96 -22.28 21.23 35.87
N ALA F 97 -22.15 22.55 35.83
CA ALA F 97 -22.17 23.36 37.04
C ALA F 97 -22.82 24.70 36.74
N GLY F 98 -23.85 25.03 37.52
CA GLY F 98 -24.54 26.30 37.35
C GLY F 98 -26.03 26.21 37.64
N THR F 99 -26.80 27.12 37.06
CA THR F 99 -28.25 27.13 37.22
C THR F 99 -28.91 27.21 35.86
N GLY F 100 -30.02 26.49 35.71
CA GLY F 100 -30.70 26.43 34.43
C GLY F 100 -30.24 25.24 33.60
N THR F 101 -30.58 25.28 32.32
CA THR F 101 -30.25 24.22 31.39
C THR F 101 -29.57 24.82 30.16
N SER F 102 -28.64 24.06 29.58
CA SER F 102 -27.90 24.51 28.41
C SER F 102 -27.88 23.40 27.35
N SER F 103 -27.93 23.80 26.09
CA SER F 103 -27.80 22.86 24.98
C SER F 103 -26.33 22.69 24.67
N VAL F 104 -25.74 21.59 25.12
CA VAL F 104 -24.30 21.35 25.02
C VAL F 104 -24.06 20.25 24.01
N LYS F 105 -23.21 20.52 23.02
CA LYS F 105 -22.91 19.58 21.95
C LYS F 105 -21.53 18.98 22.18
N ILE F 106 -21.47 17.65 22.20
CA ILE F 106 -20.22 16.91 22.38
C ILE F 106 -19.93 16.14 21.10
N SER F 107 -18.74 16.32 20.55
CA SER F 107 -18.28 15.56 19.42
C SER F 107 -16.90 15.00 19.74
N PHE F 108 -16.56 13.87 19.11
CA PHE F 108 -15.25 13.29 19.34
C PHE F 108 -14.91 12.29 18.25
N SER F 109 -13.62 12.21 17.94
CA SER F 109 -13.10 11.30 16.94
C SER F 109 -12.37 10.14 17.61
N ILE F 110 -12.64 8.93 17.13
CA ILE F 110 -11.97 7.72 17.59
C ILE F 110 -11.08 7.25 16.45
N ASN F 111 -9.77 7.20 16.69
CA ASN F 111 -8.81 6.75 15.70
C ASN F 111 -7.99 5.61 16.30
N TYR F 112 -7.93 4.49 15.59
CA TYR F 112 -7.13 3.35 16.04
C TYR F 112 -6.87 2.45 14.84
N LYS F 113 -6.23 1.32 15.10
CA LYS F 113 -5.92 0.34 14.07
C LYS F 113 -6.16 -1.05 14.61
N PHE F 114 -6.57 -1.97 13.73
CA PHE F 114 -6.85 -3.35 14.15
C PHE F 114 -6.41 -4.35 13.07
N ALA G 2 22.30 -16.18 3.98
CA ALA G 2 20.84 -16.24 3.93
C ALA G 2 20.22 -15.25 4.90
N GLN G 3 19.30 -14.43 4.39
CA GLN G 3 18.64 -13.44 5.23
C GLN G 3 17.79 -14.12 6.29
N ILE G 4 17.85 -13.58 7.50
CA ILE G 4 17.04 -14.06 8.62
C ILE G 4 16.12 -12.92 9.04
N GLY G 5 14.82 -13.15 8.92
CA GLY G 5 13.84 -12.11 9.20
C GLY G 5 13.79 -11.08 8.09
N ASN G 6 12.98 -10.05 8.32
CA ASN G 6 12.84 -8.96 7.36
C ASN G 6 12.77 -7.65 8.14
N CYS G 7 13.58 -6.68 7.74
CA CYS G 7 13.49 -5.36 8.33
C CYS G 7 12.11 -4.76 8.12
N CYS G 8 11.55 -4.94 6.92
CA CYS G 8 10.19 -4.55 6.61
C CYS G 8 9.93 -3.08 6.93
N THR G 9 8.84 -2.81 7.65
CA THR G 9 8.46 -1.44 7.97
C THR G 9 7.55 -1.48 9.20
N GLU G 10 7.09 -0.31 9.62
CA GLU G 10 6.20 -0.12 10.76
C GLU G 10 5.03 0.76 10.36
N GLN G 11 4.37 0.39 9.26
CA GLN G 11 3.41 1.25 8.58
C GLN G 11 2.56 2.05 9.56
N LEU G 12 2.39 3.33 9.25
CA LEU G 12 1.72 4.28 10.13
C LEU G 12 0.43 4.74 9.49
N CYS G 13 -0.64 4.77 10.28
CA CYS G 13 -1.92 5.28 9.81
C CYS G 13 -1.90 6.80 9.86
N CYS G 14 -2.41 7.43 8.81
CA CYS G 14 -2.39 8.88 8.69
C CYS G 14 -3.77 9.43 9.06
N VAL G 15 -3.81 10.29 10.07
CA VAL G 15 -5.04 10.88 10.57
C VAL G 15 -5.17 12.28 10.00
N ASN G 16 -6.34 12.58 9.44
CA ASN G 16 -6.66 13.89 8.86
C ASN G 16 -8.07 14.21 9.33
N ASP G 17 -8.17 14.98 10.41
CA ASP G 17 -9.45 15.37 10.99
C ASP G 17 -9.70 16.86 10.78
N ALA G 18 -10.97 17.25 10.88
CA ALA G 18 -11.39 18.64 10.73
C ALA G 18 -12.29 19.01 11.89
N VAL G 19 -12.16 20.24 12.37
CA VAL G 19 -12.97 20.74 13.48
C VAL G 19 -13.52 22.11 13.09
N CYS G 20 -14.76 22.37 13.47
CA CYS G 20 -15.43 23.64 13.20
C CYS G 20 -16.30 24.01 14.39
N CYS G 21 -16.26 25.30 14.77
CA CYS G 21 -17.21 25.79 15.77
C CYS G 21 -17.43 27.28 15.57
N THR G 22 -18.46 27.80 16.21
CA THR G 22 -18.83 29.20 16.16
C THR G 22 -18.93 29.75 17.57
N ILE G 23 -18.41 30.97 17.76
CA ILE G 23 -18.36 31.60 19.07
C ILE G 23 -18.89 33.02 18.95
N ILE G 24 -19.36 33.54 20.10
CA ILE G 24 -19.76 34.93 20.23
C ILE G 24 -18.58 35.65 20.86
N LEU G 25 -17.87 36.42 20.05
CA LEU G 25 -16.63 37.07 20.46
C LEU G 25 -16.90 38.51 20.85
N ASP G 26 -16.43 38.91 22.02
CA ASP G 26 -16.50 40.27 22.51
C ASP G 26 -15.10 40.73 22.91
N ASP G 27 -15.02 41.89 23.54
CA ASP G 27 -13.73 42.42 23.97
C ASP G 27 -13.21 41.63 25.16
N THR G 28 -12.03 41.04 25.02
CA THR G 28 -11.41 40.23 26.06
C THR G 28 -10.23 40.92 26.72
N GLY G 29 -9.94 42.16 26.36
CA GLY G 29 -8.83 42.88 26.98
C GLY G 29 -7.47 42.27 26.71
N GLY G 30 -7.25 41.76 25.51
CA GLY G 30 -5.97 41.21 25.14
C GLY G 30 -5.72 39.79 25.58
N THR G 31 -6.65 39.16 26.28
CA THR G 31 -6.48 37.79 26.74
C THR G 31 -6.91 36.81 25.65
N ALA G 32 -6.11 35.76 25.48
CA ALA G 32 -6.36 34.78 24.42
C ALA G 32 -7.30 33.71 24.94
N LEU G 33 -8.43 33.55 24.26
CA LEU G 33 -9.39 32.50 24.62
C LEU G 33 -8.89 31.16 24.06
N PRO G 34 -8.68 30.15 24.89
CA PRO G 34 -8.16 28.87 24.36
C PRO G 34 -9.18 28.19 23.47
N ILE G 35 -8.73 27.77 22.29
CA ILE G 35 -9.58 27.06 21.35
C ILE G 35 -9.12 25.62 21.16
N TRP G 36 -7.82 25.40 20.99
CA TRP G 36 -7.30 24.05 20.79
C TRP G 36 -5.94 23.94 21.47
N ASP G 37 -5.68 22.78 22.08
CA ASP G 37 -4.43 22.51 22.75
C ASP G 37 -3.97 21.10 22.40
N ASP G 38 -2.66 20.89 22.45
CA ASP G 38 -2.06 19.61 22.13
C ASP G 38 -1.51 18.96 23.40
N ALA G 39 -1.87 17.70 23.61
CA ALA G 39 -1.42 16.94 24.77
C ALA G 39 -0.68 15.67 24.37
N THR G 40 -0.40 15.47 23.09
CA THR G 40 0.28 14.31 22.58
C THR G 40 1.72 14.64 22.22
N THR G 41 2.48 13.61 21.84
CA THR G 41 3.87 13.77 21.44
C THR G 41 4.05 13.74 19.93
N PHE G 42 2.95 13.78 19.16
CA PHE G 42 3.03 13.73 17.72
C PHE G 42 3.40 15.10 17.16
N VAL G 43 3.72 15.12 15.86
CA VAL G 43 3.94 16.35 15.11
C VAL G 43 2.71 16.58 14.26
N ILE G 44 2.08 17.75 14.43
CA ILE G 44 0.77 18.03 13.86
C ILE G 44 0.91 19.20 12.88
N ASN G 45 0.38 19.01 11.68
CA ASN G 45 0.30 20.06 10.68
C ASN G 45 -1.16 20.38 10.41
N GLY G 46 -1.40 21.46 9.67
CA GLY G 46 -2.75 21.72 9.21
C GLY G 46 -2.98 23.18 8.92
N THR G 47 -4.21 23.47 8.51
CA THR G 47 -4.63 24.82 8.15
C THR G 47 -5.70 25.30 9.11
N ILE G 48 -5.61 26.58 9.46
CA ILE G 48 -6.52 27.24 10.40
C ILE G 48 -7.22 28.37 9.66
N MET G 49 -8.54 28.39 9.72
CA MET G 49 -9.35 29.39 9.06
C MET G 49 -10.26 30.08 10.08
N VAL G 50 -10.31 31.40 10.01
CA VAL G 50 -11.15 32.22 10.88
C VAL G 50 -12.00 33.11 9.98
N GLU G 51 -13.31 33.08 10.19
CA GLU G 51 -14.25 33.90 9.44
C GLU G 51 -15.07 34.73 10.41
N ASN G 52 -15.09 36.04 10.21
CA ASN G 52 -15.83 36.95 11.08
C ASN G 52 -17.08 37.41 10.33
N ASN G 53 -18.22 36.88 10.74
CA ASN G 53 -19.50 37.16 10.08
C ASN G 53 -20.28 38.29 10.76
N GLY G 54 -19.71 38.92 11.77
CA GLY G 54 -20.42 39.99 12.47
C GLY G 54 -20.79 41.14 11.55
N THR G 55 -21.55 42.09 12.08
CA THR G 55 -21.96 43.25 11.28
C THR G 55 -20.74 44.03 10.82
N VAL G 56 -20.81 44.54 9.60
CA VAL G 56 -19.66 45.25 9.02
C VAL G 56 -19.48 46.59 9.71
N GLY G 57 -18.26 46.87 10.15
CA GLY G 57 -17.93 48.14 10.74
C GLY G 57 -18.40 48.32 12.17
N VAL G 58 -18.94 47.28 12.80
CA VAL G 58 -19.45 47.37 14.16
C VAL G 58 -18.82 46.31 15.03
N GLY G 59 -18.86 45.06 14.59
CA GLY G 59 -18.41 43.95 15.39
C GLY G 59 -16.92 43.98 15.66
N PRO G 60 -16.49 43.40 16.77
CA PRO G 60 -15.06 43.38 17.09
C PRO G 60 -14.28 42.54 16.09
N THR G 61 -13.00 42.87 15.98
CA THR G 61 -12.07 42.11 15.16
C THR G 61 -11.45 40.98 15.98
N ALA G 62 -10.97 39.95 15.27
CA ALA G 62 -10.38 38.78 15.88
C ALA G 62 -8.96 38.59 15.37
N ALA G 63 -8.09 38.08 16.25
CA ALA G 63 -6.70 37.80 15.92
C ALA G 63 -6.35 36.40 16.38
N LEU G 64 -5.58 35.70 15.56
CA LEU G 64 -5.17 34.33 15.84
C LEU G 64 -3.87 34.31 16.63
N THR G 65 -3.76 33.35 17.54
CA THR G 65 -2.54 33.13 18.31
C THR G 65 -2.21 31.65 18.27
N VAL G 66 -0.98 31.32 17.91
CA VAL G 66 -0.53 29.94 17.78
C VAL G 66 0.79 29.79 18.53
N ASN G 67 0.91 28.72 19.32
CA ASN G 67 2.11 28.44 20.09
C ASN G 67 2.43 29.58 21.05
N GLY G 68 1.41 30.31 21.48
CA GLY G 68 1.60 31.42 22.39
C GLY G 68 2.12 32.69 21.76
N THR G 69 2.27 32.73 20.45
CA THR G 69 2.77 33.90 19.74
C THR G 69 1.76 34.30 18.68
N ALA G 70 1.42 35.60 18.64
CA ALA G 70 0.45 36.09 17.68
C ALA G 70 1.00 35.98 16.26
N VAL G 71 0.15 35.58 15.32
CA VAL G 71 0.55 35.48 13.93
C VAL G 71 0.65 36.88 13.34
N GLY G 72 1.75 37.14 12.64
CA GLY G 72 2.01 38.46 12.10
C GLY G 72 0.93 38.95 11.15
N GLY G 73 0.18 39.96 11.57
CA GLY G 73 -0.80 40.59 10.72
C GLY G 73 -2.11 39.84 10.55
N PHE G 74 -2.31 38.74 11.28
CA PHE G 74 -3.52 37.94 11.15
C PHE G 74 -4.62 38.57 12.02
N VAL G 75 -5.26 39.60 11.46
CA VAL G 75 -6.44 40.22 12.06
C VAL G 75 -7.54 40.21 11.01
N VAL G 76 -8.73 39.78 11.42
CA VAL G 76 -9.84 39.60 10.50
C VAL G 76 -10.93 40.61 10.87
N ALA G 77 -11.30 41.44 9.91
CA ALA G 77 -12.39 42.38 10.08
C ALA G 77 -13.72 41.72 9.72
N PRO G 78 -14.84 42.26 10.18
CA PRO G 78 -16.13 41.64 9.88
C PRO G 78 -16.40 41.61 8.39
N GLY G 79 -17.05 40.52 7.96
CA GLY G 79 -17.26 40.30 6.54
C GLY G 79 -16.08 39.74 5.81
N GLU G 80 -15.21 38.98 6.48
CA GLU G 80 -13.99 38.46 5.88
C GLU G 80 -13.69 37.08 6.44
N CYS G 81 -12.84 36.35 5.72
CA CYS G 81 -12.26 35.11 6.20
C CYS G 81 -10.78 35.11 5.88
N ARG G 82 -10.00 34.40 6.68
CA ARG G 82 -8.57 34.28 6.45
C ARG G 82 -8.10 32.92 6.93
N SER G 83 -7.24 32.29 6.14
CA SER G 83 -6.73 30.95 6.42
C SER G 83 -5.22 30.94 6.29
N ILE G 84 -4.59 30.10 7.11
CA ILE G 84 -3.13 29.98 7.13
C ILE G 84 -2.78 28.52 7.39
N THR G 85 -1.82 28.01 6.62
CA THR G 85 -1.32 26.65 6.78
C THR G 85 -0.02 26.69 7.56
N MET G 86 0.20 25.70 8.43
CA MET G 86 1.37 25.67 9.28
C MET G 86 1.69 24.24 9.69
N ASN G 87 2.91 24.08 10.20
CA ASN G 87 3.43 22.79 10.65
C ASN G 87 3.89 22.95 12.10
N ASP G 88 3.82 21.85 12.85
CA ASP G 88 4.18 21.85 14.27
C ASP G 88 3.29 22.82 15.06
N ILE G 89 1.99 22.55 15.01
CA ILE G 89 0.98 23.34 15.68
C ILE G 89 0.63 22.66 16.99
N ASN G 90 0.71 23.41 18.10
CA ASN G 90 0.43 22.87 19.42
C ASN G 90 -0.66 23.62 20.18
N SER G 91 -1.01 24.85 19.76
CA SER G 91 -2.03 25.62 20.45
C SER G 91 -2.66 26.60 19.48
N ILE G 92 -3.97 26.80 19.63
CA ILE G 92 -4.73 27.75 18.84
C ILE G 92 -5.64 28.53 19.78
N ALA G 93 -5.59 29.86 19.68
CA ALA G 93 -6.43 30.72 20.51
C ALA G 93 -6.82 31.95 19.71
N ILE G 94 -7.88 32.62 20.17
CA ILE G 94 -8.44 33.78 19.51
C ILE G 94 -8.49 34.94 20.49
N VAL G 95 -8.09 36.11 20.03
CA VAL G 95 -8.14 37.34 20.83
C VAL G 95 -9.08 38.31 20.14
N GLY G 96 -10.11 38.76 20.85
CA GLY G 96 -11.07 39.71 20.32
C GLY G 96 -10.76 41.12 20.77
N ALA G 97 -11.01 42.09 19.90
CA ALA G 97 -10.76 43.49 20.20
C ALA G 97 -11.81 44.36 19.52
N GLY G 98 -12.50 45.17 20.30
CA GLY G 98 -13.50 46.07 19.76
C GLY G 98 -14.67 46.28 20.71
N THR G 99 -15.83 46.64 20.16
CA THR G 99 -17.04 46.85 20.94
C THR G 99 -18.18 46.06 20.31
N GLY G 100 -19.02 45.50 21.18
CA GLY G 100 -20.11 44.66 20.71
C GLY G 100 -19.72 43.19 20.67
N THR G 101 -20.54 42.41 19.97
CA THR G 101 -20.34 40.98 19.85
C THR G 101 -20.38 40.58 18.37
N SER G 102 -19.59 39.57 18.01
CA SER G 102 -19.51 39.09 16.64
C SER G 102 -19.62 37.57 16.61
N SER G 103 -20.28 37.05 15.57
CA SER G 103 -20.35 35.61 15.37
C SER G 103 -19.13 35.18 14.56
N VAL G 104 -18.14 34.61 15.23
CA VAL G 104 -16.86 34.28 14.64
C VAL G 104 -16.74 32.76 14.54
N LYS G 105 -16.46 32.27 13.34
CA LYS G 105 -16.38 30.85 13.05
C LYS G 105 -14.91 30.46 12.92
N ILE G 106 -14.49 29.46 13.69
CA ILE G 106 -13.13 28.94 13.66
C ILE G 106 -13.18 27.50 13.17
N SER G 107 -12.39 27.21 12.13
CA SER G 107 -12.22 25.86 11.63
C SER G 107 -10.74 25.56 11.53
N PHE G 108 -10.40 24.28 11.64
CA PHE G 108 -8.99 23.91 11.52
C PHE G 108 -8.87 22.42 11.24
N SER G 109 -7.83 22.07 10.48
CA SER G 109 -7.52 20.69 10.14
C SER G 109 -6.31 20.21 10.92
N ILE G 110 -6.41 19.01 11.46
CA ILE G 110 -5.32 18.33 12.17
C ILE G 110 -4.87 17.18 11.29
N ASN G 111 -3.61 17.22 10.86
CA ASN G 111 -3.03 16.16 10.03
C ASN G 111 -1.77 15.66 10.71
N TYR G 112 -1.69 14.34 10.90
CA TYR G 112 -0.52 13.71 11.50
C TYR G 112 -0.52 12.24 11.14
N LYS G 113 0.44 11.50 11.69
CA LYS G 113 0.57 10.08 11.45
C LYS G 113 0.95 9.39 12.75
N PHE G 114 0.48 8.16 12.93
CA PHE G 114 0.77 7.41 14.14
C PHE G 114 1.00 5.92 13.84
N ALA H 2 -15.72 10.89 -5.13
CA ALA H 2 -16.13 12.28 -4.91
C ALA H 2 -17.51 12.53 -5.49
N GLN H 3 -18.41 13.09 -4.67
CA GLN H 3 -19.76 13.37 -5.13
C GLN H 3 -19.75 14.43 -6.22
N ILE H 4 -20.56 14.22 -7.24
CA ILE H 4 -20.74 15.18 -8.33
C ILE H 4 -22.18 15.65 -8.31
N GLY H 5 -22.38 16.93 -8.09
CA GLY H 5 -23.71 17.48 -7.96
C GLY H 5 -24.34 17.13 -6.62
N ASN H 6 -25.59 17.53 -6.46
CA ASN H 6 -26.34 17.25 -5.24
C ASN H 6 -27.76 16.87 -5.62
N CYS H 7 -28.24 15.75 -5.09
CA CYS H 7 -29.63 15.38 -5.30
C CYS H 7 -30.56 16.46 -4.76
N CYS H 8 -30.24 17.00 -3.59
CA CYS H 8 -30.96 18.13 -3.01
C CYS H 8 -32.44 17.85 -2.90
N THR H 9 -33.27 18.79 -3.36
CA THR H 9 -34.71 18.67 -3.27
C THR H 9 -35.34 19.57 -4.33
N GLU H 10 -36.67 19.59 -4.36
CA GLU H 10 -37.46 20.39 -5.29
C GLU H 10 -38.53 21.16 -4.53
N GLN H 11 -38.10 21.88 -3.49
CA GLN H 11 -38.98 22.45 -2.49
C GLN H 11 -40.28 22.98 -3.11
N LEU H 12 -41.39 22.67 -2.46
CA LEU H 12 -42.72 22.98 -2.95
C LEU H 12 -43.38 24.02 -2.05
N CYS H 13 -43.98 25.02 -2.66
CA CYS H 13 -44.74 26.02 -1.92
C CYS H 13 -46.11 25.46 -1.56
N CYS H 14 -46.54 25.68 -0.33
CA CYS H 14 -47.80 25.14 0.17
C CYS H 14 -48.85 26.24 0.13
N VAL H 15 -49.94 26.00 -0.61
CA VAL H 15 -51.01 26.96 -0.77
C VAL H 15 -52.16 26.56 0.16
N ASN H 16 -52.65 27.54 0.93
CA ASN H 16 -53.75 27.35 1.86
C ASN H 16 -54.66 28.57 1.68
N ASP H 17 -55.69 28.41 0.87
CA ASP H 17 -56.64 29.48 0.59
C ASP H 17 -57.99 29.18 1.22
N ALA H 18 -58.79 30.23 1.39
CA ALA H 18 -60.13 30.12 1.94
C ALA H 18 -61.11 30.86 1.06
N VAL H 19 -62.31 30.32 0.90
CA VAL H 19 -63.36 30.92 0.08
C VAL H 19 -64.65 30.93 0.89
N CYS H 20 -65.42 32.01 0.74
CA CYS H 20 -66.69 32.18 1.42
C CYS H 20 -67.67 32.88 0.49
N CYS H 21 -68.91 32.41 0.46
CA CYS H 21 -69.96 33.13 -0.23
C CYS H 21 -71.31 32.80 0.38
N THR H 22 -72.31 33.61 0.03
CA THR H 22 -73.67 33.45 0.51
C THR H 22 -74.62 33.38 -0.68
N ILE H 23 -75.59 32.47 -0.61
CA ILE H 23 -76.52 32.23 -1.70
C ILE H 23 -77.95 32.21 -1.15
N ILE H 24 -78.89 32.50 -2.05
CA ILE H 24 -80.31 32.38 -1.76
C ILE H 24 -80.76 31.04 -2.31
N LEU H 25 -80.97 30.07 -1.43
CA LEU H 25 -81.25 28.70 -1.81
C LEU H 25 -82.75 28.45 -1.76
N ASP H 26 -83.29 27.90 -2.83
CA ASP H 26 -84.68 27.49 -2.94
C ASP H 26 -84.73 26.03 -3.37
N ASP H 27 -85.94 25.56 -3.69
CA ASP H 27 -86.10 24.18 -4.12
C ASP H 27 -85.57 24.01 -5.54
N THR H 28 -84.61 23.10 -5.70
CA THR H 28 -83.98 22.84 -6.99
C THR H 28 -84.39 21.51 -7.59
N GLY H 29 -85.31 20.78 -6.95
CA GLY H 29 -85.76 19.52 -7.50
C GLY H 29 -84.68 18.45 -7.58
N GLY H 30 -83.80 18.40 -6.59
CA GLY H 30 -82.77 17.39 -6.54
C GLY H 30 -81.55 17.67 -7.38
N THR H 31 -81.50 18.79 -8.09
CA THR H 31 -80.35 19.13 -8.92
C THR H 31 -79.30 19.85 -8.09
N ALA H 32 -78.04 19.47 -8.29
CA ALA H 32 -76.94 20.03 -7.52
C ALA H 32 -76.44 21.31 -8.17
N LEU H 33 -76.47 22.41 -7.43
CA LEU H 33 -75.95 23.67 -7.91
C LEU H 33 -74.44 23.68 -7.79
N PRO H 34 -73.69 23.86 -8.89
CA PRO H 34 -72.22 23.81 -8.78
C PRO H 34 -71.69 24.99 -7.99
N ILE H 35 -70.82 24.69 -7.03
CA ILE H 35 -70.18 25.71 -6.20
C ILE H 35 -68.69 25.79 -6.47
N TRP H 36 -68.01 24.65 -6.53
CA TRP H 36 -66.57 24.63 -6.76
C TRP H 36 -66.21 23.43 -7.62
N ASP H 37 -65.28 23.62 -8.54
CA ASP H 37 -64.80 22.56 -9.41
C ASP H 37 -63.29 22.62 -9.51
N ASP H 38 -62.68 21.47 -9.78
CA ASP H 38 -61.23 21.36 -9.89
C ASP H 38 -60.84 21.13 -11.34
N ALA H 39 -59.89 21.91 -11.84
CA ALA H 39 -59.40 21.79 -13.19
C ALA H 39 -57.89 21.54 -13.25
N THR H 40 -57.25 21.31 -12.11
CA THR H 40 -55.82 21.09 -12.02
C THR H 40 -55.55 19.61 -11.77
N THR H 41 -54.26 19.26 -11.78
CA THR H 41 -53.81 17.89 -11.53
C THR H 41 -53.29 17.69 -10.11
N PHE H 42 -53.46 18.68 -9.24
CA PHE H 42 -52.97 18.59 -7.88
C PHE H 42 -53.91 17.73 -7.03
N VAL H 43 -53.45 17.40 -5.83
CA VAL H 43 -54.26 16.74 -4.82
C VAL H 43 -54.63 17.79 -3.78
N ILE H 44 -55.92 17.96 -3.55
CA ILE H 44 -56.46 19.06 -2.76
C ILE H 44 -57.16 18.50 -1.54
N ASN H 45 -56.81 19.02 -0.37
CA ASN H 45 -57.50 18.70 0.87
C ASN H 45 -58.19 19.94 1.41
N GLY H 46 -59.02 19.75 2.43
CA GLY H 46 -59.57 20.92 3.11
C GLY H 46 -60.88 20.59 3.80
N THR H 47 -61.42 21.63 4.44
CA THR H 47 -62.66 21.54 5.20
C THR H 47 -63.74 22.39 4.53
N ILE H 48 -64.97 21.86 4.52
CA ILE H 48 -66.12 22.50 3.91
C ILE H 48 -67.14 22.73 5.01
N MET H 49 -67.63 23.97 5.12
CA MET H 49 -68.61 24.35 6.14
C MET H 49 -69.82 24.96 5.45
N VAL H 50 -71.00 24.54 5.87
CA VAL H 50 -72.27 25.07 5.36
C VAL H 50 -73.09 25.51 6.56
N GLU H 51 -73.57 26.76 6.52
CA GLU H 51 -74.39 27.33 7.59
C GLU H 51 -75.69 27.82 6.98
N ASN H 52 -76.82 27.36 7.53
CA ASN H 52 -78.14 27.74 7.02
C ASN H 52 -78.74 28.73 8.01
N ASN H 53 -78.77 30.00 7.64
CA ASN H 53 -79.26 31.07 8.49
C ASN H 53 -80.72 31.41 8.26
N GLY H 54 -81.41 30.69 7.38
CA GLY H 54 -82.80 30.97 7.09
C GLY H 54 -83.68 30.90 8.31
N THR H 55 -84.95 31.28 8.17
CA THR H 55 -85.88 31.24 9.28
C THR H 55 -86.05 29.80 9.77
N VAL H 56 -86.16 29.64 11.09
CA VAL H 56 -86.24 28.32 11.68
C VAL H 56 -87.59 27.69 11.35
N GLY H 57 -87.55 26.46 10.85
CA GLY H 57 -88.77 25.71 10.57
C GLY H 57 -89.50 26.12 9.32
N VAL H 58 -88.93 27.01 8.51
CA VAL H 58 -89.59 27.50 7.31
C VAL H 58 -88.68 27.30 6.10
N GLY H 59 -87.44 27.78 6.21
CA GLY H 59 -86.53 27.78 5.09
C GLY H 59 -86.13 26.38 4.65
N PRO H 60 -85.80 26.22 3.37
CA PRO H 60 -85.39 24.89 2.88
C PRO H 60 -84.09 24.43 3.52
N THR H 61 -83.93 23.11 3.55
CA THR H 61 -82.69 22.50 4.02
C THR H 61 -81.71 22.35 2.85
N ALA H 62 -80.43 22.25 3.19
CA ALA H 62 -79.36 22.13 2.22
C ALA H 62 -78.56 20.86 2.47
N ALA H 63 -78.07 20.25 1.39
CA ALA H 63 -77.26 19.05 1.46
C ALA H 63 -76.02 19.23 0.60
N LEU H 64 -74.89 18.74 1.11
CA LEU H 64 -73.62 18.86 0.41
C LEU H 64 -73.40 17.67 -0.51
N THR H 65 -72.76 17.92 -1.65
CA THR H 65 -72.39 16.89 -2.60
C THR H 65 -70.94 17.12 -3.00
N VAL H 66 -70.13 16.07 -2.89
CA VAL H 66 -68.70 16.14 -3.20
C VAL H 66 -68.36 14.98 -4.12
N ASN H 67 -67.58 15.28 -5.17
CA ASN H 67 -67.15 14.27 -6.13
C ASN H 67 -68.35 13.58 -6.80
N GLY H 68 -69.48 14.29 -6.87
CA GLY H 68 -70.67 13.74 -7.48
C GLY H 68 -71.44 12.78 -6.61
N THR H 69 -71.05 12.60 -5.35
CA THR H 69 -71.73 11.70 -4.44
C THR H 69 -72.11 12.46 -3.18
N ALA H 70 -73.37 12.32 -2.77
CA ALA H 70 -73.86 13.02 -1.59
C ALA H 70 -73.15 12.51 -0.34
N VAL H 71 -72.81 13.43 0.56
CA VAL H 71 -72.18 13.05 1.82
C VAL H 71 -73.23 12.44 2.74
N GLY H 72 -72.89 11.30 3.33
CA GLY H 72 -73.83 10.58 4.18
C GLY H 72 -74.35 11.38 5.35
N GLY H 73 -75.63 11.74 5.30
CA GLY H 73 -76.27 12.41 6.41
C GLY H 73 -75.99 13.89 6.53
N PHE H 74 -75.28 14.48 5.57
CA PHE H 74 -74.93 15.91 5.64
C PHE H 74 -76.12 16.73 5.12
N VAL H 75 -77.09 16.94 6.00
CA VAL H 75 -78.21 17.83 5.75
C VAL H 75 -78.26 18.83 6.89
N VAL H 76 -78.39 20.11 6.54
CA VAL H 76 -78.34 21.20 7.51
C VAL H 76 -79.71 21.87 7.56
N ALA H 77 -80.31 21.89 8.76
CA ALA H 77 -81.56 22.58 8.98
C ALA H 77 -81.30 24.04 9.31
N PRO H 78 -82.31 24.91 9.16
CA PRO H 78 -82.09 26.33 9.45
C PRO H 78 -81.71 26.55 10.91
N GLY H 79 -80.83 27.53 11.11
CA GLY H 79 -80.28 27.78 12.43
C GLY H 79 -79.17 26.84 12.83
N GLU H 80 -78.40 26.33 11.87
CA GLU H 80 -77.36 25.36 12.16
C GLU H 80 -76.17 25.59 11.22
N CYS H 81 -75.03 25.02 11.61
CA CYS H 81 -73.86 24.94 10.75
C CYS H 81 -73.28 23.54 10.87
N ARG H 82 -72.61 23.10 9.81
CA ARG H 82 -71.95 21.80 9.82
C ARG H 82 -70.72 21.86 8.93
N SER H 83 -69.63 21.26 9.42
CA SER H 83 -68.36 21.27 8.73
C SER H 83 -67.81 19.86 8.65
N ILE H 84 -67.07 19.59 7.57
CA ILE H 84 -66.49 18.28 7.33
C ILE H 84 -65.14 18.47 6.66
N THR H 85 -64.14 17.73 7.12
CA THR H 85 -62.80 17.76 6.55
C THR H 85 -62.62 16.55 5.65
N MET H 86 -61.92 16.72 4.53
CA MET H 86 -61.75 15.65 3.56
C MET H 86 -60.49 15.88 2.75
N ASN H 87 -60.08 14.82 2.05
CA ASN H 87 -58.90 14.79 1.22
C ASN H 87 -59.31 14.36 -0.18
N ASP H 88 -58.57 14.83 -1.18
CA ASP H 88 -58.85 14.53 -2.58
C ASP H 88 -60.25 15.04 -2.96
N ILE H 89 -60.42 16.34 -2.82
CA ILE H 89 -61.68 17.02 -3.12
C ILE H 89 -61.57 17.63 -4.52
N ASN H 90 -62.52 17.31 -5.39
CA ASN H 90 -62.53 17.80 -6.75
C ASN H 90 -63.79 18.57 -7.14
N SER H 91 -64.88 18.45 -6.38
CA SER H 91 -66.10 19.15 -6.70
C SER H 91 -66.92 19.36 -5.43
N ILE H 92 -67.58 20.51 -5.35
CA ILE H 92 -68.46 20.86 -4.24
C ILE H 92 -69.73 21.46 -4.82
N ALA H 93 -70.88 20.94 -4.38
CA ALA H 93 -72.17 21.44 -4.84
C ALA H 93 -73.16 21.35 -3.69
N ILE H 94 -74.26 22.10 -3.83
CA ILE H 94 -75.29 22.20 -2.81
C ILE H 94 -76.64 21.86 -3.44
N VAL H 95 -77.43 21.05 -2.74
CA VAL H 95 -78.78 20.68 -3.18
C VAL H 95 -79.75 21.19 -2.13
N GLY H 96 -80.70 22.01 -2.57
CA GLY H 96 -81.72 22.57 -1.69
C GLY H 96 -83.02 21.78 -1.79
N ALA H 97 -83.71 21.65 -0.66
CA ALA H 97 -84.97 20.92 -0.61
C ALA H 97 -85.89 21.58 0.41
N GLY H 98 -87.08 21.95 -0.04
CA GLY H 98 -88.06 22.56 0.84
C GLY H 98 -88.93 23.59 0.14
N THR H 99 -89.47 24.53 0.91
CA THR H 99 -90.29 25.61 0.38
C THR H 99 -89.79 26.94 0.91
N GLY H 100 -89.81 27.95 0.04
CA GLY H 100 -89.29 29.25 0.40
C GLY H 100 -87.83 29.41 0.00
N THR H 101 -87.20 30.43 0.57
CA THR H 101 -85.81 30.76 0.29
C THR H 101 -85.05 30.89 1.60
N SER H 102 -83.77 30.52 1.57
CA SER H 102 -82.91 30.57 2.74
C SER H 102 -81.58 31.21 2.39
N SER H 103 -81.03 31.98 3.33
CA SER H 103 -79.70 32.56 3.15
C SER H 103 -78.68 31.55 3.65
N VAL H 104 -78.03 30.85 2.72
CA VAL H 104 -77.13 29.76 3.05
C VAL H 104 -75.70 30.19 2.73
N LYS H 105 -74.81 30.07 3.71
CA LYS H 105 -73.42 30.49 3.59
C LYS H 105 -72.55 29.26 3.43
N ILE H 106 -71.74 29.24 2.37
CA ILE H 106 -70.81 28.15 2.09
C ILE H 106 -69.39 28.70 2.19
N SER H 107 -68.57 28.04 3.00
CA SER H 107 -67.15 28.35 3.10
C SER H 107 -66.36 27.07 2.94
N PHE H 108 -65.13 27.21 2.45
CA PHE H 108 -64.29 26.03 2.29
C PHE H 108 -62.83 26.43 2.13
N SER H 109 -61.95 25.56 2.62
CA SER H 109 -60.51 25.76 2.56
C SER H 109 -59.91 24.82 1.53
N ILE H 110 -59.02 25.36 0.70
CA ILE H 110 -58.27 24.61 -0.29
C ILE H 110 -56.82 24.56 0.19
N ASN H 111 -56.30 23.37 0.45
CA ASN H 111 -54.93 23.17 0.88
C ASN H 111 -54.25 22.20 -0.06
N TYR H 112 -53.10 22.61 -0.60
CA TYR H 112 -52.33 21.75 -1.49
C TYR H 112 -50.90 22.26 -1.53
N LYS H 113 -50.08 21.63 -2.36
CA LYS H 113 -48.69 22.02 -2.54
C LYS H 113 -48.32 21.95 -4.02
N PHE H 114 -47.42 22.83 -4.44
CA PHE H 114 -47.01 22.86 -5.84
C PHE H 114 -45.53 23.17 -5.98
N ALA I 2 -11.92 15.66 -2.52
CA ALA I 2 -12.48 16.67 -1.62
C ALA I 2 -13.43 17.60 -2.37
N GLN I 3 -14.64 17.75 -1.85
CA GLN I 3 -15.63 18.61 -2.48
C GLN I 3 -15.17 20.06 -2.44
N ILE I 4 -15.38 20.75 -3.55
CA ILE I 4 -15.08 22.18 -3.67
C ILE I 4 -16.38 22.91 -3.92
N GLY I 5 -16.75 23.79 -3.00
CA GLY I 5 -18.02 24.48 -3.07
C GLY I 5 -19.17 23.58 -2.71
N ASN I 6 -20.38 24.12 -2.83
CA ASN I 6 -21.60 23.37 -2.56
C ASN I 6 -22.63 23.72 -3.61
N CYS I 7 -23.23 22.69 -4.21
CA CYS I 7 -24.32 22.93 -5.15
C CYS I 7 -25.47 23.65 -4.46
N CYS I 8 -25.78 23.25 -3.23
CA CYS I 8 -26.77 23.94 -2.39
C CYS I 8 -28.11 24.07 -3.10
N THR I 9 -28.67 25.27 -3.10
CA THR I 9 -29.97 25.53 -3.69
C THR I 9 -30.08 27.02 -4.00
N GLU I 10 -31.23 27.42 -4.54
CA GLU I 10 -31.53 28.80 -4.90
C GLU I 10 -32.89 29.20 -4.33
N GLN I 11 -33.05 28.97 -3.03
CA GLN I 11 -34.35 29.04 -2.36
C GLN I 11 -35.22 30.16 -2.92
N LEU I 12 -36.48 29.84 -3.14
CA LEU I 12 -37.44 30.74 -3.78
C LEU I 12 -38.51 31.14 -2.78
N CYS I 13 -38.82 32.43 -2.73
CA CYS I 13 -39.91 32.91 -1.90
C CYS I 13 -41.23 32.66 -2.59
N CYS I 14 -42.21 32.18 -1.83
CA CYS I 14 -43.52 31.84 -2.38
C CYS I 14 -44.49 32.96 -2.08
N VAL I 15 -45.07 33.53 -3.14
CA VAL I 15 -46.01 34.64 -3.03
C VAL I 15 -47.43 34.09 -3.17
N ASN I 16 -48.29 34.47 -2.22
CA ASN I 16 -49.70 34.07 -2.20
C ASN I 16 -50.49 35.33 -1.85
N ASP I 17 -51.00 36.01 -2.88
CA ASP I 17 -51.75 37.23 -2.71
C ASP I 17 -53.23 37.00 -3.06
N ALA I 18 -54.08 37.90 -2.58
CA ALA I 18 -55.51 37.84 -2.82
C ALA I 18 -55.99 39.21 -3.27
N VAL I 19 -56.93 39.23 -4.21
CA VAL I 19 -57.50 40.45 -4.75
C VAL I 19 -59.01 40.34 -4.74
N CYS I 20 -59.69 41.43 -4.41
CA CYS I 20 -61.15 41.50 -4.38
C CYS I 20 -61.60 42.86 -4.88
N CYS I 21 -62.64 42.87 -5.70
CA CYS I 21 -63.29 44.12 -6.08
C CYS I 21 -64.73 43.87 -6.45
N THR I 22 -65.49 44.96 -6.53
CA THR I 22 -66.91 44.92 -6.87
C THR I 22 -67.16 45.86 -8.04
N ILE I 23 -67.98 45.41 -8.98
CA ILE I 23 -68.26 46.17 -10.20
C ILE I 23 -69.77 46.21 -10.43
N ILE I 24 -70.19 47.23 -11.18
CA ILE I 24 -71.56 47.36 -11.64
C ILE I 24 -71.59 46.82 -13.07
N LEU I 25 -72.13 45.63 -13.23
CA LEU I 25 -72.11 44.92 -14.51
C LEU I 25 -73.43 45.12 -15.23
N ASP I 26 -73.34 45.52 -16.49
CA ASP I 26 -74.49 45.67 -17.38
C ASP I 26 -74.22 44.87 -18.65
N ASP I 27 -75.10 45.04 -19.65
CA ASP I 27 -74.95 44.33 -20.91
C ASP I 27 -73.78 44.92 -21.70
N THR I 28 -72.80 44.09 -22.03
CA THR I 28 -71.62 44.52 -22.76
C THR I 28 -71.60 44.01 -24.20
N GLY I 29 -72.65 43.32 -24.65
CA GLY I 29 -72.70 42.85 -26.01
C GLY I 29 -71.65 41.83 -26.35
N GLY I 30 -71.34 40.93 -25.41
CA GLY I 30 -70.39 39.86 -25.65
C GLY I 30 -68.94 40.24 -25.51
N THR I 31 -68.64 41.50 -25.18
CA THR I 31 -67.26 41.95 -25.02
C THR I 31 -66.79 41.67 -23.60
N ALA I 32 -65.56 41.17 -23.48
CA ALA I 32 -65.00 40.80 -22.18
C ALA I 32 -64.34 42.01 -21.55
N LEU I 33 -64.80 42.38 -20.35
CA LEU I 33 -64.20 43.48 -19.61
C LEU I 33 -62.93 42.98 -18.93
N PRO I 34 -61.77 43.58 -19.20
CA PRO I 34 -60.53 43.08 -18.59
C PRO I 34 -60.53 43.32 -17.09
N ILE I 35 -60.20 42.27 -16.34
CA ILE I 35 -60.11 42.34 -14.88
C ILE I 35 -58.68 42.15 -14.40
N TRP I 36 -57.97 41.15 -14.94
CA TRP I 36 -56.60 40.89 -14.52
C TRP I 36 -55.80 40.41 -15.73
N ASP I 37 -54.55 40.87 -15.81
CA ASP I 37 -53.65 40.48 -16.88
C ASP I 37 -52.27 40.18 -16.30
N ASP I 38 -51.53 39.32 -17.00
CA ASP I 38 -50.21 38.90 -16.56
C ASP I 38 -49.16 39.51 -17.48
N ALA I 39 -48.15 40.14 -16.89
CA ALA I 39 -47.05 40.75 -17.63
C ALA I 39 -45.69 40.17 -17.24
N THR I 40 -45.67 39.13 -16.41
CA THR I 40 -44.43 38.51 -15.95
C THR I 40 -44.21 37.18 -16.67
N THR I 41 -43.06 36.57 -16.39
CA THR I 41 -42.68 35.29 -16.97
C THR I 41 -42.90 34.13 -16.01
N PHE I 42 -43.53 34.38 -14.87
CA PHE I 42 -43.75 33.34 -13.88
C PHE I 42 -44.92 32.45 -14.28
N VAL I 43 -45.06 31.33 -13.57
CA VAL I 43 -46.20 30.44 -13.69
C VAL I 43 -47.10 30.69 -12.49
N ILE I 44 -48.36 31.04 -12.74
CA ILE I 44 -49.27 31.52 -11.72
C ILE I 44 -50.44 30.55 -11.60
N ASN I 45 -50.73 30.11 -10.39
CA ASN I 45 -51.91 29.30 -10.09
C ASN I 45 -52.85 30.09 -9.20
N GLY I 46 -54.06 29.57 -9.01
CA GLY I 46 -54.94 30.15 -8.02
C GLY I 46 -56.39 29.85 -8.31
N THR I 47 -57.25 30.38 -7.44
CA THR I 47 -58.68 30.20 -7.52
C THR I 47 -59.36 31.53 -7.80
N ILE I 48 -60.40 31.48 -8.63
CA ILE I 48 -61.17 32.64 -9.05
C ILE I 48 -62.61 32.42 -8.61
N MET I 49 -63.17 33.41 -7.91
CA MET I 49 -64.54 33.34 -7.41
C MET I 49 -65.31 34.55 -7.90
N VAL I 50 -66.52 34.30 -8.39
CA VAL I 50 -67.42 35.35 -8.86
C VAL I 50 -68.75 35.18 -8.13
N GLU I 51 -69.24 36.26 -7.52
CA GLU I 51 -70.50 36.25 -6.79
C GLU I 51 -71.38 37.34 -7.36
N ASN I 52 -72.60 36.99 -7.77
CA ASN I 52 -73.53 37.94 -8.35
C ASN I 52 -74.61 38.23 -7.31
N ASN I 53 -74.54 39.41 -6.71
CA ASN I 53 -75.46 39.81 -5.64
C ASN I 53 -76.64 40.62 -6.14
N GLY I 54 -76.77 40.82 -7.45
CA GLY I 54 -77.87 41.59 -7.99
C GLY I 54 -79.22 41.02 -7.63
N THR I 55 -80.29 41.74 -7.96
CA THR I 55 -81.63 41.29 -7.66
C THR I 55 -81.92 39.97 -8.39
N VAL I 56 -82.64 39.08 -7.71
CA VAL I 56 -82.89 37.75 -8.25
C VAL I 56 -83.88 37.86 -9.41
N GLY I 57 -83.52 37.24 -10.54
CA GLY I 57 -84.40 37.20 -11.69
C GLY I 57 -84.47 38.47 -12.50
N VAL I 58 -83.64 39.47 -12.17
CA VAL I 58 -83.68 40.75 -12.88
C VAL I 58 -82.29 41.08 -13.41
N GLY I 59 -81.30 41.04 -12.53
CA GLY I 59 -79.96 41.47 -12.87
C GLY I 59 -79.31 40.59 -13.93
N PRO I 60 -78.39 41.17 -14.70
CA PRO I 60 -77.71 40.37 -15.74
C PRO I 60 -76.85 39.28 -15.13
N THR I 61 -76.63 38.24 -15.93
CA THR I 61 -75.72 37.16 -15.56
C THR I 61 -74.30 37.49 -16.00
N ALA I 62 -73.34 36.85 -15.34
CA ALA I 62 -71.92 37.07 -15.61
C ALA I 62 -71.26 35.75 -15.99
N ALA I 63 -70.28 35.83 -16.88
CA ALA I 63 -69.51 34.67 -17.32
C ALA I 63 -68.03 34.99 -17.25
N LEU I 64 -67.25 34.00 -16.81
CA LEU I 64 -65.81 34.16 -16.66
C LEU I 64 -65.10 33.79 -17.95
N THR I 65 -64.01 34.50 -18.24
CA THR I 65 -63.16 34.21 -19.39
C THR I 65 -61.71 34.21 -18.91
N VAL I 66 -60.97 33.16 -19.22
CA VAL I 66 -59.59 33.00 -18.81
C VAL I 66 -58.77 32.61 -20.02
N ASN I 67 -57.61 33.26 -20.18
CA ASN I 67 -56.70 32.98 -21.29
C ASN I 67 -57.39 33.21 -22.64
N GLY I 68 -58.38 34.10 -22.66
CA GLY I 68 -59.09 34.39 -23.89
C GLY I 68 -60.13 33.37 -24.29
N THR I 69 -60.37 32.35 -23.46
CA THR I 69 -61.34 31.31 -23.76
C THR I 69 -62.33 31.21 -22.60
N ALA I 70 -63.62 31.20 -22.94
CA ALA I 70 -64.65 31.14 -21.91
C ALA I 70 -64.61 29.80 -21.20
N VAL I 71 -64.80 29.83 -19.88
CA VAL I 71 -64.81 28.60 -19.09
C VAL I 71 -66.13 27.88 -19.33
N GLY I 72 -66.04 26.57 -19.59
CA GLY I 72 -67.22 25.79 -19.92
C GLY I 72 -68.29 25.80 -18.84
N GLY I 73 -69.42 26.46 -19.14
CA GLY I 73 -70.55 26.45 -18.25
C GLY I 73 -70.47 27.39 -17.07
N PHE I 74 -69.42 28.23 -17.00
CA PHE I 74 -69.26 29.13 -15.87
C PHE I 74 -70.10 30.39 -16.11
N VAL I 75 -71.38 30.28 -15.80
CA VAL I 75 -72.31 31.40 -15.81
C VAL I 75 -72.97 31.46 -14.44
N VAL I 76 -73.00 32.65 -13.85
CA VAL I 76 -73.50 32.85 -12.49
C VAL I 76 -74.77 33.69 -12.56
N ALA I 77 -75.86 33.15 -12.03
CA ALA I 77 -77.12 33.86 -11.93
C ALA I 77 -77.15 34.67 -10.64
N PRO I 78 -78.02 35.68 -10.56
CA PRO I 78 -78.06 36.49 -9.34
C PRO I 78 -78.44 35.66 -8.12
N GLY I 79 -77.84 36.02 -6.99
CA GLY I 79 -78.00 35.25 -5.78
C GLY I 79 -77.15 34.00 -5.71
N GLU I 80 -75.99 34.00 -6.35
CA GLU I 80 -75.14 32.81 -6.41
C GLU I 80 -73.68 33.23 -6.37
N CYS I 81 -72.82 32.26 -6.05
CA CYS I 81 -71.39 32.41 -6.19
C CYS I 81 -70.83 31.14 -6.81
N ARG I 82 -69.71 31.27 -7.52
CA ARG I 82 -69.06 30.12 -8.12
C ARG I 82 -67.56 30.37 -8.15
N SER I 83 -66.80 29.33 -7.81
CA SER I 83 -65.34 29.41 -7.73
C SER I 83 -64.72 28.25 -8.50
N ILE I 84 -63.56 28.51 -9.08
CA ILE I 84 -62.83 27.52 -9.87
C ILE I 84 -61.34 27.71 -9.64
N THR I 85 -60.64 26.60 -9.43
CA THR I 85 -59.20 26.60 -9.25
C THR I 85 -58.53 26.21 -10.56
N MET I 86 -57.40 26.83 -10.86
CA MET I 86 -56.71 26.58 -12.12
C MET I 86 -55.22 26.90 -11.97
N ASN I 87 -54.47 26.43 -12.96
CA ASN I 87 -53.03 26.59 -13.03
C ASN I 87 -52.69 27.24 -14.37
N ASP I 88 -51.59 27.99 -14.39
CA ASP I 88 -51.15 28.71 -15.59
C ASP I 88 -52.23 29.71 -16.04
N ILE I 89 -52.54 30.64 -15.14
CA ILE I 89 -53.54 31.67 -15.38
C ILE I 89 -52.82 32.94 -15.80
N ASN I 90 -53.22 33.50 -16.95
CA ASN I 90 -52.60 34.71 -17.48
C ASN I 90 -53.57 35.86 -17.71
N SER I 91 -54.88 35.60 -17.74
CA SER I 91 -55.85 36.66 -17.97
C SER I 91 -57.18 36.27 -17.35
N ILE I 92 -57.88 37.26 -16.80
CA ILE I 92 -59.20 37.08 -16.20
C ILE I 92 -60.09 38.23 -16.66
N ALA I 93 -61.25 37.89 -17.20
CA ALA I 93 -62.21 38.89 -17.67
C ALA I 93 -63.62 38.40 -17.41
N ILE I 94 -64.56 39.34 -17.42
CA ILE I 94 -65.96 39.06 -17.12
C ILE I 94 -66.81 39.58 -18.28
N VAL I 95 -67.78 38.77 -18.69
CA VAL I 95 -68.73 39.13 -19.74
C VAL I 95 -70.12 39.15 -19.12
N GLY I 96 -70.80 40.29 -19.24
CA GLY I 96 -72.16 40.42 -18.71
C GLY I 96 -73.18 40.27 -19.82
N ALA I 97 -74.33 39.68 -19.46
CA ALA I 97 -75.40 39.46 -20.42
C ALA I 97 -76.74 39.57 -19.71
N GLY I 98 -77.60 40.45 -20.22
CA GLY I 98 -78.92 40.63 -19.65
C GLY I 98 -79.41 42.06 -19.73
N THR I 99 -80.32 42.44 -18.84
CA THR I 99 -80.85 43.80 -18.78
C THR I 99 -80.76 44.32 -17.36
N GLY I 100 -80.44 45.59 -17.23
CA GLY I 100 -80.24 46.19 -15.93
C GLY I 100 -78.78 46.15 -15.50
N THR I 101 -78.57 46.39 -14.21
CA THR I 101 -77.24 46.42 -13.62
C THR I 101 -77.20 45.51 -12.40
N SER I 102 -76.05 44.89 -12.16
CA SER I 102 -75.86 43.97 -11.04
C SER I 102 -74.57 44.30 -10.32
N SER I 103 -74.58 44.15 -9.00
CA SER I 103 -73.38 44.31 -8.18
C SER I 103 -72.66 42.97 -8.14
N VAL I 104 -71.60 42.85 -8.93
CA VAL I 104 -70.89 41.59 -9.10
C VAL I 104 -69.52 41.71 -8.45
N LYS I 105 -69.20 40.78 -7.57
CA LYS I 105 -67.95 40.77 -6.81
C LYS I 105 -67.02 39.72 -7.39
N ILE I 106 -65.81 40.13 -7.74
CA ILE I 106 -64.80 39.24 -8.28
C ILE I 106 -63.64 39.19 -7.29
N SER I 107 -63.26 37.99 -6.89
CA SER I 107 -62.09 37.76 -6.06
C SER I 107 -61.22 36.69 -6.70
N PHE I 108 -59.92 36.76 -6.44
CA PHE I 108 -59.03 35.75 -7.00
C PHE I 108 -57.71 35.74 -6.24
N SER I 109 -57.12 34.55 -6.16
CA SER I 109 -55.84 34.33 -5.50
C SER I 109 -54.74 34.11 -6.54
N ILE I 110 -53.61 34.77 -6.34
CA ILE I 110 -52.42 34.60 -7.18
C ILE I 110 -51.39 33.88 -6.33
N ASN I 111 -50.98 32.69 -6.76
CA ASN I 111 -49.97 31.91 -6.07
C ASN I 111 -48.85 31.58 -7.05
N TYR I 112 -47.62 31.89 -6.66
CA TYR I 112 -46.46 31.57 -7.48
C TYR I 112 -45.22 31.59 -6.60
N LYS I 113 -44.06 31.42 -7.22
CA LYS I 113 -42.78 31.43 -6.52
C LYS I 113 -41.76 32.18 -7.35
N PHE I 114 -40.83 32.85 -6.68
CA PHE I 114 -39.79 33.60 -7.38
C PHE I 114 -38.45 33.51 -6.66
N ALA J 2 -10.41 16.49 4.02
CA ALA J 2 -11.39 16.86 5.04
C ALA J 2 -11.91 18.27 4.79
N GLN J 3 -13.23 18.41 4.75
CA GLN J 3 -13.84 19.71 4.52
C GLN J 3 -13.54 20.65 5.67
N ILE J 4 -13.23 21.90 5.35
CA ILE J 4 -12.99 22.95 6.33
C ILE J 4 -14.07 24.01 6.13
N GLY J 5 -14.88 24.23 7.15
CA GLY J 5 -15.99 25.15 7.05
C GLY J 5 -17.13 24.57 6.22
N ASN J 6 -18.15 25.40 6.01
CA ASN J 6 -19.30 25.00 5.21
C ASN J 6 -19.72 26.19 4.36
N CYS J 7 -19.88 25.94 3.06
CA CYS J 7 -20.40 27.00 2.18
C CYS J 7 -21.78 27.44 2.64
N CYS J 8 -22.62 26.49 3.05
CA CYS J 8 -23.92 26.78 3.63
C CYS J 8 -24.77 27.69 2.74
N THR J 9 -25.33 28.74 3.31
CA THR J 9 -26.19 29.65 2.58
C THR J 9 -26.22 30.99 3.31
N GLU J 10 -26.99 31.94 2.78
CA GLU J 10 -27.17 33.27 3.33
C GLU J 10 -28.65 33.60 3.41
N GLN J 11 -29.41 32.70 4.04
CA GLN J 11 -30.86 32.71 3.99
C GLN J 11 -31.42 34.13 4.02
N LEU J 12 -32.40 34.39 3.16
CA LEU J 12 -32.97 35.71 2.97
C LEU J 12 -34.42 35.71 3.44
N CYS J 13 -34.79 36.74 4.19
CA CYS J 13 -36.18 36.90 4.62
C CYS J 13 -36.98 37.50 3.48
N CYS J 14 -38.17 36.97 3.26
CA CYS J 14 -39.03 37.40 2.17
C CYS J 14 -40.09 38.35 2.70
N VAL J 15 -40.12 39.56 2.17
CA VAL J 15 -41.06 40.59 2.60
C VAL J 15 -42.20 40.66 1.59
N ASN J 16 -43.43 40.62 2.10
CA ASN J 16 -44.65 40.70 1.29
C ASN J 16 -45.58 41.66 2.03
N ASP J 17 -45.57 42.92 1.61
CA ASP J 17 -46.39 43.96 2.22
C ASP J 17 -47.49 44.40 1.26
N ALA J 18 -48.52 45.02 1.81
CA ALA J 18 -49.65 45.52 1.05
C ALA J 18 -49.94 46.96 1.46
N VAL J 19 -50.30 47.80 0.50
CA VAL J 19 -50.61 49.21 0.75
C VAL J 19 -51.92 49.54 0.07
N CYS J 20 -52.74 50.35 0.73
CA CYS J 20 -54.03 50.78 0.22
C CYS J 20 -54.28 52.23 0.61
N CYS J 21 -54.78 53.03 -0.32
CA CYS J 21 -55.24 54.37 0.00
C CYS J 21 -56.31 54.81 -0.98
N THR J 22 -57.00 55.89 -0.62
CA THR J 22 -58.07 56.46 -1.42
C THR J 22 -57.77 57.93 -1.65
N ILE J 23 -58.00 58.40 -2.88
CA ILE J 23 -57.71 59.77 -3.27
C ILE J 23 -58.91 60.36 -3.99
N ILE J 24 -58.98 61.69 -3.97
CA ILE J 24 -59.97 62.44 -4.72
C ILE J 24 -59.27 62.91 -5.99
N LEU J 25 -59.58 62.26 -7.11
CA LEU J 25 -58.91 62.49 -8.36
C LEU J 25 -59.73 63.44 -9.23
N ASP J 26 -59.07 64.48 -9.74
CA ASP J 26 -59.64 65.44 -10.66
C ASP J 26 -58.75 65.53 -11.90
N ASP J 27 -59.04 66.49 -12.76
CA ASP J 27 -58.26 66.67 -13.98
C ASP J 27 -56.89 67.26 -13.63
N THR J 28 -55.83 66.56 -13.99
CA THR J 28 -54.47 66.99 -13.71
C THR J 28 -53.73 67.46 -14.96
N GLY J 29 -54.39 67.51 -16.11
CA GLY J 29 -53.75 67.99 -17.32
C GLY J 29 -52.59 67.12 -17.78
N GLY J 30 -52.73 65.80 -17.66
CA GLY J 30 -51.72 64.88 -18.13
C GLY J 30 -50.54 64.67 -17.21
N THR J 31 -50.51 65.34 -16.05
CA THR J 31 -49.41 65.19 -15.11
C THR J 31 -49.67 64.00 -14.19
N ALA J 32 -48.63 63.21 -13.95
CA ALA J 32 -48.75 62.00 -13.15
C ALA J 32 -48.55 62.35 -11.67
N LEU J 33 -49.55 62.03 -10.86
CA LEU J 33 -49.45 62.24 -9.43
C LEU J 33 -48.64 61.11 -8.81
N PRO J 34 -47.54 61.39 -8.12
CA PRO J 34 -46.71 60.30 -7.57
C PRO J 34 -47.45 59.58 -6.45
N ILE J 35 -47.47 58.26 -6.54
CA ILE J 35 -48.10 57.41 -5.54
C ILE J 35 -47.06 56.58 -4.77
N TRP J 36 -46.13 55.97 -5.49
CA TRP J 36 -45.12 55.13 -4.86
C TRP J 36 -43.81 55.27 -5.61
N ASP J 37 -42.71 55.30 -4.86
CA ASP J 37 -41.38 55.40 -5.45
C ASP J 37 -40.45 54.44 -4.73
N ASP J 38 -39.41 54.01 -5.44
CA ASP J 38 -38.44 53.06 -4.92
C ASP J 38 -37.11 53.77 -4.69
N ALA J 39 -36.55 53.61 -3.49
CA ALA J 39 -35.27 54.19 -3.12
C ALA J 39 -34.24 53.15 -2.70
N THR J 40 -34.55 51.88 -2.86
CA THR J 40 -33.67 50.78 -2.48
C THR J 40 -33.04 50.16 -3.72
N THR J 41 -32.14 49.21 -3.48
CA THR J 41 -31.45 48.49 -4.55
C THR J 41 -32.04 47.11 -4.78
N PHE J 42 -33.16 46.78 -4.14
CA PHE J 42 -33.76 45.47 -4.29
C PHE J 42 -34.54 45.38 -5.60
N VAL J 43 -34.94 44.15 -5.92
CA VAL J 43 -35.82 43.88 -7.05
C VAL J 43 -37.20 43.58 -6.48
N ILE J 44 -38.20 44.36 -6.91
CA ILE J 44 -39.52 44.36 -6.32
C ILE J 44 -40.54 43.90 -7.35
N ASN J 45 -41.36 42.92 -6.97
CA ASN J 45 -42.47 42.46 -7.77
C ASN J 45 -43.78 42.79 -7.06
N GLY J 46 -44.89 42.61 -7.77
CA GLY J 46 -46.17 42.71 -7.10
C GLY J 46 -47.29 43.06 -8.07
N THR J 47 -48.49 43.18 -7.50
CA THR J 47 -49.68 43.49 -8.25
C THR J 47 -50.23 44.85 -7.83
N ILE J 48 -50.73 45.60 -8.80
CA ILE J 48 -51.26 46.95 -8.61
C ILE J 48 -52.72 46.93 -9.05
N MET J 49 -53.61 47.40 -8.18
CA MET J 49 -55.04 47.43 -8.44
C MET J 49 -55.55 48.85 -8.27
N VAL J 50 -56.36 49.30 -9.22
CA VAL J 50 -56.98 50.62 -9.20
C VAL J 50 -58.48 50.42 -9.38
N GLU J 51 -59.26 50.99 -8.46
CA GLU J 51 -60.72 50.91 -8.52
C GLU J 51 -61.28 52.32 -8.51
N ASN J 52 -62.12 52.63 -9.49
CA ASN J 52 -62.72 53.96 -9.60
C ASN J 52 -64.18 53.86 -9.18
N ASN J 53 -64.48 54.37 -7.98
CA ASN J 53 -65.82 54.29 -7.41
C ASN J 53 -66.66 55.52 -7.68
N GLY J 54 -66.15 56.49 -8.43
CA GLY J 54 -66.89 57.70 -8.70
C GLY J 54 -68.21 57.44 -9.39
N THR J 55 -69.03 58.49 -9.55
CA THR J 55 -70.32 58.33 -10.19
C THR J 55 -70.14 57.86 -11.63
N VAL J 56 -71.04 56.98 -12.07
CA VAL J 56 -70.93 56.39 -13.39
C VAL J 56 -71.23 57.44 -14.45
N GLY J 57 -70.34 57.54 -15.44
CA GLY J 57 -70.55 58.45 -16.56
C GLY J 57 -70.30 59.91 -16.26
N VAL J 58 -69.79 60.23 -15.07
CA VAL J 58 -69.56 61.63 -14.69
C VAL J 58 -68.11 61.81 -14.25
N GLY J 59 -67.66 60.97 -13.32
CA GLY J 59 -66.35 61.12 -12.73
C GLY J 59 -65.22 60.91 -13.72
N PRO J 60 -64.08 61.55 -13.47
CA PRO J 60 -62.94 61.38 -14.38
C PRO J 60 -62.42 59.96 -14.37
N THR J 61 -61.77 59.59 -15.47
CA THR J 61 -61.09 58.31 -15.59
C THR J 61 -59.66 58.42 -15.10
N ALA J 62 -59.09 57.28 -14.70
CA ALA J 62 -57.75 57.21 -14.17
C ALA J 62 -56.91 56.26 -15.01
N ALA J 63 -55.62 56.57 -15.13
CA ALA J 63 -54.67 55.76 -15.88
C ALA J 63 -53.43 55.53 -15.03
N LEU J 64 -52.90 54.31 -15.09
CA LEU J 64 -51.73 53.93 -14.32
C LEU J 64 -50.45 54.22 -15.10
N THR J 65 -49.41 54.63 -14.38
CA THR J 65 -48.09 54.86 -14.96
C THR J 65 -47.06 54.18 -14.08
N VAL J 66 -46.20 53.36 -14.69
CA VAL J 66 -45.18 52.61 -13.97
C VAL J 66 -43.86 52.81 -14.67
N ASN J 67 -42.81 53.07 -13.88
CA ASN J 67 -41.46 53.28 -14.42
C ASN J 67 -41.42 54.45 -15.40
N GLY J 68 -42.34 55.40 -15.23
CA GLY J 68 -42.39 56.55 -16.10
C GLY J 68 -43.03 56.32 -17.44
N THR J 69 -43.58 55.12 -17.68
CA THR J 69 -44.22 54.79 -18.94
C THR J 69 -45.64 54.31 -18.66
N ALA J 70 -46.60 54.87 -19.40
CA ALA J 70 -48.00 54.49 -19.21
C ALA J 70 -48.22 53.04 -19.61
N VAL J 71 -49.03 52.33 -18.82
CA VAL J 71 -49.35 50.94 -19.14
C VAL J 71 -50.34 50.91 -20.29
N GLY J 72 -50.07 50.06 -21.28
CA GLY J 72 -50.88 50.00 -22.47
C GLY J 72 -52.33 49.67 -22.20
N GLY J 73 -53.21 50.65 -22.41
CA GLY J 73 -54.64 50.43 -22.30
C GLY J 73 -55.20 50.40 -20.89
N PHE J 74 -54.38 50.69 -19.88
CA PHE J 74 -54.82 50.66 -18.50
C PHE J 74 -55.51 51.98 -18.15
N VAL J 75 -56.78 52.07 -18.55
CA VAL J 75 -57.65 53.18 -18.19
C VAL J 75 -58.89 52.59 -17.53
N VAL J 76 -59.28 53.14 -16.38
CA VAL J 76 -60.38 52.61 -15.59
C VAL J 76 -61.51 53.64 -15.58
N ALA J 77 -62.68 53.22 -16.04
CA ALA J 77 -63.87 54.05 -16.00
C ALA J 77 -64.57 53.89 -14.65
N PRO J 78 -65.43 54.85 -14.29
CA PRO J 78 -66.10 54.74 -12.99
C PRO J 78 -66.97 53.49 -12.91
N GLY J 79 -67.01 52.92 -11.71
CA GLY J 79 -67.70 51.67 -11.51
C GLY J 79 -66.92 50.44 -11.95
N GLU J 80 -65.59 50.50 -11.91
CA GLU J 80 -64.75 49.41 -12.37
C GLU J 80 -63.52 49.29 -11.50
N CYS J 81 -62.86 48.13 -11.59
CA CYS J 81 -61.55 47.91 -11.00
C CYS J 81 -60.69 47.18 -12.02
N ARG J 82 -59.39 47.40 -11.94
CA ARG J 82 -58.45 46.70 -12.81
C ARG J 82 -57.14 46.49 -12.08
N SER J 83 -56.58 45.28 -12.24
CA SER J 83 -55.36 44.89 -11.56
C SER J 83 -54.37 44.32 -12.56
N ILE J 84 -53.09 44.53 -12.29
CA ILE J 84 -52.02 44.06 -13.16
C ILE J 84 -50.84 43.63 -12.30
N THR J 85 -50.26 42.49 -12.62
CA THR J 85 -49.09 41.97 -11.92
C THR J 85 -47.85 42.27 -12.75
N MET J 86 -46.75 42.61 -12.08
CA MET J 86 -45.52 42.98 -12.78
C MET J 86 -44.32 42.71 -11.89
N ASN J 87 -43.15 42.74 -12.53
CA ASN J 87 -41.86 42.50 -11.89
C ASN J 87 -40.96 43.69 -12.18
N ASP J 88 -40.03 43.97 -11.26
CA ASP J 88 -39.12 45.10 -11.37
C ASP J 88 -39.90 46.42 -11.44
N ILE J 89 -40.66 46.67 -10.37
CA ILE J 89 -41.47 47.87 -10.25
C ILE J 89 -40.72 48.87 -9.39
N ASN J 90 -40.55 50.08 -9.91
CA ASN J 90 -39.83 51.14 -9.22
C ASN J 90 -40.64 52.41 -8.99
N SER J 91 -41.74 52.61 -9.70
CA SER J 91 -42.55 53.81 -9.54
C SER J 91 -43.99 53.51 -9.93
N ILE J 92 -44.92 54.12 -9.20
CA ILE J 92 -46.35 54.00 -9.46
C ILE J 92 -46.97 55.38 -9.36
N ALA J 93 -47.72 55.78 -10.40
CA ALA J 93 -48.37 57.08 -10.41
C ALA J 93 -49.71 56.95 -11.13
N ILE J 94 -50.59 57.93 -10.89
CA ILE J 94 -51.93 57.94 -11.44
C ILE J 94 -52.14 59.26 -12.18
N VAL J 95 -52.74 59.16 -13.36
CA VAL J 95 -53.08 60.33 -14.18
C VAL J 95 -54.60 60.37 -14.33
N GLY J 96 -55.21 61.48 -13.93
CA GLY J 96 -56.64 61.65 -14.03
C GLY J 96 -57.00 62.48 -15.25
N ALA J 97 -58.13 62.14 -15.87
CA ALA J 97 -58.60 62.85 -17.06
C ALA J 97 -60.12 62.89 -17.06
N GLY J 98 -60.67 64.09 -17.15
CA GLY J 98 -62.11 64.25 -17.19
C GLY J 98 -62.58 65.52 -16.50
N THR J 99 -63.84 65.52 -16.05
CA THR J 99 -64.41 66.65 -15.34
C THR J 99 -65.06 66.16 -14.04
N GLY J 100 -64.91 66.96 -12.99
CA GLY J 100 -65.40 66.58 -11.69
C GLY J 100 -64.33 65.88 -10.86
N THR J 101 -64.78 65.22 -9.79
CA THR J 101 -63.91 64.52 -8.87
C THR J 101 -64.42 63.10 -8.67
N SER J 102 -63.48 62.17 -8.47
CA SER J 102 -63.81 60.76 -8.28
C SER J 102 -63.05 60.20 -7.08
N SER J 103 -63.70 59.31 -6.35
CA SER J 103 -63.05 58.61 -5.24
C SER J 103 -62.35 57.37 -5.80
N VAL J 104 -61.03 57.45 -5.97
CA VAL J 104 -60.25 56.41 -6.63
C VAL J 104 -59.38 55.74 -5.59
N LYS J 105 -59.48 54.41 -5.51
CA LYS J 105 -58.76 53.61 -4.53
C LYS J 105 -57.61 52.90 -5.22
N ILE J 106 -56.40 53.08 -4.69
CA ILE J 106 -55.20 52.45 -5.21
C ILE J 106 -54.66 51.50 -4.15
N SER J 107 -54.46 50.24 -4.54
CA SER J 107 -53.82 49.25 -3.69
C SER J 107 -52.69 48.59 -4.46
N PHE J 108 -51.69 48.11 -3.74
CA PHE J 108 -50.58 47.44 -4.40
C PHE J 108 -49.79 46.62 -3.40
N SER J 109 -49.23 45.51 -3.89
CA SER J 109 -48.42 44.60 -3.10
C SER J 109 -46.96 44.74 -3.48
N ILE J 110 -46.11 44.80 -2.47
CA ILE J 110 -44.66 44.84 -2.64
C ILE J 110 -44.11 43.51 -2.15
N ASN J 111 -43.48 42.75 -3.05
CA ASN J 111 -42.88 41.47 -2.72
C ASN J 111 -41.41 41.49 -3.12
N TYR J 112 -40.55 41.15 -2.17
CA TYR J 112 -39.11 41.08 -2.44
C TYR J 112 -38.46 40.22 -1.37
N LYS J 113 -37.13 40.13 -1.43
CA LYS J 113 -36.37 39.36 -0.46
C LYS J 113 -35.11 40.14 -0.09
N PHE J 114 -34.66 39.97 1.15
CA PHE J 114 -33.47 40.68 1.62
C PHE J 114 -32.63 39.80 2.55
N ALA K 2 -12.37 12.52 9.19
CA ALA K 2 -13.76 12.44 9.66
C ALA K 2 -14.20 13.78 10.24
N GLN K 3 -15.33 14.29 9.76
CA GLN K 3 -15.85 15.56 10.24
C GLN K 3 -16.24 15.44 11.70
N ILE K 4 -15.91 16.49 12.48
CA ILE K 4 -16.28 16.58 13.89
C ILE K 4 -17.19 17.78 14.05
N GLY K 5 -18.42 17.55 14.47
CA GLY K 5 -19.41 18.60 14.57
C GLY K 5 -19.92 19.01 13.20
N ASN K 6 -20.77 20.04 13.21
CA ASN K 6 -21.33 20.57 11.98
C ASN K 6 -21.36 22.10 12.09
N CYS K 7 -20.83 22.77 11.05
CA CYS K 7 -20.93 24.22 11.02
C CYS K 7 -22.38 24.67 11.02
N CYS K 8 -23.23 23.97 10.28
CA CYS K 8 -24.67 24.19 10.29
C CYS K 8 -25.02 25.65 10.01
N THR K 9 -25.89 26.23 10.83
CA THR K 9 -26.34 27.60 10.64
C THR K 9 -26.85 28.13 11.99
N GLU K 10 -27.32 29.37 11.98
CA GLU K 10 -27.85 30.06 13.14
C GLU K 10 -29.19 30.68 12.80
N GLN K 11 -30.09 29.85 12.26
CA GLN K 11 -31.32 30.32 11.62
C GLN K 11 -31.94 31.49 12.38
N LEU K 12 -32.37 32.49 11.61
CA LEU K 12 -32.88 33.75 12.16
C LEU K 12 -34.36 33.87 11.84
N CYS K 13 -35.14 34.27 12.84
CA CYS K 13 -36.56 34.53 12.63
C CYS K 13 -36.73 35.90 12.01
N CYS K 14 -37.61 35.99 11.02
CA CYS K 14 -37.83 37.23 10.28
C CYS K 14 -39.10 37.90 10.81
N VAL K 15 -38.95 39.12 11.30
CA VAL K 15 -40.06 39.89 11.86
C VAL K 15 -40.55 40.88 10.82
N ASN K 16 -41.86 40.89 10.59
CA ASN K 16 -42.51 41.80 9.64
C ASN K 16 -43.75 42.32 10.36
N ASP K 17 -43.65 43.50 10.96
CA ASP K 17 -44.74 44.13 11.69
C ASP K 17 -45.24 45.35 10.95
N ALA K 18 -46.46 45.75 11.27
CA ALA K 18 -47.10 46.93 10.68
C ALA K 18 -47.66 47.80 11.79
N VAL K 19 -47.57 49.12 11.62
CA VAL K 19 -48.08 50.08 12.59
C VAL K 19 -48.90 51.12 11.85
N CYS K 20 -50.00 51.55 12.47
CA CYS K 20 -50.89 52.56 11.91
C CYS K 20 -51.42 53.45 13.03
N CYS K 21 -51.46 54.76 12.77
CA CYS K 21 -52.11 55.66 13.70
C CYS K 21 -52.58 56.89 12.95
N THR K 22 -53.46 57.66 13.62
CA THR K 22 -54.02 58.88 13.07
C THR K 22 -53.77 60.02 14.06
N ILE K 23 -53.39 61.18 13.52
CA ILE K 23 -53.05 62.34 14.33
C ILE K 23 -53.78 63.57 13.79
N ILE K 24 -53.95 64.55 14.68
CA ILE K 24 -54.50 65.85 14.32
C ILE K 24 -53.30 66.77 14.15
N LEU K 25 -52.96 67.08 12.90
CA LEU K 25 -51.76 67.83 12.57
C LEU K 25 -52.11 69.29 12.35
N ASP K 26 -51.38 70.17 13.01
CA ASP K 26 -51.48 71.62 12.86
C ASP K 26 -50.11 72.18 12.54
N ASP K 27 -50.00 73.51 12.54
CA ASP K 27 -48.73 74.17 12.25
C ASP K 27 -47.78 74.00 13.44
N THR K 28 -46.62 73.40 13.19
CA THR K 28 -45.63 73.14 14.21
C THR K 28 -44.40 74.04 14.09
N GLY K 29 -44.40 74.98 13.14
CA GLY K 29 -43.29 75.89 13.00
C GLY K 29 -41.99 75.22 12.61
N GLY K 30 -42.06 74.20 11.74
CA GLY K 30 -40.88 73.53 11.24
C GLY K 30 -40.31 72.47 12.16
N THR K 31 -40.91 72.23 13.32
CA THR K 31 -40.42 71.23 14.25
C THR K 31 -41.01 69.87 13.89
N ALA K 32 -40.16 68.85 13.94
CA ALA K 32 -40.57 67.50 13.56
C ALA K 32 -41.17 66.78 14.77
N LEU K 33 -42.40 66.34 14.64
CA LEU K 33 -43.06 65.58 15.69
C LEU K 33 -42.57 64.13 15.65
N PRO K 34 -41.98 63.60 16.72
CA PRO K 34 -41.47 62.23 16.65
C PRO K 34 -42.60 61.22 16.53
N ILE K 35 -42.47 60.29 15.58
CA ILE K 35 -43.44 59.24 15.36
C ILE K 35 -42.86 57.87 15.69
N TRP K 36 -41.65 57.59 15.22
CA TRP K 36 -41.02 56.30 15.47
C TRP K 36 -39.53 56.49 15.65
N ASP K 37 -38.96 55.74 16.58
CA ASP K 37 -37.53 55.78 16.85
C ASP K 37 -37.00 54.37 17.03
N ASP K 38 -35.72 54.19 16.73
CA ASP K 38 -35.06 52.89 16.82
C ASP K 38 -34.10 52.89 17.99
N ALA K 39 -34.19 51.86 18.84
CA ALA K 39 -33.31 51.71 19.99
C ALA K 39 -32.56 50.39 19.97
N THR K 40 -32.65 49.64 18.88
CA THR K 40 -31.98 48.35 18.74
C THR K 40 -30.77 48.48 17.83
N THR K 41 -30.03 47.38 17.71
CA THR K 41 -28.85 47.31 16.86
C THR K 41 -29.12 46.60 15.54
N PHE K 42 -30.38 46.30 15.24
CA PHE K 42 -30.73 45.60 14.02
C PHE K 42 -30.73 46.56 12.83
N VAL K 43 -30.82 45.98 11.64
CA VAL K 43 -31.00 46.73 10.40
C VAL K 43 -32.45 46.56 9.97
N ILE K 44 -33.14 47.68 9.82
CA ILE K 44 -34.59 47.69 9.64
C ILE K 44 -34.91 48.28 8.27
N ASN K 45 -35.73 47.58 7.50
CA ASN K 45 -36.26 48.05 6.24
C ASN K 45 -37.76 48.23 6.34
N GLY K 46 -38.35 48.86 5.33
CA GLY K 46 -39.80 48.89 5.27
C GLY K 46 -40.30 50.08 4.46
N THR K 47 -41.62 50.15 4.38
CA THR K 47 -42.32 51.18 3.63
C THR K 47 -43.12 52.07 4.58
N ILE K 48 -43.11 53.37 4.30
CA ILE K 48 -43.78 54.40 5.10
C ILE K 48 -44.81 55.06 4.22
N MET K 49 -46.06 55.12 4.68
CA MET K 49 -47.16 55.72 3.96
C MET K 49 -47.80 56.81 4.81
N VAL K 50 -48.06 57.96 4.19
CA VAL K 50 -48.72 59.09 4.84
C VAL K 50 -49.91 59.49 3.98
N GLU K 51 -51.08 59.57 4.59
CA GLU K 51 -52.30 59.96 3.91
C GLU K 51 -52.91 61.15 4.63
N ASN K 52 -53.17 62.23 3.89
CA ASN K 52 -53.74 63.45 4.47
C ASN K 52 -55.20 63.53 4.05
N ASN K 53 -56.10 63.25 4.99
CA ASN K 53 -57.53 63.21 4.74
C ASN K 53 -58.23 64.53 5.06
N GLY K 54 -57.49 65.56 5.46
CA GLY K 54 -58.08 66.84 5.80
C GLY K 54 -58.87 67.44 4.66
N THR K 55 -59.57 68.54 4.93
CA THR K 55 -60.35 69.20 3.90
C THR K 55 -59.45 69.68 2.78
N VAL K 56 -59.93 69.58 1.54
CA VAL K 56 -59.12 69.92 0.39
C VAL K 56 -58.94 71.44 0.32
N GLY K 57 -57.68 71.87 0.17
CA GLY K 57 -57.38 73.27 0.02
C GLY K 57 -57.42 74.08 1.29
N VAL K 58 -57.61 73.45 2.45
CA VAL K 58 -57.71 74.16 3.71
C VAL K 58 -56.70 73.61 4.70
N GLY K 59 -56.71 72.29 4.89
CA GLY K 59 -55.90 71.67 5.89
C GLY K 59 -54.40 71.79 5.62
N PRO K 60 -53.59 71.79 6.68
CA PRO K 60 -52.14 71.89 6.49
C PRO K 60 -51.57 70.69 5.74
N THR K 61 -50.44 70.91 5.10
CA THR K 61 -49.70 69.85 4.44
C THR K 61 -48.72 69.22 5.42
N ALA K 62 -48.33 67.97 5.11
CA ALA K 62 -47.43 67.20 5.95
C ALA K 62 -46.20 66.78 5.15
N ALA K 63 -45.06 66.72 5.82
CA ALA K 63 -43.80 66.32 5.22
C ALA K 63 -43.14 65.26 6.10
N LEU K 64 -42.55 64.26 5.45
CA LEU K 64 -41.89 63.17 6.15
C LEU K 64 -40.43 63.50 6.40
N THR K 65 -39.93 63.05 7.56
CA THR K 65 -38.52 63.19 7.90
C THR K 65 -38.01 61.86 8.41
N VAL K 66 -36.90 61.39 7.84
CA VAL K 66 -36.33 60.09 8.20
C VAL K 66 -34.85 60.29 8.46
N ASN K 67 -34.35 59.69 9.55
CA ASN K 67 -32.94 59.79 9.92
C ASN K 67 -32.51 61.24 10.14
N GLY K 68 -33.46 62.09 10.51
CA GLY K 68 -33.16 63.49 10.73
C GLY K 68 -33.03 64.33 9.49
N THR K 69 -33.28 63.76 8.31
CA THR K 69 -33.19 64.48 7.04
C THR K 69 -34.51 64.36 6.30
N ALA K 70 -35.01 65.50 5.83
CA ALA K 70 -36.28 65.51 5.12
C ALA K 70 -36.16 64.77 3.79
N VAL K 71 -37.19 63.99 3.46
CA VAL K 71 -37.21 63.26 2.19
C VAL K 71 -37.47 64.24 1.06
N GLY K 72 -36.67 64.14 0.01
CA GLY K 72 -36.77 65.06 -1.11
C GLY K 72 -38.14 65.08 -1.77
N GLY K 73 -38.87 66.18 -1.60
CA GLY K 73 -40.14 66.36 -2.28
C GLY K 73 -41.31 65.63 -1.67
N PHE K 74 -41.14 64.99 -0.52
CA PHE K 74 -42.21 64.23 0.12
C PHE K 74 -43.08 65.19 0.93
N VAL K 75 -43.99 65.86 0.23
CA VAL K 75 -45.01 66.70 0.83
C VAL K 75 -46.36 66.22 0.32
N VAL K 76 -47.31 66.04 1.22
CA VAL K 76 -48.62 65.47 0.89
C VAL K 76 -49.67 66.55 1.12
N ALA K 77 -50.43 66.86 0.07
CA ALA K 77 -51.54 67.79 0.16
C ALA K 77 -52.80 67.05 0.58
N PRO K 78 -53.80 67.76 1.09
CA PRO K 78 -55.02 67.08 1.52
C PRO K 78 -55.71 66.37 0.37
N GLY K 79 -56.30 65.22 0.69
CA GLY K 79 -56.89 64.37 -0.33
C GLY K 79 -55.90 63.53 -1.08
N GLU K 80 -54.78 63.15 -0.47
CA GLU K 80 -53.73 62.41 -1.15
C GLU K 80 -53.08 61.42 -0.18
N CYS K 81 -52.40 60.44 -0.74
CA CYS K 81 -51.54 59.54 0.01
C CYS K 81 -50.23 59.38 -0.74
N ARG K 82 -49.16 59.11 0.00
CA ARG K 82 -47.86 58.88 -0.61
C ARG K 82 -47.08 57.88 0.23
N SER K 83 -46.41 56.94 -0.44
CA SER K 83 -45.67 55.88 0.21
C SER K 83 -44.27 55.80 -0.38
N ILE K 84 -43.32 55.41 0.46
CA ILE K 84 -41.92 55.30 0.07
C ILE K 84 -41.30 54.12 0.79
N THR K 85 -40.54 53.31 0.06
CA THR K 85 -39.84 52.17 0.63
C THR K 85 -38.38 52.54 0.84
N MET K 86 -37.79 52.05 1.93
CA MET K 86 -36.42 52.40 2.27
C MET K 86 -35.80 51.31 3.13
N ASN K 87 -34.49 51.39 3.25
CA ASN K 87 -33.68 50.45 4.01
C ASN K 87 -32.84 51.24 5.02
N ASP K 88 -32.53 50.61 6.14
CA ASP K 88 -31.78 51.24 7.22
C ASP K 88 -32.53 52.47 7.75
N ILE K 89 -33.73 52.22 8.25
CA ILE K 89 -34.60 53.26 8.80
C ILE K 89 -34.45 53.24 10.31
N ASN K 90 -34.15 54.41 10.89
CA ASN K 90 -33.96 54.54 12.32
C ASN K 90 -34.87 55.56 12.98
N SER K 91 -35.49 56.46 12.22
CA SER K 91 -36.36 57.48 12.80
C SER K 91 -37.38 57.92 11.76
N ILE K 92 -38.59 58.18 12.23
CA ILE K 92 -39.69 58.67 11.39
C ILE K 92 -40.39 59.79 12.13
N ALA K 93 -40.55 60.94 11.47
CA ALA K 93 -41.21 62.09 12.06
C ALA K 93 -42.00 62.83 10.97
N ILE K 94 -42.94 63.64 11.41
CA ILE K 94 -43.84 64.38 10.53
C ILE K 94 -43.75 65.85 10.88
N VAL K 95 -43.68 66.70 9.86
CA VAL K 95 -43.66 68.15 10.01
C VAL K 95 -44.89 68.71 9.30
N GLY K 96 -45.71 69.44 10.04
CA GLY K 96 -46.91 70.06 9.50
C GLY K 96 -46.67 71.52 9.17
N ALA K 97 -47.31 71.98 8.10
CA ALA K 97 -47.18 73.36 7.66
C ALA K 97 -48.49 73.83 7.05
N GLY K 98 -49.03 74.93 7.58
CA GLY K 98 -50.26 75.49 7.07
C GLY K 98 -51.11 76.13 8.14
N THR K 99 -52.42 76.20 7.90
CA THR K 99 -53.37 76.76 8.86
C THR K 99 -54.52 75.79 9.05
N GLY K 100 -54.99 75.68 10.29
CA GLY K 100 -56.03 74.74 10.61
C GLY K 100 -55.47 73.41 11.09
N THR K 101 -56.34 72.41 11.10
CA THR K 101 -55.99 71.07 11.56
C THR K 101 -56.41 70.04 10.51
N SER K 102 -55.62 68.97 10.38
CA SER K 102 -55.90 67.92 9.41
C SER K 102 -55.79 66.56 10.08
N SER K 103 -56.64 65.63 9.65
CA SER K 103 -56.57 64.25 10.12
C SER K 103 -55.60 63.49 9.23
N VAL K 104 -54.38 63.28 9.74
CA VAL K 104 -53.30 62.69 8.95
C VAL K 104 -53.01 61.30 9.50
N LYS K 105 -53.02 60.31 8.60
CA LYS K 105 -52.83 58.91 8.96
C LYS K 105 -51.43 58.49 8.54
N ILE K 106 -50.67 57.95 9.48
CA ILE K 106 -49.32 57.46 9.25
C ILE K 106 -49.31 55.96 9.46
N SER K 107 -48.82 55.22 8.47
CA SER K 107 -48.63 53.78 8.58
C SER K 107 -47.21 53.45 8.14
N PHE K 108 -46.68 52.36 8.67
CA PHE K 108 -45.34 51.96 8.28
C PHE K 108 -45.08 50.51 8.66
N SER K 109 -44.27 49.84 7.83
CA SER K 109 -43.90 48.46 8.04
C SER K 109 -42.45 48.37 8.52
N ILE K 110 -42.23 47.54 9.53
CA ILE K 110 -40.90 47.27 10.06
C ILE K 110 -40.56 45.82 9.67
N ASN K 111 -39.51 45.65 8.89
CA ASN K 111 -39.05 44.34 8.47
C ASN K 111 -37.58 44.17 8.85
N TYR K 112 -37.28 43.09 9.55
CA TYR K 112 -35.91 42.79 9.95
C TYR K 112 -35.81 41.31 10.28
N LYS K 113 -34.63 40.90 10.75
CA LYS K 113 -34.38 39.52 11.13
C LYS K 113 -33.55 39.50 12.40
N PHE K 114 -33.77 38.48 13.23
CA PHE K 114 -33.04 38.36 14.48
C PHE K 114 -32.70 36.91 14.80
N ALA L 2 -15.88 7.13 9.38
CA ALA L 2 -17.30 7.16 9.06
C ALA L 2 -18.08 7.93 10.14
N GLN L 3 -18.87 8.90 9.70
CA GLN L 3 -19.66 9.70 10.64
C GLN L 3 -20.70 8.83 11.33
N ILE L 4 -20.87 9.04 12.62
CA ILE L 4 -21.88 8.36 13.42
C ILE L 4 -22.83 9.40 13.95
N GLY L 5 -24.10 9.30 13.55
CA GLY L 5 -25.08 10.30 13.91
C GLY L 5 -24.91 11.58 13.12
N ASN L 6 -25.73 12.56 13.46
CA ASN L 6 -25.68 13.87 12.81
C ASN L 6 -25.87 14.94 13.87
N CYS L 7 -24.98 15.93 13.88
CA CYS L 7 -25.15 17.05 14.78
C CYS L 7 -26.46 17.77 14.48
N CYS L 8 -26.79 17.94 13.20
CA CYS L 8 -28.06 18.49 12.77
C CYS L 8 -28.34 19.84 13.41
N THR L 9 -29.54 20.00 13.97
CA THR L 9 -29.95 21.26 14.56
C THR L 9 -31.08 20.98 15.56
N GLU L 10 -31.58 22.04 16.17
CA GLU L 10 -32.67 21.98 17.15
C GLU L 10 -33.73 23.01 16.80
N GLN L 11 -34.18 22.97 15.55
CA GLN L 11 -34.99 24.03 14.95
C GLN L 11 -35.98 24.62 15.95
N LEU L 12 -36.07 25.94 15.95
CA LEU L 12 -36.87 26.69 16.91
C LEU L 12 -38.02 27.38 16.19
N CYS L 13 -39.22 27.27 16.76
CA CYS L 13 -40.37 27.97 16.22
C CYS L 13 -40.33 29.42 16.67
N CYS L 14 -40.63 30.33 15.74
CA CYS L 14 -40.56 31.76 16.01
C CYS L 14 -41.98 32.28 16.26
N VAL L 15 -42.19 32.86 17.44
CA VAL L 15 -43.48 33.39 17.85
C VAL L 15 -43.48 34.89 17.66
N ASN L 16 -44.51 35.39 16.98
CA ASN L 16 -44.70 36.83 16.72
C ASN L 16 -46.17 37.11 17.01
N ASP L 17 -46.46 37.59 18.21
CA ASP L 17 -47.81 37.91 18.63
C ASP L 17 -47.99 39.42 18.78
N ALA L 18 -49.25 39.85 18.75
CA ALA L 18 -49.60 41.25 18.89
C ALA L 18 -50.71 41.38 19.93
N VAL L 19 -50.64 42.44 20.74
CA VAL L 19 -51.63 42.70 21.77
C VAL L 19 -52.07 44.16 21.66
N CYS L 20 -53.36 44.39 21.89
CA CYS L 20 -53.95 45.73 21.83
C CYS L 20 -55.02 45.85 22.91
N CYS L 21 -55.04 46.99 23.60
CA CYS L 21 -56.13 47.28 24.52
C CYS L 21 -56.28 48.78 24.67
N THR L 22 -57.41 49.18 25.24
CA THR L 22 -57.74 50.58 25.48
C THR L 22 -58.08 50.77 26.94
N ILE L 23 -57.59 51.85 27.54
CA ILE L 23 -57.78 52.14 28.94
C ILE L 23 -58.25 53.57 29.12
N ILE L 24 -58.91 53.82 30.25
CA ILE L 24 -59.31 55.15 30.66
C ILE L 24 -58.25 55.61 31.66
N LEU L 25 -57.38 56.52 31.21
CA LEU L 25 -56.23 56.95 31.99
C LEU L 25 -56.55 58.27 32.68
N ASP L 26 -56.30 58.33 33.98
CA ASP L 26 -56.44 59.53 34.78
C ASP L 26 -55.12 59.78 35.52
N ASP L 27 -55.14 60.73 36.45
CA ASP L 27 -53.94 61.06 37.21
C ASP L 27 -53.67 59.96 38.23
N THR L 28 -52.49 59.35 38.15
CA THR L 28 -52.09 58.27 39.04
C THR L 28 -51.03 58.69 40.05
N GLY L 29 -50.66 59.97 40.07
CA GLY L 29 -49.68 60.43 41.05
C GLY L 29 -48.32 59.81 40.88
N GLY L 30 -47.88 59.60 39.64
CA GLY L 30 -46.56 59.09 39.37
C GLY L 30 -46.41 57.59 39.47
N THR L 31 -47.47 56.87 39.80
CA THR L 31 -47.43 55.42 39.93
C THR L 31 -47.66 54.77 38.56
N ALA L 32 -46.85 53.76 38.25
CA ALA L 32 -46.93 53.09 36.96
C ALA L 32 -47.97 51.98 37.01
N LEU L 33 -48.95 52.06 36.12
CA LEU L 33 -49.97 51.03 36.02
C LEU L 33 -49.41 49.85 35.23
N PRO L 34 -49.37 48.64 35.80
CA PRO L 34 -48.78 47.52 35.06
C PRO L 34 -49.63 47.13 33.86
N ILE L 35 -48.99 47.00 32.71
CA ILE L 35 -49.65 46.61 31.47
C ILE L 35 -49.20 45.23 31.01
N TRP L 36 -47.89 44.97 31.02
CA TRP L 36 -47.36 43.70 30.58
C TRP L 36 -46.16 43.32 31.42
N ASP L 37 -46.04 42.04 31.75
CA ASP L 37 -44.93 41.53 32.54
C ASP L 37 -44.45 40.23 31.93
N ASP L 38 -43.17 39.93 32.15
CA ASP L 38 -42.54 38.72 31.62
C ASP L 38 -42.26 37.75 32.75
N ALA L 39 -42.68 36.50 32.56
CA ALA L 39 -42.45 35.44 33.53
C ALA L 39 -41.68 34.27 32.96
N THR L 40 -41.16 34.39 31.74
CA THR L 40 -40.42 33.33 31.07
C THR L 40 -38.94 33.67 31.08
N THR L 41 -38.14 32.71 30.58
CA THR L 41 -36.70 32.87 30.48
C THR L 41 -36.24 33.22 29.08
N PHE L 42 -37.18 33.50 28.17
CA PHE L 42 -36.82 33.82 26.80
C PHE L 42 -36.33 35.26 26.68
N VAL L 43 -35.78 35.59 25.51
CA VAL L 43 -35.40 36.94 25.15
C VAL L 43 -36.46 37.47 24.19
N ILE L 44 -37.08 38.58 24.54
CA ILE L 44 -38.26 39.10 23.85
C ILE L 44 -37.92 40.45 23.25
N ASN L 45 -38.21 40.61 21.95
CA ASN L 45 -38.08 41.88 21.26
C ASN L 45 -39.47 42.35 20.83
N GLY L 46 -39.54 43.60 20.37
CA GLY L 46 -40.78 44.05 19.76
C GLY L 46 -40.93 45.55 19.82
N THR L 47 -42.05 46.02 19.29
CA THR L 47 -42.38 47.43 19.21
C THR L 47 -43.59 47.73 20.08
N ILE L 48 -43.56 48.87 20.76
CA ILE L 48 -44.61 49.32 21.66
C ILE L 48 -45.14 50.65 21.13
N MET L 49 -46.46 50.73 20.96
CA MET L 49 -47.11 51.93 20.45
C MET L 49 -48.16 52.39 21.43
N VAL L 50 -48.19 53.69 21.71
CA VAL L 50 -49.16 54.32 22.59
C VAL L 50 -49.81 55.46 21.83
N GLU L 51 -51.14 55.47 21.79
CA GLU L 51 -51.91 56.50 21.11
C GLU L 51 -52.88 57.12 22.11
N ASN L 52 -52.83 58.44 22.25
CA ASN L 52 -53.70 59.15 23.18
C ASN L 52 -54.78 59.85 22.38
N ASN L 53 -56.00 59.32 22.42
CA ASN L 53 -57.12 59.83 21.65
C ASN L 53 -57.99 60.80 22.44
N GLY L 54 -57.62 61.13 23.68
CA GLY L 54 -58.40 62.03 24.49
C GLY L 54 -58.59 63.40 23.85
N THR L 55 -59.42 64.23 24.46
CA THR L 55 -59.65 65.56 23.92
C THR L 55 -58.36 66.37 23.92
N VAL L 56 -58.18 67.17 22.87
CA VAL L 56 -56.94 67.92 22.70
C VAL L 56 -56.87 69.04 23.74
N GLY L 57 -55.73 69.11 24.44
CA GLY L 57 -55.51 70.17 25.39
C GLY L 57 -56.23 70.01 26.71
N VAL L 58 -56.89 68.89 26.94
CA VAL L 58 -57.65 68.68 28.16
C VAL L 58 -57.21 67.39 28.84
N GLY L 59 -57.19 66.30 28.08
CA GLY L 59 -56.92 64.99 28.64
C GLY L 59 -55.50 64.86 29.15
N PRO L 60 -55.30 63.99 30.15
CA PRO L 60 -53.95 63.79 30.69
C PRO L 60 -53.01 63.19 29.66
N THR L 61 -51.72 63.45 29.86
CA THR L 61 -50.68 62.86 29.05
C THR L 61 -50.24 61.52 29.64
N ALA L 62 -49.66 60.68 28.79
CA ALA L 62 -49.21 59.35 29.18
C ALA L 62 -47.73 59.20 28.90
N ALA L 63 -47.04 58.44 29.74
CA ALA L 63 -45.62 58.16 29.61
C ALA L 63 -45.39 56.66 29.74
N LEU L 64 -44.49 56.14 28.90
CA LEU L 64 -44.17 54.72 28.90
C LEU L 64 -43.04 54.42 29.87
N THR L 65 -43.12 53.26 30.51
CA THR L 65 -42.07 52.78 31.40
C THR L 65 -41.77 51.33 31.03
N VAL L 66 -40.49 51.03 30.82
CA VAL L 66 -40.05 49.69 30.43
C VAL L 66 -38.90 49.27 31.32
N ASN L 67 -38.95 48.04 31.81
CA ASN L 67 -37.90 47.50 32.69
C ASN L 67 -37.76 48.34 33.95
N GLY L 68 -38.82 49.00 34.37
CA GLY L 68 -38.78 49.82 35.56
C GLY L 68 -38.13 51.18 35.39
N THR L 69 -37.75 51.54 34.16
CA THR L 69 -37.10 52.81 33.88
C THR L 69 -37.89 53.54 32.80
N ALA L 70 -38.19 54.81 33.04
CA ALA L 70 -38.95 55.60 32.08
C ALA L 70 -38.15 55.81 30.80
N VAL L 71 -38.83 55.71 29.66
CA VAL L 71 -38.16 55.94 28.38
C VAL L 71 -37.93 57.43 28.20
N GLY L 72 -36.72 57.79 27.79
CA GLY L 72 -36.35 59.18 27.67
C GLY L 72 -37.21 59.97 26.70
N GLY L 73 -38.02 60.88 27.24
CA GLY L 73 -38.81 61.77 26.41
C GLY L 73 -40.08 61.17 25.84
N PHE L 74 -40.43 59.94 26.21
CA PHE L 74 -41.61 59.28 25.67
C PHE L 74 -42.84 59.74 26.46
N VAL L 75 -43.34 60.90 26.08
CA VAL L 75 -44.60 61.44 26.61
C VAL L 75 -45.49 61.76 25.42
N VAL L 76 -46.74 61.32 25.48
CA VAL L 76 -47.67 61.46 24.37
C VAL L 76 -48.79 62.41 24.79
N ALA L 77 -48.96 63.48 24.02
CA ALA L 77 -50.05 64.41 24.24
C ALA L 77 -51.29 63.95 23.50
N PRO L 78 -52.47 64.44 23.89
CA PRO L 78 -53.70 64.00 23.21
C PRO L 78 -53.68 64.35 21.73
N GLY L 79 -54.26 63.46 20.93
CA GLY L 79 -54.22 63.61 19.49
C GLY L 79 -52.91 63.17 18.86
N GLU L 80 -52.21 62.21 19.45
CA GLU L 80 -50.91 61.79 18.97
C GLU L 80 -50.74 60.29 19.19
N CYS L 81 -49.78 59.72 18.46
CA CYS L 81 -49.32 58.36 18.70
C CYS L 81 -47.80 58.34 18.65
N ARG L 82 -47.21 57.41 19.37
CA ARG L 82 -45.76 57.26 19.37
C ARG L 82 -45.41 55.79 19.55
N SER L 83 -44.43 55.32 18.79
CA SER L 83 -44.02 53.92 18.81
C SER L 83 -42.50 53.84 18.94
N ILE L 84 -42.05 52.79 19.61
CA ILE L 84 -40.62 52.57 19.85
C ILE L 84 -40.34 51.08 19.78
N THR L 85 -39.27 50.71 19.10
CA THR L 85 -38.84 49.33 18.98
C THR L 85 -37.69 49.08 19.96
N MET L 86 -37.67 47.90 20.57
CA MET L 86 -36.67 47.58 21.57
C MET L 86 -36.46 46.08 21.64
N ASN L 87 -35.37 45.71 22.31
CA ASN L 87 -34.96 44.33 22.50
C ASN L 87 -34.78 44.08 23.99
N ASP L 88 -35.00 42.84 24.41
CA ASP L 88 -34.91 42.46 25.82
C ASP L 88 -35.92 43.25 26.66
N ILE L 89 -37.19 43.08 26.31
CA ILE L 89 -38.29 43.76 26.99
C ILE L 89 -38.90 42.78 28.00
N ASN L 90 -39.00 43.22 29.25
CA ASN L 90 -39.54 42.40 30.32
C ASN L 90 -40.73 43.00 31.04
N SER L 91 -40.98 44.31 30.90
CA SER L 91 -42.09 44.95 31.57
C SER L 91 -42.52 46.18 30.80
N ILE L 92 -43.83 46.42 30.77
CA ILE L 92 -44.41 47.59 30.12
C ILE L 92 -45.47 48.17 31.05
N ALA L 93 -45.38 49.47 31.32
CA ALA L 93 -46.33 50.15 32.18
C ALA L 93 -46.55 51.56 31.66
N ILE L 94 -47.66 52.16 32.10
CA ILE L 94 -48.06 53.49 31.66
C ILE L 94 -48.28 54.35 32.90
N VAL L 95 -47.77 55.59 32.84
CA VAL L 95 -47.95 56.58 33.90
C VAL L 95 -48.73 57.74 33.32
N GLY L 96 -49.87 58.07 33.93
CA GLY L 96 -50.70 59.18 33.51
C GLY L 96 -50.45 60.41 34.36
N ALA L 97 -50.52 61.58 33.74
CA ALA L 97 -50.31 62.84 34.43
C ALA L 97 -51.20 63.92 33.81
N GLY L 98 -52.00 64.56 34.65
CA GLY L 98 -52.87 65.62 34.20
C GLY L 98 -54.19 65.67 34.95
N THR L 99 -55.22 66.23 34.32
CA THR L 99 -56.55 66.31 34.90
C THR L 99 -57.57 65.78 33.91
N GLY L 100 -58.57 65.08 34.42
CA GLY L 100 -59.57 64.45 33.58
C GLY L 100 -59.20 63.02 33.23
N THR L 101 -59.88 62.50 32.22
CA THR L 101 -59.69 61.13 31.77
C THR L 101 -59.46 61.12 30.26
N SER L 102 -58.64 60.18 29.79
CA SER L 102 -58.32 60.06 28.37
C SER L 102 -58.45 58.61 27.94
N SER L 103 -58.91 58.41 26.70
CA SER L 103 -58.97 57.07 26.11
C SER L 103 -57.63 56.78 25.46
N VAL L 104 -56.79 55.99 26.12
CA VAL L 104 -55.43 55.74 25.69
C VAL L 104 -55.33 54.29 25.23
N LYS L 105 -54.83 54.10 24.01
CA LYS L 105 -54.72 52.79 23.39
C LYS L 105 -53.26 52.35 23.41
N ILE L 106 -53.01 51.17 23.97
CA ILE L 106 -51.67 50.58 24.04
C ILE L 106 -51.66 49.32 23.19
N SER L 107 -50.70 49.25 22.27
CA SER L 107 -50.47 48.05 21.48
C SER L 107 -48.99 47.70 21.55
N PHE L 108 -48.70 46.41 21.39
CA PHE L 108 -47.31 45.99 21.42
C PHE L 108 -47.16 44.61 20.80
N SER L 109 -45.99 44.40 20.18
CA SER L 109 -45.66 43.14 19.54
C SER L 109 -44.62 42.39 20.38
N ILE L 110 -44.84 41.10 20.56
CA ILE L 110 -43.92 40.21 21.26
C ILE L 110 -43.33 39.28 20.20
N ASN L 111 -42.01 39.35 20.02
CA ASN L 111 -41.31 38.50 19.06
C ASN L 111 -40.21 37.75 19.80
N TYR L 112 -40.19 36.43 19.65
CA TYR L 112 -39.16 35.59 20.26
C TYR L 112 -39.12 34.27 19.53
N LYS L 113 -38.28 33.36 20.03
CA LYS L 113 -38.15 32.02 19.46
C LYS L 113 -38.03 31.01 20.59
N PHE L 114 -38.54 29.81 20.35
CA PHE L 114 -38.50 28.75 21.37
C PHE L 114 -38.25 27.39 20.73
N ALA M 2 -18.83 4.03 4.34
CA ALA M 2 -19.92 4.65 3.60
C ALA M 2 -21.17 4.77 4.47
N GLN M 3 -21.72 5.99 4.52
CA GLN M 3 -22.91 6.22 5.32
C GLN M 3 -24.09 5.44 4.76
N ILE M 4 -24.88 4.86 5.65
CA ILE M 4 -26.10 4.14 5.28
C ILE M 4 -27.27 4.87 5.93
N GLY M 5 -28.18 5.39 5.10
CA GLY M 5 -29.28 6.18 5.59
C GLY M 5 -28.83 7.57 6.01
N ASN M 6 -29.78 8.32 6.55
CA ASN M 6 -29.51 9.67 7.03
C ASN M 6 -30.27 9.88 8.33
N CYS M 7 -29.56 10.35 9.36
CA CYS M 7 -30.23 10.69 10.62
C CYS M 7 -31.28 11.77 10.38
N CYS M 8 -30.96 12.76 9.56
CA CYS M 8 -31.90 13.79 9.13
C CYS M 8 -32.55 14.48 10.32
N THR M 9 -33.87 14.60 10.29
CA THR M 9 -34.61 15.28 11.34
C THR M 9 -36.05 14.78 11.32
N GLU M 10 -36.87 15.33 12.22
CA GLU M 10 -38.28 15.00 12.36
C GLU M 10 -39.11 16.27 12.39
N GLN M 11 -38.89 17.14 11.40
CA GLN M 11 -39.38 18.50 11.41
C GLN M 11 -40.77 18.61 12.02
N LEU M 12 -40.95 19.62 12.87
CA LEU M 12 -42.17 19.81 13.65
C LEU M 12 -42.86 21.07 13.18
N CYS M 13 -44.18 20.98 13.00
CA CYS M 13 -44.97 22.15 12.66
C CYS M 13 -45.26 22.94 13.92
N CYS M 14 -45.13 24.26 13.83
CA CYS M 14 -45.31 25.14 14.97
C CYS M 14 -46.70 25.77 14.91
N VAL M 15 -47.49 25.54 15.95
CA VAL M 15 -48.86 26.04 16.04
C VAL M 15 -48.88 27.28 16.92
N ASN M 16 -49.48 28.35 16.42
CA ASN M 16 -49.61 29.62 17.12
C ASN M 16 -51.05 30.07 16.90
N ASP M 17 -51.93 29.78 17.86
CA ASP M 17 -53.34 30.13 17.79
C ASP M 17 -53.67 31.20 18.82
N ALA M 18 -54.78 31.90 18.58
CA ALA M 18 -55.26 32.95 19.46
C ALA M 18 -56.74 32.72 19.76
N VAL M 19 -57.14 33.01 20.99
CA VAL M 19 -58.52 32.83 21.42
C VAL M 19 -58.96 34.11 22.14
N CYS M 20 -60.20 34.50 21.91
CA CYS M 20 -60.79 35.69 22.54
C CYS M 20 -62.25 35.42 22.87
N CYS M 21 -62.68 35.84 24.05
CA CYS M 21 -64.10 35.82 24.37
C CYS M 21 -64.41 36.88 25.42
N THR M 22 -65.71 37.15 25.58
CA THR M 22 -66.20 38.13 26.53
C THR M 22 -67.23 37.47 27.43
N ILE M 23 -67.16 37.78 28.73
CA ILE M 23 -68.03 37.18 29.73
C ILE M 23 -68.63 38.27 30.61
N ILE M 24 -69.76 37.95 31.22
CA ILE M 24 -70.41 38.80 32.20
C ILE M 24 -70.00 38.24 33.56
N LEU M 25 -69.09 38.93 34.23
CA LEU M 25 -68.50 38.47 35.47
C LEU M 25 -69.20 39.12 36.65
N ASP M 26 -69.62 38.30 37.61
CA ASP M 26 -70.21 38.73 38.86
C ASP M 26 -69.44 38.10 40.02
N ASP M 27 -69.97 38.26 41.23
CA ASP M 27 -69.32 37.70 42.41
C ASP M 27 -69.50 36.18 42.42
N THR M 28 -68.39 35.45 42.45
CA THR M 28 -68.39 34.00 42.44
C THR M 28 -68.00 33.40 43.78
N GLY M 29 -67.77 34.22 44.80
CA GLY M 29 -67.42 33.71 46.12
C GLY M 29 -66.10 32.97 46.15
N GLY M 30 -65.11 33.46 45.40
CA GLY M 30 -63.78 32.87 45.43
C GLY M 30 -63.61 31.64 44.55
N THR M 31 -64.65 31.21 43.84
CA THR M 31 -64.55 30.04 42.98
C THR M 31 -64.05 30.46 41.60
N ALA M 32 -63.13 29.66 41.05
CA ALA M 32 -62.52 29.98 39.77
C ALA M 32 -63.37 29.43 38.63
N LEU M 33 -63.81 30.29 37.74
CA LEU M 33 -64.57 29.87 36.58
C LEU M 33 -63.62 29.32 35.52
N PRO M 34 -63.77 28.07 35.09
CA PRO M 34 -62.82 27.52 34.11
C PRO M 34 -62.96 28.21 32.76
N ILE M 35 -61.82 28.63 32.21
CA ILE M 35 -61.77 29.28 30.91
C ILE M 35 -61.06 28.40 29.88
N TRP M 36 -59.90 27.84 30.25
CA TRP M 36 -59.13 27.03 29.33
C TRP M 36 -58.48 25.89 30.10
N ASP M 37 -58.44 24.71 29.49
CA ASP M 37 -57.82 23.54 30.09
C ASP M 37 -57.01 22.81 29.03
N ASP M 38 -55.98 22.10 29.48
CA ASP M 38 -55.09 21.36 28.61
C ASP M 38 -55.32 19.87 28.78
N ALA M 39 -55.50 19.16 27.67
CA ALA M 39 -55.72 17.72 27.66
C ALA M 39 -54.67 16.98 26.83
N THR M 40 -53.64 17.68 26.35
CA THR M 40 -52.59 17.09 25.52
C THR M 40 -51.33 16.92 26.35
N THR M 41 -50.32 16.30 25.72
CA THR M 41 -49.03 16.07 26.34
C THR M 41 -47.97 17.07 25.88
N PHE M 42 -48.37 18.09 25.13
CA PHE M 42 -47.42 19.07 24.62
C PHE M 42 -47.03 20.07 25.70
N VAL M 43 -46.02 20.87 25.40
CA VAL M 43 -45.61 21.99 26.24
C VAL M 43 -46.09 23.25 25.56
N ILE M 44 -46.88 24.04 26.28
CA ILE M 44 -47.60 25.18 25.70
C ILE M 44 -47.13 26.45 26.36
N ASN M 45 -46.76 27.43 25.55
CA ASN M 45 -46.41 28.77 26.01
C ASN M 45 -47.44 29.77 25.50
N GLY M 46 -47.36 30.99 26.00
CA GLY M 46 -48.19 32.05 25.43
C GLY M 46 -48.44 33.16 26.42
N THR M 47 -49.20 34.15 25.93
CA THR M 47 -49.55 35.32 26.70
C THR M 47 -51.05 35.36 26.95
N ILE M 48 -51.42 35.79 28.15
CA ILE M 48 -52.82 35.87 28.59
C ILE M 48 -53.11 37.32 28.93
N MET M 49 -54.19 37.86 28.35
CA MET M 49 -54.59 39.24 28.56
C MET M 49 -56.03 39.27 29.05
N VAL M 50 -56.26 40.08 30.09
CA VAL M 50 -57.59 40.28 30.67
C VAL M 50 -57.87 41.76 30.69
N GLU M 51 -59.01 42.16 30.13
CA GLU M 51 -59.42 43.57 30.09
C GLU M 51 -60.79 43.68 30.74
N ASN M 52 -60.93 44.56 31.72
CA ASN M 52 -62.18 44.76 32.43
C ASN M 52 -62.78 46.08 31.96
N ASN M 53 -63.82 45.99 31.14
CA ASN M 53 -64.46 47.16 30.56
C ASN M 53 -65.67 47.63 31.34
N GLY M 54 -65.97 47.02 32.49
CA GLY M 54 -67.12 47.42 33.27
C GLY M 54 -67.06 48.86 33.70
N THR M 55 -68.15 49.35 34.32
CA THR M 55 -68.18 50.73 34.77
C THR M 55 -67.10 50.96 35.82
N VAL M 56 -66.50 52.16 35.77
CA VAL M 56 -65.39 52.47 36.66
C VAL M 56 -65.91 52.65 38.08
N GLY M 57 -65.26 51.96 39.03
CA GLY M 57 -65.60 52.10 40.43
C GLY M 57 -66.86 51.38 40.87
N VAL M 58 -67.47 50.59 39.99
CA VAL M 58 -68.72 49.90 40.31
C VAL M 58 -68.56 48.41 40.06
N GLY M 59 -68.10 48.05 38.86
CA GLY M 59 -68.05 46.67 38.45
C GLY M 59 -67.04 45.86 39.25
N PRO M 60 -67.29 44.56 39.38
CA PRO M 60 -66.37 43.70 40.13
C PRO M 60 -65.00 43.63 39.46
N THR M 61 -63.99 43.34 40.29
CA THR M 61 -62.64 43.10 39.80
C THR M 61 -62.46 41.62 39.46
N ALA M 62 -61.48 41.35 38.59
CA ALA M 62 -61.18 40.01 38.13
C ALA M 62 -59.73 39.66 38.46
N ALA M 63 -59.51 38.38 38.75
CA ALA M 63 -58.18 37.87 39.05
C ALA M 63 -57.92 36.61 38.23
N LEU M 64 -56.71 36.48 37.73
CA LEU M 64 -56.33 35.34 36.91
C LEU M 64 -55.78 34.21 37.78
N THR M 65 -56.08 32.98 37.36
CA THR M 65 -55.55 31.79 38.02
C THR M 65 -55.02 30.85 36.95
N VAL M 66 -53.78 30.40 37.13
CA VAL M 66 -53.11 29.53 36.17
C VAL M 66 -52.51 28.35 36.92
N ASN M 67 -52.70 27.15 36.39
CA ASN M 67 -52.19 25.92 36.99
C ASN M 67 -52.72 25.73 38.40
N GLY M 68 -53.91 26.27 38.68
CA GLY M 68 -54.50 26.15 40.00
C GLY M 68 -53.95 27.08 41.04
N THR M 69 -53.05 27.98 40.68
CA THR M 69 -52.44 28.92 41.61
C THR M 69 -52.65 30.33 41.10
N ALA M 70 -53.12 31.22 41.97
CA ALA M 70 -53.38 32.60 41.59
C ALA M 70 -52.07 33.30 41.25
N VAL M 71 -52.10 34.13 40.20
CA VAL M 71 -50.92 34.89 39.81
C VAL M 71 -50.74 36.04 40.79
N GLY M 72 -49.51 36.22 41.26
CA GLY M 72 -49.23 37.22 42.26
C GLY M 72 -49.57 38.64 41.82
N GLY M 73 -50.59 39.21 42.45
CA GLY M 73 -50.95 40.60 42.20
C GLY M 73 -51.72 40.86 40.93
N PHE M 74 -52.13 39.81 40.20
CA PHE M 74 -52.85 39.98 38.95
C PHE M 74 -54.34 40.17 39.25
N VAL M 75 -54.68 41.42 39.60
CA VAL M 75 -56.06 41.84 39.77
C VAL M 75 -56.28 43.05 38.89
N VAL M 76 -57.37 43.04 38.12
CA VAL M 76 -57.66 44.08 37.14
C VAL M 76 -58.90 44.84 37.58
N ALA M 77 -58.76 46.14 37.75
CA ALA M 77 -59.87 47.02 38.07
C ALA M 77 -60.57 47.46 36.80
N PRO M 78 -61.82 47.92 36.89
CA PRO M 78 -62.53 48.35 35.68
C PRO M 78 -61.83 49.50 34.99
N GLY M 79 -61.88 49.50 33.66
CA GLY M 79 -61.15 50.47 32.88
C GLY M 79 -59.68 50.16 32.71
N GLU M 80 -59.29 48.89 32.73
CA GLU M 80 -57.88 48.51 32.66
C GLU M 80 -57.74 47.22 31.88
N CYS M 81 -56.52 46.97 31.43
CA CYS M 81 -56.14 45.69 30.84
C CYS M 81 -54.79 45.28 31.43
N ARG M 82 -54.55 43.99 31.49
CA ARG M 82 -53.27 43.47 31.97
C ARG M 82 -52.95 42.17 31.25
N SER M 83 -51.70 42.02 30.85
CA SER M 83 -51.24 40.85 30.11
C SER M 83 -49.99 40.29 30.75
N ILE M 84 -49.84 38.98 30.64
CA ILE M 84 -48.70 38.27 31.22
C ILE M 84 -48.32 37.12 30.30
N THR M 85 -47.01 36.97 30.06
CA THR M 85 -46.48 35.89 29.24
C THR M 85 -45.95 34.80 30.15
N MET M 86 -46.14 33.55 29.75
CA MET M 86 -45.73 32.42 30.57
C MET M 86 -45.48 31.20 29.70
N ASN M 87 -44.82 30.22 30.31
CA ASN M 87 -44.46 28.96 29.68
C ASN M 87 -45.00 27.82 30.52
N ASP M 88 -45.32 26.70 29.86
CA ASP M 88 -45.88 25.54 30.53
C ASP M 88 -47.23 25.89 31.18
N ILE M 89 -48.16 26.33 30.34
CA ILE M 89 -49.50 26.73 30.77
C ILE M 89 -50.45 25.56 30.51
N ASN M 90 -51.18 25.15 31.55
CA ASN M 90 -52.10 24.03 31.45
C ASN M 90 -53.53 24.38 31.83
N SER M 91 -53.77 25.50 32.51
CA SER M 91 -55.12 25.87 32.90
C SER M 91 -55.20 27.38 33.07
N ILE M 92 -56.34 27.94 32.70
CA ILE M 92 -56.62 29.36 32.82
C ILE M 92 -58.03 29.53 33.36
N ALA M 93 -58.18 30.30 34.44
CA ALA M 93 -59.48 30.55 35.04
C ALA M 93 -59.52 31.97 35.58
N ILE M 94 -60.73 32.46 35.80
CA ILE M 94 -60.98 33.82 36.25
C ILE M 94 -61.82 33.78 37.51
N VAL M 95 -61.44 34.59 38.50
CA VAL M 95 -62.17 34.73 39.75
C VAL M 95 -62.66 36.16 39.85
N GLY M 96 -63.97 36.34 40.01
CA GLY M 96 -64.56 37.65 40.14
C GLY M 96 -64.85 37.97 41.60
N ALA M 97 -64.69 39.25 41.95
CA ALA M 97 -64.93 39.71 43.32
C ALA M 97 -65.48 41.12 43.29
N GLY M 98 -66.64 41.32 43.92
CA GLY M 98 -67.25 42.63 43.99
C GLY M 98 -68.77 42.57 43.96
N THR M 99 -69.40 43.65 43.52
CA THR M 99 -70.85 43.74 43.40
C THR M 99 -71.22 44.23 42.02
N GLY M 100 -72.29 43.67 41.47
CA GLY M 100 -72.70 43.99 40.12
C GLY M 100 -72.11 43.05 39.10
N THR M 101 -72.18 43.46 37.83
CA THR M 101 -71.70 42.66 36.71
C THR M 101 -70.77 43.51 35.86
N SER M 102 -69.76 42.87 35.27
CA SER M 102 -68.78 43.56 34.44
C SER M 102 -68.58 42.79 33.15
N SER M 103 -68.38 43.51 32.05
CA SER M 103 -68.05 42.90 30.77
C SER M 103 -66.54 42.72 30.69
N VAL M 104 -66.08 41.49 30.92
CA VAL M 104 -64.65 41.18 31.03
C VAL M 104 -64.24 40.36 29.82
N LYS M 105 -63.21 40.82 29.12
CA LYS M 105 -62.71 40.19 27.91
C LYS M 105 -61.43 39.45 28.22
N ILE M 106 -61.39 38.17 27.88
CA ILE M 106 -60.22 37.32 28.08
C ILE M 106 -59.71 36.90 26.71
N SER M 107 -58.42 37.14 26.47
CA SER M 107 -57.75 36.67 25.27
C SER M 107 -56.47 35.95 25.67
N PHE M 108 -56.04 35.01 24.83
CA PHE M 108 -54.82 34.29 25.13
C PHE M 108 -54.29 33.59 23.88
N SER M 109 -52.97 33.50 23.82
CA SER M 109 -52.26 32.86 22.72
C SER M 109 -51.72 31.51 23.16
N ILE M 110 -51.91 30.49 22.32
CA ILE M 110 -51.37 29.16 22.53
C ILE M 110 -50.29 28.95 21.49
N ASN M 111 -49.05 28.73 21.96
CA ASN M 111 -47.91 28.49 21.07
C ASN M 111 -47.25 27.18 21.48
N TYR M 112 -47.08 26.28 20.51
CA TYR M 112 -46.42 25.02 20.76
C TYR M 112 -45.93 24.45 19.43
N LYS M 113 -45.38 23.24 19.48
CA LYS M 113 -44.89 22.56 18.29
C LYS M 113 -45.27 21.09 18.37
N PHE M 114 -45.51 20.49 17.21
CA PHE M 114 -45.88 19.07 17.16
C PHE M 114 -45.27 18.38 15.96
N ALA N 2 -18.89 5.70 -2.23
CA ALA N 2 -19.52 6.91 -2.72
C ALA N 2 -21.04 6.82 -2.60
N GLN N 3 -21.64 7.83 -1.96
CA GLN N 3 -23.08 7.85 -1.79
C GLN N 3 -23.79 7.95 -3.13
N ILE N 4 -24.87 7.18 -3.28
CA ILE N 4 -25.70 7.21 -4.47
C ILE N 4 -27.09 7.68 -4.05
N GLY N 5 -27.52 8.82 -4.59
CA GLY N 5 -28.77 9.41 -4.20
C GLY N 5 -28.68 10.05 -2.83
N ASN N 6 -29.83 10.55 -2.36
CA ASN N 6 -29.93 11.17 -1.06
C ASN N 6 -31.22 10.74 -0.40
N CYS N 7 -31.14 10.26 0.84
CA CYS N 7 -32.35 9.94 1.58
C CYS N 7 -33.23 11.17 1.74
N CYS N 8 -32.62 12.32 2.02
CA CYS N 8 -33.32 13.61 2.06
C CYS N 8 -34.50 13.57 3.01
N THR N 9 -35.66 14.03 2.54
CA THR N 9 -36.86 14.11 3.35
C THR N 9 -38.07 14.15 2.43
N GLU N 10 -39.25 14.23 3.02
CA GLU N 10 -40.54 14.29 2.33
C GLU N 10 -41.37 15.45 2.87
N GLN N 11 -40.76 16.64 2.91
CA GLN N 11 -41.29 17.78 3.63
C GLN N 11 -42.81 17.86 3.53
N LEU N 12 -43.44 18.14 4.66
CA LEU N 12 -44.89 18.13 4.78
C LEU N 12 -45.37 19.54 5.07
N CYS N 13 -46.42 19.96 4.36
CA CYS N 13 -47.04 21.25 4.60
C CYS N 13 -47.96 21.15 5.81
N CYS N 14 -47.89 22.15 6.69
CA CYS N 14 -48.67 22.15 7.93
C CYS N 14 -49.89 23.03 7.74
N VAL N 15 -51.07 22.45 7.93
CA VAL N 15 -52.34 23.14 7.77
C VAL N 15 -52.87 23.52 9.15
N ASN N 16 -53.24 24.79 9.30
CA ASN N 16 -53.79 25.34 10.53
C ASN N 16 -54.97 26.20 10.12
N ASP N 17 -56.17 25.64 10.18
CA ASP N 17 -57.40 26.33 9.81
C ASP N 17 -58.25 26.59 11.04
N ALA N 18 -59.17 27.56 10.90
CA ALA N 18 -60.08 27.93 11.96
C ALA N 18 -61.49 27.98 11.41
N VAL N 19 -62.46 27.56 12.21
CA VAL N 19 -63.86 27.55 11.81
C VAL N 19 -64.68 28.17 12.94
N CYS N 20 -65.69 28.94 12.56
CA CYS N 20 -66.59 29.60 13.51
C CYS N 20 -68.01 29.61 12.95
N CYS N 21 -68.98 29.32 13.81
CA CYS N 21 -70.38 29.48 13.42
C CYS N 21 -71.22 29.72 14.66
N THR N 22 -72.45 30.18 14.43
CA THR N 22 -73.42 30.46 15.47
C THR N 22 -74.70 29.70 15.19
N ILE N 23 -75.29 29.12 16.24
CA ILE N 23 -76.48 28.30 16.12
C ILE N 23 -77.50 28.74 17.16
N ILE N 24 -78.77 28.44 16.86
CA ILE N 24 -79.87 28.65 17.79
C ILE N 24 -80.12 27.29 18.44
N LEU N 25 -79.70 27.14 19.69
CA LEU N 25 -79.74 25.87 20.40
C LEU N 25 -80.97 25.83 21.30
N ASP N 26 -81.73 24.75 21.18
CA ASP N 26 -82.89 24.47 22.01
C ASP N 26 -82.73 23.08 22.63
N ASP N 27 -83.79 22.60 23.28
CA ASP N 27 -83.74 21.29 23.91
C ASP N 27 -83.79 20.20 22.84
N THR N 28 -82.79 19.34 22.82
CA THR N 28 -82.68 18.27 21.83
C THR N 28 -82.94 16.89 22.44
N GLY N 29 -83.28 16.82 23.71
CA GLY N 29 -83.57 15.53 24.34
C GLY N 29 -82.39 14.61 24.40
N GLY N 30 -81.19 15.14 24.66
CA GLY N 30 -80.01 14.34 24.80
C GLY N 30 -79.34 13.92 23.51
N THR N 31 -79.88 14.31 22.36
CA THR N 31 -79.29 13.95 21.07
C THR N 31 -78.22 14.97 20.69
N ALA N 32 -77.10 14.45 20.18
CA ALA N 32 -75.97 15.30 19.83
C ALA N 32 -76.14 15.82 18.40
N LEU N 33 -76.15 17.13 18.25
CA LEU N 33 -76.22 17.74 16.93
C LEU N 33 -74.84 17.72 16.29
N PRO N 34 -74.68 17.10 15.11
CA PRO N 34 -73.34 17.03 14.51
C PRO N 34 -72.86 18.39 14.07
N ILE N 35 -71.63 18.74 14.47
CA ILE N 35 -71.01 19.99 14.09
C ILE N 35 -69.82 19.78 13.15
N TRP N 36 -68.95 18.83 13.47
CA TRP N 36 -67.78 18.57 12.66
C TRP N 36 -67.49 17.08 12.65
N ASP N 37 -67.09 16.56 11.50
CA ASP N 37 -66.74 15.15 11.34
C ASP N 37 -65.47 15.03 10.52
N ASP N 38 -64.74 13.95 10.74
CA ASP N 38 -63.48 13.69 10.05
C ASP N 38 -63.67 12.54 9.06
N ALA N 39 -63.24 12.76 7.82
CA ALA N 39 -63.31 11.75 6.78
C ALA N 39 -61.96 11.42 6.18
N THR N 40 -60.88 11.95 6.76
CA THR N 40 -59.53 11.73 6.26
C THR N 40 -58.80 10.75 7.18
N THR N 41 -57.57 10.39 6.77
CA THR N 41 -56.72 9.49 7.52
C THR N 41 -55.65 10.22 8.32
N PHE N 42 -55.71 11.54 8.37
CA PHE N 42 -54.71 12.32 9.09
C PHE N 42 -54.97 12.30 10.58
N VAL N 43 -53.99 12.78 11.34
CA VAL N 43 -54.11 12.99 12.78
C VAL N 43 -54.30 14.49 13.01
N ILE N 44 -55.40 14.85 13.66
CA ILE N 44 -55.84 16.23 13.76
C ILE N 44 -55.82 16.65 15.23
N ASN N 45 -55.18 17.78 15.51
CA ASN N 45 -55.19 18.39 16.84
C ASN N 45 -55.91 19.72 16.77
N GLY N 46 -56.19 20.30 17.93
CA GLY N 46 -56.70 21.66 17.94
C GLY N 46 -57.48 21.96 19.20
N THR N 47 -57.98 23.19 19.26
CA THR N 47 -58.74 23.69 20.38
C THR N 47 -60.17 23.98 19.96
N ILE N 48 -61.11 23.66 20.85
CA ILE N 48 -62.54 23.83 20.62
C ILE N 48 -63.06 24.79 21.69
N MET N 49 -63.77 25.84 21.25
CA MET N 49 -64.32 26.84 22.14
C MET N 49 -65.82 26.97 21.90
N VAL N 50 -66.58 26.99 22.99
CA VAL N 50 -68.03 27.14 22.95
C VAL N 50 -68.39 28.32 23.85
N GLU N 51 -69.15 29.27 23.32
CA GLU N 51 -69.60 30.45 24.06
C GLU N 51 -71.11 30.51 23.99
N ASN N 52 -71.76 30.60 25.15
CA ASN N 52 -73.21 30.66 25.21
C ASN N 52 -73.60 32.09 25.56
N ASN N 53 -74.12 32.81 24.57
CA ASN N 53 -74.48 34.21 24.72
C ASN N 53 -75.95 34.42 25.05
N GLY N 54 -76.71 33.35 25.24
CA GLY N 54 -78.12 33.48 25.54
C GLY N 54 -78.40 34.27 26.80
N THR N 55 -79.67 34.55 27.07
CA THR N 55 -80.02 35.31 28.26
C THR N 55 -79.59 34.55 29.51
N VAL N 56 -79.13 35.28 30.52
CA VAL N 56 -78.61 34.67 31.74
C VAL N 56 -79.76 34.08 32.54
N GLY N 57 -79.60 32.81 32.94
CA GLY N 57 -80.58 32.15 33.77
C GLY N 57 -81.83 31.70 33.06
N VAL N 58 -81.89 31.81 31.73
CA VAL N 58 -83.09 31.45 30.98
C VAL N 58 -82.72 30.46 29.88
N GLY N 59 -81.71 30.80 29.08
CA GLY N 59 -81.37 30.01 27.92
C GLY N 59 -80.83 28.64 28.29
N PRO N 60 -81.01 27.66 27.39
CA PRO N 60 -80.49 26.32 27.67
C PRO N 60 -78.98 26.29 27.74
N THR N 61 -78.47 25.30 28.47
CA THR N 61 -77.05 25.04 28.55
C THR N 61 -76.61 24.11 27.43
N ALA N 62 -75.32 24.17 27.10
CA ALA N 62 -74.74 23.38 26.03
C ALA N 62 -73.61 22.52 26.57
N ALA N 63 -73.45 21.32 26.00
CA ALA N 63 -72.40 20.39 26.38
C ALA N 63 -71.70 19.89 25.12
N LEU N 64 -70.38 19.77 25.21
CA LEU N 64 -69.56 19.32 24.09
C LEU N 64 -69.44 17.80 24.09
N THR N 65 -69.41 17.22 22.90
CA THR N 65 -69.18 15.79 22.73
C THR N 65 -68.13 15.61 21.64
N VAL N 66 -67.10 14.82 21.95
CA VAL N 66 -65.99 14.58 21.04
C VAL N 66 -65.74 13.09 20.96
N ASN N 67 -65.57 12.57 19.74
CA ASN N 67 -65.32 11.15 19.52
C ASN N 67 -66.45 10.29 20.07
N GLY N 68 -67.66 10.86 20.12
CA GLY N 68 -68.80 10.11 20.62
C GLY N 68 -68.89 10.01 22.13
N THR N 69 -67.99 10.66 22.86
CA THR N 69 -67.98 10.62 24.32
C THR N 69 -68.02 12.04 24.85
N ALA N 70 -68.91 12.28 25.80
CA ALA N 70 -69.05 13.62 26.38
C ALA N 70 -67.80 13.99 27.17
N VAL N 71 -67.37 15.24 27.03
CA VAL N 71 -66.22 15.72 27.78
C VAL N 71 -66.61 15.94 29.23
N GLY N 72 -65.77 15.42 30.14
CA GLY N 72 -66.07 15.49 31.56
C GLY N 72 -66.27 16.89 32.09
N GLY N 73 -67.50 17.22 32.45
CA GLY N 73 -67.80 18.50 33.08
C GLY N 73 -67.89 19.68 32.13
N PHE N 74 -67.81 19.46 30.82
CA PHE N 74 -67.85 20.56 29.86
C PHE N 74 -69.31 20.93 29.59
N VAL N 75 -69.86 21.73 30.49
CA VAL N 75 -71.18 22.32 30.33
C VAL N 75 -71.04 23.82 30.49
N VAL N 76 -71.62 24.58 29.57
CA VAL N 76 -71.48 26.03 29.53
C VAL N 76 -72.84 26.66 29.82
N ALA N 77 -72.88 27.49 30.86
CA ALA N 77 -74.08 28.25 31.19
C ALA N 77 -74.10 29.55 30.41
N PRO N 78 -75.27 30.18 30.27
CA PRO N 78 -75.34 31.42 29.51
C PRO N 78 -74.48 32.51 30.14
N GLY N 79 -73.88 33.33 29.26
CA GLY N 79 -72.94 34.33 29.72
C GLY N 79 -71.55 33.81 30.00
N GLU N 80 -71.13 32.74 29.33
CA GLU N 80 -69.85 32.12 29.59
C GLU N 80 -69.25 31.60 28.29
N CYS N 81 -67.93 31.35 28.33
CA CYS N 81 -67.24 30.65 27.26
C CYS N 81 -66.31 29.63 27.90
N ARG N 82 -66.04 28.55 27.16
CA ARG N 82 -65.12 27.54 27.63
C ARG N 82 -64.40 26.92 26.45
N SER N 83 -63.10 26.71 26.60
CA SER N 83 -62.25 26.17 25.54
C SER N 83 -61.42 25.02 26.06
N ILE N 84 -61.15 24.06 25.18
CA ILE N 84 -60.38 22.87 25.53
C ILE N 84 -59.52 22.48 24.34
N THR N 85 -58.26 22.17 24.60
CA THR N 85 -57.33 21.71 23.58
C THR N 85 -57.22 20.20 23.64
N MET N 86 -57.09 19.57 22.48
CA MET N 86 -57.06 18.11 22.41
C MET N 86 -56.33 17.67 21.15
N ASN N 87 -55.98 16.39 21.14
CA ASN N 87 -55.26 15.75 20.05
C ASN N 87 -56.06 14.54 19.60
N ASP N 88 -55.94 14.19 18.32
CA ASP N 88 -56.68 13.08 17.73
C ASP N 88 -58.18 13.31 17.83
N ILE N 89 -58.62 14.41 17.22
CA ILE N 89 -60.03 14.81 17.23
C ILE N 89 -60.65 14.37 15.91
N ASN N 90 -61.75 13.63 15.99
CA ASN N 90 -62.43 13.12 14.81
C ASN N 90 -63.89 13.53 14.70
N SER N 91 -64.51 14.02 15.78
CA SER N 91 -65.91 14.42 15.75
C SER N 91 -66.17 15.46 16.83
N ILE N 92 -67.02 16.43 16.50
CA ILE N 92 -67.44 17.47 17.43
C ILE N 92 -68.94 17.65 17.30
N ALA N 93 -69.64 17.60 18.44
CA ALA N 93 -71.08 17.78 18.46
C ALA N 93 -71.48 18.52 19.73
N ILE N 94 -72.68 19.08 19.70
CA ILE N 94 -73.21 19.88 20.80
C ILE N 94 -74.55 19.30 21.22
N VAL N 95 -74.75 19.20 22.54
CA VAL N 95 -76.01 18.74 23.12
C VAL N 95 -76.58 19.88 23.95
N GLY N 96 -77.81 20.27 23.64
CA GLY N 96 -78.49 21.33 24.37
C GLY N 96 -79.47 20.76 25.38
N ALA N 97 -79.59 21.45 26.51
CA ALA N 97 -80.48 21.01 27.58
C ALA N 97 -81.06 22.23 28.29
N GLY N 98 -82.38 22.30 28.34
CA GLY N 98 -83.05 23.41 29.01
C GLY N 98 -84.35 23.80 28.36
N THR N 99 -84.77 25.05 28.55
CA THR N 99 -85.99 25.57 27.95
C THR N 99 -85.69 26.89 27.26
N GLY N 100 -86.32 27.10 26.12
CA GLY N 100 -86.05 28.29 25.32
C GLY N 100 -84.97 28.04 24.28
N THR N 101 -84.46 29.15 23.73
CA THR N 101 -83.44 29.11 22.70
C THR N 101 -82.28 30.01 23.10
N SER N 102 -81.07 29.61 22.70
CA SER N 102 -79.86 30.37 23.03
C SER N 102 -79.00 30.52 21.77
N SER N 103 -78.35 31.68 21.66
CA SER N 103 -77.41 31.92 20.58
C SER N 103 -76.04 31.40 21.01
N VAL N 104 -75.65 30.23 20.53
CA VAL N 104 -74.45 29.55 20.96
C VAL N 104 -73.44 29.56 19.82
N LYS N 105 -72.24 30.05 20.10
CA LYS N 105 -71.18 30.19 19.12
C LYS N 105 -70.15 29.09 19.34
N ILE N 106 -69.86 28.34 18.28
CA ILE N 106 -68.87 27.26 18.30
C ILE N 106 -67.73 27.65 17.36
N SER N 107 -66.51 27.62 17.89
CA SER N 107 -65.31 27.83 17.10
C SER N 107 -64.34 26.69 17.37
N PHE N 108 -63.49 26.39 16.39
CA PHE N 108 -62.51 25.33 16.59
C PHE N 108 -61.40 25.43 15.57
N SER N 109 -60.21 25.04 15.99
CA SER N 109 -59.03 25.05 15.14
C SER N 109 -58.66 23.62 14.75
N ILE N 110 -58.35 23.44 13.46
CA ILE N 110 -57.89 22.16 12.92
C ILE N 110 -56.42 22.35 12.57
N ASN N 111 -55.55 21.57 13.21
CA ASN N 111 -54.12 21.61 12.95
C ASN N 111 -53.64 20.21 12.59
N TYR N 112 -52.95 20.10 11.46
CA TYR N 112 -52.40 18.81 11.03
C TYR N 112 -51.30 19.08 10.02
N LYS N 113 -50.75 18.00 9.46
CA LYS N 113 -49.70 18.09 8.46
C LYS N 113 -49.96 17.06 7.38
N PHE N 114 -49.58 17.38 6.14
CA PHE N 114 -49.78 16.47 5.03
C PHE N 114 -48.61 16.52 4.04
N ALA O 2 54.83 -43.89 -15.66
CA ALA O 2 54.28 -42.59 -15.99
C ALA O 2 52.76 -42.63 -16.08
N GLN O 3 52.10 -41.74 -15.35
CA GLN O 3 50.65 -41.70 -15.36
C GLN O 3 50.13 -41.32 -16.74
N ILE O 4 49.07 -42.00 -17.17
CA ILE O 4 48.40 -41.72 -18.43
C ILE O 4 46.98 -41.28 -18.11
N GLY O 5 46.65 -40.05 -18.48
CA GLY O 5 45.36 -39.49 -18.15
C GLY O 5 45.27 -39.12 -16.67
N ASN O 6 44.08 -38.67 -16.28
CA ASN O 6 43.82 -38.30 -14.90
C ASN O 6 42.44 -38.80 -14.52
N CYS O 7 42.35 -39.49 -13.38
CA CYS O 7 41.05 -39.91 -12.88
C CYS O 7 40.17 -38.69 -12.61
N CYS O 8 40.76 -37.64 -12.04
CA CYS O 8 40.08 -36.36 -11.85
C CYS O 8 38.77 -36.52 -11.08
N THR O 9 37.70 -35.93 -11.61
CA THR O 9 36.40 -35.96 -10.95
C THR O 9 35.33 -35.71 -12.00
N GLU O 10 34.07 -35.69 -11.55
CA GLU O 10 32.90 -35.45 -12.39
C GLU O 10 32.02 -34.39 -11.74
N GLN O 11 32.63 -33.25 -11.40
CA GLN O 11 32.03 -32.24 -10.55
C GLN O 11 30.54 -32.08 -10.83
N LEU O 12 29.75 -32.00 -9.76
CA LEU O 12 28.31 -31.96 -9.82
C LEU O 12 27.81 -30.61 -9.34
N CYS O 13 26.88 -30.03 -10.09
CA CYS O 13 26.25 -28.78 -9.69
C CYS O 13 25.17 -29.08 -8.65
N CYS O 14 25.14 -28.26 -7.59
CA CYS O 14 24.21 -28.46 -6.49
C CYS O 14 23.03 -27.51 -6.66
N VAL O 15 21.83 -28.07 -6.74
CA VAL O 15 20.60 -27.31 -6.93
C VAL O 15 19.90 -27.17 -5.59
N ASN O 16 19.53 -25.94 -5.24
CA ASN O 16 18.83 -25.61 -4.00
C ASN O 16 17.72 -24.63 -4.39
N ASP O 17 16.52 -25.17 -4.61
CA ASP O 17 15.37 -24.36 -4.99
C ASP O 17 14.36 -24.30 -3.85
N ALA O 18 13.49 -23.29 -3.92
CA ALA O 18 12.44 -23.08 -2.93
C ALA O 18 11.11 -22.87 -3.64
N VAL O 19 10.03 -23.41 -3.08
CA VAL O 19 8.70 -23.28 -3.64
C VAL O 19 7.75 -22.85 -2.54
N CYS O 20 6.81 -21.97 -2.88
CA CYS O 20 5.81 -21.47 -1.96
C CYS O 20 4.48 -21.31 -2.68
N CYS O 21 3.39 -21.72 -2.03
CA CYS O 21 2.06 -21.43 -2.56
C CYS O 21 1.06 -21.39 -1.41
N THR O 22 -0.12 -20.85 -1.71
CA THR O 22 -1.22 -20.73 -0.75
C THR O 22 -2.45 -21.37 -1.35
N ILE O 23 -3.19 -22.11 -0.51
CA ILE O 23 -4.37 -22.84 -0.93
C ILE O 23 -5.51 -22.57 0.03
N ILE O 24 -6.73 -22.75 -0.48
CA ILE O 24 -7.94 -22.69 0.32
C ILE O 24 -8.30 -24.13 0.66
N LEU O 25 -8.06 -24.52 1.90
CA LEU O 25 -8.22 -25.90 2.34
C LEU O 25 -9.55 -26.06 3.04
N ASP O 26 -10.31 -27.07 2.62
CA ASP O 26 -11.57 -27.45 3.24
C ASP O 26 -11.51 -28.94 3.59
N ASP O 27 -12.65 -29.49 4.00
CA ASP O 27 -12.71 -30.90 4.36
C ASP O 27 -12.64 -31.76 3.11
N THR O 28 -11.64 -32.64 3.04
CA THR O 28 -11.42 -33.51 1.90
C THR O 28 -11.78 -34.97 2.19
N GLY O 29 -12.30 -35.26 3.38
CA GLY O 29 -12.69 -36.63 3.71
C GLY O 29 -11.53 -37.60 3.73
N GLY O 30 -10.37 -37.17 4.24
CA GLY O 30 -9.23 -38.04 4.39
C GLY O 30 -8.40 -38.23 3.13
N THR O 31 -8.78 -37.61 2.02
CA THR O 31 -8.03 -37.74 0.77
C THR O 31 -6.90 -36.72 0.74
N ALA O 32 -5.74 -37.17 0.29
CA ALA O 32 -4.55 -36.31 0.25
C ALA O 32 -4.51 -35.53 -1.06
N LEU O 33 -4.49 -34.21 -0.96
CA LEU O 33 -4.38 -33.37 -2.14
C LEU O 33 -2.92 -33.33 -2.59
N PRO O 34 -2.60 -33.73 -3.82
CA PRO O 34 -1.20 -33.73 -4.25
C PRO O 34 -0.65 -32.32 -4.35
N ILE O 35 0.53 -32.12 -3.75
CA ILE O 35 1.20 -30.83 -3.79
C ILE O 35 2.50 -30.91 -4.59
N TRP O 36 3.31 -31.95 -4.34
CA TRP O 36 4.58 -32.10 -5.04
C TRP O 36 4.84 -33.57 -5.30
N ASP O 37 5.39 -33.88 -6.47
CA ASP O 37 5.73 -35.24 -6.84
C ASP O 37 7.10 -35.25 -7.51
N ASP O 38 7.77 -36.39 -7.40
CA ASP O 38 9.11 -36.56 -7.96
C ASP O 38 9.05 -37.51 -9.16
N ALA O 39 9.64 -37.08 -10.27
CA ALA O 39 9.69 -37.87 -11.49
C ALA O 39 11.12 -38.13 -11.95
N THR O 40 12.11 -37.77 -11.15
CA THR O 40 13.51 -37.94 -11.50
C THR O 40 14.10 -39.10 -10.70
N THR O 41 15.36 -39.42 -11.01
CA THR O 41 16.09 -40.49 -10.34
C THR O 41 17.06 -39.96 -9.29
N PHE O 42 17.01 -38.67 -8.99
CA PHE O 42 17.92 -38.08 -8.02
C PHE O 42 17.45 -38.38 -6.60
N VAL O 43 18.33 -38.08 -5.64
CA VAL O 43 18.02 -38.14 -4.22
C VAL O 43 17.83 -36.71 -3.74
N ILE O 44 16.66 -36.43 -3.18
CA ILE O 44 16.23 -35.07 -2.87
C ILE O 44 16.05 -34.94 -1.36
N ASN O 45 16.66 -33.91 -0.78
CA ASN O 45 16.48 -33.56 0.61
C ASN O 45 15.79 -32.20 0.71
N GLY O 46 15.38 -31.85 1.92
CA GLY O 46 14.89 -30.49 2.13
C GLY O 46 13.95 -30.40 3.31
N THR O 47 13.47 -29.19 3.53
CA THR O 47 12.56 -28.87 4.63
C THR O 47 11.21 -28.46 4.08
N ILE O 48 10.15 -28.89 4.77
CA ILE O 48 8.77 -28.64 4.40
C ILE O 48 8.13 -27.87 5.54
N MET O 49 7.50 -26.73 5.23
CA MET O 49 6.85 -25.88 6.21
C MET O 49 5.40 -25.67 5.81
N VAL O 50 4.50 -25.82 6.78
CA VAL O 50 3.07 -25.60 6.59
C VAL O 50 2.61 -24.60 7.64
N GLU O 51 1.94 -23.53 7.20
CA GLU O 51 1.43 -22.50 8.08
C GLU O 51 -0.07 -22.36 7.84
N ASN O 52 -0.86 -22.47 8.89
CA ASN O 52 -2.32 -22.36 8.78
C ASN O 52 -2.74 -21.01 9.34
N ASN O 53 -3.09 -20.09 8.45
CA ASN O 53 -3.45 -18.73 8.82
C ASN O 53 -4.96 -18.53 8.99
N GLY O 54 -5.75 -19.59 8.86
CA GLY O 54 -7.19 -19.46 9.00
C GLY O 54 -7.61 -18.91 10.34
N THR O 55 -8.91 -18.63 10.50
CA THR O 55 -9.41 -18.10 11.76
C THR O 55 -9.16 -19.10 12.89
N VAL O 56 -8.83 -18.58 14.06
CA VAL O 56 -8.48 -19.43 15.19
C VAL O 56 -9.73 -20.12 15.71
N GLY O 57 -9.66 -21.43 15.88
CA GLY O 57 -10.74 -22.21 16.44
C GLY O 57 -11.90 -22.47 15.50
N VAL O 58 -11.78 -22.10 14.22
CA VAL O 58 -12.87 -22.28 13.26
C VAL O 58 -12.37 -23.06 12.06
N GLY O 59 -11.26 -22.61 11.47
CA GLY O 59 -10.77 -23.18 10.25
C GLY O 59 -10.30 -24.61 10.40
N PRO O 60 -10.38 -25.40 9.33
CA PRO O 60 -9.94 -26.80 9.41
C PRO O 60 -8.44 -26.90 9.67
N THR O 61 -8.05 -28.03 10.25
CA THR O 61 -6.64 -28.35 10.47
C THR O 61 -6.08 -29.07 9.25
N ALA O 62 -4.76 -29.00 9.11
CA ALA O 62 -4.05 -29.61 7.98
C ALA O 62 -3.01 -30.60 8.50
N ALA O 63 -2.81 -31.66 7.73
CA ALA O 63 -1.82 -32.69 8.07
C ALA O 63 -0.97 -32.98 6.84
N LEU O 64 0.33 -33.17 7.07
CA LEU O 64 1.28 -33.43 6.00
C LEU O 64 1.39 -34.92 5.73
N THR O 65 1.57 -35.26 4.46
CA THR O 65 1.80 -36.64 4.05
C THR O 65 2.97 -36.67 3.10
N VAL O 66 3.95 -37.55 3.37
CA VAL O 66 5.17 -37.65 2.59
C VAL O 66 5.39 -39.11 2.26
N ASN O 67 5.72 -39.40 0.99
CA ASN O 67 5.99 -40.76 0.54
C ASN O 67 4.77 -41.67 0.75
N GLY O 68 3.58 -41.07 0.77
CA GLY O 68 2.37 -41.84 0.97
C GLY O 68 2.08 -42.22 2.40
N THR O 69 2.88 -41.76 3.35
CA THR O 69 2.70 -42.08 4.77
C THR O 69 2.61 -40.78 5.55
N ALA O 70 1.59 -40.68 6.41
CA ALA O 70 1.40 -39.47 7.20
C ALA O 70 2.54 -39.31 8.20
N VAL O 71 3.00 -38.07 8.37
CA VAL O 71 4.05 -37.78 9.33
C VAL O 71 3.47 -37.84 10.74
N GLY O 72 4.17 -38.53 11.63
CA GLY O 72 3.68 -38.73 12.98
C GLY O 72 3.44 -37.44 13.74
N GLY O 73 2.17 -37.13 14.00
CA GLY O 73 1.82 -35.99 14.81
C GLY O 73 1.87 -34.65 14.12
N PHE O 74 2.12 -34.62 12.81
CA PHE O 74 2.22 -33.36 12.07
C PHE O 74 0.82 -32.89 11.69
N VAL O 75 0.15 -32.25 12.64
CA VAL O 75 -1.12 -31.59 12.44
C VAL O 75 -0.98 -30.15 12.90
N VAL O 76 -1.42 -29.21 12.06
CA VAL O 76 -1.24 -27.78 12.33
C VAL O 76 -2.62 -27.17 12.55
N ALA O 77 -2.80 -26.55 13.71
CA ALA O 77 -4.02 -25.82 14.02
C ALA O 77 -3.91 -24.39 13.51
N PRO O 78 -5.05 -23.70 13.34
CA PRO O 78 -4.99 -22.33 12.84
C PRO O 78 -4.21 -21.42 13.76
N GLY O 79 -3.49 -20.47 13.15
CA GLY O 79 -2.60 -19.61 13.89
C GLY O 79 -1.27 -20.23 14.25
N GLU O 80 -0.78 -21.18 13.45
CA GLU O 80 0.45 -21.88 13.76
C GLU O 80 1.21 -22.17 12.47
N CYS O 81 2.50 -22.48 12.63
CA CYS O 81 3.33 -22.99 11.55
C CYS O 81 4.15 -24.15 12.09
N ARG O 82 4.50 -25.08 11.21
CA ARG O 82 5.34 -26.21 11.59
C ARG O 82 6.19 -26.62 10.40
N SER O 83 7.46 -26.90 10.69
CA SER O 83 8.43 -27.26 9.66
C SER O 83 9.16 -28.54 10.06
N ILE O 84 9.54 -29.31 9.05
CA ILE O 84 10.24 -30.58 9.26
C ILE O 84 11.24 -30.77 8.15
N THR O 85 12.46 -31.19 8.51
CA THR O 85 13.51 -31.47 7.54
C THR O 85 13.59 -32.97 7.32
N MET O 86 13.86 -33.38 6.08
CA MET O 86 13.88 -34.80 5.74
C MET O 86 14.78 -35.02 4.53
N ASN O 87 15.10 -36.30 4.32
CA ASN O 87 15.94 -36.75 3.23
C ASN O 87 15.19 -37.82 2.46
N ASP O 88 15.49 -37.92 1.16
CA ASP O 88 14.82 -38.87 0.28
C ASP O 88 13.31 -38.60 0.23
N ILE O 89 12.97 -37.40 -0.20
CA ILE O 89 11.58 -36.95 -0.31
C ILE O 89 11.15 -37.12 -1.76
N ASN O 90 10.02 -37.81 -1.96
CA ASN O 90 9.50 -38.06 -3.30
C ASN O 90 8.07 -37.58 -3.51
N SER O 91 7.33 -37.29 -2.44
CA SER O 91 5.96 -36.83 -2.59
C SER O 91 5.56 -36.00 -1.37
N ILE O 92 4.78 -34.95 -1.61
CA ILE O 92 4.26 -34.08 -0.57
C ILE O 92 2.79 -33.82 -0.85
N ALA O 93 1.95 -34.05 0.16
CA ALA O 93 0.52 -33.83 0.03
C ALA O 93 -0.03 -33.32 1.35
N ILE O 94 -1.22 -32.72 1.29
CA ILE O 94 -1.88 -32.11 2.44
C ILE O 94 -3.27 -32.70 2.57
N VAL O 95 -3.65 -33.04 3.80
CA VAL O 95 -4.98 -33.56 4.11
C VAL O 95 -5.65 -32.58 5.06
N GLY O 96 -6.82 -32.08 4.67
CA GLY O 96 -7.58 -31.15 5.49
C GLY O 96 -8.69 -31.86 6.24
N ALA O 97 -8.95 -31.40 7.47
CA ALA O 97 -9.98 -31.98 8.30
C ALA O 97 -10.63 -30.90 9.15
N GLY O 98 -11.95 -30.78 9.04
CA GLY O 98 -12.68 -29.80 9.83
C GLY O 98 -13.89 -29.24 9.09
N THR O 99 -14.30 -28.04 9.46
CA THR O 99 -15.42 -27.36 8.82
C THR O 99 -15.00 -25.94 8.45
N GLY O 100 -15.48 -25.50 7.29
CA GLY O 100 -15.09 -24.20 6.77
C GLY O 100 -13.88 -24.28 5.85
N THR O 101 -13.29 -23.12 5.60
CA THR O 101 -12.14 -23.01 4.71
C THR O 101 -11.03 -22.25 5.43
N SER O 102 -9.78 -22.61 5.12
CA SER O 102 -8.62 -21.98 5.73
C SER O 102 -7.60 -21.62 4.66
N SER O 103 -6.92 -20.50 4.86
CA SER O 103 -5.83 -20.10 3.97
C SER O 103 -4.55 -20.74 4.47
N VAL O 104 -4.12 -21.81 3.82
CA VAL O 104 -2.99 -22.62 4.26
C VAL O 104 -1.84 -22.42 3.29
N LYS O 105 -0.67 -22.05 3.82
CA LYS O 105 0.51 -21.77 3.02
C LYS O 105 1.48 -22.92 3.16
N ILE O 106 1.90 -23.47 2.03
CA ILE O 106 2.86 -24.57 1.97
C ILE O 106 4.12 -24.07 1.28
N SER O 107 5.26 -24.24 1.95
CA SER O 107 6.56 -23.95 1.36
C SER O 107 7.47 -25.16 1.55
N PHE O 108 8.43 -25.29 0.65
CA PHE O 108 9.36 -26.41 0.76
C PHE O 108 10.60 -26.16 -0.07
N SER O 109 11.72 -26.68 0.42
CA SER O 109 13.01 -26.55 -0.25
C SER O 109 13.41 -27.89 -0.86
N ILE O 110 13.88 -27.84 -2.10
CA ILE O 110 14.39 -29.01 -2.81
C ILE O 110 15.90 -28.82 -2.94
N ASN O 111 16.67 -29.73 -2.34
CA ASN O 111 18.12 -29.71 -2.41
C ASN O 111 18.63 -31.03 -2.96
N TYR O 112 19.45 -30.97 -3.99
CA TYR O 112 20.03 -32.16 -4.58
C TYR O 112 21.27 -31.75 -5.39
N LYS O 113 21.87 -32.73 -6.06
CA LYS O 113 23.05 -32.50 -6.89
C LYS O 113 22.92 -33.31 -8.17
N PHE O 114 23.47 -32.77 -9.26
CA PHE O 114 23.41 -33.44 -10.55
C PHE O 114 24.69 -33.26 -11.33
N ALA P 2 58.39 -38.41 -17.05
CA ALA P 2 57.99 -37.07 -16.63
C ALA P 2 56.71 -36.65 -17.33
N GLN P 3 55.72 -36.22 -16.54
CA GLN P 3 54.45 -35.80 -17.11
C GLN P 3 54.64 -34.55 -17.96
N ILE P 4 53.96 -34.52 -19.10
CA ILE P 4 53.96 -33.37 -20.00
C ILE P 4 52.54 -32.85 -20.08
N GLY P 5 52.34 -31.61 -19.65
CA GLY P 5 51.00 -31.04 -19.59
C GLY P 5 50.21 -31.61 -18.43
N ASN P 6 48.95 -31.18 -18.37
CA ASN P 6 48.03 -31.66 -17.33
C ASN P 6 46.67 -31.88 -17.96
N CYS P 7 46.10 -33.06 -17.71
CA CYS P 7 44.74 -33.33 -18.17
C CYS P 7 43.77 -32.33 -17.56
N CYS P 8 43.94 -32.02 -16.28
CA CYS P 8 43.18 -30.98 -15.60
C CYS P 8 41.67 -31.21 -15.73
N THR P 9 40.95 -30.16 -16.12
CA THR P 9 39.49 -30.23 -16.24
C THR P 9 39.05 -29.12 -17.17
N GLU P 10 37.73 -29.04 -17.37
CA GLU P 10 37.08 -28.04 -18.23
C GLU P 10 35.94 -27.38 -17.47
N GLN P 11 36.25 -26.88 -16.27
CA GLN P 11 35.24 -26.46 -15.30
C GLN P 11 34.06 -25.77 -15.98
N LEU P 12 32.86 -26.14 -15.54
CA LEU P 12 31.61 -25.69 -16.14
C LEU P 12 30.87 -24.81 -15.15
N CYS P 13 30.37 -23.67 -15.63
CA CYS P 13 29.55 -22.80 -14.81
C CYS P 13 28.13 -23.35 -14.75
N CYS P 14 27.54 -23.35 -13.56
CA CYS P 14 26.21 -23.91 -13.35
C CYS P 14 25.20 -22.77 -13.32
N VAL P 15 24.21 -22.82 -14.21
CA VAL P 15 23.18 -21.80 -14.33
C VAL P 15 21.92 -22.30 -13.65
N ASN P 16 21.36 -21.48 -12.78
CA ASN P 16 20.13 -21.78 -12.05
C ASN P 16 19.29 -20.50 -12.11
N ASP P 17 18.37 -20.46 -13.07
CA ASP P 17 17.49 -19.31 -13.25
C ASP P 17 16.05 -19.66 -12.89
N ALA P 18 15.27 -18.62 -12.63
CA ALA P 18 13.85 -18.77 -12.27
C ALA P 18 13.03 -17.83 -13.12
N VAL P 19 11.84 -18.28 -13.53
CA VAL P 19 10.94 -17.49 -14.36
C VAL P 19 9.55 -17.57 -13.74
N CYS P 20 8.83 -16.44 -13.78
CA CYS P 20 7.47 -16.34 -13.24
C CYS P 20 6.65 -15.43 -14.13
N CYS P 21 5.41 -15.83 -14.42
CA CYS P 21 4.49 -14.94 -15.09
C CYS P 21 3.05 -15.32 -14.74
N THR P 22 2.13 -14.41 -15.06
CA THR P 22 0.71 -14.60 -14.80
C THR P 22 -0.06 -14.40 -16.09
N ILE P 23 -1.05 -15.26 -16.33
CA ILE P 23 -1.83 -15.24 -17.55
C ILE P 23 -3.31 -15.30 -17.21
N ILE P 24 -4.12 -14.81 -18.14
CA ILE P 24 -5.57 -14.90 -18.07
C ILE P 24 -5.95 -16.10 -18.93
N LEU P 25 -6.31 -17.21 -18.28
CA LEU P 25 -6.57 -18.47 -18.95
C LEU P 25 -8.06 -18.65 -19.14
N ASP P 26 -8.47 -18.96 -20.37
CA ASP P 26 -9.84 -19.28 -20.73
C ASP P 26 -9.86 -20.63 -21.44
N ASP P 27 -11.03 -20.98 -21.99
CA ASP P 27 -11.16 -22.24 -22.70
C ASP P 27 -10.44 -22.17 -24.03
N THR P 28 -9.48 -23.07 -24.25
CA THR P 28 -8.69 -23.12 -25.47
C THR P 28 -9.05 -24.29 -26.37
N GLY P 29 -10.06 -25.08 -26.00
CA GLY P 29 -10.47 -26.20 -26.83
C GLY P 29 -9.40 -27.27 -26.98
N GLY P 30 -8.66 -27.55 -25.91
CA GLY P 30 -7.67 -28.60 -25.92
C GLY P 30 -6.34 -28.23 -26.53
N THR P 31 -6.17 -27.00 -26.99
CA THR P 31 -4.92 -26.56 -27.58
C THR P 31 -3.97 -26.07 -26.50
N ALA P 32 -2.70 -26.46 -26.61
CA ALA P 32 -1.71 -26.12 -25.60
C ALA P 32 -1.10 -24.76 -25.93
N LEU P 33 -1.20 -23.81 -25.00
CA LEU P 33 -0.60 -22.51 -25.16
C LEU P 33 0.89 -22.59 -24.85
N PRO P 34 1.78 -22.25 -25.78
CA PRO P 34 3.22 -22.39 -25.50
C PRO P 34 3.67 -21.41 -24.43
N ILE P 35 4.39 -21.91 -23.43
CA ILE P 35 4.92 -21.11 -22.35
C ILE P 35 6.44 -21.05 -22.41
N TRP P 36 7.11 -22.18 -22.60
CA TRP P 36 8.56 -22.23 -22.64
C TRP P 36 9.00 -23.27 -23.65
N ASP P 37 10.06 -22.95 -24.39
CA ASP P 37 10.62 -23.85 -25.38
C ASP P 37 12.14 -23.84 -25.27
N ASP P 38 12.76 -24.94 -25.67
CA ASP P 38 14.21 -25.11 -25.61
C ASP P 38 14.78 -25.08 -27.02
N ALA P 39 15.81 -24.26 -27.22
CA ALA P 39 16.49 -24.15 -28.50
C ALA P 39 17.97 -24.45 -28.41
N THR P 40 18.44 -24.92 -27.25
CA THR P 40 19.84 -25.23 -27.03
C THR P 40 20.05 -26.73 -27.04
N THR P 41 21.32 -27.15 -26.93
CA THR P 41 21.70 -28.55 -26.91
C THR P 41 22.01 -29.03 -25.50
N PHE P 42 21.75 -28.21 -24.48
CA PHE P 42 22.04 -28.59 -23.11
C PHE P 42 20.98 -29.54 -22.56
N VAL P 43 21.26 -30.11 -21.40
CA VAL P 43 20.32 -30.92 -20.64
C VAL P 43 19.83 -30.06 -19.49
N ILE P 44 18.51 -29.87 -19.40
CA ILE P 44 17.90 -28.91 -18.49
C ILE P 44 17.02 -29.67 -17.51
N ASN P 45 17.22 -29.39 -16.22
CA ASN P 45 16.37 -29.91 -15.16
C ASN P 45 15.63 -28.75 -14.49
N GLY P 46 14.67 -29.08 -13.65
CA GLY P 46 14.05 -28.05 -12.83
C GLY P 46 12.66 -28.43 -12.38
N THR P 47 12.05 -27.51 -11.65
CA THR P 47 10.73 -27.68 -11.09
C THR P 47 9.76 -26.67 -11.72
N ILE P 48 8.54 -27.13 -11.98
CA ILE P 48 7.49 -26.34 -12.60
C ILE P 48 6.33 -26.26 -11.62
N MET P 49 5.86 -25.06 -11.34
CA MET P 49 4.76 -24.82 -10.42
C MET P 49 3.68 -24.03 -11.12
N VAL P 50 2.43 -24.47 -10.95
CA VAL P 50 1.25 -23.81 -11.50
C VAL P 50 0.29 -23.55 -10.36
N GLU P 51 -0.15 -22.30 -10.22
CA GLU P 51 -1.10 -21.90 -9.18
C GLU P 51 -2.29 -21.25 -9.85
N ASN P 52 -3.49 -21.74 -9.54
CA ASN P 52 -4.72 -21.21 -10.13
C ASN P 52 -5.43 -20.40 -9.06
N ASN P 53 -5.38 -19.07 -9.19
CA ASN P 53 -5.96 -18.16 -8.21
C ASN P 53 -7.36 -17.71 -8.56
N GLY P 54 -7.94 -18.23 -9.65
CA GLY P 54 -9.27 -17.83 -10.06
C GLY P 54 -10.31 -18.09 -9.00
N THR P 55 -11.54 -17.62 -9.24
CA THR P 55 -12.61 -17.84 -8.28
C THR P 55 -12.88 -19.32 -8.10
N VAL P 56 -13.18 -19.72 -6.87
CA VAL P 56 -13.36 -21.13 -6.55
C VAL P 56 -14.67 -21.63 -7.17
N GLY P 57 -14.60 -22.74 -7.89
CA GLY P 57 -15.77 -23.36 -8.45
C GLY P 57 -16.31 -22.70 -9.69
N VAL P 58 -15.62 -21.69 -10.23
CA VAL P 58 -16.11 -20.96 -11.39
C VAL P 58 -15.04 -20.97 -12.49
N GLY P 59 -13.83 -20.58 -12.13
CA GLY P 59 -12.77 -20.41 -13.10
C GLY P 59 -12.34 -21.73 -13.74
N PRO P 60 -11.84 -21.65 -14.98
CA PRO P 60 -11.40 -22.88 -15.66
C PRO P 60 -10.21 -23.52 -14.95
N THR P 61 -10.08 -24.82 -15.16
CA THR P 61 -8.93 -25.57 -14.66
C THR P 61 -7.81 -25.55 -15.69
N ALA P 62 -6.58 -25.77 -15.22
CA ALA P 62 -5.40 -25.76 -16.05
C ALA P 62 -4.67 -27.09 -15.94
N ALA P 63 -4.05 -27.51 -17.04
CA ALA P 63 -3.28 -28.74 -17.11
C ALA P 63 -1.92 -28.46 -17.74
N LEU P 64 -0.90 -29.09 -17.20
CA LEU P 64 0.47 -28.90 -17.68
C LEU P 64 0.78 -29.91 -18.78
N THR P 65 1.58 -29.47 -19.76
CA THR P 65 2.06 -30.33 -20.83
C THR P 65 3.55 -30.10 -20.99
N VAL P 66 4.32 -31.19 -20.98
CA VAL P 66 5.77 -31.13 -21.07
C VAL P 66 6.23 -32.10 -22.15
N ASN P 67 7.14 -31.65 -23.02
CA ASN P 67 7.67 -32.49 -24.09
C ASN P 67 6.56 -32.97 -25.02
N GLY P 68 5.47 -32.22 -25.11
CA GLY P 68 4.36 -32.59 -25.96
C GLY P 68 3.45 -33.65 -25.40
N THR P 69 3.67 -34.08 -24.16
CA THR P 69 2.85 -35.11 -23.53
C THR P 69 2.31 -34.57 -22.21
N ALA P 70 1.01 -34.73 -22.00
CA ALA P 70 0.39 -34.24 -20.78
C ALA P 70 0.89 -35.02 -19.58
N VAL P 71 1.13 -34.29 -18.48
CA VAL P 71 1.57 -34.93 -17.24
C VAL P 71 0.40 -35.66 -16.60
N GLY P 72 0.63 -36.90 -16.19
CA GLY P 72 -0.43 -37.72 -15.64
C GLY P 72 -1.09 -37.13 -14.41
N GLY P 73 -2.35 -36.70 -14.55
CA GLY P 73 -3.11 -36.23 -13.43
C GLY P 73 -2.82 -34.81 -12.99
N PHE P 74 -1.98 -34.08 -13.72
CA PHE P 74 -1.61 -32.71 -13.33
C PHE P 74 -2.69 -31.75 -13.84
N VAL P 75 -3.77 -31.66 -13.06
CA VAL P 75 -4.84 -30.69 -13.29
C VAL P 75 -5.02 -29.91 -11.99
N VAL P 76 -5.06 -28.59 -12.10
CA VAL P 76 -5.13 -27.71 -10.93
C VAL P 76 -6.48 -27.01 -10.94
N ALA P 77 -7.23 -27.17 -9.85
CA ALA P 77 -8.49 -26.48 -9.67
C ALA P 77 -8.24 -25.11 -9.03
N PRO P 78 -9.20 -24.19 -9.14
CA PRO P 78 -9.00 -22.87 -8.56
C PRO P 78 -8.81 -22.93 -7.05
N GLY P 79 -7.95 -22.06 -6.55
CA GLY P 79 -7.59 -22.09 -5.16
C GLY P 79 -6.55 -23.13 -4.80
N GLU P 80 -5.68 -23.50 -5.72
CA GLU P 80 -4.70 -24.55 -5.50
C GLU P 80 -3.39 -24.20 -6.21
N CYS P 81 -2.32 -24.88 -5.79
CA CYS P 81 -1.05 -24.85 -6.50
C CYS P 81 -0.52 -26.28 -6.57
N ARG P 82 0.27 -26.54 -7.60
CA ARG P 82 0.88 -27.85 -7.75
C ARG P 82 2.23 -27.70 -8.44
N SER P 83 3.23 -28.42 -7.94
CA SER P 83 4.59 -28.34 -8.44
C SER P 83 5.13 -29.74 -8.73
N ILE P 84 5.98 -29.82 -9.73
CA ILE P 84 6.57 -31.10 -10.13
C ILE P 84 8.01 -30.85 -10.58
N THR P 85 8.92 -31.71 -10.13
CA THR P 85 10.32 -31.63 -10.52
C THR P 85 10.59 -32.67 -11.61
N MET P 86 11.43 -32.31 -12.56
CA MET P 86 11.71 -33.19 -13.69
C MET P 86 13.09 -32.88 -14.26
N ASN P 87 13.56 -33.81 -15.10
CA ASN P 87 14.85 -33.74 -15.75
C ASN P 87 14.63 -33.89 -17.26
N ASP P 88 15.51 -33.27 -18.04
CA ASP P 88 15.41 -33.28 -19.50
C ASP P 88 14.09 -32.65 -19.95
N ILE P 89 13.92 -31.38 -19.59
CA ILE P 89 12.74 -30.60 -19.92
C ILE P 89 13.05 -29.75 -21.14
N ASN P 90 12.22 -29.85 -22.17
CA ASN P 90 12.41 -29.12 -23.41
C ASN P 90 11.24 -28.23 -23.80
N SER P 91 10.05 -28.45 -23.23
CA SER P 91 8.88 -27.64 -23.56
C SER P 91 7.92 -27.63 -22.40
N ILE P 92 7.27 -26.49 -22.19
CA ILE P 92 6.26 -26.30 -21.15
C ILE P 92 5.10 -25.54 -21.76
N ALA P 93 3.89 -26.09 -21.60
CA ALA P 93 2.68 -25.45 -22.11
C ALA P 93 1.53 -25.71 -21.14
N ILE P 94 0.49 -24.89 -21.27
CA ILE P 94 -0.67 -24.94 -20.40
C ILE P 94 -1.92 -25.09 -21.25
N VAL P 95 -2.82 -25.98 -20.83
CA VAL P 95 -4.10 -26.20 -21.49
C VAL P 95 -5.21 -25.84 -20.51
N GLY P 96 -6.07 -24.91 -20.90
CA GLY P 96 -7.19 -24.49 -20.07
C GLY P 96 -8.47 -25.18 -20.49
N ALA P 97 -9.31 -25.48 -19.51
CA ALA P 97 -10.59 -26.15 -19.76
C ALA P 97 -11.62 -25.65 -18.77
N GLY P 98 -12.74 -25.15 -19.28
CA GLY P 98 -13.82 -24.67 -18.44
C GLY P 98 -14.56 -23.48 -19.03
N THR P 99 -15.17 -22.68 -18.18
CA THR P 99 -15.90 -21.48 -18.60
C THR P 99 -15.45 -20.30 -17.76
N GLY P 100 -15.33 -19.15 -18.41
CA GLY P 100 -14.83 -17.96 -17.74
C GLY P 100 -13.32 -17.81 -17.91
N THR P 101 -12.75 -16.93 -17.07
CA THR P 101 -11.33 -16.63 -17.11
C THR P 101 -10.75 -16.77 -15.72
N SER P 102 -9.49 -17.20 -15.64
CA SER P 102 -8.80 -17.41 -14.37
C SER P 102 -7.42 -16.77 -14.43
N SER P 103 -6.98 -16.21 -13.30
CA SER P 103 -5.64 -15.68 -13.17
C SER P 103 -4.71 -16.81 -12.76
N VAL P 104 -3.95 -17.35 -13.71
CA VAL P 104 -3.12 -18.54 -13.49
C VAL P 104 -1.66 -18.12 -13.53
N LYS P 105 -0.92 -18.46 -12.48
CA LYS P 105 0.48 -18.09 -12.34
C LYS P 105 1.34 -19.32 -12.61
N ILE P 106 2.29 -19.17 -13.53
CA ILE P 106 3.23 -20.22 -13.90
C ILE P 106 4.62 -19.77 -13.52
N SER P 107 5.32 -20.61 -12.74
CA SER P 107 6.71 -20.39 -12.40
C SER P 107 7.50 -21.65 -12.71
N PHE P 108 8.78 -21.49 -13.00
CA PHE P 108 9.61 -22.66 -13.27
C PHE P 108 11.08 -22.30 -13.16
N SER P 109 11.86 -23.29 -12.72
CA SER P 109 13.30 -23.15 -12.56
C SER P 109 14.02 -23.90 -13.67
N ILE P 110 15.02 -23.26 -14.25
CA ILE P 110 15.89 -23.86 -15.26
C ILE P 110 17.25 -24.05 -14.61
N ASN P 111 17.70 -25.30 -14.52
CA ASN P 111 19.01 -25.63 -13.96
C ASN P 111 19.79 -26.45 -14.98
N TYR P 112 21.01 -26.00 -15.28
CA TYR P 112 21.88 -26.71 -16.20
C TYR P 112 23.32 -26.27 -15.95
N LYS P 113 24.22 -26.77 -16.79
CA LYS P 113 25.63 -26.42 -16.70
C LYS P 113 26.19 -26.23 -18.10
N PHE P 114 27.16 -25.33 -18.23
CA PHE P 114 27.76 -25.06 -19.53
C PHE P 114 29.25 -24.80 -19.41
N ALA Q 2 62.00 -34.28 -12.76
CA ALA Q 2 61.34 -33.44 -11.76
C ALA Q 2 60.52 -32.34 -12.43
N GLN Q 3 59.25 -32.25 -12.05
CA GLN Q 3 58.37 -31.23 -12.62
C GLN Q 3 58.85 -29.83 -12.23
N ILE Q 4 58.80 -28.92 -13.19
CA ILE Q 4 59.15 -27.52 -12.98
C ILE Q 4 57.91 -26.69 -13.25
N GLY Q 5 57.43 -26.00 -12.23
CA GLY Q 5 56.20 -25.25 -12.33
C GLY Q 5 54.98 -26.16 -12.32
N ASN Q 6 53.82 -25.54 -12.51
CA ASN Q 6 52.56 -26.27 -12.54
C ASN Q 6 51.69 -25.67 -13.64
N CYS Q 7 51.17 -26.53 -14.51
CA CYS Q 7 50.23 -26.06 -15.52
C CYS Q 7 49.00 -25.44 -14.86
N CYS Q 8 48.51 -26.06 -13.78
CA CYS Q 8 47.43 -25.51 -12.97
C CYS Q 8 46.21 -25.18 -13.81
N THR Q 9 45.67 -23.97 -13.63
CA THR Q 9 44.47 -23.54 -14.33
C THR Q 9 44.44 -22.02 -14.36
N GLU Q 10 43.39 -21.47 -14.94
CA GLU Q 10 43.16 -20.04 -15.06
C GLU Q 10 41.74 -19.70 -14.61
N GLN Q 11 41.39 -20.17 -13.41
CA GLN Q 11 40.01 -20.17 -12.93
C GLN Q 11 39.26 -18.93 -13.36
N LEU Q 12 38.02 -19.13 -13.83
CA LEU Q 12 37.20 -18.08 -14.39
C LEU Q 12 36.00 -17.84 -13.48
N CYS Q 13 35.71 -16.57 -13.21
CA CYS Q 13 34.52 -16.21 -12.45
C CYS Q 13 33.30 -16.26 -13.35
N CYS Q 14 32.21 -16.83 -12.86
CA CYS Q 14 31.00 -17.00 -13.63
C CYS Q 14 30.00 -15.91 -13.24
N VAL Q 15 29.59 -15.12 -14.23
CA VAL Q 15 28.67 -14.01 -14.04
C VAL Q 15 27.28 -14.45 -14.46
N ASN Q 16 26.30 -14.23 -13.59
CA ASN Q 16 24.89 -14.57 -13.83
C ASN Q 16 24.09 -13.36 -13.35
N ASP Q 17 23.74 -12.48 -14.28
CA ASP Q 17 22.98 -11.27 -13.98
C ASP Q 17 21.58 -11.37 -14.56
N ALA Q 18 20.68 -10.54 -14.01
CA ALA Q 18 19.30 -10.49 -14.46
C ALA Q 18 18.91 -9.03 -14.68
N VAL Q 19 18.11 -8.79 -15.72
CA VAL Q 19 17.65 -7.45 -16.07
C VAL Q 19 16.15 -7.50 -16.30
N CYS Q 20 15.45 -6.45 -15.84
CA CYS Q 20 14.01 -6.33 -16.00
C CYS Q 20 13.65 -4.88 -16.27
N CYS Q 21 12.73 -4.65 -17.21
CA CYS Q 21 12.18 -3.33 -17.40
C CYS Q 21 10.79 -3.43 -18.01
N THR Q 22 10.07 -2.32 -17.97
CA THR Q 22 8.71 -2.22 -18.50
C THR Q 22 8.66 -1.06 -19.48
N ILE Q 23 7.97 -1.27 -20.60
CA ILE Q 23 7.87 -0.28 -21.67
C ILE Q 23 6.42 -0.12 -22.08
N ILE Q 24 6.12 1.03 -22.67
CA ILE Q 24 4.83 1.32 -23.26
C ILE Q 24 5.00 1.08 -24.75
N LEU Q 25 4.46 -0.03 -25.24
CA LEU Q 25 4.66 -0.47 -26.62
C LEU Q 25 3.45 -0.07 -27.45
N ASP Q 26 3.72 0.56 -28.58
CA ASP Q 26 2.71 0.94 -29.57
C ASP Q 26 3.15 0.39 -30.94
N ASP Q 27 2.44 0.80 -31.98
CA ASP Q 27 2.75 0.34 -33.32
C ASP Q 27 4.02 1.03 -33.82
N THR Q 28 5.02 0.23 -34.17
CA THR Q 28 6.31 0.73 -34.64
C THR Q 28 6.51 0.53 -36.13
N GLY Q 29 5.52 -0.01 -36.84
CA GLY Q 29 5.66 -0.20 -38.27
C GLY Q 29 6.74 -1.18 -38.66
N GLY Q 30 6.89 -2.26 -37.89
CA GLY Q 30 7.84 -3.30 -38.21
C GLY Q 30 9.26 -3.02 -37.79
N THR Q 31 9.55 -1.87 -37.19
CA THR Q 31 10.88 -1.54 -36.75
C THR Q 31 11.15 -2.11 -35.37
N ALA Q 32 12.34 -2.67 -35.19
CA ALA Q 32 12.69 -3.32 -33.93
C ALA Q 32 13.28 -2.29 -32.97
N LEU Q 33 12.67 -2.14 -31.81
CA LEU Q 33 13.17 -1.24 -30.79
C LEU Q 33 14.33 -1.92 -30.05
N PRO Q 34 15.53 -1.34 -30.04
CA PRO Q 34 16.66 -2.00 -29.38
C PRO Q 34 16.46 -2.07 -27.87
N ILE Q 35 16.65 -3.26 -27.31
CA ILE Q 35 16.53 -3.48 -25.88
C ILE Q 35 17.88 -3.83 -25.25
N TRP Q 36 18.64 -4.73 -25.88
CA TRP Q 36 19.92 -5.14 -25.35
C TRP Q 36 20.88 -5.40 -26.50
N ASP Q 37 22.14 -5.00 -26.32
CA ASP Q 37 23.18 -5.21 -27.32
C ASP Q 37 24.45 -5.68 -26.63
N ASP Q 38 25.27 -6.41 -27.37
CA ASP Q 38 26.51 -6.97 -26.86
C ASP Q 38 27.69 -6.25 -27.49
N ALA Q 39 28.63 -5.80 -26.65
CA ALA Q 39 29.82 -5.10 -27.10
C ALA Q 39 31.10 -5.81 -26.64
N THR Q 40 30.99 -6.99 -26.05
CA THR Q 40 32.13 -7.75 -25.56
C THR Q 40 32.43 -8.91 -26.50
N THR Q 41 33.51 -9.62 -26.19
CA THR Q 41 33.95 -10.78 -26.97
C THR Q 41 33.58 -12.09 -26.30
N PHE Q 42 32.80 -12.05 -25.23
CA PHE Q 42 32.42 -13.25 -24.51
C PHE Q 42 31.30 -13.99 -25.23
N VAL Q 43 31.04 -15.21 -24.79
CA VAL Q 43 29.91 -16.01 -25.24
C VAL Q 43 28.85 -15.96 -24.15
N ILE Q 44 27.66 -15.52 -24.49
CA ILE Q 44 26.61 -15.20 -23.53
C ILE Q 44 25.43 -16.12 -23.78
N ASN Q 45 24.96 -16.77 -22.71
CA ASN Q 45 23.74 -17.57 -22.75
C ASN Q 45 22.69 -16.93 -21.86
N GLY Q 46 21.46 -17.44 -21.94
CA GLY Q 46 20.45 -17.01 -20.98
C GLY Q 46 19.06 -17.18 -21.52
N THR Q 47 18.10 -16.79 -20.69
CA THR Q 47 16.68 -16.90 -21.00
C THR Q 47 16.07 -15.50 -21.09
N ILE Q 48 15.16 -15.34 -22.05
CA ILE Q 48 14.49 -14.07 -22.33
C ILE Q 48 12.99 -14.30 -22.14
N MET Q 49 12.35 -13.47 -21.33
CA MET Q 49 10.93 -13.57 -21.04
C MET Q 49 10.26 -12.24 -21.38
N VAL Q 50 9.12 -12.33 -22.07
CA VAL Q 50 8.31 -11.18 -22.44
C VAL Q 50 6.89 -11.42 -21.95
N GLU Q 51 6.35 -10.47 -21.19
CA GLU Q 51 4.99 -10.57 -20.67
C GLU Q 51 4.22 -9.34 -21.12
N ASN Q 52 3.07 -9.55 -21.75
CA ASN Q 52 2.24 -8.46 -22.25
C ASN Q 52 1.04 -8.33 -21.32
N ASN Q 53 1.03 -7.30 -20.49
CA ASN Q 53 -0.01 -7.07 -19.50
C ASN Q 53 -1.10 -6.13 -19.98
N GLY Q 54 -1.04 -5.68 -21.23
CA GLY Q 54 -2.03 -4.76 -21.75
C GLY Q 54 -3.43 -5.33 -21.69
N THR Q 55 -4.43 -4.49 -22.02
CA THR Q 55 -5.81 -4.95 -22.00
C THR Q 55 -6.01 -6.08 -23.00
N VAL Q 56 -6.84 -7.05 -22.62
CA VAL Q 56 -7.05 -8.23 -23.45
C VAL Q 56 -7.84 -7.85 -24.69
N GLY Q 57 -7.35 -8.24 -25.86
CA GLY Q 57 -8.05 -8.02 -27.10
C GLY Q 57 -7.98 -6.62 -27.63
N VAL Q 58 -7.20 -5.73 -27.02
CA VAL Q 58 -7.11 -4.34 -27.43
C VAL Q 58 -5.65 -3.97 -27.70
N GLY Q 59 -4.79 -4.24 -26.72
CA GLY Q 59 -3.42 -3.81 -26.78
C GLY Q 59 -2.63 -4.49 -27.89
N PRO Q 60 -1.61 -3.82 -28.42
CA PRO Q 60 -0.80 -4.42 -29.49
C PRO Q 60 -0.06 -5.65 -29.00
N THR Q 61 0.26 -6.53 -29.95
CA THR Q 61 1.08 -7.69 -29.69
C THR Q 61 2.56 -7.36 -29.86
N ALA Q 62 3.40 -8.15 -29.22
CA ALA Q 62 4.85 -7.95 -29.25
C ALA Q 62 5.53 -9.19 -29.78
N ALA Q 63 6.64 -8.99 -30.50
CA ALA Q 63 7.43 -10.07 -31.07
C ALA Q 63 8.91 -9.85 -30.73
N LEU Q 64 9.59 -10.93 -30.39
CA LEU Q 64 10.99 -10.88 -30.03
C LEU Q 64 11.88 -11.03 -31.25
N THR Q 65 13.01 -10.31 -31.24
CA THR Q 65 14.01 -10.41 -32.30
C THR Q 65 15.37 -10.56 -31.64
N VAL Q 66 16.12 -11.57 -32.06
CA VAL Q 66 17.43 -11.87 -31.49
C VAL Q 66 18.42 -12.05 -32.64
N ASN Q 67 19.59 -11.44 -32.51
CA ASN Q 67 20.64 -11.53 -33.52
C ASN Q 67 20.16 -11.01 -34.87
N GLY Q 68 19.19 -10.09 -34.85
CA GLY Q 68 18.67 -9.54 -36.07
C GLY Q 68 17.68 -10.41 -36.82
N THR Q 69 17.31 -11.55 -36.25
CA THR Q 69 16.38 -12.47 -36.87
C THR Q 69 15.23 -12.74 -35.91
N ALA Q 70 14.01 -12.64 -36.41
CA ALA Q 70 12.83 -12.86 -35.58
C ALA Q 70 12.75 -14.31 -35.15
N VAL Q 71 12.38 -14.53 -33.89
CA VAL Q 71 12.22 -15.88 -33.38
C VAL Q 71 10.94 -16.48 -33.93
N GLY Q 72 11.04 -17.71 -34.43
CA GLY Q 72 9.91 -18.37 -35.06
C GLY Q 72 8.70 -18.50 -34.17
N GLY Q 73 7.64 -17.76 -34.47
CA GLY Q 73 6.39 -17.90 -33.76
C GLY Q 73 6.32 -17.21 -32.42
N PHE Q 74 7.35 -16.46 -32.04
CA PHE Q 74 7.38 -15.80 -30.73
C PHE Q 74 6.61 -14.48 -30.84
N VAL Q 75 5.29 -14.59 -30.72
CA VAL Q 75 4.39 -13.44 -30.64
C VAL Q 75 3.55 -13.62 -29.38
N VAL Q 76 3.45 -12.57 -28.58
CA VAL Q 76 2.77 -12.62 -27.29
C VAL Q 76 1.54 -11.74 -27.36
N ALA Q 77 0.38 -12.32 -27.10
CA ALA Q 77 -0.87 -11.58 -27.02
C ALA Q 77 -1.07 -11.04 -25.61
N PRO Q 78 -1.91 -10.03 -25.44
CA PRO Q 78 -2.12 -9.47 -24.11
C PRO Q 78 -2.68 -10.50 -23.15
N GLY Q 79 -2.24 -10.41 -21.89
CA GLY Q 79 -2.59 -11.39 -20.89
C GLY Q 79 -1.79 -12.67 -20.97
N GLU Q 80 -0.54 -12.60 -21.43
CA GLU Q 80 0.29 -13.78 -21.61
C GLU Q 80 1.73 -13.46 -21.30
N CYS Q 81 2.51 -14.51 -21.06
CA CYS Q 81 3.97 -14.40 -20.97
C CYS Q 81 4.58 -15.55 -21.76
N ARG Q 82 5.79 -15.33 -22.27
CA ARG Q 82 6.50 -16.37 -22.99
C ARG Q 82 7.99 -16.19 -22.77
N SER Q 83 8.68 -17.31 -22.54
CA SER Q 83 10.11 -17.32 -22.26
C SER Q 83 10.81 -18.33 -23.16
N ILE Q 84 12.06 -18.01 -23.50
CA ILE Q 84 12.86 -18.85 -24.38
C ILE Q 84 14.31 -18.79 -23.91
N THR Q 85 14.95 -19.95 -23.84
CA THR Q 85 16.36 -20.05 -23.47
C THR Q 85 17.20 -20.21 -24.73
N MET Q 86 18.37 -19.59 -24.74
CA MET Q 86 19.22 -19.61 -25.92
C MET Q 86 20.68 -19.41 -25.52
N ASN Q 87 21.56 -19.70 -26.47
CA ASN Q 87 23.00 -19.60 -26.31
C ASN Q 87 23.54 -18.72 -27.43
N ASP Q 88 24.63 -18.02 -27.15
CA ASP Q 88 25.25 -17.10 -28.10
C ASP Q 88 24.27 -15.99 -28.48
N ILE Q 89 23.86 -15.24 -27.47
CA ILE Q 89 22.92 -14.13 -27.63
C ILE Q 89 23.72 -12.84 -27.69
N ASN Q 90 23.49 -12.04 -28.73
CA ASN Q 90 24.20 -10.78 -28.93
C ASN Q 90 23.28 -9.57 -29.05
N SER Q 91 21.99 -9.76 -29.30
CA SER Q 91 21.09 -8.63 -29.44
C SER Q 91 19.67 -9.08 -29.10
N ILE Q 92 18.92 -8.19 -28.46
CA ILE Q 92 17.52 -8.42 -28.09
C ILE Q 92 16.74 -7.16 -28.44
N ALA Q 93 15.64 -7.33 -29.18
CA ALA Q 93 14.80 -6.22 -29.56
C ALA Q 93 13.35 -6.68 -29.60
N ILE Q 94 12.43 -5.71 -29.54
CA ILE Q 94 11.00 -5.97 -29.50
C ILE Q 94 10.34 -5.20 -30.63
N VAL Q 95 9.42 -5.87 -31.33
CA VAL Q 95 8.64 -5.26 -32.40
C VAL Q 95 7.18 -5.30 -31.99
N GLY Q 96 6.53 -4.14 -31.96
CA GLY Q 96 5.12 -4.04 -31.61
C GLY Q 96 4.26 -3.93 -32.85
N ALA Q 97 3.07 -4.53 -32.78
CA ALA Q 97 2.13 -4.50 -33.90
C ALA Q 97 0.71 -4.47 -33.37
N GLY Q 98 -0.06 -3.47 -33.80
CA GLY Q 98 -1.44 -3.34 -33.39
C GLY Q 98 -1.88 -1.90 -33.25
N THR Q 99 -2.90 -1.66 -32.43
CA THR Q 99 -3.42 -0.33 -32.18
C THR Q 99 -3.52 -0.11 -30.67
N GLY Q 100 -3.19 1.11 -30.24
CA GLY Q 100 -3.17 1.43 -28.83
C GLY Q 100 -1.80 1.24 -28.23
N THR Q 101 -1.76 1.20 -26.90
CA THR Q 101 -0.53 1.05 -26.14
C THR Q 101 -0.67 -0.08 -25.14
N SER Q 102 0.42 -0.79 -24.88
CA SER Q 102 0.42 -1.91 -23.95
C SER Q 102 1.60 -1.79 -23.00
N SER Q 103 1.40 -2.20 -21.76
CA SER Q 103 2.48 -2.26 -20.77
C SER Q 103 3.17 -3.60 -20.90
N VAL Q 104 4.33 -3.63 -21.56
CA VAL Q 104 5.03 -4.86 -21.89
C VAL Q 104 6.30 -4.94 -21.04
N LYS Q 105 6.47 -6.04 -20.32
CA LYS Q 105 7.59 -6.25 -19.43
C LYS Q 105 8.58 -7.21 -20.07
N ILE Q 106 9.83 -6.79 -20.17
CA ILE Q 106 10.91 -7.60 -20.73
C ILE Q 106 11.91 -7.90 -19.62
N SER Q 107 12.21 -9.18 -19.43
CA SER Q 107 13.24 -9.62 -18.51
C SER Q 107 14.17 -10.58 -19.23
N PHE Q 108 15.42 -10.63 -18.79
CA PHE Q 108 16.37 -11.55 -19.41
C PHE Q 108 17.57 -11.76 -18.50
N SER Q 109 18.12 -12.97 -18.59
CA SER Q 109 19.29 -13.36 -17.81
C SER Q 109 20.51 -13.44 -18.72
N ILE Q 110 21.62 -12.88 -18.24
CA ILE Q 110 22.91 -12.93 -18.93
C ILE Q 110 23.80 -13.85 -18.11
N ASN Q 111 24.24 -14.95 -18.72
CA ASN Q 111 25.13 -15.90 -18.07
C ASN Q 111 26.37 -16.09 -18.93
N TYR Q 112 27.54 -15.92 -18.33
CA TYR Q 112 28.80 -16.11 -19.02
C TYR Q 112 29.91 -16.33 -18.00
N LYS Q 113 31.14 -16.44 -18.49
CA LYS Q 113 32.30 -16.62 -17.62
C LYS Q 113 33.44 -15.77 -18.15
N PHE Q 114 34.29 -15.29 -17.23
CA PHE Q 114 35.42 -14.46 -17.62
C PHE Q 114 36.64 -14.75 -16.76
N ALA R 2 62.69 -34.85 -5.98
CA ALA R 2 61.57 -34.64 -5.06
C ALA R 2 61.11 -33.19 -5.08
N GLN R 3 59.82 -32.99 -5.28
CA GLN R 3 59.26 -31.64 -5.32
C GLN R 3 59.42 -30.95 -3.98
N ILE R 4 59.79 -29.69 -4.00
CA ILE R 4 59.90 -28.86 -2.80
C ILE R 4 58.90 -27.72 -2.92
N GLY R 5 57.94 -27.68 -2.01
CA GLY R 5 56.87 -26.72 -2.07
C GLY R 5 55.86 -27.05 -3.15
N ASN R 6 54.89 -26.16 -3.32
CA ASN R 6 53.86 -26.33 -4.33
C ASN R 6 53.60 -24.99 -4.97
N CYS R 7 53.61 -24.96 -6.31
CA CYS R 7 53.24 -23.74 -7.02
C CYS R 7 51.82 -23.33 -6.67
N CYS R 8 50.91 -24.30 -6.59
CA CYS R 8 49.55 -24.07 -6.14
C CYS R 8 48.85 -22.97 -6.95
N THR R 9 48.23 -22.03 -6.25
CA THR R 9 47.50 -20.95 -6.89
C THR R 9 47.39 -19.78 -5.92
N GLU R 10 46.72 -18.72 -6.35
CA GLU R 10 46.49 -17.51 -5.57
C GLU R 10 45.02 -17.13 -5.62
N GLN R 11 44.16 -18.11 -5.31
CA GLN R 11 42.72 -18.01 -5.55
C GLN R 11 42.19 -16.61 -5.30
N LEU R 12 41.36 -16.14 -6.23
CA LEU R 12 40.84 -14.78 -6.22
C LEU R 12 39.34 -14.81 -5.97
N CYS R 13 38.88 -13.94 -5.08
CA CYS R 13 37.46 -13.79 -4.82
C CYS R 13 36.83 -12.94 -5.92
N CYS R 14 35.67 -13.37 -6.41
CA CYS R 14 34.99 -12.70 -7.50
C CYS R 14 33.87 -11.83 -6.94
N VAL R 15 33.94 -10.53 -7.21
CA VAL R 15 32.98 -9.55 -6.71
C VAL R 15 32.00 -9.24 -7.84
N ASN R 16 30.70 -9.32 -7.52
CA ASN R 16 29.62 -9.03 -8.46
C ASN R 16 28.61 -8.19 -7.67
N ASP R 17 28.70 -6.88 -7.82
CA ASP R 17 27.82 -5.94 -7.13
C ASP R 17 26.88 -5.27 -8.13
N ALA R 18 25.79 -4.72 -7.60
CA ALA R 18 24.79 -4.03 -8.40
C ALA R 18 24.47 -2.69 -7.74
N VAL R 19 24.26 -1.66 -8.56
CA VAL R 19 23.95 -0.32 -8.08
C VAL R 19 22.75 0.20 -8.85
N CYS R 20 21.85 0.90 -8.15
CA CYS R 20 20.66 1.49 -8.75
C CYS R 20 20.39 2.84 -8.11
N CYS R 21 20.03 3.82 -8.93
CA CYS R 21 19.56 5.09 -8.39
C CYS R 21 18.65 5.77 -9.40
N THR R 22 17.93 6.79 -8.93
CA THR R 22 17.00 7.56 -9.74
C THR R 22 17.36 9.03 -9.62
N ILE R 23 17.31 9.74 -10.76
CA ILE R 23 17.68 11.14 -10.82
C ILE R 23 16.60 11.92 -11.56
N ILE R 24 16.56 13.22 -11.28
CA ILE R 24 15.70 14.16 -11.99
C ILE R 24 16.59 14.82 -13.03
N LEU R 25 16.42 14.43 -14.29
CA LEU R 25 17.28 14.87 -15.38
C LEU R 25 16.61 16.01 -16.13
N ASP R 26 17.36 17.09 -16.32
CA ASP R 26 16.93 18.24 -17.10
C ASP R 26 18.00 18.54 -18.16
N ASP R 27 17.85 19.67 -18.84
CA ASP R 27 18.80 20.04 -19.88
C ASP R 27 20.11 20.50 -19.24
N THR R 28 21.20 19.82 -19.59
CA THR R 28 22.52 20.12 -19.04
C THR R 28 23.44 20.80 -20.05
N GLY R 29 22.95 21.11 -21.24
CA GLY R 29 23.77 21.79 -22.23
C GLY R 29 24.96 20.98 -22.70
N GLY R 30 24.78 19.67 -22.86
CA GLY R 30 25.84 18.81 -23.37
C GLY R 30 26.86 18.37 -22.35
N THR R 31 26.74 18.80 -21.09
CA THR R 31 27.68 18.41 -20.05
C THR R 31 27.27 17.07 -19.45
N ALA R 32 28.27 16.21 -19.23
CA ALA R 32 28.01 14.87 -18.71
C ALA R 32 28.00 14.90 -17.19
N LEU R 33 26.88 14.48 -16.60
CA LEU R 33 26.78 14.40 -15.15
C LEU R 33 27.48 13.13 -14.67
N PRO R 34 28.48 13.23 -13.80
CA PRO R 34 29.18 12.02 -13.37
C PRO R 34 28.29 11.12 -12.53
N ILE R 35 28.25 9.83 -12.88
CA ILE R 35 27.47 8.84 -12.16
C ILE R 35 28.37 7.83 -11.46
N TRP R 36 29.39 7.32 -12.15
CA TRP R 36 30.28 6.33 -11.56
C TRP R 36 31.69 6.57 -12.08
N ASP R 37 32.67 6.40 -11.21
CA ASP R 37 34.07 6.55 -11.57
C ASP R 37 34.88 5.43 -10.93
N ASP R 38 36.00 5.09 -11.57
CA ASP R 38 36.87 4.02 -11.12
C ASP R 38 38.16 4.60 -10.57
N ALA R 39 38.54 4.18 -9.36
CA ALA R 39 39.77 4.63 -8.72
C ALA R 39 40.70 3.48 -8.37
N THR R 40 40.40 2.27 -8.83
CA THR R 40 41.19 1.08 -8.55
C THR R 40 41.98 0.69 -9.80
N THR R 41 42.83 -0.32 -9.64
CA THR R 41 43.65 -0.85 -10.72
C THR R 41 43.08 -2.13 -11.31
N PHE R 42 41.88 -2.53 -10.91
CA PHE R 42 41.28 -3.76 -11.39
C PHE R 42 40.70 -3.56 -12.79
N VAL R 43 40.32 -4.67 -13.42
CA VAL R 43 39.60 -4.68 -14.69
C VAL R 43 38.15 -5.01 -14.38
N ILE R 44 37.24 -4.13 -14.78
CA ILE R 44 35.85 -4.18 -14.38
C ILE R 44 34.99 -4.38 -15.61
N ASN R 45 34.10 -5.37 -15.55
CA ASN R 45 33.10 -5.62 -16.58
C ASN R 45 31.72 -5.37 -16.01
N GLY R 46 30.72 -5.36 -16.88
CA GLY R 46 29.35 -5.34 -16.39
C GLY R 46 28.40 -4.75 -17.41
N THR R 47 27.14 -4.68 -17.01
CA THR R 47 26.05 -4.18 -17.84
C THR R 47 25.48 -2.91 -17.22
N ILE R 48 25.14 -1.96 -18.08
CA ILE R 48 24.61 -0.66 -17.70
C ILE R 48 23.23 -0.52 -18.33
N MET R 49 22.22 -0.20 -17.51
CA MET R 49 20.85 -0.05 -17.96
C MET R 49 20.34 1.34 -17.57
N VAL R 50 19.70 2.01 -18.52
CA VAL R 50 19.10 3.32 -18.31
C VAL R 50 17.64 3.23 -18.73
N GLU R 51 16.74 3.64 -17.84
CA GLU R 51 15.30 3.65 -18.10
C GLU R 51 14.77 5.05 -17.89
N ASN R 52 14.09 5.59 -18.90
CA ASN R 52 13.54 6.94 -18.82
C ASN R 52 12.03 6.83 -18.63
N ASN R 53 11.57 7.10 -17.42
CA ASN R 53 10.16 6.96 -17.05
C ASN R 53 9.39 8.27 -17.18
N GLY R 54 10.01 9.34 -17.65
CA GLY R 54 9.35 10.62 -17.77
C GLY R 54 8.13 10.55 -18.66
N THR R 55 7.36 11.65 -18.72
CA THR R 55 6.17 11.68 -19.56
C THR R 55 6.55 11.50 -21.02
N VAL R 56 5.70 10.77 -21.74
CA VAL R 56 6.00 10.44 -23.14
C VAL R 56 5.87 11.69 -24.00
N GLY R 57 6.90 11.95 -24.81
CA GLY R 57 6.87 13.07 -25.73
C GLY R 57 7.11 14.42 -25.11
N VAL R 58 7.44 14.49 -23.83
CA VAL R 58 7.64 15.76 -23.15
C VAL R 58 9.01 15.79 -22.48
N GLY R 59 9.30 14.76 -21.69
CA GLY R 59 10.52 14.74 -20.90
C GLY R 59 11.77 14.67 -21.75
N PRO R 60 12.87 15.20 -21.23
CA PRO R 60 14.14 15.16 -21.99
C PRO R 60 14.63 13.74 -22.19
N THR R 61 15.42 13.57 -23.25
CA THR R 61 16.08 12.30 -23.53
C THR R 61 17.43 12.25 -22.83
N ALA R 62 17.91 11.03 -22.60
CA ALA R 62 19.17 10.78 -21.91
C ALA R 62 20.10 9.98 -22.81
N ALA R 63 21.40 10.26 -22.68
CA ALA R 63 22.43 9.57 -23.44
C ALA R 63 23.54 9.12 -22.49
N LEU R 64 24.04 7.91 -22.72
CA LEU R 64 25.09 7.34 -21.89
C LEU R 64 26.47 7.72 -22.41
N THR R 65 27.40 7.93 -21.49
CA THR R 65 28.79 8.21 -21.83
C THR R 65 29.67 7.32 -20.97
N VAL R 66 30.59 6.60 -21.60
CA VAL R 66 31.49 5.67 -20.92
C VAL R 66 32.90 5.95 -21.37
N ASN R 67 33.83 6.00 -20.41
CA ASN R 67 35.25 6.24 -20.70
C ASN R 67 35.45 7.58 -21.41
N GLY R 68 34.54 8.52 -21.18
CA GLY R 68 34.63 9.83 -21.80
C GLY R 68 34.18 9.89 -23.24
N THR R 69 33.65 8.79 -23.78
CA THR R 69 33.20 8.75 -25.17
C THR R 69 31.75 8.28 -25.18
N ALA R 70 30.91 9.01 -25.91
CA ALA R 70 29.49 8.68 -26.00
C ALA R 70 29.30 7.35 -26.71
N VAL R 71 28.38 6.53 -26.20
CA VAL R 71 28.08 5.25 -26.83
C VAL R 71 27.27 5.49 -28.10
N GLY R 72 27.67 4.85 -29.19
CA GLY R 72 27.03 5.06 -30.47
C GLY R 72 25.55 4.75 -30.48
N GLY R 73 24.73 5.79 -30.60
CA GLY R 73 23.30 5.62 -30.74
C GLY R 73 22.55 5.34 -29.45
N PHE R 74 23.22 5.39 -28.30
CA PHE R 74 22.57 5.10 -27.02
C PHE R 74 21.87 6.36 -26.52
N VAL R 75 20.67 6.58 -27.05
CA VAL R 75 19.77 7.64 -26.60
C VAL R 75 18.44 6.99 -26.25
N VAL R 76 17.90 7.31 -25.08
CA VAL R 76 16.68 6.70 -24.57
C VAL R 76 15.60 7.75 -24.52
N ALA R 77 14.49 7.49 -25.21
CA ALA R 77 13.32 8.35 -25.17
C ALA R 77 12.43 7.95 -23.99
N PRO R 78 11.54 8.85 -23.56
CA PRO R 78 10.68 8.53 -22.42
C PRO R 78 9.79 7.34 -22.71
N GLY R 79 9.56 6.53 -21.66
CA GLY R 79 8.84 5.29 -21.82
C GLY R 79 9.66 4.15 -22.39
N GLU R 80 10.96 4.13 -22.15
CA GLU R 80 11.84 3.12 -22.71
C GLU R 80 12.94 2.77 -21.72
N CYS R 81 13.57 1.62 -21.95
CA CYS R 81 14.79 1.24 -21.24
C CYS R 81 15.77 0.68 -22.25
N ARG R 82 17.06 0.82 -21.95
CA ARG R 82 18.10 0.27 -22.82
C ARG R 82 19.28 -0.15 -21.96
N SER R 83 19.84 -1.32 -22.29
CA SER R 83 20.94 -1.89 -21.54
C SER R 83 22.06 -2.31 -22.49
N ILE R 84 23.28 -2.21 -22.01
CA ILE R 84 24.47 -2.55 -22.81
C ILE R 84 25.50 -3.19 -21.88
N THR R 85 26.11 -4.28 -22.35
CA THR R 85 27.16 -4.97 -21.62
C THR R 85 28.50 -4.57 -22.19
N MET R 86 29.50 -4.42 -21.32
CA MET R 86 30.81 -3.97 -21.75
C MET R 86 31.88 -4.47 -20.77
N ASN R 87 33.13 -4.37 -21.23
CA ASN R 87 34.30 -4.78 -20.48
C ASN R 87 35.25 -3.60 -20.40
N ASP R 88 36.04 -3.57 -19.33
CA ASP R 88 36.99 -2.48 -19.08
C ASP R 88 36.25 -1.14 -18.98
N ILE R 89 35.34 -1.06 -18.00
CA ILE R 89 34.54 0.13 -17.76
C ILE R 89 35.18 0.89 -16.61
N ASN R 90 35.44 2.19 -16.85
CA ASN R 90 36.08 3.05 -15.86
C ASN R 90 35.27 4.29 -15.51
N SER R 91 34.28 4.66 -16.31
CA SER R 91 33.48 5.84 -16.01
C SER R 91 32.11 5.70 -16.65
N ILE R 92 31.09 6.20 -15.96
CA ILE R 92 29.71 6.20 -16.43
C ILE R 92 29.11 7.57 -16.13
N ALA R 93 28.53 8.19 -17.16
CA ALA R 93 27.90 9.49 -17.00
C ALA R 93 26.68 9.56 -17.90
N ILE R 94 25.80 10.52 -17.60
CA ILE R 94 24.55 10.70 -18.31
C ILE R 94 24.46 12.14 -18.79
N VAL R 95 24.04 12.33 -20.05
CA VAL R 95 23.85 13.64 -20.64
C VAL R 95 22.37 13.77 -20.99
N GLY R 96 21.72 14.80 -20.46
CA GLY R 96 20.31 15.06 -20.72
C GLY R 96 20.16 16.13 -21.79
N ALA R 97 19.12 15.98 -22.62
CA ALA R 97 18.84 16.92 -23.69
C ALA R 97 17.33 17.03 -23.89
N GLY R 98 16.82 18.25 -23.81
CA GLY R 98 15.41 18.49 -24.01
C GLY R 98 14.86 19.61 -23.15
N THR R 99 13.56 19.58 -22.88
CA THR R 99 12.91 20.58 -22.04
C THR R 99 12.08 19.87 -20.98
N GLY R 100 12.08 20.44 -19.78
CA GLY R 100 11.40 19.82 -18.66
C GLY R 100 12.33 18.93 -17.85
N THR R 101 11.71 18.10 -17.01
CA THR R 101 12.44 17.18 -16.14
C THR R 101 11.88 15.78 -16.31
N SER R 102 12.76 14.78 -16.16
CA SER R 102 12.37 13.38 -16.32
C SER R 102 12.95 12.56 -15.17
N SER R 103 12.19 11.57 -14.72
CA SER R 103 12.67 10.64 -13.70
C SER R 103 13.41 9.51 -14.39
N VAL R 104 14.74 9.57 -14.37
CA VAL R 104 15.59 8.63 -15.10
C VAL R 104 16.29 7.73 -14.11
N LYS R 105 16.16 6.42 -14.32
CA LYS R 105 16.71 5.40 -13.43
C LYS R 105 17.94 4.80 -14.09
N ILE R 106 19.06 4.81 -13.37
CA ILE R 106 20.33 4.25 -13.84
C ILE R 106 20.68 3.08 -12.93
N SER R 107 20.92 1.92 -13.53
CA SER R 107 21.40 0.75 -12.82
C SER R 107 22.63 0.20 -13.54
N PHE R 108 23.50 -0.46 -12.79
CA PHE R 108 24.69 -1.03 -13.42
C PHE R 108 25.31 -2.08 -12.50
N SER R 109 25.90 -3.08 -13.14
CA SER R 109 26.57 -4.17 -12.44
C SER R 109 28.09 -4.02 -12.58
N ILE R 110 28.79 -4.20 -11.46
CA ILE R 110 30.25 -4.20 -11.42
C ILE R 110 30.69 -5.63 -11.15
N ASN R 111 31.43 -6.21 -12.08
CA ASN R 111 31.95 -7.56 -11.95
C ASN R 111 33.46 -7.54 -12.12
N TYR R 112 34.18 -8.09 -11.15
CA TYR R 112 35.64 -8.17 -11.23
C TYR R 112 36.12 -9.26 -10.28
N LYS R 113 37.43 -9.39 -10.16
CA LYS R 113 38.05 -10.37 -9.28
C LYS R 113 39.25 -9.75 -8.59
N PHE R 114 39.51 -10.17 -7.36
CA PHE R 114 40.63 -9.63 -6.60
C PHE R 114 41.31 -10.71 -5.76
N ALA S 2 60.23 -39.48 -2.16
CA ALA S 2 58.79 -39.60 -1.91
C ALA S 2 58.28 -38.39 -1.13
N GLN S 3 57.24 -37.76 -1.65
CA GLN S 3 56.67 -36.59 -0.99
C GLN S 3 56.08 -36.98 0.36
N ILE S 4 56.30 -36.13 1.36
CA ILE S 4 55.75 -36.30 2.69
C ILE S 4 54.84 -35.11 2.97
N GLY S 5 53.56 -35.39 3.18
CA GLY S 5 52.57 -34.34 3.35
C GLY S 5 52.25 -33.65 2.04
N ASN S 6 51.42 -32.62 2.14
CA ASN S 6 51.02 -31.83 0.98
C ASN S 6 50.99 -30.37 1.39
N CYS S 7 51.65 -29.52 0.59
CA CYS S 7 51.58 -28.09 0.83
C CYS S 7 50.14 -27.60 0.74
N CYS S 8 49.39 -28.12 -0.24
CA CYS S 8 47.96 -27.85 -0.37
C CYS S 8 47.66 -26.36 -0.40
N THR S 9 46.71 -25.91 0.41
CA THR S 9 46.29 -24.53 0.44
C THR S 9 45.61 -24.25 1.78
N GLU S 10 45.16 -23.02 1.96
CA GLU S 10 44.47 -22.55 3.16
C GLU S 10 43.19 -21.83 2.78
N GLN S 11 42.37 -22.51 1.97
CA GLN S 11 41.24 -21.89 1.29
C GLN S 11 40.54 -20.86 2.17
N LEU S 12 40.21 -19.73 1.57
CA LEU S 12 39.65 -18.58 2.28
C LEU S 12 38.22 -18.35 1.81
N CYS S 13 37.32 -18.14 2.75
CA CYS S 13 35.94 -17.79 2.43
C CYS S 13 35.86 -16.33 2.07
N CYS S 14 35.12 -16.01 1.01
CA CYS S 14 35.01 -14.64 0.52
C CYS S 14 33.69 -14.05 1.00
N VAL S 15 33.77 -12.95 1.73
CA VAL S 15 32.60 -12.28 2.29
C VAL S 15 32.28 -11.08 1.41
N ASN S 16 31.00 -10.98 1.03
CA ASN S 16 30.49 -9.88 0.20
C ASN S 16 29.16 -9.47 0.84
N ASP S 17 29.20 -8.44 1.67
CA ASP S 17 28.02 -7.94 2.36
C ASP S 17 27.64 -6.56 1.82
N ALA S 18 26.37 -6.19 2.06
CA ALA S 18 25.83 -4.91 1.63
C ALA S 18 25.13 -4.25 2.81
N VAL S 19 25.25 -2.94 2.92
CA VAL S 19 24.64 -2.16 3.98
C VAL S 19 23.92 -0.97 3.36
N CYS S 20 22.75 -0.64 3.91
CA CYS S 20 21.96 0.49 3.45
C CYS S 20 21.30 1.15 4.65
N CYS S 21 21.29 2.49 4.66
CA CYS S 21 20.52 3.22 5.66
C CYS S 21 20.16 4.59 5.12
N THR S 22 19.22 5.24 5.79
CA THR S 22 18.74 6.57 5.44
C THR S 22 18.86 7.48 6.64
N ILE S 23 19.31 8.71 6.41
CA ILE S 23 19.55 9.68 7.47
C ILE S 23 18.91 11.00 7.09
N ILE S 24 18.63 11.80 8.12
CA ILE S 24 18.15 13.16 7.97
C ILE S 24 19.36 14.06 8.14
N LEU S 25 19.86 14.60 7.03
CA LEU S 25 21.11 15.35 7.02
C LEU S 25 20.79 16.84 7.05
N ASP S 26 21.44 17.55 7.97
CA ASP S 26 21.36 19.00 8.09
C ASP S 26 22.77 19.57 8.07
N ASP S 27 22.88 20.87 8.36
CA ASP S 27 24.18 21.52 8.37
C ASP S 27 24.97 21.10 9.60
N THR S 28 26.15 20.52 9.38
CA THR S 28 26.99 20.04 10.46
C THR S 28 28.24 20.91 10.67
N GLY S 29 28.36 22.00 9.94
CA GLY S 29 29.50 22.89 10.13
C GLY S 29 30.83 22.26 9.78
N GLY S 30 30.86 21.45 8.73
CA GLY S 30 32.10 20.85 8.27
C GLY S 30 32.54 19.61 9.02
N THR S 31 31.79 19.17 10.03
CA THR S 31 32.13 17.99 10.79
C THR S 31 31.59 16.74 10.09
N ALA S 32 32.42 15.70 10.05
CA ALA S 32 32.06 14.47 9.36
C ALA S 32 31.31 13.55 10.32
N LEU S 33 30.09 13.19 9.94
CA LEU S 33 29.30 12.25 10.73
C LEU S 33 29.77 10.83 10.46
N PRO S 34 30.21 10.07 11.47
CA PRO S 34 30.72 8.72 11.20
C PRO S 34 29.61 7.80 10.75
N ILE S 35 29.86 7.08 9.64
CA ILE S 35 28.92 6.12 9.10
C ILE S 35 29.44 4.69 9.23
N TRP S 36 30.70 4.47 8.87
CA TRP S 36 31.28 3.13 8.93
C TRP S 36 32.74 3.24 9.34
N ASP S 37 33.18 2.30 10.17
CA ASP S 37 34.56 2.25 10.62
C ASP S 37 35.05 0.81 10.58
N ASP S 38 36.36 0.65 10.42
CA ASP S 38 36.98 -0.66 10.34
C ASP S 38 37.80 -0.92 11.60
N ALA S 39 37.57 -2.09 12.21
CA ALA S 39 38.28 -2.50 13.41
C ALA S 39 39.03 -3.82 13.22
N THR S 40 39.09 -4.34 12.00
CA THR S 40 39.75 -5.60 11.70
C THR S 40 41.07 -5.33 10.99
N THR S 41 41.82 -6.41 10.75
CA THR S 41 43.10 -6.35 10.07
C THR S 41 43.00 -6.77 8.61
N PHE S 42 41.79 -6.98 8.10
CA PHE S 42 41.61 -7.41 6.72
C PHE S 42 41.77 -6.23 5.76
N VAL S 43 41.84 -6.56 4.47
CA VAL S 43 41.83 -5.57 3.40
C VAL S 43 40.45 -5.61 2.77
N ILE S 44 39.79 -4.46 2.75
CA ILE S 44 38.37 -4.36 2.39
C ILE S 44 38.24 -3.51 1.14
N ASN S 45 37.53 -4.02 0.15
CA ASN S 45 37.19 -3.29 -1.06
C ASN S 45 35.67 -3.09 -1.12
N GLY S 46 35.23 -2.26 -2.05
CA GLY S 46 33.81 -2.16 -2.29
C GLY S 46 33.42 -0.84 -2.91
N THR S 47 32.12 -0.70 -3.14
CA THR S 47 31.54 0.49 -3.75
C THR S 47 30.63 1.20 -2.74
N ILE S 48 30.68 2.53 -2.78
CA ILE S 48 29.92 3.39 -1.88
C ILE S 48 29.02 4.26 -2.73
N MET S 49 27.72 4.27 -2.42
CA MET S 49 26.73 5.03 -3.16
C MET S 49 25.98 5.95 -2.20
N VAL S 50 25.83 7.20 -2.60
CA VAL S 50 25.09 8.21 -1.83
C VAL S 50 24.03 8.81 -2.74
N GLU S 51 22.78 8.81 -2.28
CA GLU S 51 21.66 9.36 -3.03
C GLU S 51 20.97 10.41 -2.17
N ASN S 52 20.82 11.62 -2.71
CA ASN S 52 20.20 12.71 -1.97
C ASN S 52 18.80 12.93 -2.56
N ASN S 53 17.78 12.50 -1.81
CA ASN S 53 16.40 12.56 -2.26
C ASN S 53 15.67 13.81 -1.77
N GLY S 54 16.36 14.71 -1.08
CA GLY S 54 15.72 15.92 -0.57
C GLY S 54 15.10 16.76 -1.66
N THR S 55 14.38 17.80 -1.27
CA THR S 55 13.75 18.68 -2.24
C THR S 55 14.80 19.34 -3.12
N VAL S 56 14.49 19.51 -4.40
CA VAL S 56 15.44 20.05 -5.35
C VAL S 56 15.64 21.53 -5.09
N GLY S 57 16.91 21.94 -4.99
CA GLY S 57 17.25 23.34 -4.82
C GLY S 57 17.03 23.89 -3.43
N VAL S 58 16.69 23.04 -2.45
CA VAL S 58 16.41 23.50 -1.10
C VAL S 58 17.29 22.73 -0.12
N GLY S 59 17.25 21.40 -0.20
CA GLY S 59 17.92 20.56 0.77
C GLY S 59 19.43 20.69 0.72
N PRO S 60 20.09 20.45 1.84
CA PRO S 60 21.56 20.54 1.87
C PRO S 60 22.21 19.49 0.98
N THR S 61 23.42 19.80 0.55
CA THR S 61 24.24 18.86 -0.21
C THR S 61 25.08 18.02 0.74
N ALA S 62 25.49 16.85 0.25
CA ALA S 62 26.27 15.90 1.03
C ALA S 62 27.59 15.61 0.32
N ALA S 63 28.63 15.37 1.10
CA ALA S 63 29.96 15.05 0.60
C ALA S 63 30.50 13.83 1.33
N LEU S 64 31.15 12.94 0.59
CA LEU S 64 31.70 11.72 1.13
C LEU S 64 33.12 11.95 1.64
N THR S 65 33.47 11.27 2.73
CA THR S 65 34.82 11.30 3.27
C THR S 65 35.23 9.87 3.56
N VAL S 66 36.41 9.49 3.07
CA VAL S 66 36.93 8.13 3.22
C VAL S 66 38.36 8.22 3.71
N ASN S 67 38.71 7.40 4.72
CA ASN S 67 40.05 7.38 5.28
C ASN S 67 40.45 8.74 5.83
N GLY S 68 39.47 9.54 6.24
CA GLY S 68 39.74 10.86 6.77
C GLY S 68 40.05 11.91 5.75
N THR S 69 39.95 11.60 4.46
CA THR S 69 40.22 12.55 3.39
C THR S 69 39.01 12.63 2.48
N ALA S 70 38.58 13.85 2.17
CA ALA S 70 37.42 14.04 1.32
C ALA S 70 37.72 13.56 -0.10
N VAL S 71 36.73 12.90 -0.71
CA VAL S 71 36.88 12.43 -2.08
C VAL S 71 36.77 13.62 -3.03
N GLY S 72 37.70 13.71 -3.97
CA GLY S 72 37.75 14.84 -4.88
C GLY S 72 36.50 15.03 -5.70
N GLY S 73 35.75 16.10 -5.41
CA GLY S 73 34.59 16.45 -6.20
C GLY S 73 33.34 15.66 -5.90
N PHE S 74 33.36 14.79 -4.89
CA PHE S 74 32.20 13.96 -4.56
C PHE S 74 31.23 14.77 -3.70
N VAL S 75 30.43 15.59 -4.36
CA VAL S 75 29.35 16.33 -3.74
C VAL S 75 28.07 16.01 -4.51
N VAL S 76 27.00 15.67 -3.79
CA VAL S 76 25.75 15.23 -4.38
C VAL S 76 24.68 16.28 -4.09
N ALA S 77 24.08 16.81 -5.14
CA ALA S 77 22.97 17.74 -5.02
C ALA S 77 21.66 16.98 -4.92
N PRO S 78 20.61 17.61 -4.41
CA PRO S 78 19.33 16.89 -4.28
C PRO S 78 18.80 16.44 -5.63
N GLY S 79 18.17 15.28 -5.63
CA GLY S 79 17.71 14.67 -6.86
C GLY S 79 18.79 13.96 -7.64
N GLU S 80 19.81 13.43 -6.97
CA GLU S 80 20.94 12.80 -7.64
C GLU S 80 21.44 11.62 -6.81
N CYS S 81 22.20 10.74 -7.47
CA CYS S 81 22.94 9.69 -6.79
C CYS S 81 24.34 9.64 -7.40
N ARG S 82 25.29 9.19 -6.59
CA ARG S 82 26.67 9.04 -7.06
C ARG S 82 27.32 7.88 -6.34
N SER S 83 28.06 7.07 -7.09
CA SER S 83 28.71 5.88 -6.57
C SER S 83 30.17 5.86 -6.98
N ILE S 84 31.00 5.28 -6.12
CA ILE S 84 32.44 5.21 -6.35
C ILE S 84 32.95 3.88 -5.80
N THR S 85 33.79 3.20 -6.57
CA THR S 85 34.40 1.96 -6.16
C THR S 85 35.82 2.23 -5.69
N MET S 86 36.25 1.53 -4.64
CA MET S 86 37.57 1.75 -4.07
C MET S 86 38.06 0.49 -3.37
N ASN S 87 39.36 0.50 -3.07
CA ASN S 87 40.05 -0.59 -2.41
C ASN S 87 40.74 -0.03 -1.17
N ASP S 88 40.90 -0.89 -0.16
CA ASP S 88 41.51 -0.51 1.11
C ASP S 88 40.70 0.62 1.77
N ILE S 89 39.45 0.31 2.05
CA ILE S 89 38.52 1.26 2.68
C ILE S 89 38.45 0.94 4.16
N ASN S 90 38.69 1.95 4.99
CA ASN S 90 38.69 1.80 6.44
C ASN S 90 37.71 2.70 7.17
N SER S 91 37.21 3.75 6.52
CA SER S 91 36.27 4.66 7.18
C SER S 91 35.40 5.33 6.12
N ILE S 92 34.13 5.54 6.47
CA ILE S 92 33.16 6.22 5.61
C ILE S 92 32.38 7.20 6.47
N ALA S 93 32.32 8.45 6.03
CA ALA S 93 31.58 9.49 6.74
C ALA S 93 30.96 10.44 5.74
N ILE S 94 29.97 11.20 6.20
CA ILE S 94 29.21 12.12 5.37
C ILE S 94 29.25 13.49 6.02
N VAL S 95 29.47 14.52 5.20
CA VAL S 95 29.47 15.91 5.64
C VAL S 95 28.35 16.63 4.90
N GLY S 96 27.44 17.24 5.67
CA GLY S 96 26.33 17.98 5.11
C GLY S 96 26.62 19.47 5.11
N ALA S 97 26.13 20.16 4.08
CA ALA S 97 26.33 21.59 3.94
C ALA S 97 25.11 22.21 3.27
N GLY S 98 24.52 23.20 3.93
CA GLY S 98 23.36 23.90 3.39
C GLY S 98 22.38 24.34 4.45
N THR S 99 21.12 24.50 4.07
CA THR S 99 20.07 24.89 4.98
C THR S 99 18.89 23.94 4.82
N GLY S 100 18.26 23.61 5.94
CA GLY S 100 17.17 22.65 5.94
C GLY S 100 17.65 21.23 6.21
N THR S 101 16.79 20.27 5.92
CA THR S 101 17.06 18.86 6.13
C THR S 101 16.78 18.09 4.85
N SER S 102 17.56 17.03 4.63
CA SER S 102 17.43 16.20 3.43
C SER S 102 17.43 14.73 3.82
N SER S 103 16.64 13.94 3.11
CA SER S 103 16.64 12.48 3.31
C SER S 103 17.71 11.89 2.42
N VAL S 104 18.85 11.53 3.02
CA VAL S 104 20.03 11.08 2.29
C VAL S 104 20.23 9.60 2.58
N LYS S 105 20.33 8.81 1.51
CA LYS S 105 20.47 7.36 1.60
C LYS S 105 21.91 6.98 1.29
N ILE S 106 22.53 6.24 2.20
CA ILE S 106 23.90 5.77 2.04
C ILE S 106 23.86 4.24 1.96
N SER S 107 24.47 3.70 0.91
CA SER S 107 24.64 2.27 0.76
C SER S 107 26.10 1.98 0.45
N PHE S 108 26.56 0.79 0.82
CA PHE S 108 27.94 0.43 0.53
C PHE S 108 28.12 -1.07 0.64
N SER S 109 29.03 -1.59 -0.18
CA SER S 109 29.37 -3.00 -0.22
C SER S 109 30.74 -3.23 0.42
N ILE S 110 30.83 -4.25 1.27
CA ILE S 110 32.07 -4.67 1.90
C ILE S 110 32.44 -6.01 1.28
N ASN S 111 33.60 -6.07 0.62
CA ASN S 111 34.09 -7.29 0.01
C ASN S 111 35.49 -7.56 0.53
N TYR S 112 35.69 -8.78 1.05
CA TYR S 112 37.00 -9.18 1.54
C TYR S 112 37.04 -10.71 1.59
N LYS S 113 38.14 -11.24 2.11
CA LYS S 113 38.33 -12.68 2.24
C LYS S 113 38.98 -12.97 3.58
N PHE S 114 38.66 -14.13 4.15
CA PHE S 114 39.21 -14.51 5.44
C PHE S 114 39.49 -16.01 5.50
N ALA T 2 56.17 -44.91 -3.34
CA ALA T 2 54.81 -44.76 -3.83
C ALA T 2 53.90 -44.18 -2.74
N GLN T 3 53.20 -43.10 -3.07
CA GLN T 3 52.31 -42.47 -2.11
C GLN T 3 51.16 -43.41 -1.74
N ILE T 4 50.83 -43.44 -0.46
CA ILE T 4 49.72 -44.22 0.05
C ILE T 4 48.71 -43.24 0.64
N GLY T 5 47.50 -43.22 0.08
CA GLY T 5 46.50 -42.27 0.49
C GLY T 5 46.80 -40.86 -0.01
N ASN T 6 45.96 -39.93 0.41
CA ASN T 6 46.13 -38.53 0.03
C ASN T 6 45.81 -37.67 1.24
N CYS T 7 46.71 -36.74 1.56
CA CYS T 7 46.44 -35.80 2.63
C CYS T 7 45.19 -34.98 2.31
N CYS T 8 45.05 -34.56 1.06
CA CYS T 8 43.85 -33.88 0.58
C CYS T 8 43.51 -32.67 1.42
N THR T 9 42.25 -32.57 1.84
CA THR T 9 41.78 -31.42 2.62
C THR T 9 40.52 -31.84 3.38
N GLU T 10 39.96 -30.89 4.12
CA GLU T 10 38.76 -31.08 4.92
C GLU T 10 37.77 -29.96 4.64
N GLN T 11 37.49 -29.74 3.35
CA GLN T 11 36.79 -28.56 2.88
C GLN T 11 35.68 -28.13 3.83
N LEU T 12 35.62 -26.83 4.08
CA LEU T 12 34.71 -26.24 5.06
C LEU T 12 33.67 -25.39 4.34
N CYS T 13 32.41 -25.55 4.72
CA CYS T 13 31.36 -24.71 4.18
C CYS T 13 31.36 -23.37 4.91
N CYS T 14 31.21 -22.30 4.14
CA CYS T 14 31.25 -20.95 4.68
C CYS T 14 29.83 -20.43 4.85
N VAL T 15 29.48 -20.06 6.08
CA VAL T 15 28.15 -19.57 6.41
C VAL T 15 28.20 -18.05 6.51
N ASN T 16 27.27 -17.39 5.82
CA ASN T 16 27.15 -15.93 5.82
C ASN T 16 25.66 -15.64 5.96
N ASP T 17 25.23 -15.38 7.19
CA ASP T 17 23.83 -15.10 7.49
C ASP T 17 23.66 -13.63 7.89
N ALA T 18 22.42 -13.16 7.79
CA ALA T 18 22.07 -11.79 8.15
C ALA T 18 20.85 -11.81 9.05
N VAL T 19 20.82 -10.92 10.04
CA VAL T 19 19.71 -10.82 10.98
C VAL T 19 19.31 -9.36 11.09
N CYS T 20 18.01 -9.11 11.19
CA CYS T 20 17.46 -7.76 11.32
C CYS T 20 16.25 -7.80 12.26
N CYS T 21 16.16 -6.82 13.15
CA CYS T 21 14.96 -6.66 13.95
C CYS T 21 14.82 -5.21 14.37
N THR T 22 13.63 -4.87 14.85
CA THR T 22 13.30 -3.53 15.32
C THR T 22 12.76 -3.61 16.73
N ILE T 23 13.18 -2.68 17.58
CA ILE T 23 12.81 -2.66 18.99
C ILE T 23 12.35 -1.26 19.37
N ILE T 24 11.55 -1.21 20.44
CA ILE T 24 11.12 0.04 21.04
C ILE T 24 12.04 0.26 22.24
N LEU T 25 12.98 1.19 22.08
CA LEU T 25 14.02 1.43 23.08
C LEU T 25 13.64 2.60 23.95
N ASP T 26 13.71 2.39 25.26
CA ASP T 26 13.48 3.43 26.27
C ASP T 26 14.70 3.48 27.20
N ASP T 27 14.57 4.24 28.28
CA ASP T 27 15.66 4.36 29.25
C ASP T 27 15.77 3.08 30.06
N THR T 28 16.94 2.45 30.01
CA THR T 28 17.19 1.21 30.72
C THR T 28 18.11 1.38 31.92
N GLY T 29 18.51 2.60 32.24
CA GLY T 29 19.35 2.84 33.40
C GLY T 29 20.72 2.20 33.29
N GLY T 30 21.32 2.22 32.10
CA GLY T 30 22.65 1.71 31.91
C GLY T 30 22.75 0.21 31.74
N THR T 31 21.64 -0.52 31.79
CA THR T 31 21.65 -1.96 31.62
C THR T 31 21.59 -2.33 30.15
N ALA T 32 22.40 -3.31 29.76
CA ALA T 32 22.50 -3.71 28.37
C ALA T 32 21.44 -4.76 28.06
N LEU T 33 20.59 -4.47 27.09
CA LEU T 33 19.57 -5.43 26.66
C LEU T 33 20.22 -6.45 25.73
N PRO T 34 20.16 -7.74 26.05
CA PRO T 34 20.83 -8.74 25.19
C PRO T 34 20.13 -8.84 23.84
N ILE T 35 20.93 -8.79 22.78
CA ILE T 35 20.43 -8.91 21.42
C ILE T 35 20.93 -10.20 20.76
N TRP T 36 22.21 -10.50 20.89
CA TRP T 36 22.78 -11.70 20.27
C TRP T 36 23.84 -12.27 21.19
N ASP T 37 23.89 -13.60 21.27
CA ASP T 37 24.88 -14.30 22.08
C ASP T 37 25.41 -15.49 21.30
N ASP T 38 26.64 -15.87 21.62
CA ASP T 38 27.32 -16.97 20.95
C ASP T 38 27.42 -18.16 21.90
N ALA T 39 27.02 -19.34 21.42
CA ALA T 39 27.09 -20.57 22.20
C ALA T 39 27.91 -21.64 21.51
N THR T 40 28.58 -21.31 20.41
CA THR T 40 29.40 -22.26 19.66
C THR T 40 30.87 -21.99 19.91
N THR T 41 31.71 -22.87 19.34
CA THR T 41 33.16 -22.76 19.48
C THR T 41 33.80 -22.17 18.23
N PHE T 42 33.01 -21.68 17.28
CA PHE T 42 33.54 -21.12 16.05
C PHE T 42 34.07 -19.71 16.28
N VAL T 43 34.78 -19.19 15.28
CA VAL T 43 35.23 -17.81 15.24
C VAL T 43 34.32 -17.06 14.27
N ILE T 44 33.68 -16.02 14.75
CA ILE T 44 32.61 -15.33 14.02
C ILE T 44 33.06 -13.90 13.74
N ASN T 45 32.94 -13.49 12.48
CA ASN T 45 33.18 -12.11 12.07
C ASN T 45 31.88 -11.51 11.56
N GLY T 46 31.88 -10.19 11.34
CA GLY T 46 30.75 -9.59 10.68
C GLY T 46 30.63 -8.11 11.01
N THR T 47 29.60 -7.51 10.44
CA THR T 47 29.30 -6.10 10.60
C THR T 47 27.99 -5.92 11.34
N ILE T 48 27.95 -4.93 12.22
CA ILE T 48 26.79 -4.61 13.05
C ILE T 48 26.37 -3.18 12.72
N MET T 49 25.08 -3.01 12.41
CA MET T 49 24.53 -1.71 12.06
C MET T 49 23.35 -1.41 12.97
N VAL T 50 23.32 -0.17 13.48
CA VAL T 50 22.25 0.31 14.34
C VAL T 50 21.72 1.61 13.73
N GLU T 51 20.41 1.68 13.52
CA GLU T 51 19.76 2.85 12.97
C GLU T 51 18.68 3.32 13.93
N ASN T 52 18.72 4.58 14.33
CA ASN T 52 17.75 5.13 15.26
C ASN T 52 16.81 6.02 14.48
N ASN T 53 15.58 5.55 14.27
CA ASN T 53 14.58 6.24 13.47
C ASN T 53 13.63 7.08 14.31
N GLY T 54 13.84 7.15 15.62
CA GLY T 54 12.96 7.91 16.48
C GLY T 54 12.89 9.38 16.10
N THR T 55 12.00 10.13 16.76
CA THR T 55 11.87 11.54 16.46
C THR T 55 13.16 12.27 16.77
N VAL T 56 13.50 13.26 15.93
CA VAL T 56 14.76 13.96 16.07
C VAL T 56 14.72 14.86 17.30
N GLY T 57 15.74 14.76 18.14
CA GLY T 57 15.85 15.61 19.31
C GLY T 57 14.97 15.24 20.47
N VAL T 58 14.25 14.11 20.39
CA VAL T 58 13.34 13.71 21.45
C VAL T 58 13.66 12.30 21.90
N GLY T 59 13.76 11.37 20.96
CA GLY T 59 13.93 9.97 21.28
C GLY T 59 15.26 9.68 21.94
N PRO T 60 15.31 8.64 22.76
CA PRO T 60 16.57 8.28 23.43
C PRO T 60 17.63 7.84 22.43
N THR T 61 18.89 8.00 22.85
CA THR T 61 20.02 7.53 22.07
C THR T 61 20.36 6.09 22.45
N ALA T 62 21.03 5.40 21.53
CA ALA T 62 21.39 4.01 21.70
C ALA T 62 22.91 3.85 21.60
N ALA T 63 23.45 2.91 22.36
CA ALA T 63 24.87 2.60 22.36
C ALA T 63 25.07 1.10 22.22
N LEU T 64 26.05 0.70 21.43
CA LEU T 64 26.35 -0.70 21.19
C LEU T 64 27.34 -1.23 22.23
N THR T 65 27.15 -2.48 22.60
CA THR T 65 28.07 -3.17 23.51
C THR T 65 28.39 -4.53 22.92
N VAL T 66 29.67 -4.85 22.82
CA VAL T 66 30.13 -6.10 22.23
C VAL T 66 31.15 -6.73 23.18
N ASN T 67 31.01 -8.03 23.41
CA ASN T 67 31.92 -8.77 24.29
C ASN T 67 31.91 -8.20 25.70
N GLY T 68 30.81 -7.58 26.10
CA GLY T 68 30.70 -6.99 27.41
C GLY T 68 31.39 -5.67 27.59
N THR T 69 31.95 -5.09 26.52
CA THR T 69 32.65 -3.82 26.58
C THR T 69 32.03 -2.87 25.57
N ALA T 70 31.71 -1.65 26.01
CA ALA T 70 31.11 -0.67 25.13
C ALA T 70 32.08 -0.26 24.03
N VAL T 71 31.56 -0.10 22.82
CA VAL T 71 32.39 0.33 21.70
C VAL T 71 32.67 1.83 21.83
N GLY T 72 33.93 2.20 21.67
CA GLY T 72 34.35 3.58 21.87
C GLY T 72 33.63 4.56 20.96
N GLY T 73 32.77 5.40 21.55
CA GLY T 73 32.11 6.46 20.83
C GLY T 73 30.93 6.03 20.00
N PHE T 74 30.51 4.77 20.07
CA PHE T 74 29.39 4.27 19.26
C PHE T 74 28.08 4.62 19.96
N VAL T 75 27.65 5.87 19.76
CA VAL T 75 26.35 6.35 20.21
C VAL T 75 25.64 6.92 18.99
N VAL T 76 24.38 6.54 18.80
CA VAL T 76 23.60 6.92 17.63
C VAL T 76 22.46 7.81 18.08
N ALA T 77 22.41 9.02 17.53
CA ALA T 77 21.33 9.95 17.77
C ALA T 77 20.18 9.68 16.80
N PRO T 78 18.96 10.14 17.12
CA PRO T 78 17.84 9.89 16.22
C PRO T 78 18.06 10.52 14.86
N GLY T 79 17.58 9.82 13.83
CA GLY T 79 17.82 10.22 12.47
C GLY T 79 19.18 9.87 11.94
N GLU T 80 19.79 8.79 12.43
CA GLU T 80 21.14 8.40 12.02
C GLU T 80 21.24 6.88 11.98
N CYS T 81 22.28 6.42 11.29
CA CYS T 81 22.68 5.02 11.31
C CYS T 81 24.19 4.95 11.46
N ARG T 82 24.66 3.86 12.06
CA ARG T 82 26.10 3.66 12.20
C ARG T 82 26.40 2.16 12.16
N SER T 83 27.46 1.81 11.44
CA SER T 83 27.85 0.42 11.24
C SER T 83 29.33 0.25 11.55
N ILE T 84 29.67 -0.93 12.06
CA ILE T 84 31.05 -1.25 12.44
C ILE T 84 31.30 -2.72 12.12
N THR T 85 32.45 -2.99 11.51
CA THR T 85 32.87 -4.35 11.19
C THR T 85 33.87 -4.82 12.24
N MET T 86 33.79 -6.10 12.61
CA MET T 86 34.64 -6.64 13.65
C MET T 86 34.81 -8.13 13.46
N ASN T 87 35.80 -8.67 14.18
CA ASN T 87 36.15 -10.08 14.14
C ASN T 87 36.13 -10.61 15.57
N ASP T 88 35.83 -11.90 15.71
CA ASP T 88 35.72 -12.54 17.02
C ASP T 88 34.63 -11.89 17.85
N ILE T 89 33.41 -11.93 17.33
CA ILE T 89 32.23 -11.35 17.97
C ILE T 89 31.49 -12.47 18.68
N ASN T 90 31.22 -12.27 19.97
CA ASN T 90 30.53 -13.26 20.78
C ASN T 90 29.26 -12.75 21.45
N SER T 91 29.06 -11.43 21.54
CA SER T 91 27.87 -10.89 22.18
C SER T 91 27.58 -9.51 21.60
N ILE T 92 26.29 -9.21 21.46
CA ILE T 92 25.82 -7.92 20.97
C ILE T 92 24.65 -7.48 21.85
N ALA T 93 24.73 -6.26 22.38
CA ALA T 93 23.69 -5.72 23.22
C ALA T 93 23.57 -4.22 22.97
N ILE T 94 22.42 -3.67 23.36
CA ILE T 94 22.09 -2.26 23.14
C ILE T 94 21.74 -1.64 24.47
N VAL T 95 22.25 -0.43 24.72
CA VAL T 95 21.96 0.34 25.92
C VAL T 95 21.28 1.63 25.49
N GLY T 96 20.08 1.87 26.01
CA GLY T 96 19.34 3.08 25.70
C GLY T 96 19.49 4.11 26.80
N ALA T 97 19.52 5.38 26.41
CA ALA T 97 19.66 6.48 27.35
C ALA T 97 18.89 7.69 26.85
N GLY T 98 17.98 8.20 27.69
CA GLY T 98 17.20 9.36 27.33
C GLY T 98 15.80 9.32 27.90
N THR T 99 14.88 10.04 27.26
CA THR T 99 13.47 10.06 27.67
C THR T 99 12.58 9.78 26.47
N GLY T 100 11.52 9.03 26.71
CA GLY T 100 10.64 8.62 25.64
C GLY T 100 11.03 7.26 25.07
N THR T 101 10.47 6.97 23.90
CA THR T 101 10.70 5.71 23.21
C THR T 101 11.12 5.98 21.78
N SER T 102 11.98 5.10 21.25
CA SER T 102 12.49 5.24 19.89
C SER T 102 12.40 3.90 19.17
N SER T 103 12.10 3.96 17.87
CA SER T 103 12.10 2.77 17.04
C SER T 103 13.51 2.55 16.51
N VAL T 104 14.23 1.61 17.11
CA VAL T 104 15.65 1.39 16.82
C VAL T 104 15.79 0.05 16.10
N LYS T 105 16.43 0.07 14.95
CA LYS T 105 16.60 -1.10 14.10
C LYS T 105 18.04 -1.60 14.23
N ILE T 106 18.20 -2.88 14.56
CA ILE T 106 19.49 -3.52 14.70
C ILE T 106 19.60 -4.59 13.63
N SER T 107 20.67 -4.54 12.85
CA SER T 107 20.99 -5.56 11.87
C SER T 107 22.44 -6.00 12.07
N PHE T 108 22.73 -7.24 11.70
CA PHE T 108 24.09 -7.72 11.82
C PHE T 108 24.30 -8.96 10.98
N SER T 109 25.53 -9.10 10.49
CA SER T 109 25.94 -10.23 9.66
C SER T 109 26.83 -11.16 10.46
N ILE T 110 26.56 -12.45 10.36
CA ILE T 110 27.37 -13.50 10.98
C ILE T 110 28.08 -14.23 9.86
N ASN T 111 29.41 -14.19 9.86
CA ASN T 111 30.22 -14.88 8.86
C ASN T 111 31.21 -15.80 9.57
N TYR T 112 31.22 -17.07 9.17
CA TYR T 112 32.13 -18.04 9.73
C TYR T 112 32.26 -19.22 8.78
N LYS T 113 33.00 -20.24 9.20
CA LYS T 113 33.19 -21.44 8.41
C LYS T 113 33.14 -22.65 9.32
N PHE T 114 32.64 -23.76 8.79
CA PHE T 114 32.53 -24.99 9.57
C PHE T 114 32.84 -26.22 8.74
N ALA U 2 54.01 -46.93 -9.29
CA ALA U 2 53.08 -46.10 -10.03
C ALA U 2 51.71 -46.09 -9.35
N GLN U 3 51.19 -44.89 -9.10
CA GLN U 3 49.90 -44.76 -8.46
C GLN U 3 48.79 -45.33 -9.34
N ILE U 4 47.86 -46.04 -8.72
CA ILE U 4 46.69 -46.59 -9.40
C ILE U 4 45.45 -45.95 -8.79
N GLY U 5 44.71 -45.22 -9.61
CA GLY U 5 43.55 -44.49 -9.13
C GLY U 5 43.97 -43.25 -8.36
N ASN U 6 42.97 -42.57 -7.80
CA ASN U 6 43.19 -41.38 -7.00
C ASN U 6 42.25 -41.41 -5.81
N CYS U 7 42.81 -41.20 -4.61
CA CYS U 7 41.96 -41.09 -3.43
C CYS U 7 40.99 -39.93 -3.57
N CYS U 8 41.46 -38.80 -4.11
CA CYS U 8 40.62 -37.66 -4.44
C CYS U 8 39.81 -37.19 -3.23
N THR U 9 38.51 -37.00 -3.42
CA THR U 9 37.64 -36.51 -2.37
C THR U 9 36.21 -36.92 -2.71
N GLU U 10 35.28 -36.51 -1.84
CA GLU U 10 33.85 -36.78 -1.98
C GLU U 10 33.05 -35.50 -1.79
N GLN U 11 33.45 -34.47 -2.54
CA GLN U 11 32.99 -33.10 -2.30
C GLN U 11 31.54 -33.04 -1.88
N LEU U 12 31.26 -32.23 -0.87
CA LEU U 12 29.94 -32.14 -0.25
C LEU U 12 29.35 -30.77 -0.53
N CYS U 13 28.08 -30.75 -0.93
CA CYS U 13 27.38 -29.49 -1.11
C CYS U 13 26.92 -28.96 0.24
N CYS U 14 27.09 -27.66 0.46
CA CYS U 14 26.77 -27.03 1.72
C CYS U 14 25.42 -26.33 1.60
N VAL U 15 24.47 -26.72 2.44
CA VAL U 15 23.12 -26.18 2.44
C VAL U 15 23.00 -25.15 3.56
N ASN U 16 22.51 -23.96 3.21
CA ASN U 16 22.29 -22.87 4.15
C ASN U 16 20.92 -22.29 3.83
N ASP U 17 19.91 -22.74 4.57
CA ASP U 17 18.53 -22.30 4.37
C ASP U 17 18.07 -21.43 5.54
N ALA U 18 17.03 -20.65 5.30
CA ALA U 18 16.44 -19.79 6.32
C ALA U 18 14.93 -19.99 6.34
N VAL U 19 14.35 -19.94 7.54
CA VAL U 19 12.91 -20.12 7.72
C VAL U 19 12.41 -19.00 8.62
N CYS U 20 11.22 -18.49 8.31
CA CYS U 20 10.57 -17.44 9.08
C CYS U 20 9.08 -17.68 9.13
N CYS U 21 8.48 -17.49 10.30
CA CYS U 21 7.03 -17.51 10.40
C CYS U 21 6.59 -16.67 11.59
N THR U 22 5.29 -16.37 11.62
CA THR U 22 4.68 -15.58 12.69
C THR U 22 3.51 -16.36 13.27
N ILE U 23 3.39 -16.33 14.59
CA ILE U 23 2.36 -17.07 15.30
C ILE U 23 1.66 -16.17 16.30
N ILE U 24 0.44 -16.55 16.64
CA ILE U 24 -0.34 -15.89 17.69
C ILE U 24 -0.15 -16.73 18.94
N LEU U 25 0.66 -16.25 19.87
CA LEU U 25 1.05 -17.00 21.05
C LEU U 25 0.19 -16.57 22.24
N ASP U 26 -0.40 -17.56 22.92
CA ASP U 26 -1.16 -17.35 24.14
C ASP U 26 -0.60 -18.26 25.24
N ASP U 27 -1.30 -18.34 26.35
CA ASP U 27 -0.85 -19.17 27.46
C ASP U 27 -1.07 -20.64 27.13
N THR U 28 0.00 -21.42 27.15
CA THR U 28 -0.04 -22.84 26.83
C THR U 28 0.13 -23.73 28.05
N GLY U 29 0.22 -23.15 29.25
CA GLY U 29 0.36 -23.95 30.45
C GLY U 29 1.64 -24.76 30.52
N GLY U 30 2.75 -24.19 30.05
CA GLY U 30 4.04 -24.84 30.13
C GLY U 30 4.31 -25.85 29.05
N THR U 31 3.38 -26.07 28.12
CA THR U 31 3.57 -27.03 27.04
C THR U 31 4.30 -26.36 25.88
N ALA U 32 5.27 -27.08 25.31
CA ALA U 32 6.08 -26.54 24.23
C ALA U 32 5.39 -26.80 22.89
N LEU U 33 5.12 -25.72 22.15
CA LEU U 33 4.53 -25.85 20.83
C LEU U 33 5.63 -26.21 19.82
N PRO U 34 5.52 -27.34 19.11
CA PRO U 34 6.58 -27.73 18.19
C PRO U 34 6.68 -26.77 17.02
N ILE U 35 7.89 -26.30 16.74
CA ILE U 35 8.16 -25.40 15.63
C ILE U 35 9.01 -26.08 14.55
N TRP U 36 10.07 -26.76 14.95
CA TRP U 36 10.96 -27.42 14.00
C TRP U 36 11.46 -28.73 14.59
N ASP U 37 11.55 -29.75 13.75
CA ASP U 37 12.05 -31.06 14.17
C ASP U 37 12.99 -31.59 13.11
N ASP U 38 13.92 -32.44 13.54
CA ASP U 38 14.92 -33.04 12.66
C ASP U 38 14.62 -34.51 12.46
N ALA U 39 14.59 -34.95 11.21
CA ALA U 39 14.35 -36.34 10.86
C ALA U 39 15.49 -36.95 10.05
N THR U 40 16.59 -36.23 9.89
CA THR U 40 17.74 -36.69 9.12
C THR U 40 18.86 -37.10 10.06
N THR U 41 19.93 -37.63 9.46
CA THR U 41 21.11 -38.07 10.20
C THR U 41 22.25 -37.06 10.12
N PHE U 42 22.01 -35.88 9.56
CA PHE U 42 23.05 -34.87 9.41
C PHE U 42 23.27 -34.14 10.74
N VAL U 43 24.36 -33.36 10.77
CA VAL U 43 24.66 -32.47 11.88
C VAL U 43 24.32 -31.06 11.43
N ILE U 44 23.45 -30.39 12.17
CA ILE U 44 22.84 -29.13 11.76
C ILE U 44 23.26 -28.05 12.75
N ASN U 45 23.76 -26.93 12.22
CA ASN U 45 24.07 -25.75 13.01
C ASN U 45 23.16 -24.61 12.58
N GLY U 46 23.18 -23.52 13.34
CA GLY U 46 22.49 -22.33 12.90
C GLY U 46 22.11 -21.43 14.06
N THR U 47 21.47 -20.33 13.70
CA THR U 47 21.03 -19.32 14.64
C THR U 47 19.51 -19.25 14.67
N ILE U 48 18.96 -19.06 15.87
CA ILE U 48 17.53 -18.99 16.11
C ILE U 48 17.22 -17.63 16.71
N MET U 49 16.26 -16.93 16.12
CA MET U 49 15.86 -15.60 16.56
C MET U 49 14.37 -15.59 16.83
N VAL U 50 14.00 -15.01 17.97
CA VAL U 50 12.61 -14.87 18.39
C VAL U 50 12.36 -13.39 18.69
N GLU U 51 11.33 -12.82 18.07
CA GLU U 51 10.96 -11.42 18.28
C GLU U 51 9.52 -11.36 18.72
N ASN U 52 9.26 -10.70 19.85
CA ASN U 52 7.91 -10.59 20.39
C ASN U 52 7.43 -9.17 20.14
N ASN U 53 6.52 -9.02 19.18
CA ASN U 53 6.00 -7.72 18.77
C ASN U 53 4.70 -7.35 19.46
N GLY U 54 4.22 -8.18 20.39
CA GLY U 54 2.97 -7.89 21.07
C GLY U 54 3.00 -6.57 21.82
N THR U 55 1.84 -6.16 22.35
CA THR U 55 1.78 -4.90 23.08
C THR U 55 2.69 -4.96 24.30
N VAL U 56 3.32 -3.82 24.61
CA VAL U 56 4.29 -3.78 25.69
C VAL U 56 3.57 -3.87 27.03
N GLY U 57 4.03 -4.77 27.89
CA GLY U 57 3.49 -4.91 29.23
C GLY U 57 2.16 -5.63 29.30
N VAL U 58 1.67 -6.19 28.19
CA VAL U 58 0.38 -6.86 28.18
C VAL U 58 0.54 -8.27 27.63
N GLY U 59 1.16 -8.39 26.46
CA GLY U 59 1.25 -9.65 25.78
C GLY U 59 2.09 -10.67 26.52
N PRO U 60 1.79 -11.96 26.32
CA PRO U 60 2.57 -13.00 27.00
C PRO U 60 4.02 -13.01 26.53
N THR U 61 4.87 -13.52 27.41
CA THR U 61 6.28 -13.74 27.09
C THR U 61 6.48 -15.11 26.46
N ALA U 62 7.57 -15.25 25.72
CA ALA U 62 7.90 -16.48 25.01
C ALA U 62 9.27 -16.98 25.46
N ALA U 63 9.43 -18.30 25.50
CA ALA U 63 10.68 -18.94 25.87
C ALA U 63 11.02 -20.01 24.85
N LEU U 64 12.30 -20.11 24.51
CA LEU U 64 12.78 -21.06 23.52
C LEU U 64 13.14 -22.37 24.19
N THR U 65 12.89 -23.48 23.48
CA THR U 65 13.27 -24.81 23.94
C THR U 65 13.94 -25.53 22.78
N VAL U 66 15.12 -26.08 23.03
CA VAL U 66 15.91 -26.76 22.02
C VAL U 66 16.35 -28.11 22.57
N ASN U 67 16.22 -29.16 21.77
CA ASN U 67 16.60 -30.50 22.16
C ASN U 67 15.85 -30.96 23.41
N GLY U 68 14.65 -30.42 23.62
CA GLY U 68 13.86 -30.79 24.77
C GLY U 68 14.28 -30.13 26.07
N THR U 69 15.25 -29.23 26.04
CA THR U 69 15.72 -28.54 27.23
C THR U 69 15.63 -27.04 27.01
N ALA U 70 15.05 -26.34 27.99
CA ALA U 70 14.89 -24.89 27.87
C ALA U 70 16.26 -24.21 27.89
N VAL U 71 16.41 -23.19 27.05
CA VAL U 71 17.64 -22.43 27.01
C VAL U 71 17.71 -21.51 28.22
N GLY U 72 18.85 -21.52 28.90
CA GLY U 72 19.01 -20.76 30.12
C GLY U 72 18.77 -19.27 29.96
N GLY U 73 17.68 -18.78 30.54
CA GLY U 73 17.40 -17.36 30.55
C GLY U 73 16.83 -16.80 29.27
N PHE U 74 16.52 -17.63 28.28
CA PHE U 74 16.00 -17.16 27.00
C PHE U 74 14.50 -16.95 27.12
N VAL U 75 14.14 -15.79 27.67
CA VAL U 75 12.76 -15.34 27.74
C VAL U 75 12.71 -13.95 27.11
N VAL U 76 11.75 -13.74 26.21
CA VAL U 76 11.64 -12.50 25.44
C VAL U 76 10.36 -11.79 25.86
N ALA U 77 10.51 -10.55 26.33
CA ALA U 77 9.38 -9.72 26.67
C ALA U 77 8.90 -8.96 25.43
N PRO U 78 7.66 -8.46 25.44
CA PRO U 78 7.16 -7.76 24.26
C PRO U 78 7.99 -6.51 23.96
N GLY U 79 8.15 -6.25 22.65
CA GLY U 79 9.01 -5.17 22.22
C GLY U 79 10.47 -5.51 22.21
N GLU U 80 10.82 -6.78 22.01
CA GLU U 80 12.21 -7.22 22.06
C GLU U 80 12.45 -8.32 21.03
N CYS U 81 13.72 -8.55 20.72
CA CYS U 81 14.15 -9.70 19.95
C CYS U 81 15.39 -10.29 20.61
N ARG U 82 15.58 -11.59 20.42
CA ARG U 82 16.75 -12.27 20.96
C ARG U 82 17.15 -13.40 20.04
N SER U 83 18.44 -13.53 19.79
CA SER U 83 18.98 -14.54 18.89
C SER U 83 20.11 -15.30 19.56
N ILE U 84 20.24 -16.58 19.20
CA ILE U 84 21.26 -17.45 19.77
C ILE U 84 21.74 -18.39 18.69
N THR U 85 23.06 -18.56 18.61
CA THR U 85 23.68 -19.48 17.66
C THR U 85 24.05 -20.77 18.38
N MET U 86 23.89 -21.90 17.70
CA MET U 86 24.13 -23.19 18.31
C MET U 86 24.49 -24.21 17.24
N ASN U 87 25.02 -25.34 17.70
CA ASN U 87 25.44 -26.45 16.87
C ASN U 87 24.75 -27.71 17.36
N ASP U 88 24.51 -28.65 16.44
CA ASP U 88 23.81 -29.89 16.75
C ASP U 88 22.40 -29.61 17.26
N ILE U 89 21.62 -28.94 16.41
CA ILE U 89 20.24 -28.57 16.72
C ILE U 89 19.31 -29.60 16.07
N ASN U 90 18.43 -30.18 16.88
CA ASN U 90 17.50 -31.19 16.41
C ASN U 90 16.03 -30.85 16.65
N SER U 91 15.72 -29.89 17.51
CA SER U 91 14.34 -29.53 17.78
C SER U 91 14.27 -28.09 18.25
N ILE U 92 13.21 -27.39 17.85
CA ILE U 92 12.95 -26.01 18.24
C ILE U 92 11.47 -25.89 18.60
N ALA U 93 11.19 -25.35 19.78
CA ALA U 93 9.82 -25.17 20.23
C ALA U 93 9.74 -23.89 21.04
N ILE U 94 8.51 -23.39 21.19
CA ILE U 94 8.24 -22.14 21.89
C ILE U 94 7.21 -22.39 22.98
N VAL U 95 7.46 -21.83 24.16
CA VAL U 95 6.54 -21.92 25.29
C VAL U 95 6.09 -20.51 25.64
N GLY U 96 4.77 -20.30 25.62
CA GLY U 96 4.19 -19.00 25.95
C GLY U 96 3.70 -18.99 27.39
N ALA U 97 3.82 -17.82 28.03
CA ALA U 97 3.40 -17.65 29.41
C ALA U 97 2.89 -16.23 29.61
N GLY U 98 1.66 -16.11 30.09
CA GLY U 98 1.07 -14.81 30.36
C GLY U 98 -0.42 -14.78 30.10
N THR U 99 -0.95 -13.59 29.82
CA THR U 99 -2.36 -13.40 29.51
C THR U 99 -2.50 -12.60 28.24
N GLY U 100 -3.49 -12.98 27.42
CA GLY U 100 -3.69 -12.34 26.14
C GLY U 100 -2.96 -13.10 25.03
N THR U 101 -2.84 -12.42 23.89
CA THR U 101 -2.20 -12.98 22.70
C THR U 101 -1.13 -12.02 22.19
N SER U 102 -0.06 -12.58 21.64
CA SER U 102 1.05 -11.80 21.11
C SER U 102 1.43 -12.30 19.72
N SER U 103 1.83 -11.37 18.86
CA SER U 103 2.33 -11.72 17.54
C SER U 103 3.83 -11.97 17.64
N VAL U 104 4.22 -13.24 17.66
CA VAL U 104 5.59 -13.64 17.91
C VAL U 104 6.17 -14.21 16.63
N LYS U 105 7.31 -13.67 16.20
CA LYS U 105 7.96 -14.05 14.96
C LYS U 105 9.17 -14.92 15.29
N ILE U 106 9.23 -16.11 14.68
CA ILE U 106 10.33 -17.04 14.86
C ILE U 106 11.03 -17.20 13.52
N SER U 107 12.35 -16.99 13.53
CA SER U 107 13.19 -17.24 12.37
C SER U 107 14.37 -18.09 12.78
N PHE U 108 14.90 -18.86 11.84
CA PHE U 108 16.04 -19.69 12.15
C PHE U 108 16.74 -20.14 10.87
N SER U 109 18.06 -20.30 10.97
CA SER U 109 18.89 -20.73 9.87
C SER U 109 19.34 -22.17 10.09
N ILE U 110 19.25 -22.97 9.03
CA ILE U 110 19.72 -24.35 9.03
C ILE U 110 20.95 -24.41 8.13
N ASN U 111 22.09 -24.77 8.71
CA ASN U 111 23.33 -24.89 7.97
C ASN U 111 23.89 -26.29 8.17
N TYR U 112 24.19 -26.98 7.07
CA TYR U 112 24.78 -28.31 7.13
C TYR U 112 25.44 -28.60 5.79
N LYS U 113 25.96 -29.83 5.65
CA LYS U 113 26.60 -30.27 4.43
C LYS U 113 26.18 -31.70 4.13
N PHE U 114 26.11 -32.03 2.85
CA PHE U 114 25.71 -33.38 2.44
C PHE U 114 26.48 -33.84 1.22
N ALA V 2 90.50 -71.58 -19.44
CA ALA V 2 89.84 -70.39 -19.98
C ALA V 2 88.33 -70.47 -19.78
N GLN V 3 87.77 -69.42 -19.20
CA GLN V 3 86.33 -69.38 -18.97
C GLN V 3 85.57 -69.36 -20.29
N ILE V 4 84.48 -70.12 -20.34
CA ILE V 4 83.60 -70.17 -21.49
C ILE V 4 82.24 -69.67 -21.05
N GLY V 5 81.79 -68.56 -21.64
CA GLY V 5 80.55 -67.93 -21.23
C GLY V 5 80.70 -67.21 -19.91
N ASN V 6 79.58 -66.68 -19.44
CA ASN V 6 79.54 -65.96 -18.16
C ASN V 6 78.26 -66.35 -17.43
N CYS V 7 78.41 -66.74 -16.17
CA CYS V 7 77.23 -67.02 -15.35
C CYS V 7 76.36 -65.77 -15.25
N CYS V 8 76.99 -64.60 -15.07
CA CYS V 8 76.29 -63.32 -15.08
C CYS V 8 75.15 -63.29 -14.09
N THR V 9 73.97 -62.84 -14.53
CA THR V 9 72.81 -62.71 -13.68
C THR V 9 71.56 -62.72 -14.55
N GLU V 10 70.40 -62.59 -13.91
CA GLU V 10 69.10 -62.57 -14.55
C GLU V 10 68.29 -61.38 -14.05
N GLN V 11 68.91 -60.20 -14.12
CA GLN V 11 68.41 -59.00 -13.45
C GLN V 11 66.90 -58.92 -13.49
N LEU V 12 66.30 -58.57 -12.35
CA LEU V 12 64.86 -58.55 -12.16
C LEU V 12 64.39 -57.11 -11.96
N CYS V 13 63.32 -56.74 -12.65
CA CYS V 13 62.71 -55.43 -12.46
C CYS V 13 61.85 -55.46 -11.21
N CYS V 14 61.96 -54.40 -10.40
CA CYS V 14 61.24 -54.32 -9.14
C CYS V 14 60.02 -53.44 -9.33
N VAL V 15 58.83 -54.00 -9.06
CA VAL V 15 57.57 -53.31 -9.22
C VAL V 15 57.10 -52.83 -7.84
N ASN V 16 56.74 -51.55 -7.76
CA ASN V 16 56.24 -50.93 -6.53
C ASN V 16 55.05 -50.09 -6.95
N ASP V 17 53.85 -50.65 -6.81
CA ASP V 17 52.62 -49.96 -7.18
C ASP V 17 51.81 -49.61 -5.93
N ALA V 18 50.90 -48.66 -6.09
CA ALA V 18 50.03 -48.20 -5.01
C ALA V 18 48.59 -48.18 -5.51
N VAL V 19 47.66 -48.55 -4.65
CA VAL V 19 46.24 -48.58 -4.98
C VAL V 19 45.47 -47.88 -3.87
N CYS V 20 44.45 -47.12 -4.25
CA CYS V 20 43.59 -46.40 -3.32
C CYS V 20 42.16 -46.42 -3.81
N CYS V 21 41.21 -46.65 -2.90
CA CYS V 21 39.81 -46.50 -3.24
C CYS V 21 39.02 -46.17 -1.98
N THR V 22 37.78 -45.73 -2.19
CA THR V 22 36.86 -45.37 -1.13
C THR V 22 35.56 -46.14 -1.31
N ILE V 23 35.02 -46.64 -0.20
CA ILE V 23 33.82 -47.46 -0.22
C ILE V 23 32.84 -46.96 0.84
N ILE V 24 31.57 -47.26 0.62
CA ILE V 24 30.50 -46.99 1.57
C ILE V 24 30.26 -48.30 2.31
N LEU V 25 30.74 -48.36 3.55
CA LEU V 25 30.72 -49.59 4.34
C LEU V 25 29.53 -49.57 5.29
N ASP V 26 28.76 -50.65 5.27
CA ASP V 26 27.64 -50.87 6.18
C ASP V 26 27.82 -52.21 6.87
N ASP V 27 26.79 -52.65 7.58
CA ASP V 27 26.85 -53.92 8.30
C ASP V 27 26.75 -55.07 7.30
N THR V 28 27.76 -55.93 7.28
CA THR V 28 27.81 -57.07 6.37
C THR V 28 27.58 -58.40 7.07
N GLY V 29 27.28 -58.39 8.37
CA GLY V 29 27.02 -59.63 9.08
C GLY V 29 28.20 -60.56 9.15
N GLY V 30 29.40 -60.02 9.33
CA GLY V 30 30.59 -60.83 9.48
C GLY V 30 31.21 -61.32 8.19
N THR V 31 30.62 -61.00 7.04
CA THR V 31 31.15 -61.44 5.76
C THR V 31 32.21 -60.47 5.27
N ALA V 32 33.31 -61.01 4.74
CA ALA V 32 34.43 -60.20 4.29
C ALA V 32 34.20 -59.77 2.85
N LEU V 33 34.19 -58.47 2.61
CA LEU V 33 34.05 -57.95 1.25
C LEU V 33 35.41 -58.03 0.55
N PRO V 34 35.53 -58.72 -0.58
CA PRO V 34 36.84 -58.84 -1.22
C PRO V 34 37.31 -57.50 -1.77
N ILE V 35 38.55 -57.15 -1.46
CA ILE V 35 39.16 -55.92 -1.93
C ILE V 35 40.31 -56.20 -2.90
N TRP V 36 41.19 -57.14 -2.55
CA TRP V 36 42.33 -57.45 -3.40
C TRP V 36 42.61 -58.94 -3.33
N ASP V 37 42.96 -59.53 -4.47
CA ASP V 37 43.29 -60.95 -4.55
C ASP V 37 44.52 -61.14 -5.42
N ASP V 38 45.26 -62.21 -5.15
CA ASP V 38 46.49 -62.52 -5.88
C ASP V 38 46.25 -63.73 -6.78
N ALA V 39 46.63 -63.59 -8.05
CA ALA V 39 46.51 -64.67 -9.01
C ALA V 39 47.85 -65.04 -9.65
N THR V 40 48.95 -64.49 -9.15
CA THR V 40 50.27 -64.74 -9.68
C THR V 40 51.04 -65.67 -8.75
N THR V 41 52.24 -66.06 -9.17
CA THR V 41 53.12 -66.92 -8.40
C THR V 41 54.22 -66.15 -7.69
N PHE V 42 54.18 -64.83 -7.73
CA PHE V 42 55.21 -64.01 -7.11
C PHE V 42 55.01 -63.94 -5.60
N VAL V 43 56.03 -63.40 -4.92
CA VAL V 43 55.96 -63.11 -3.49
C VAL V 43 55.79 -61.60 -3.36
N ILE V 44 54.72 -61.19 -2.68
CA ILE V 44 54.30 -59.79 -2.65
C ILE V 44 54.37 -59.29 -1.22
N ASN V 45 55.03 -58.15 -1.03
CA ASN V 45 55.08 -57.46 0.25
C ASN V 45 54.35 -56.12 0.13
N GLY V 46 54.13 -55.47 1.26
CA GLY V 46 53.62 -54.11 1.21
C GLY V 46 52.90 -53.73 2.48
N THR V 47 52.41 -52.50 2.47
CA THR V 47 51.70 -51.91 3.60
C THR V 47 50.25 -51.64 3.21
N ILE V 48 49.34 -51.89 4.16
CA ILE V 48 47.91 -51.73 3.99
C ILE V 48 47.43 -50.70 5.00
N MET V 49 46.72 -49.69 4.53
CA MET V 49 46.20 -48.61 5.38
C MET V 49 44.70 -48.51 5.20
N VAL V 50 43.99 -48.40 6.31
CA VAL V 50 42.54 -48.24 6.33
C VAL V 50 42.22 -47.01 7.16
N GLU V 51 41.44 -46.09 6.59
CA GLU V 51 41.03 -44.86 7.27
C GLU V 51 39.52 -44.78 7.27
N ASN V 52 38.92 -44.63 8.44
CA ASN V 52 37.47 -44.55 8.56
C ASN V 52 37.10 -43.10 8.83
N ASN V 53 36.54 -42.44 7.82
CA ASN V 53 36.20 -41.02 7.90
C ASN V 53 34.74 -40.79 8.27
N GLY V 54 33.98 -41.84 8.56
CA GLY V 54 32.59 -41.69 8.92
C GLY V 54 32.37 -40.82 10.13
N THR V 55 31.12 -40.50 10.43
CA THR V 55 30.81 -39.67 11.59
C THR V 55 31.28 -40.36 12.87
N VAL V 56 31.79 -39.55 13.80
CA VAL V 56 32.36 -40.10 15.03
C VAL V 56 31.25 -40.64 15.92
N GLY V 57 31.42 -41.87 16.39
CA GLY V 57 30.46 -42.47 17.31
C GLY V 57 29.18 -42.96 16.68
N VAL V 58 29.07 -42.92 15.35
CA VAL V 58 27.85 -43.33 14.67
C VAL V 58 28.17 -44.39 13.62
N GLY V 59 29.13 -44.10 12.76
CA GLY V 59 29.43 -44.97 11.64
C GLY V 59 29.98 -46.32 12.07
N PRO V 60 29.76 -47.35 11.26
CA PRO V 60 30.27 -48.68 11.60
C PRO V 60 31.79 -48.71 11.61
N THR V 61 32.32 -49.66 12.37
CA THR V 61 33.76 -49.92 12.41
C THR V 61 34.14 -50.92 11.33
N ALA V 62 35.41 -50.90 10.95
CA ALA V 62 35.94 -51.76 9.91
C ALA V 62 37.10 -52.59 10.45
N ALA V 63 37.22 -53.81 9.96
CA ALA V 63 38.28 -54.73 10.35
C ALA V 63 38.93 -55.31 9.11
N LEU V 64 40.25 -55.44 9.14
CA LEU V 64 41.02 -55.96 8.02
C LEU V 64 41.15 -57.48 8.12
N THR V 65 41.12 -58.13 6.95
CA THR V 65 41.33 -59.57 6.87
C THR V 65 42.33 -59.84 5.76
N VAL V 66 43.37 -60.61 6.07
CA VAL V 66 44.44 -60.91 5.13
C VAL V 66 44.68 -62.42 5.14
N ASN V 67 44.80 -63.00 3.95
CA ASN V 67 45.03 -64.44 3.80
C ASN V 67 43.92 -65.26 4.45
N GLY V 68 42.72 -64.69 4.52
CA GLY V 68 41.59 -65.37 5.12
C GLY V 68 41.57 -65.39 6.63
N THR V 69 42.51 -64.70 7.28
CA THR V 69 42.59 -64.65 8.74
C THR V 69 42.56 -63.19 9.18
N ALA V 70 41.71 -62.88 10.15
CA ALA V 70 41.60 -61.52 10.64
C ALA V 70 42.89 -61.11 11.35
N VAL V 71 43.31 -59.87 11.13
CA VAL V 71 44.50 -59.34 11.79
C VAL V 71 44.18 -59.04 13.24
N GLY V 72 45.04 -59.49 14.14
CA GLY V 72 44.80 -59.34 15.56
C GLY V 72 44.63 -57.90 16.01
N GLY V 73 43.41 -57.53 16.40
CA GLY V 73 43.16 -56.23 16.95
C GLY V 73 43.03 -55.10 15.95
N PHE V 74 43.05 -55.40 14.65
CA PHE V 74 42.97 -54.37 13.62
C PHE V 74 41.51 -54.01 13.39
N VAL V 75 41.00 -53.15 14.26
CA VAL V 75 39.66 -52.56 14.12
C VAL V 75 39.83 -51.05 14.18
N VAL V 76 39.21 -50.36 13.23
CA VAL V 76 39.36 -48.91 13.09
C VAL V 76 38.02 -48.26 13.40
N ALA V 77 38.01 -47.36 14.37
CA ALA V 77 36.84 -46.58 14.71
C ALA V 77 36.79 -45.32 13.84
N PRO V 78 35.62 -44.70 13.72
CA PRO V 78 35.53 -43.49 12.88
C PRO V 78 36.41 -42.38 13.41
N GLY V 79 36.98 -41.63 12.46
CA GLY V 79 37.94 -40.60 12.81
C GLY V 79 39.33 -41.12 13.07
N GLU V 80 39.73 -42.22 12.44
CA GLU V 80 41.02 -42.85 12.69
C GLU V 80 41.56 -43.44 11.41
N CYS V 81 42.87 -43.69 11.41
CA CYS V 81 43.52 -44.48 10.37
C CYS V 81 44.47 -45.45 11.02
N ARG V 82 44.72 -46.58 10.35
CA ARG V 82 45.65 -47.58 10.84
C ARG V 82 46.30 -48.27 9.67
N SER V 83 47.62 -48.48 9.78
CA SER V 83 48.41 -49.08 8.72
C SER V 83 49.25 -50.21 9.29
N ILE V 84 49.49 -51.22 8.45
CA ILE V 84 50.27 -52.40 8.85
C ILE V 84 51.08 -52.86 7.65
N THR V 85 52.35 -53.17 7.89
CA THR V 85 53.24 -53.69 6.86
C THR V 85 53.34 -55.20 7.01
N MET V 86 53.40 -55.91 5.88
CA MET V 86 53.44 -57.36 5.90
C MET V 86 54.11 -57.89 4.64
N ASN V 87 54.46 -59.17 4.70
CA ASN V 87 55.13 -59.89 3.63
C ASN V 87 54.30 -61.11 3.29
N ASP V 88 54.37 -61.54 2.03
CA ASP V 88 53.61 -62.69 1.54
C ASP V 88 52.10 -62.43 1.70
N ILE V 89 51.64 -61.37 1.04
CA ILE V 89 50.24 -60.97 1.07
C ILE V 89 49.56 -61.49 -0.20
N ASN V 90 48.45 -62.21 -0.01
CA ASN V 90 47.72 -62.79 -1.13
C ASN V 90 46.27 -62.38 -1.21
N SER V 91 45.69 -61.83 -0.13
CA SER V 91 44.30 -61.42 -0.14
C SER V 91 44.09 -60.31 0.88
N ILE V 92 43.23 -59.36 0.53
CA ILE V 92 42.86 -58.25 1.40
C ILE V 92 41.35 -58.07 1.33
N ALA V 93 40.70 -58.04 2.49
CA ALA V 93 39.26 -57.86 2.57
C ALA V 93 38.92 -57.03 3.80
N ILE V 94 37.72 -56.47 3.79
CA ILE V 94 37.25 -55.59 4.86
C ILE V 94 35.92 -56.13 5.37
N VAL V 95 35.77 -56.15 6.70
CA VAL V 95 34.54 -56.56 7.35
C VAL V 95 34.00 -55.38 8.14
N GLY V 96 32.77 -54.98 7.84
CA GLY V 96 32.12 -53.88 8.53
C GLY V 96 31.19 -54.38 9.62
N ALA V 97 31.11 -53.62 10.71
CA ALA V 97 30.26 -53.98 11.84
C ALA V 97 29.72 -52.72 12.49
N GLY V 98 28.40 -52.62 12.60
CA GLY V 98 27.77 -51.48 13.23
C GLY V 98 26.44 -51.13 12.59
N THR V 99 26.03 -49.87 12.73
CA THR V 99 24.79 -49.38 12.15
C THR V 99 25.08 -48.09 11.36
N GLY V 100 24.40 -47.95 10.23
CA GLY V 100 24.64 -46.83 9.35
C GLY V 100 25.66 -47.15 8.28
N THR V 101 26.16 -46.08 7.65
CA THR V 101 27.14 -46.19 6.58
C THR V 101 28.31 -45.28 6.87
N SER V 102 29.51 -45.70 6.45
CA SER V 102 30.73 -44.94 6.67
C SER V 102 31.54 -44.87 5.39
N SER V 103 32.19 -43.73 5.17
CA SER V 103 33.09 -43.57 4.03
C SER V 103 34.48 -44.06 4.44
N VAL V 104 34.83 -45.26 4.01
CA VAL V 104 36.05 -45.93 4.45
C VAL V 104 37.01 -45.99 3.27
N LYS V 105 38.23 -45.50 3.47
CA LYS V 105 39.25 -45.42 2.43
C LYS V 105 40.28 -46.51 2.67
N ILE V 106 40.52 -47.33 1.66
CA ILE V 106 41.50 -48.41 1.71
C ILE V 106 42.60 -48.09 0.71
N SER V 107 43.85 -48.10 1.18
CA SER V 107 45.01 -47.96 0.33
C SER V 107 45.99 -49.08 0.64
N PHE V 108 46.80 -49.44 -0.35
CA PHE V 108 47.77 -50.49 -0.13
C PHE V 108 48.85 -50.46 -1.21
N SER V 109 50.05 -50.83 -0.81
CA SER V 109 51.21 -50.90 -1.70
C SER V 109 51.55 -52.35 -2.02
N ILE V 110 51.80 -52.61 -3.29
CA ILE V 110 52.24 -53.91 -3.78
C ILE V 110 53.68 -53.77 -4.20
N ASN V 111 54.58 -54.50 -3.55
CA ASN V 111 56.00 -54.49 -3.88
C ASN V 111 56.46 -55.92 -4.15
N TYR V 112 57.10 -56.11 -5.31
CA TYR V 112 57.63 -57.42 -5.68
C TYR V 112 58.68 -57.22 -6.75
N LYS V 113 59.20 -58.34 -7.26
CA LYS V 113 60.20 -58.33 -8.31
C LYS V 113 59.90 -59.42 -9.31
N PHE V 114 60.23 -59.18 -10.58
CA PHE V 114 59.99 -60.16 -11.63
C PHE V 114 61.11 -60.18 -12.65
N ALA W 2 93.37 -66.41 -23.67
CA ALA W 2 92.97 -65.01 -23.50
C ALA W 2 91.56 -64.78 -24.02
N GLN W 3 90.71 -64.19 -23.18
CA GLN W 3 89.33 -63.93 -23.58
C GLN W 3 89.30 -62.92 -24.73
N ILE W 4 88.42 -63.17 -25.69
CA ILE W 4 88.19 -62.27 -26.81
C ILE W 4 86.75 -61.80 -26.75
N GLY W 5 86.57 -60.49 -26.58
CA GLY W 5 85.25 -59.93 -26.40
C GLY W 5 84.70 -60.22 -25.02
N ASN W 6 83.45 -59.81 -24.81
CA ASN W 6 82.77 -60.02 -23.55
C ASN W 6 81.33 -60.41 -23.84
N CYS W 7 80.87 -61.51 -23.23
CA CYS W 7 79.47 -61.88 -23.35
C CYS W 7 78.56 -60.78 -22.81
N CYS W 8 78.96 -60.18 -21.69
CA CYS W 8 78.27 -59.02 -21.13
C CYS W 8 76.78 -59.28 -20.93
N THR W 9 75.94 -58.36 -21.40
CA THR W 9 74.50 -58.48 -21.23
C THR W 9 73.82 -57.63 -22.30
N GLU W 10 72.50 -57.60 -22.26
CA GLU W 10 71.65 -56.85 -23.18
C GLU W 10 70.63 -56.04 -22.40
N GLN W 11 71.12 -55.27 -21.42
CA GLN W 11 70.28 -54.64 -20.41
C GLN W 11 68.96 -54.15 -20.99
N LEU W 12 67.88 -54.41 -20.26
CA LEU W 12 66.53 -54.13 -20.71
C LEU W 12 65.92 -53.04 -19.83
N CYS W 13 65.28 -52.06 -20.46
CA CYS W 13 64.58 -51.03 -19.72
C CYS W 13 63.22 -51.57 -19.27
N CYS W 14 62.86 -51.28 -18.03
CA CYS W 14 61.63 -51.78 -17.44
C CYS W 14 60.58 -50.68 -17.48
N VAL W 15 59.46 -50.96 -18.15
CA VAL W 15 58.36 -50.00 -18.30
C VAL W 15 57.27 -50.36 -17.30
N ASN W 16 56.83 -49.35 -16.54
CA ASN W 16 55.76 -49.47 -15.55
C ASN W 16 54.86 -48.27 -15.74
N ASP W 17 53.78 -48.45 -16.49
CA ASP W 17 52.82 -47.39 -16.78
C ASP W 17 51.50 -47.66 -16.07
N ALA W 18 50.71 -46.59 -15.91
CA ALA W 18 49.41 -46.67 -15.27
C ALA W 18 48.38 -45.97 -16.16
N VAL W 19 47.18 -46.53 -16.21
CA VAL W 19 46.08 -45.96 -17.01
C VAL W 19 44.84 -45.91 -16.14
N CYS W 20 44.07 -44.82 -16.30
CA CYS W 20 42.83 -44.62 -15.57
C CYS W 20 41.81 -43.96 -16.47
N CYS W 21 40.56 -44.42 -16.41
CA CYS W 21 39.48 -43.73 -17.10
C CYS W 21 38.16 -44.02 -16.40
N THR W 22 37.16 -43.23 -16.74
CA THR W 22 35.82 -43.37 -16.17
C THR W 22 34.81 -43.49 -17.32
N ILE W 23 33.84 -44.39 -17.16
CA ILE W 23 32.86 -44.67 -18.18
C ILE W 23 31.47 -44.66 -17.56
N ILE W 24 30.47 -44.42 -18.41
CA ILE W 24 29.07 -44.51 -18.04
C ILE W 24 28.60 -45.88 -18.52
N LEU W 25 28.43 -46.80 -17.58
CA LEU W 25 28.12 -48.18 -17.88
C LEU W 25 26.63 -48.43 -17.74
N ASP W 26 26.03 -49.02 -18.75
CA ASP W 26 24.63 -49.43 -18.77
C ASP W 26 24.56 -50.91 -19.13
N ASP W 27 23.34 -51.40 -19.36
CA ASP W 27 23.15 -52.80 -19.72
C ASP W 27 23.61 -53.04 -21.14
N THR W 28 24.56 -53.95 -21.32
CA THR W 28 25.12 -54.27 -22.62
C THR W 28 24.66 -55.63 -23.13
N GLY W 29 23.79 -56.33 -22.42
CA GLY W 29 23.31 -57.62 -22.87
C GLY W 29 24.38 -58.69 -22.96
N GLY W 30 25.32 -58.69 -22.02
CA GLY W 30 26.34 -59.71 -21.97
C GLY W 30 27.53 -59.48 -22.88
N THR W 31 27.53 -58.38 -23.65
CA THR W 31 28.63 -58.09 -24.55
C THR W 31 29.73 -57.34 -23.81
N ALA W 32 30.98 -57.73 -24.06
CA ALA W 32 32.12 -57.14 -23.37
C ALA W 32 32.58 -55.90 -24.11
N LEU W 33 32.60 -54.77 -23.41
CA LEU W 33 33.09 -53.53 -24.00
C LEU W 33 34.62 -53.52 -23.95
N PRO W 34 35.31 -53.40 -25.09
CA PRO W 34 36.77 -53.45 -25.06
C PRO W 34 37.35 -52.23 -24.35
N ILE W 35 38.27 -52.49 -23.42
CA ILE W 35 38.95 -51.44 -22.68
C ILE W 35 40.42 -51.37 -23.03
N TRP W 36 41.10 -52.53 -23.07
CA TRP W 36 42.52 -52.56 -23.36
C TRP W 36 42.83 -53.80 -24.18
N ASP W 37 43.72 -53.65 -25.16
CA ASP W 37 44.15 -54.76 -25.99
C ASP W 37 45.65 -54.71 -26.18
N ASP W 38 46.25 -55.87 -26.42
CA ASP W 38 47.69 -56.00 -26.60
C ASP W 38 47.99 -56.30 -28.06
N ALA W 39 48.92 -55.55 -28.64
CA ALA W 39 49.35 -55.73 -30.02
C ALA W 39 50.85 -55.99 -30.13
N THR W 40 51.55 -56.17 -29.01
CA THR W 40 52.97 -56.40 -28.99
C THR W 40 53.27 -57.87 -28.69
N THR W 41 54.55 -58.22 -28.73
CA THR W 41 55.01 -59.57 -28.45
C THR W 41 55.60 -59.71 -27.05
N PHE W 42 55.48 -58.68 -26.22
CA PHE W 42 56.03 -58.70 -24.88
C PHE W 42 55.13 -59.51 -23.95
N VAL W 43 55.66 -59.78 -22.75
CA VAL W 43 54.91 -60.40 -21.66
C VAL W 43 54.59 -59.29 -20.66
N ILE W 44 53.30 -59.11 -20.38
CA ILE W 44 52.82 -57.97 -19.62
C ILE W 44 52.17 -58.47 -18.34
N ASN W 45 52.58 -57.90 -17.22
CA ASN W 45 51.96 -58.15 -15.92
C ASN W 45 51.30 -56.88 -15.42
N GLY W 46 50.52 -57.01 -14.35
CA GLY W 46 50.01 -55.82 -13.70
C GLY W 46 48.74 -56.10 -12.92
N THR W 47 48.23 -55.03 -12.31
CA THR W 47 47.03 -55.08 -11.49
C THR W 47 45.92 -54.26 -12.14
N ILE W 48 44.70 -54.78 -12.06
CA ILE W 48 43.51 -54.17 -12.64
C ILE W 48 42.54 -53.88 -11.50
N MET W 49 42.07 -52.64 -11.43
CA MET W 49 41.14 -52.21 -10.39
C MET W 49 39.90 -51.62 -11.04
N VAL W 50 38.74 -52.01 -10.54
CA VAL W 50 37.45 -51.52 -11.01
C VAL W 50 36.69 -51.00 -9.78
N GLU W 51 36.21 -49.76 -9.86
CA GLU W 51 35.44 -49.14 -8.79
C GLU W 51 34.12 -48.67 -9.34
N ASN W 52 33.02 -49.09 -8.73
CA ASN W 52 31.68 -48.73 -9.17
C ASN W 52 31.13 -47.70 -8.20
N ASN W 53 31.08 -46.44 -8.64
CA ASN W 53 30.65 -45.33 -7.81
C ASN W 53 29.17 -44.99 -7.99
N GLY W 54 28.44 -45.76 -8.80
CA GLY W 54 27.04 -45.48 -9.03
C GLY W 54 26.22 -45.49 -7.76
N THR W 55 24.94 -45.11 -7.87
CA THR W 55 24.07 -45.10 -6.70
C THR W 55 23.93 -46.50 -6.14
N VAL W 56 23.88 -46.60 -4.80
CA VAL W 56 23.83 -47.90 -4.15
C VAL W 56 22.47 -48.54 -4.37
N GLY W 57 22.47 -49.79 -4.81
CA GLY W 57 21.25 -50.55 -4.99
C GLY W 57 20.45 -50.19 -6.23
N VAL W 58 20.98 -49.33 -7.10
CA VAL W 58 20.26 -48.91 -8.29
C VAL W 58 21.10 -49.17 -9.53
N GLY W 59 22.35 -48.69 -9.52
CA GLY W 59 23.20 -48.75 -10.68
C GLY W 59 23.58 -50.17 -11.07
N PRO W 60 23.83 -50.40 -12.36
CA PRO W 60 24.21 -51.75 -12.80
C PRO W 60 25.55 -52.18 -12.21
N THR W 61 25.72 -53.49 -12.12
CA THR W 61 26.97 -54.09 -11.70
C THR W 61 27.89 -54.31 -12.90
N ALA W 62 29.18 -54.40 -12.62
CA ALA W 62 30.21 -54.56 -13.64
C ALA W 62 31.01 -55.82 -13.37
N ALA W 63 31.44 -56.48 -14.43
CA ALA W 63 32.25 -57.69 -14.35
C ALA W 63 33.45 -57.55 -15.28
N LEU W 64 34.60 -58.02 -14.80
CA LEU W 64 35.84 -57.95 -15.57
C LEU W 64 36.01 -59.19 -16.44
N THR W 65 36.59 -58.97 -17.63
CA THR W 65 36.91 -60.06 -18.54
C THR W 65 38.34 -59.86 -19.03
N VAL W 66 39.15 -60.91 -18.92
CA VAL W 66 40.56 -60.86 -19.29
C VAL W 66 40.86 -62.06 -20.18
N ASN W 67 41.57 -61.82 -21.27
CA ASN W 67 41.95 -62.88 -22.21
C ASN W 67 40.72 -63.59 -22.78
N GLY W 68 39.59 -62.87 -22.83
CA GLY W 68 38.37 -63.45 -23.35
C GLY W 68 37.63 -64.37 -22.40
N THR W 69 38.10 -64.48 -21.15
CA THR W 69 37.47 -65.34 -20.16
C THR W 69 37.14 -64.51 -18.93
N ALA W 70 35.91 -64.63 -18.44
CA ALA W 70 35.49 -63.86 -17.27
C ALA W 70 36.25 -64.32 -16.04
N VAL W 71 36.64 -63.36 -15.20
CA VAL W 71 37.34 -63.69 -13.97
C VAL W 71 36.34 -64.25 -12.96
N GLY W 72 36.71 -65.36 -12.32
CA GLY W 72 35.81 -66.03 -11.41
C GLY W 72 35.35 -65.17 -10.25
N GLY W 73 34.07 -64.81 -10.26
CA GLY W 73 33.49 -64.08 -9.14
C GLY W 73 33.77 -62.60 -9.10
N PHE W 74 34.43 -62.05 -10.13
CA PHE W 74 34.79 -60.64 -10.14
C PHE W 74 33.59 -59.83 -10.65
N VAL W 75 32.66 -59.57 -9.72
CA VAL W 75 31.52 -58.69 -9.96
C VAL W 75 31.54 -57.63 -8.87
N VAL W 76 31.39 -56.37 -9.27
CA VAL W 76 31.49 -55.24 -8.35
C VAL W 76 30.13 -54.57 -8.27
N ALA W 77 29.60 -54.48 -7.05
CA ALA W 77 28.36 -53.78 -6.80
C ALA W 77 28.63 -52.30 -6.55
N PRO W 78 27.63 -51.45 -6.69
CA PRO W 78 27.86 -50.01 -6.49
C PRO W 78 28.31 -49.72 -5.06
N GLY W 79 29.20 -48.74 -4.95
CA GLY W 79 29.82 -48.43 -3.68
C GLY W 79 30.95 -49.35 -3.29
N GLU W 80 31.66 -49.91 -4.26
CA GLU W 80 32.72 -50.86 -3.98
C GLU W 80 33.85 -50.70 -4.98
N CYS W 81 35.02 -51.24 -4.63
CA CYS W 81 36.13 -51.37 -5.55
C CYS W 81 36.73 -52.76 -5.39
N ARG W 82 37.33 -53.26 -6.46
CA ARG W 82 37.99 -54.56 -6.42
C ARG W 82 39.17 -54.55 -7.36
N SER W 83 40.28 -55.12 -6.91
CA SER W 83 41.52 -55.16 -7.67
C SER W 83 42.07 -56.57 -7.70
N ILE W 84 42.74 -56.89 -8.81
CA ILE W 84 43.31 -58.22 -9.01
C ILE W 84 44.62 -58.07 -9.76
N THR W 85 45.65 -58.79 -9.30
CA THR W 85 46.95 -58.79 -9.95
C THR W 85 47.08 -60.05 -10.80
N MET W 86 47.72 -59.92 -11.96
CA MET W 86 47.84 -61.04 -12.88
C MET W 86 49.07 -60.87 -13.77
N ASN W 87 49.43 -61.96 -14.43
CA ASN W 87 50.58 -62.03 -15.32
C ASN W 87 50.09 -62.53 -16.67
N ASP W 88 50.79 -62.11 -17.73
CA ASP W 88 50.43 -62.47 -19.10
C ASP W 88 49.02 -61.98 -19.43
N ILE W 89 48.84 -60.66 -19.35
CA ILE W 89 47.57 -60.00 -19.63
C ILE W 89 47.62 -59.46 -21.05
N ASN W 90 46.62 -59.81 -21.84
CA ASN W 90 46.54 -59.39 -23.23
C ASN W 90 45.27 -58.64 -23.59
N SER W 91 44.22 -58.72 -22.77
CA SER W 91 42.98 -58.03 -23.06
C SER W 91 42.23 -57.75 -21.76
N ILE W 92 41.58 -56.60 -21.71
CA ILE W 92 40.76 -56.18 -20.58
C ILE W 92 39.45 -55.60 -21.12
N ALA W 93 38.33 -56.10 -20.60
CA ALA W 93 37.02 -55.63 -21.01
C ALA W 93 36.08 -55.66 -19.81
N ILE W 94 34.99 -54.90 -19.93
CA ILE W 94 34.01 -54.76 -18.86
C ILE W 94 32.64 -55.12 -19.41
N VAL W 95 31.88 -55.89 -18.64
CA VAL W 95 30.52 -56.28 -18.97
C VAL W 95 29.59 -55.70 -17.91
N GLY W 96 28.61 -54.91 -18.33
CA GLY W 96 27.65 -54.31 -17.43
C GLY W 96 26.34 -55.10 -17.43
N ALA W 97 25.71 -55.16 -16.26
CA ALA W 97 24.45 -55.88 -16.11
C ALA W 97 23.59 -55.18 -15.09
N GLY W 98 22.37 -54.82 -15.48
CA GLY W 98 21.44 -54.16 -14.59
C GLY W 98 20.54 -53.17 -15.29
N THR W 99 20.04 -52.19 -14.54
CA THR W 99 19.20 -51.14 -15.09
C THR W 99 19.73 -49.78 -14.64
N GLY W 100 19.66 -48.82 -15.55
CA GLY W 100 20.20 -47.50 -15.28
C GLY W 100 21.64 -47.36 -15.77
N THR W 101 22.31 -46.32 -15.28
CA THR W 101 23.68 -46.01 -15.65
C THR W 101 24.51 -45.82 -14.39
N SER W 102 25.79 -46.21 -14.46
CA SER W 102 26.70 -46.09 -13.34
C SER W 102 28.01 -45.48 -13.79
N SER W 103 28.61 -44.66 -12.92
CA SER W 103 29.93 -44.09 -13.19
C SER W 103 30.98 -45.08 -12.70
N VAL W 104 31.58 -45.83 -13.62
CA VAL W 104 32.50 -46.92 -13.29
C VAL W 104 33.90 -46.50 -13.70
N LYS W 105 34.84 -46.58 -12.76
CA LYS W 105 36.22 -46.17 -12.97
C LYS W 105 37.09 -47.42 -13.12
N ILE W 106 37.83 -47.49 -14.21
CA ILE W 106 38.75 -48.59 -14.49
C ILE W 106 40.16 -48.04 -14.49
N SER W 107 41.03 -48.67 -13.69
CA SER W 107 42.45 -48.36 -13.68
C SER W 107 43.24 -49.65 -13.83
N PHE W 108 44.44 -49.54 -14.38
CA PHE W 108 45.27 -50.73 -14.53
C PHE W 108 46.71 -50.34 -14.78
N SER W 109 47.61 -51.19 -14.28
CA SER W 109 49.05 -51.00 -14.43
C SER W 109 49.60 -51.99 -15.45
N ILE W 110 50.45 -51.50 -16.34
CA ILE W 110 51.15 -52.31 -17.33
C ILE W 110 52.61 -52.33 -16.93
N ASN W 111 53.14 -53.51 -16.63
CA ASN W 111 54.54 -53.69 -16.27
C ASN W 111 55.16 -54.71 -17.20
N TYR W 112 56.28 -54.33 -17.81
CA TYR W 112 57.01 -55.24 -18.69
C TYR W 112 58.45 -54.73 -18.83
N LYS W 113 59.21 -55.41 -19.68
CA LYS W 113 60.60 -55.03 -19.95
C LYS W 113 60.87 -55.17 -21.43
N PHE W 114 61.76 -54.32 -21.94
CA PHE W 114 62.10 -54.36 -23.36
C PHE W 114 63.58 -54.06 -23.59
N ALA X 2 97.48 -60.75 -21.57
CA ALA X 2 96.96 -59.69 -20.72
C ALA X 2 95.96 -58.81 -21.47
N GLN X 3 94.78 -58.64 -20.88
CA GLN X 3 93.76 -57.83 -21.51
C GLN X 3 94.20 -56.38 -21.60
N ILE X 4 93.91 -55.75 -22.75
CA ILE X 4 94.19 -54.34 -22.97
C ILE X 4 92.87 -53.63 -23.20
N GLY X 5 92.55 -52.69 -22.31
CA GLY X 5 91.27 -52.02 -22.36
C GLY X 5 90.15 -52.91 -21.87
N ASN X 6 88.92 -52.38 -21.98
CA ASN X 6 87.74 -53.12 -21.57
C ASN X 6 86.64 -52.85 -22.59
N CYS X 7 86.02 -53.92 -23.09
CA CYS X 7 84.88 -53.75 -23.97
C CYS X 7 83.76 -52.99 -23.27
N CYS X 8 83.52 -53.30 -22.00
CA CYS X 8 82.58 -52.57 -21.16
C CYS X 8 81.20 -52.50 -21.79
N THR X 9 80.63 -51.30 -21.84
CA THR X 9 79.29 -51.09 -22.36
C THR X 9 79.16 -49.62 -22.78
N GLU X 10 77.97 -49.27 -23.27
CA GLU X 10 77.63 -47.92 -23.71
C GLU X 10 76.31 -47.50 -23.09
N GLN X 11 76.22 -47.63 -21.76
CA GLN X 11 74.96 -47.53 -21.03
C GLN X 11 74.06 -46.45 -21.60
N LEU X 12 72.78 -46.79 -21.74
CA LEU X 12 71.78 -45.95 -22.39
C LEU X 12 70.77 -45.49 -21.36
N CYS X 13 70.44 -44.20 -21.38
CA CYS X 13 69.40 -43.66 -20.51
C CYS X 13 68.05 -43.97 -21.12
N CYS X 14 67.11 -44.40 -20.28
CA CYS X 14 65.78 -44.79 -20.72
C CYS X 14 64.81 -43.66 -20.45
N VAL X 15 64.16 -43.16 -21.50
CA VAL X 15 63.22 -42.05 -21.42
C VAL X 15 61.81 -42.62 -21.43
N ASN X 16 61.00 -42.18 -20.46
CA ASN X 16 59.60 -42.59 -20.33
C ASN X 16 58.82 -41.31 -20.03
N ASP X 17 58.24 -40.71 -21.07
CA ASP X 17 57.48 -39.48 -20.95
C ASP X 17 55.99 -39.75 -21.19
N ALA X 18 55.16 -38.83 -20.72
CA ALA X 18 53.72 -38.90 -20.87
C ALA X 18 53.20 -37.58 -21.39
N VAL X 19 52.21 -37.62 -22.28
CA VAL X 19 51.60 -36.44 -22.86
C VAL X 19 50.09 -36.57 -22.76
N CYS X 20 49.43 -35.44 -22.47
CA CYS X 20 47.97 -35.39 -22.35
C CYS X 20 47.47 -34.08 -22.92
N CYS X 21 46.39 -34.13 -23.68
CA CYS X 21 45.72 -32.91 -24.11
C CYS X 21 44.25 -33.19 -24.37
N THR X 22 43.47 -32.11 -24.48
CA THR X 22 42.04 -32.18 -24.73
C THR X 22 41.72 -31.33 -25.96
N ILE X 23 40.84 -31.84 -26.82
CA ILE X 23 40.49 -31.18 -28.06
C ILE X 23 38.98 -31.16 -28.21
N ILE X 24 38.51 -30.20 -29.00
CA ILE X 24 37.10 -30.11 -29.39
C ILE X 24 37.00 -30.74 -30.77
N LEU X 25 36.46 -31.95 -30.83
CA LEU X 25 36.43 -32.74 -32.05
C LEU X 25 35.07 -32.60 -32.71
N ASP X 26 35.06 -32.28 -34.00
CA ASP X 26 33.87 -32.21 -34.83
C ASP X 26 34.07 -33.08 -36.05
N ASP X 27 33.15 -32.98 -37.00
CA ASP X 27 33.24 -33.78 -38.22
C ASP X 27 34.34 -33.23 -39.12
N THR X 28 35.31 -34.08 -39.44
CA THR X 28 36.45 -33.70 -40.27
C THR X 28 36.39 -34.31 -41.67
N GLY X 29 35.32 -35.02 -42.00
CA GLY X 29 35.19 -35.59 -43.34
C GLY X 29 36.25 -36.63 -43.66
N GLY X 30 36.61 -37.45 -42.68
CA GLY X 30 37.56 -38.52 -42.91
C GLY X 30 39.01 -38.12 -42.87
N THR X 31 39.31 -36.85 -42.64
CA THR X 31 40.70 -36.39 -42.60
C THR X 31 41.25 -36.57 -41.19
N ALA X 32 42.49 -37.05 -41.11
CA ALA X 32 43.12 -37.32 -39.82
C ALA X 32 43.81 -36.06 -39.31
N LEU X 33 43.41 -35.62 -38.12
CA LEU X 33 44.04 -34.47 -37.49
C LEU X 33 45.36 -34.92 -36.85
N PRO X 34 46.49 -34.32 -37.22
CA PRO X 34 47.77 -34.78 -36.65
C PRO X 34 47.86 -34.45 -35.17
N ILE X 35 48.24 -35.43 -34.37
CA ILE X 35 48.40 -35.27 -32.94
C ILE X 35 49.87 -35.41 -32.53
N TRP X 36 50.54 -36.44 -33.03
CA TRP X 36 51.94 -36.67 -32.68
C TRP X 36 52.68 -37.21 -33.90
N ASP X 37 53.92 -36.76 -34.07
CA ASP X 37 54.76 -37.21 -35.16
C ASP X 37 56.16 -37.47 -34.65
N ASP X 38 56.88 -38.37 -35.32
CA ASP X 38 58.23 -38.75 -34.94
C ASP X 38 59.21 -38.20 -35.96
N ALA X 39 60.26 -37.53 -35.47
CA ALA X 39 61.30 -36.97 -36.31
C ALA X 39 62.69 -37.50 -35.95
N THR X 40 62.77 -38.49 -35.07
CA THR X 40 64.03 -39.06 -34.63
C THR X 40 64.23 -40.42 -35.27
N THR X 41 65.39 -41.01 -35.02
CA THR X 41 65.74 -42.33 -35.54
C THR X 41 65.60 -43.42 -34.48
N PHE X 42 65.04 -43.11 -33.33
CA PHE X 42 64.88 -44.08 -32.26
C PHE X 42 63.70 -45.00 -32.54
N VAL X 43 63.61 -46.06 -31.74
CA VAL X 43 62.47 -46.97 -31.74
C VAL X 43 61.64 -46.65 -30.50
N ILE X 44 60.37 -46.32 -30.71
CA ILE X 44 59.50 -45.78 -29.67
C ILE X 44 58.36 -46.75 -29.44
N ASN X 45 58.13 -47.10 -28.16
CA ASN X 45 57.00 -47.89 -27.74
C ASN X 45 56.09 -47.06 -26.86
N GLY X 46 54.91 -47.58 -26.56
CA GLY X 46 54.07 -46.93 -25.57
C GLY X 46 52.61 -47.26 -25.76
N THR X 47 51.80 -46.67 -24.88
CA THR X 47 50.37 -46.88 -24.86
C THR X 47 49.65 -45.57 -25.19
N ILE X 48 48.58 -45.67 -25.96
CA ILE X 48 47.77 -44.55 -26.41
C ILE X 48 46.36 -44.74 -25.88
N MET X 49 45.83 -43.72 -25.21
CA MET X 49 44.50 -43.76 -24.63
C MET X 49 43.68 -42.58 -25.16
N VAL X 50 42.44 -42.88 -25.56
CA VAL X 50 41.51 -41.87 -26.05
C VAL X 50 40.23 -42.00 -25.24
N GLU X 51 39.77 -40.89 -24.66
CA GLU X 51 38.54 -40.86 -23.87
C GLU X 51 37.62 -39.80 -24.46
N ASN X 52 36.40 -40.20 -24.78
CA ASN X 52 35.41 -39.29 -25.37
C ASN X 52 34.39 -38.94 -24.29
N ASN X 53 34.49 -37.72 -23.77
CA ASN X 53 33.63 -37.26 -22.69
C ASN X 53 32.41 -36.49 -23.17
N GLY X 54 32.20 -36.38 -24.48
CA GLY X 54 31.07 -35.66 -25.01
C GLY X 54 29.74 -36.20 -24.53
N THR X 55 28.66 -35.51 -24.85
CA THR X 55 27.34 -35.96 -24.44
C THR X 55 27.03 -37.32 -25.06
N VAL X 56 26.35 -38.16 -24.28
CA VAL X 56 26.07 -39.53 -24.72
C VAL X 56 25.03 -39.51 -25.83
N GLY X 57 25.33 -40.20 -26.92
CA GLY X 57 24.39 -40.33 -28.02
C GLY X 57 24.26 -39.11 -28.91
N VAL X 58 25.09 -38.09 -28.71
CA VAL X 58 25.00 -36.86 -29.49
C VAL X 58 26.35 -36.55 -30.11
N GLY X 59 27.40 -36.53 -29.29
CA GLY X 59 28.71 -36.11 -29.74
C GLY X 59 29.31 -37.05 -30.76
N PRO X 60 30.17 -36.54 -31.64
CA PRO X 60 30.80 -37.39 -32.65
C PRO X 60 31.70 -38.43 -32.02
N THR X 61 31.89 -39.53 -32.75
CA THR X 61 32.83 -40.57 -32.36
C THR X 61 34.22 -40.27 -32.91
N ALA X 62 35.23 -40.85 -32.27
CA ALA X 62 36.62 -40.64 -32.62
C ALA X 62 37.27 -41.97 -32.95
N ALA X 63 38.21 -41.96 -33.91
CA ALA X 63 38.95 -43.14 -34.31
C ALA X 63 40.44 -42.81 -34.34
N LEU X 64 41.25 -43.76 -33.89
CA LEU X 64 42.70 -43.58 -33.83
C LEU X 64 43.34 -44.05 -35.13
N THR X 65 44.40 -43.34 -35.53
CA THR X 65 45.19 -43.70 -36.69
C THR X 65 46.66 -43.65 -36.31
N VAL X 66 47.39 -44.72 -36.59
CA VAL X 66 48.80 -44.84 -36.24
C VAL X 66 49.55 -45.30 -37.47
N ASN X 67 50.69 -44.67 -37.74
CA ASN X 67 51.53 -45.01 -38.88
C ASN X 67 50.77 -44.87 -40.20
N GLY X 68 49.77 -44.00 -40.23
CA GLY X 68 48.99 -43.80 -41.42
C GLY X 68 47.94 -44.86 -41.69
N THR X 69 47.76 -45.82 -40.79
CA THR X 69 46.79 -46.88 -40.96
C THR X 69 45.86 -46.90 -39.74
N ALA X 70 44.56 -46.94 -40.00
CA ALA X 70 43.59 -46.95 -38.92
C ALA X 70 43.68 -48.24 -38.12
N VAL X 71 43.56 -48.11 -36.80
CA VAL X 71 43.61 -49.28 -35.93
C VAL X 71 42.28 -50.03 -36.05
N GLY X 72 42.37 -51.35 -36.22
CA GLY X 72 41.18 -52.16 -36.42
C GLY X 72 40.18 -52.08 -35.30
N GLY X 73 39.03 -51.46 -35.58
CA GLY X 73 37.94 -51.42 -34.62
C GLY X 73 38.09 -50.40 -33.51
N PHE X 74 39.12 -49.55 -33.56
CA PHE X 74 39.35 -48.56 -32.50
C PHE X 74 38.49 -47.33 -32.78
N VAL X 75 37.22 -47.42 -32.39
CA VAL X 75 36.28 -46.31 -32.42
C VAL X 75 35.70 -46.16 -31.02
N VAL X 76 35.69 -44.94 -30.51
CA VAL X 76 35.26 -44.65 -29.15
C VAL X 76 33.98 -43.83 -29.20
N ALA X 77 32.93 -44.34 -28.58
CA ALA X 77 31.68 -43.63 -28.45
C ALA X 77 31.70 -42.73 -27.22
N PRO X 78 30.84 -41.72 -27.15
CA PRO X 78 30.85 -40.82 -25.99
C PRO X 78 30.55 -41.57 -24.71
N GLY X 79 31.21 -41.14 -23.64
CA GLY X 79 31.13 -41.83 -22.37
C GLY X 79 31.99 -43.06 -22.26
N GLU X 80 33.11 -43.11 -22.98
CA GLU X 80 33.97 -44.28 -22.99
C GLU X 80 35.42 -43.86 -23.08
N CYS X 81 36.31 -44.80 -22.74
CA CYS X 81 37.74 -44.65 -22.96
C CYS X 81 38.26 -45.96 -23.53
N ARG X 82 39.34 -45.87 -24.30
CA ARG X 82 39.98 -47.05 -24.87
C ARG X 82 41.47 -46.80 -25.00
N SER X 83 42.26 -47.80 -24.63
CA SER X 83 43.71 -47.71 -24.64
C SER X 83 44.30 -48.91 -25.37
N ILE X 84 45.44 -48.68 -26.02
CA ILE X 84 46.11 -49.72 -26.79
C ILE X 84 47.61 -49.52 -26.65
N THR X 85 48.34 -50.60 -26.41
CA THR X 85 49.80 -50.58 -26.31
C THR X 85 50.39 -51.06 -27.63
N MET X 86 51.50 -50.45 -28.03
CA MET X 86 52.11 -50.77 -29.31
C MET X 86 53.59 -50.45 -29.27
N ASN X 87 54.30 -50.98 -30.27
CA ASN X 87 55.74 -50.80 -30.43
C ASN X 87 55.99 -50.25 -31.83
N ASP X 88 57.08 -49.49 -31.96
CA ASP X 88 57.45 -48.85 -33.23
C ASP X 88 56.34 -47.90 -33.68
N ILE X 89 56.07 -46.91 -32.83
CA ILE X 89 55.04 -45.91 -33.09
C ILE X 89 55.72 -44.66 -33.64
N ASN X 90 55.26 -44.17 -34.79
CA ASN X 90 55.83 -43.00 -35.43
C ASN X 90 54.83 -41.89 -35.68
N SER X 91 53.53 -42.15 -35.62
CA SER X 91 52.54 -41.11 -35.87
C SER X 91 51.25 -41.48 -35.15
N ILE X 92 50.57 -40.45 -34.62
CA ILE X 92 49.29 -40.60 -33.95
C ILE X 92 48.37 -39.49 -34.44
N ALA X 93 47.17 -39.87 -34.87
CA ALA X 93 46.19 -38.91 -35.36
C ALA X 93 44.79 -39.39 -34.98
N ILE X 94 43.85 -38.46 -35.01
CA ILE X 94 42.47 -38.72 -34.61
C ILE X 94 41.55 -38.29 -35.75
N VAL X 95 40.56 -39.13 -36.06
CA VAL X 95 39.56 -38.85 -37.07
C VAL X 95 38.20 -38.79 -36.38
N GLY X 96 37.50 -37.68 -36.52
CA GLY X 96 36.18 -37.50 -35.94
C GLY X 96 35.10 -37.74 -36.97
N ALA X 97 33.98 -38.32 -36.51
CA ALA X 97 32.86 -38.61 -37.39
C ALA X 97 31.56 -38.45 -36.61
N GLY X 98 30.65 -37.62 -37.12
CA GLY X 98 29.37 -37.40 -36.49
C GLY X 98 28.87 -35.98 -36.65
N THR X 99 28.00 -35.55 -35.73
CA THR X 99 27.46 -34.21 -35.73
C THR X 99 27.63 -33.59 -34.35
N GLY X 100 27.94 -32.30 -34.34
CA GLY X 100 28.21 -31.61 -33.08
C GLY X 100 29.69 -31.61 -32.74
N THR X 101 29.97 -31.29 -31.48
CA THR X 101 31.33 -31.22 -30.97
C THR X 101 31.45 -32.04 -29.70
N SER X 102 32.61 -32.64 -29.49
CA SER X 102 32.88 -33.47 -28.32
C SER X 102 34.20 -33.09 -27.69
N SER X 103 34.26 -33.15 -26.36
CA SER X 103 35.51 -32.92 -25.64
C SER X 103 36.25 -34.25 -25.54
N VAL X 104 37.27 -34.43 -26.38
CA VAL X 104 37.98 -35.69 -26.51
C VAL X 104 39.38 -35.51 -25.95
N LYS X 105 39.75 -36.38 -25.02
CA LYS X 105 41.04 -36.33 -24.34
C LYS X 105 41.95 -37.41 -24.89
N ILE X 106 43.13 -37.01 -25.34
CA ILE X 106 44.14 -37.93 -25.88
C ILE X 106 45.34 -37.92 -24.96
N SER X 107 45.76 -39.08 -24.50
CA SER X 107 46.97 -39.24 -23.72
C SER X 107 47.81 -40.34 -24.34
N PHE X 108 49.12 -40.26 -24.16
CA PHE X 108 49.99 -41.30 -24.69
C PHE X 108 51.36 -41.25 -24.02
N SER X 109 51.96 -42.43 -23.89
CA SER X 109 53.28 -42.59 -23.30
C SER X 109 54.31 -42.88 -24.37
N ILE X 110 55.45 -42.20 -24.29
CA ILE X 110 56.58 -42.41 -25.17
C ILE X 110 57.68 -43.06 -24.35
N ASN X 111 58.07 -44.28 -24.72
CA ASN X 111 59.13 -45.00 -24.03
C ASN X 111 60.19 -45.40 -25.05
N TYR X 112 61.45 -45.05 -24.75
CA TYR X 112 62.56 -45.41 -25.61
C TYR X 112 63.85 -45.33 -24.81
N LYS X 113 64.97 -45.54 -25.48
CA LYS X 113 66.28 -45.48 -24.86
C LYS X 113 67.25 -44.78 -25.80
N PHE X 114 68.21 -44.07 -25.22
CA PHE X 114 69.19 -43.34 -26.03
C PHE X 114 70.58 -43.39 -25.39
N ALA Y 2 99.32 -59.37 -14.33
CA ALA Y 2 98.37 -58.96 -13.30
C ALA Y 2 97.81 -57.57 -13.59
N GLN Y 3 96.49 -57.46 -13.60
CA GLN Y 3 95.84 -56.19 -13.86
C GLN Y 3 96.17 -55.18 -12.77
N ILE Y 4 96.43 -53.94 -13.17
CA ILE Y 4 96.68 -52.84 -12.25
C ILE Y 4 95.60 -51.81 -12.46
N GLY Y 5 94.81 -51.56 -11.42
CA GLY Y 5 93.67 -50.67 -11.53
C GLY Y 5 92.52 -51.31 -12.28
N ASN Y 6 91.49 -50.50 -12.50
CA ASN Y 6 90.30 -50.96 -13.23
C ASN Y 6 89.84 -49.83 -14.13
N CYS Y 7 89.63 -50.13 -15.41
CA CYS Y 7 89.07 -49.14 -16.31
C CYS Y 7 87.69 -48.69 -15.83
N CYS Y 8 86.88 -49.64 -15.35
CA CYS Y 8 85.59 -49.34 -14.74
C CYS Y 8 84.71 -48.51 -15.65
N THR Y 9 84.15 -47.43 -15.10
CA THR Y 9 83.24 -46.57 -15.84
C THR Y 9 83.21 -45.19 -15.17
N GLU Y 10 82.40 -44.30 -15.72
CA GLU Y 10 82.22 -42.93 -15.23
C GLU Y 10 80.74 -42.62 -15.11
N GLN Y 11 80.02 -43.51 -14.41
CA GLN Y 11 78.56 -43.52 -14.42
C GLN Y 11 77.97 -42.12 -14.43
N LEU Y 12 76.96 -41.92 -15.27
CA LEU Y 12 76.36 -40.62 -15.50
C LEU Y 12 74.93 -40.62 -14.98
N CYS Y 13 74.56 -39.56 -14.26
CA CYS Y 13 73.20 -39.41 -13.80
C CYS Y 13 72.34 -38.87 -14.94
N CYS Y 14 71.15 -39.44 -15.09
CA CYS Y 14 70.25 -39.08 -16.18
C CYS Y 14 69.18 -38.13 -15.65
N VAL Y 15 69.11 -36.94 -16.24
CA VAL Y 15 68.16 -35.91 -15.83
C VAL Y 15 66.99 -35.91 -16.80
N ASN Y 16 65.78 -35.95 -16.24
CA ASN Y 16 64.53 -35.93 -17.01
C ASN Y 16 63.61 -34.95 -16.29
N ASP Y 17 63.58 -33.71 -16.77
CA ASP Y 17 62.77 -32.66 -16.18
C ASP Y 17 61.63 -32.28 -17.12
N ALA Y 18 60.61 -31.66 -16.55
CA ALA Y 18 59.44 -31.20 -17.31
C ALA Y 18 59.14 -29.76 -16.94
N VAL Y 19 58.72 -28.97 -17.94
CA VAL Y 19 58.40 -27.57 -17.75
C VAL Y 19 57.05 -27.30 -18.39
N CYS Y 20 56.24 -26.47 -17.74
CA CYS Y 20 54.92 -26.08 -18.23
C CYS Y 20 54.66 -24.62 -17.90
N CYS Y 21 54.11 -23.88 -18.86
CA CYS Y 21 53.65 -22.52 -18.57
C CYS Y 21 52.53 -22.15 -19.54
N THR Y 22 51.83 -21.07 -19.20
CA THR Y 22 50.73 -20.56 -20.00
C THR Y 22 50.98 -19.10 -20.30
N ILE Y 23 50.70 -18.70 -21.55
CA ILE Y 23 50.95 -17.34 -22.01
C ILE Y 23 49.72 -16.81 -22.71
N ILE Y 24 49.63 -15.48 -22.76
CA ILE Y 24 48.59 -14.78 -23.51
C ILE Y 24 49.24 -14.36 -24.82
N LEU Y 25 48.90 -15.08 -25.90
CA LEU Y 25 49.53 -14.90 -27.20
C LEU Y 25 48.66 -14.00 -28.07
N ASP Y 26 49.29 -12.98 -28.65
CA ASP Y 26 48.65 -12.08 -29.60
C ASP Y 26 49.51 -12.03 -30.87
N ASP Y 27 49.17 -11.11 -31.77
CA ASP Y 27 49.90 -10.98 -33.02
C ASP Y 27 51.26 -10.35 -32.75
N THR Y 28 52.33 -11.05 -33.11
CA THR Y 28 53.69 -10.59 -32.90
C THR Y 28 54.38 -10.16 -34.19
N GLY Y 29 53.67 -10.17 -35.33
CA GLY Y 29 54.27 -9.75 -36.58
C GLY Y 29 55.42 -10.62 -37.04
N GLY Y 30 55.31 -11.93 -36.85
CA GLY Y 30 56.32 -12.85 -37.31
C GLY Y 30 57.53 -13.00 -36.42
N THR Y 31 57.60 -12.28 -35.31
CA THR Y 31 58.73 -12.37 -34.39
C THR Y 31 58.53 -13.51 -33.41
N ALA Y 32 59.60 -14.27 -33.17
CA ALA Y 32 59.53 -15.44 -32.31
C ALA Y 32 59.77 -15.02 -30.86
N LEU Y 33 58.80 -15.31 -30.00
CA LEU Y 33 58.95 -15.02 -28.58
C LEU Y 33 59.79 -16.11 -27.93
N PRO Y 34 60.93 -15.77 -27.30
CA PRO Y 34 61.78 -16.82 -26.73
C PRO Y 34 61.10 -17.50 -25.55
N ILE Y 35 61.11 -18.83 -25.56
CA ILE Y 35 60.52 -19.63 -24.50
C ILE Y 35 61.60 -20.40 -23.74
N TRP Y 36 62.52 -21.05 -24.46
CA TRP Y 36 63.57 -21.83 -23.82
C TRP Y 36 64.85 -21.70 -24.63
N ASP Y 37 65.98 -21.61 -23.93
CA ASP Y 37 67.29 -21.51 -24.56
C ASP Y 37 68.26 -22.43 -23.83
N ASP Y 38 69.28 -22.88 -24.55
CA ASP Y 38 70.29 -23.77 -24.02
C ASP Y 38 71.61 -23.03 -23.87
N ALA Y 39 72.21 -23.12 -22.69
CA ALA Y 39 73.49 -22.49 -22.40
C ALA Y 39 74.55 -23.50 -21.97
N THR Y 40 74.26 -24.80 -22.05
CA THR Y 40 75.18 -25.85 -21.64
C THR Y 40 75.78 -26.52 -22.88
N THR Y 41 76.71 -27.44 -22.62
CA THR Y 41 77.37 -28.20 -23.68
C THR Y 41 76.80 -29.60 -23.83
N PHE Y 42 75.71 -29.92 -23.13
CA PHE Y 42 75.13 -31.25 -23.19
C PHE Y 42 74.31 -31.41 -24.47
N VAL Y 43 73.92 -32.67 -24.73
CA VAL Y 43 73.00 -33.01 -25.80
C VAL Y 43 71.65 -33.29 -25.17
N ILE Y 44 70.63 -32.56 -25.61
CA ILE Y 44 69.32 -32.55 -24.96
C ILE Y 44 68.28 -33.09 -25.92
N ASN Y 45 67.49 -34.05 -25.47
CA ASN Y 45 66.36 -34.57 -26.22
C ASN Y 45 65.08 -34.24 -25.48
N GLY Y 46 63.94 -34.47 -26.13
CA GLY Y 46 62.68 -34.36 -25.43
C GLY Y 46 61.54 -34.07 -26.37
N THR Y 47 60.36 -33.95 -25.78
CA THR Y 47 59.11 -33.70 -26.49
C THR Y 47 58.56 -32.33 -26.10
N ILE Y 48 58.02 -31.63 -27.10
CA ILE Y 48 57.47 -30.29 -26.96
C ILE Y 48 56.00 -30.36 -27.34
N MET Y 49 55.12 -29.86 -26.46
CA MET Y 49 53.68 -29.87 -26.67
C MET Y 49 53.15 -28.45 -26.55
N VAL Y 50 52.30 -28.07 -27.51
CA VAL Y 50 51.66 -26.76 -27.52
C VAL Y 50 50.16 -26.98 -27.63
N GLU Y 51 49.39 -26.38 -26.72
CA GLU Y 51 47.94 -26.49 -26.71
C GLU Y 51 47.35 -25.10 -26.75
N ASN Y 52 46.47 -24.84 -27.72
CA ASN Y 52 45.85 -23.53 -27.87
C ASN Y 52 44.40 -23.64 -27.40
N ASN Y 53 44.13 -23.08 -26.22
CA ASN Y 53 42.82 -23.16 -25.60
C ASN Y 53 41.94 -21.95 -25.88
N GLY Y 54 42.40 -21.02 -26.71
CA GLY Y 54 41.63 -19.83 -27.02
C GLY Y 54 40.29 -20.15 -27.64
N THR Y 55 39.46 -19.13 -27.81
CA THR Y 55 38.14 -19.34 -28.40
C THR Y 55 38.28 -19.88 -29.82
N VAL Y 56 37.38 -20.79 -30.19
CA VAL Y 56 37.46 -21.45 -31.50
C VAL Y 56 37.10 -20.45 -32.59
N GLY Y 57 37.96 -20.38 -33.61
CA GLY Y 57 37.69 -19.54 -34.76
C GLY Y 57 37.93 -18.06 -34.55
N VAL Y 58 38.47 -17.67 -33.39
CA VAL Y 58 38.68 -16.26 -33.08
C VAL Y 58 40.14 -16.03 -32.71
N GLY Y 59 40.64 -16.82 -31.76
CA GLY Y 59 41.96 -16.61 -31.21
C GLY Y 59 43.07 -16.84 -32.23
N PRO Y 60 44.20 -16.17 -32.06
CA PRO Y 60 45.31 -16.36 -33.01
C PRO Y 60 45.87 -17.77 -32.94
N THR Y 61 46.48 -18.19 -34.05
CA THR Y 61 47.17 -19.46 -34.12
C THR Y 61 48.61 -19.30 -33.68
N ALA Y 62 49.22 -20.41 -33.26
CA ALA Y 62 50.59 -20.44 -32.77
C ALA Y 62 51.42 -21.41 -33.59
N ALA Y 63 52.69 -21.08 -33.79
CA ALA Y 63 53.63 -21.91 -34.52
C ALA Y 63 54.90 -22.07 -33.70
N LEU Y 64 55.46 -23.29 -33.72
CA LEU Y 64 56.66 -23.60 -32.97
C LEU Y 64 57.90 -23.33 -33.82
N THR Y 65 58.96 -22.86 -33.15
CA THR Y 65 60.25 -22.65 -33.80
C THR Y 65 61.33 -23.27 -32.92
N VAL Y 66 62.18 -24.10 -33.51
CA VAL Y 66 63.23 -24.79 -32.80
C VAL Y 66 64.53 -24.60 -33.55
N ASN Y 67 65.61 -24.29 -32.82
CA ASN Y 67 66.93 -24.08 -33.41
C ASN Y 67 66.91 -22.96 -34.44
N GLY Y 68 65.99 -22.01 -34.29
CA GLY Y 68 65.88 -20.90 -35.21
C GLY Y 68 65.20 -21.22 -36.52
N THR Y 69 64.67 -22.44 -36.68
CA THR Y 69 63.99 -22.84 -37.90
C THR Y 69 62.59 -23.34 -37.54
N ALA Y 70 61.59 -22.83 -38.27
CA ALA Y 70 60.21 -23.22 -38.01
C ALA Y 70 60.00 -24.69 -38.33
N VAL Y 71 59.24 -25.38 -37.49
CA VAL Y 71 58.93 -26.78 -37.72
C VAL Y 71 57.90 -26.89 -38.83
N GLY Y 72 58.16 -27.78 -39.79
CA GLY Y 72 57.30 -27.92 -40.95
C GLY Y 72 55.86 -28.25 -40.61
N GLY Y 73 54.96 -27.31 -40.84
CA GLY Y 73 53.54 -27.55 -40.67
C GLY Y 73 53.05 -27.50 -39.25
N PHE Y 74 53.89 -27.15 -38.28
CA PHE Y 74 53.49 -27.13 -36.88
C PHE Y 74 52.79 -25.81 -36.57
N VAL Y 75 51.50 -25.76 -36.92
CA VAL Y 75 50.62 -24.65 -36.59
C VAL Y 75 49.42 -25.23 -35.86
N VAL Y 76 49.06 -24.62 -34.73
CA VAL Y 76 48.00 -25.14 -33.87
C VAL Y 76 46.85 -24.13 -33.87
N ALA Y 77 45.67 -24.59 -34.27
CA ALA Y 77 44.47 -23.78 -34.23
C ALA Y 77 43.82 -23.88 -32.85
N PRO Y 78 42.96 -22.93 -32.50
CA PRO Y 78 42.33 -22.98 -31.18
C PRO Y 78 41.48 -24.24 -31.01
N GLY Y 79 41.49 -24.76 -29.78
CA GLY Y 79 40.84 -26.02 -29.49
C GLY Y 79 41.63 -27.24 -29.90
N GLU Y 80 42.96 -27.17 -29.90
CA GLU Y 80 43.80 -28.26 -30.36
C GLU Y 80 45.08 -28.31 -29.52
N CYS Y 81 45.74 -29.47 -29.57
CA CYS Y 81 47.07 -29.62 -29.03
C CYS Y 81 47.91 -30.39 -30.04
N ARG Y 82 49.22 -30.16 -30.01
CA ARG Y 82 50.14 -30.87 -30.89
C ARG Y 82 51.47 -31.03 -30.18
N SER Y 83 52.06 -32.23 -30.31
CA SER Y 83 53.31 -32.56 -29.66
C SER Y 83 54.27 -33.17 -30.67
N ILE Y 84 55.56 -32.92 -30.45
CA ILE Y 84 56.61 -33.41 -31.33
C ILE Y 84 57.82 -33.77 -30.49
N THR Y 85 58.42 -34.93 -30.77
CA THR Y 85 59.61 -35.38 -30.10
C THR Y 85 60.82 -35.10 -30.99
N MET Y 86 61.94 -34.71 -30.37
CA MET Y 86 63.13 -34.35 -31.13
C MET Y 86 64.37 -34.55 -30.27
N ASN Y 87 65.51 -34.54 -30.95
CA ASN Y 87 66.82 -34.72 -30.35
C ASN Y 87 67.69 -33.54 -30.73
N ASP Y 88 68.65 -33.20 -29.85
CA ASP Y 88 69.53 -32.05 -30.06
C ASP Y 88 68.73 -30.76 -30.15
N ILE Y 89 68.00 -30.47 -29.08
CA ILE Y 89 67.16 -29.28 -28.99
C ILE Y 89 67.93 -28.22 -28.20
N ASN Y 90 68.06 -27.03 -28.78
CA ASN Y 90 68.78 -25.93 -28.17
C ASN Y 90 67.96 -24.66 -27.97
N SER Y 91 66.83 -24.53 -28.66
CA SER Y 91 66.00 -23.34 -28.52
C SER Y 91 64.55 -23.67 -28.85
N ILE Y 92 63.64 -23.04 -28.13
CA ILE Y 92 62.20 -23.20 -28.32
C ILE Y 92 61.56 -21.82 -28.27
N ALA Y 93 60.78 -21.49 -29.28
CA ALA Y 93 60.09 -20.21 -29.34
C ALA Y 93 58.73 -20.40 -30.01
N ILE Y 94 57.85 -19.43 -29.79
CA ILE Y 94 56.48 -19.46 -30.29
C ILE Y 94 56.22 -18.19 -31.08
N VAL Y 95 55.58 -18.34 -32.24
CA VAL Y 95 55.19 -17.23 -33.09
C VAL Y 95 53.67 -17.23 -33.20
N GLY Y 96 53.05 -16.12 -32.83
CA GLY Y 96 51.61 -15.97 -32.89
C GLY Y 96 51.20 -15.21 -34.14
N ALA Y 97 50.05 -15.59 -34.70
CA ALA Y 97 49.53 -14.95 -35.90
C ALA Y 97 48.01 -14.95 -35.85
N GLY Y 98 47.43 -13.75 -35.98
CA GLY Y 98 45.98 -13.62 -35.97
C GLY Y 98 45.51 -12.33 -35.33
N THR Y 99 44.28 -12.33 -34.83
CA THR Y 99 43.70 -11.18 -34.15
C THR Y 99 43.12 -11.62 -32.82
N GLY Y 100 43.29 -10.77 -31.81
CA GLY Y 100 42.84 -11.10 -30.47
C GLY Y 100 43.95 -11.73 -29.65
N THR Y 101 43.55 -12.34 -28.54
CA THR Y 101 44.47 -12.98 -27.62
C THR Y 101 44.00 -14.39 -27.33
N SER Y 102 44.96 -15.31 -27.12
CA SER Y 102 44.66 -16.70 -26.85
C SER Y 102 45.48 -17.19 -25.66
N SER Y 103 44.87 -18.06 -24.85
CA SER Y 103 45.57 -18.69 -23.74
C SER Y 103 46.28 -19.94 -24.26
N VAL Y 104 47.59 -19.84 -24.48
CA VAL Y 104 48.36 -20.90 -25.12
C VAL Y 104 49.28 -21.51 -24.07
N LYS Y 105 49.21 -22.84 -23.93
CA LYS Y 105 49.98 -23.57 -22.93
C LYS Y 105 51.12 -24.29 -23.64
N ILE Y 106 52.34 -24.07 -23.16
CA ILE Y 106 53.54 -24.70 -23.69
C ILE Y 106 54.13 -25.59 -22.61
N SER Y 107 54.35 -26.86 -22.94
CA SER Y 107 55.03 -27.80 -22.07
C SER Y 107 56.15 -28.47 -22.84
N PHE Y 108 57.19 -28.89 -22.13
CA PHE Y 108 58.28 -29.58 -22.80
C PHE Y 108 59.12 -30.34 -21.78
N SER Y 109 59.67 -31.45 -22.25
CA SER Y 109 60.53 -32.31 -21.45
C SER Y 109 61.99 -32.17 -21.88
N ILE Y 110 62.87 -32.04 -20.90
CA ILE Y 110 64.32 -31.98 -21.12
C ILE Y 110 64.90 -33.28 -20.59
N ASN Y 111 65.51 -34.07 -21.48
CA ASN Y 111 66.15 -35.33 -21.11
C ASN Y 111 67.59 -35.30 -21.56
N TYR Y 112 68.51 -35.57 -20.63
CA TYR Y 112 69.93 -35.63 -20.94
C TYR Y 112 70.63 -36.43 -19.86
N LYS Y 113 71.96 -36.50 -19.95
CA LYS Y 113 72.78 -37.20 -18.99
C LYS Y 113 74.03 -36.39 -18.69
N PHE Y 114 74.52 -36.48 -17.46
CA PHE Y 114 75.72 -35.73 -17.07
C PHE Y 114 76.60 -36.56 -16.14
N ALA Z 2 97.79 -62.90 -8.77
CA ALA Z 2 96.44 -62.97 -8.23
C ALA Z 2 96.01 -61.60 -7.71
N GLN Z 3 94.84 -61.15 -8.18
CA GLN Z 3 94.32 -59.86 -7.75
C GLN Z 3 94.01 -59.87 -6.26
N ILE Z 4 94.35 -58.77 -5.58
CA ILE Z 4 94.06 -58.59 -4.17
C ILE Z 4 93.13 -57.39 -4.05
N GLY Z 5 91.92 -57.62 -3.54
CA GLY Z 5 90.92 -56.58 -3.47
C GLY Z 5 90.33 -56.27 -4.83
N ASN Z 6 89.47 -55.26 -4.84
CA ASN Z 6 88.82 -54.82 -6.08
C ASN Z 6 88.77 -53.30 -6.08
N CYS Z 7 89.22 -52.70 -7.18
CA CYS Z 7 89.10 -51.24 -7.31
C CYS Z 7 87.64 -50.83 -7.26
N CYS Z 8 86.77 -51.60 -7.91
CA CYS Z 8 85.32 -51.40 -7.83
C CYS Z 8 84.92 -49.98 -8.20
N THR Z 9 84.09 -49.35 -7.37
CA THR Z 9 83.60 -48.01 -7.62
C THR Z 9 83.16 -47.39 -6.30
N GLU Z 10 82.66 -46.17 -6.37
CA GLU Z 10 82.18 -45.39 -5.23
C GLU Z 10 80.80 -44.83 -5.54
N GLN Z 11 79.90 -45.71 -5.98
CA GLN Z 11 78.62 -45.32 -6.57
C GLN Z 11 78.02 -44.10 -5.86
N LEU Z 12 77.53 -43.17 -6.67
CA LEU Z 12 77.02 -41.89 -6.19
C LEU Z 12 75.52 -41.81 -6.44
N CYS Z 13 74.79 -41.36 -5.43
CA CYS Z 13 73.36 -41.14 -5.58
C CYS Z 13 73.12 -39.82 -6.28
N CYS Z 14 72.19 -39.82 -7.23
CA CYS Z 14 71.91 -38.64 -8.03
C CYS Z 14 70.65 -37.95 -7.49
N VAL Z 15 70.79 -36.70 -7.10
CA VAL Z 15 69.70 -35.92 -6.53
C VAL Z 15 69.14 -35.00 -7.61
N ASN Z 16 67.82 -35.03 -7.77
CA ASN Z 16 67.09 -34.21 -8.74
C ASN Z 16 65.88 -33.66 -8.00
N ASP Z 17 65.99 -32.44 -7.49
CA ASP Z 17 64.94 -31.79 -6.74
C ASP Z 17 64.36 -30.62 -7.54
N ALA Z 18 63.16 -30.22 -7.17
CA ALA Z 18 62.46 -29.10 -7.82
C ALA Z 18 61.94 -28.16 -6.74
N VAL Z 19 61.99 -26.86 -7.01
CA VAL Z 19 61.52 -25.84 -6.08
C VAL Z 19 60.63 -24.87 -6.85
N CYS Z 20 59.56 -24.42 -6.20
CA CYS Z 20 58.62 -23.47 -6.78
C CYS Z 20 58.14 -22.52 -5.70
N CYS Z 21 58.06 -21.22 -6.04
CA CYS Z 21 57.42 -20.27 -5.14
C CYS Z 21 56.88 -19.10 -5.95
N THR Z 22 56.04 -18.31 -5.30
CA THR Z 22 55.42 -17.13 -5.90
C THR Z 22 55.70 -15.92 -5.02
N ILE Z 23 56.02 -14.79 -5.64
CA ILE Z 23 56.38 -13.57 -4.94
C ILE Z 23 55.59 -12.41 -5.52
N ILE Z 24 55.44 -11.37 -4.70
CA ILE Z 24 54.85 -10.10 -5.12
C ILE Z 24 56.02 -9.18 -5.42
N LEU Z 25 56.29 -8.95 -6.70
CA LEU Z 25 57.46 -8.21 -7.15
C LEU Z 25 57.05 -6.77 -7.45
N ASP Z 26 57.81 -5.83 -6.89
CA ASP Z 26 57.66 -4.41 -7.15
C ASP Z 26 59.01 -3.83 -7.58
N ASP Z 27 59.09 -2.51 -7.67
CA ASP Z 27 60.33 -1.86 -8.07
C ASP Z 27 61.33 -1.92 -6.95
N THR Z 28 62.50 -2.52 -7.22
CA THR Z 28 63.55 -2.69 -6.23
C THR Z 28 64.74 -1.77 -6.49
N GLY Z 29 64.67 -0.91 -7.49
CA GLY Z 29 65.77 0.02 -7.76
C GLY Z 29 67.05 -0.67 -8.17
N GLY Z 30 66.95 -1.73 -8.96
CA GLY Z 30 68.12 -2.42 -9.47
C GLY Z 30 68.76 -3.40 -8.52
N THR Z 31 68.23 -3.57 -7.31
CA THR Z 31 68.79 -4.49 -6.34
C THR Z 31 68.21 -5.89 -6.56
N ALA Z 32 69.09 -6.89 -6.50
CA ALA Z 32 68.69 -8.27 -6.75
C ALA Z 32 68.17 -8.91 -5.47
N LEU Z 33 66.94 -9.37 -5.50
CA LEU Z 33 66.36 -10.08 -4.35
C LEU Z 33 66.87 -11.51 -4.33
N PRO Z 34 67.53 -11.95 -3.26
CA PRO Z 34 68.07 -13.33 -3.26
C PRO Z 34 66.96 -14.35 -3.23
N ILE Z 35 67.05 -15.33 -4.13
CA ILE Z 35 66.10 -16.42 -4.22
C ILE Z 35 66.72 -17.75 -3.83
N TRP Z 36 67.91 -18.05 -4.34
CA TRP Z 36 68.58 -19.31 -4.04
C TRP Z 36 70.08 -19.07 -3.96
N ASP Z 37 70.71 -19.75 -3.01
CA ASP Z 37 72.15 -19.65 -2.82
C ASP Z 37 72.72 -21.05 -2.57
N ASP Z 38 73.99 -21.22 -2.92
CA ASP Z 38 74.68 -22.50 -2.78
C ASP Z 38 75.70 -22.40 -1.66
N ALA Z 39 75.68 -23.36 -0.74
CA ALA Z 39 76.61 -23.43 0.37
C ALA Z 39 77.40 -24.72 0.40
N THR Z 40 77.27 -25.55 -0.63
CA THR Z 40 77.94 -26.84 -0.71
C THR Z 40 79.11 -26.75 -1.70
N THR Z 41 79.87 -27.85 -1.79
CA THR Z 41 81.00 -27.95 -2.69
C THR Z 41 80.67 -28.75 -3.94
N PHE Z 42 79.41 -29.10 -4.15
CA PHE Z 42 79.02 -29.90 -5.30
C PHE Z 42 78.92 -29.02 -6.54
N VAL Z 43 78.79 -29.68 -7.69
CA VAL Z 43 78.53 -29.03 -8.97
C VAL Z 43 77.06 -29.26 -9.30
N ILE Z 44 76.33 -28.16 -9.49
CA ILE Z 44 74.88 -28.18 -9.60
C ILE Z 44 74.47 -27.70 -10.98
N ASN Z 45 73.63 -28.48 -11.65
CA ASN Z 45 73.03 -28.10 -12.92
C ASN Z 45 71.52 -27.95 -12.74
N GLY Z 46 70.87 -27.40 -13.76
CA GLY Z 46 69.42 -27.40 -13.75
C GLY Z 46 68.85 -26.29 -14.60
N THR Z 47 67.52 -26.24 -14.61
CA THR Z 47 66.76 -25.27 -15.39
C THR Z 47 66.01 -24.33 -14.46
N ILE Z 48 65.97 -23.06 -14.84
CA ILE Z 48 65.31 -22.00 -14.08
C ILE Z 48 64.22 -21.41 -14.95
N MET Z 49 63.01 -21.34 -14.42
CA MET Z 49 61.85 -20.81 -15.14
C MET Z 49 61.22 -19.68 -14.33
N VAL Z 50 60.92 -18.58 -15.00
CA VAL Z 50 60.28 -17.42 -14.40
C VAL Z 50 59.03 -17.11 -15.22
N GLU Z 51 57.89 -17.00 -14.55
CA GLU Z 51 56.62 -16.68 -15.20
C GLU Z 51 56.03 -15.45 -14.53
N ASN Z 52 55.70 -14.43 -15.32
CA ASN Z 52 55.15 -13.19 -14.81
C ASN Z 52 53.66 -13.17 -15.14
N ASN Z 53 52.82 -13.39 -14.13
CA ASN Z 53 51.38 -13.47 -14.32
C ASN Z 53 50.67 -12.15 -14.04
N GLY Z 54 51.41 -11.08 -13.76
CA GLY Z 54 50.79 -9.80 -13.47
C GLY Z 54 49.94 -9.29 -14.61
N THR Z 55 49.24 -8.18 -14.38
CA THR Z 55 48.38 -7.62 -15.42
C THR Z 55 49.23 -7.20 -16.61
N VAL Z 56 48.68 -7.39 -17.81
CA VAL Z 56 49.42 -7.12 -19.03
C VAL Z 56 49.56 -5.61 -19.21
N GLY Z 57 50.80 -5.17 -19.47
CA GLY Z 57 51.06 -3.77 -19.73
C GLY Z 57 51.06 -2.87 -18.52
N VAL Z 58 50.96 -3.43 -17.31
CA VAL Z 58 50.90 -2.63 -16.10
C VAL Z 58 51.98 -3.09 -15.13
N GLY Z 59 52.01 -4.39 -14.85
CA GLY Z 59 52.89 -4.94 -13.85
C GLY Z 59 54.36 -4.79 -14.21
N PRO Z 60 55.23 -4.71 -13.20
CA PRO Z 60 56.66 -4.60 -13.48
C PRO Z 60 57.21 -5.84 -14.16
N THR Z 61 58.30 -5.64 -14.89
CA THR Z 61 59.04 -6.74 -15.50
C THR Z 61 60.08 -7.28 -14.55
N ALA Z 62 60.48 -8.53 -14.78
CA ALA Z 62 61.44 -9.23 -13.93
C ALA Z 62 62.63 -9.68 -14.78
N ALA Z 63 63.81 -9.67 -14.17
CA ALA Z 63 65.04 -10.10 -14.81
C ALA Z 63 65.77 -11.07 -13.90
N LEU Z 64 66.34 -12.11 -14.49
CA LEU Z 64 67.06 -13.14 -13.75
C LEU Z 64 68.53 -12.77 -13.61
N THR Z 65 69.10 -13.12 -12.46
CA THR Z 65 70.53 -12.92 -12.20
C THR Z 65 71.09 -14.22 -11.63
N VAL Z 66 72.17 -14.71 -12.21
CA VAL Z 66 72.80 -15.96 -11.81
C VAL Z 66 74.29 -15.71 -11.64
N ASN Z 67 74.85 -16.23 -10.55
CA ASN Z 67 76.27 -16.08 -10.25
C ASN Z 67 76.68 -14.61 -10.16
N GLY Z 68 75.74 -13.75 -9.81
CA GLY Z 68 76.02 -12.33 -9.69
C GLY Z 68 76.06 -11.58 -11.00
N THR Z 69 75.76 -12.24 -12.12
CA THR Z 69 75.77 -11.61 -13.43
C THR Z 69 74.42 -11.80 -14.09
N ALA Z 70 73.86 -10.71 -14.62
CA ALA Z 70 72.56 -10.78 -15.25
C ALA Z 70 72.63 -11.61 -16.53
N VAL Z 71 71.60 -12.43 -16.75
CA VAL Z 71 71.54 -13.24 -17.96
C VAL Z 71 71.18 -12.36 -19.14
N GLY Z 72 71.93 -12.51 -20.23
CA GLY Z 72 71.75 -11.67 -21.40
C GLY Z 72 70.35 -11.72 -21.99
N GLY Z 73 69.60 -10.64 -21.86
CA GLY Z 73 68.30 -10.53 -22.47
C GLY Z 73 67.17 -11.22 -21.75
N PHE Z 74 67.43 -11.79 -20.57
CA PHE Z 74 66.40 -12.51 -19.82
C PHE Z 74 65.56 -11.51 -19.03
N VAL Z 75 64.60 -10.92 -19.73
CA VAL Z 75 63.59 -10.05 -19.13
C VAL Z 75 62.23 -10.58 -19.54
N VAL Z 76 61.33 -10.73 -18.57
CA VAL Z 76 60.02 -11.33 -18.78
C VAL Z 76 58.96 -10.26 -18.58
N ALA Z 77 58.14 -10.04 -19.60
CA ALA Z 77 57.02 -9.13 -19.52
C ALA Z 77 55.80 -9.86 -18.98
N PRO Z 78 54.80 -9.13 -18.47
CA PRO Z 78 53.62 -9.80 -17.92
C PRO Z 78 52.89 -10.61 -18.98
N GLY Z 79 52.34 -11.74 -18.55
CA GLY Z 79 51.72 -12.67 -19.47
C GLY Z 79 52.69 -13.54 -20.23
N GLU Z 80 53.84 -13.85 -19.65
CA GLU Z 80 54.88 -14.63 -20.33
C GLU Z 80 55.58 -15.53 -19.33
N CYS Z 81 56.28 -16.54 -19.86
CA CYS Z 81 57.18 -17.36 -19.09
C CYS Z 81 58.46 -17.55 -19.90
N ARG Z 82 59.57 -17.75 -19.20
CA ARG Z 82 60.85 -18.01 -19.87
C ARG Z 82 61.69 -18.92 -19.00
N SER Z 83 62.34 -19.89 -19.64
CA SER Z 83 63.13 -20.89 -18.95
C SER Z 83 64.50 -20.99 -19.61
N ILE Z 84 65.51 -21.30 -18.80
CA ILE Z 84 66.89 -21.41 -19.27
C ILE Z 84 67.57 -22.53 -18.49
N THR Z 85 68.30 -23.38 -19.21
CA THR Z 85 69.06 -24.47 -18.59
C THR Z 85 70.52 -24.05 -18.49
N MET Z 86 71.17 -24.45 -17.40
CA MET Z 86 72.55 -24.05 -17.16
C MET Z 86 73.23 -25.07 -16.26
N ASN Z 87 74.57 -24.96 -16.22
CA ASN Z 87 75.43 -25.83 -15.44
C ASN Z 87 76.29 -24.95 -14.55
N ASP Z 88 76.68 -25.49 -13.39
CA ASP Z 88 77.48 -24.77 -12.41
C ASP Z 88 76.74 -23.53 -11.92
N ILE Z 89 75.56 -23.76 -11.34
CA ILE Z 89 74.70 -22.70 -10.82
C ILE Z 89 74.93 -22.60 -9.32
N ASN Z 90 75.23 -21.39 -8.84
CA ASN Z 90 75.50 -21.16 -7.43
C ASN Z 90 74.60 -20.10 -6.80
N SER Z 91 73.94 -19.27 -7.59
CA SER Z 91 73.07 -18.25 -7.03
C SER Z 91 71.99 -17.89 -8.05
N ILE Z 92 70.78 -17.62 -7.54
CA ILE Z 92 69.65 -17.21 -8.34
C ILE Z 92 68.96 -16.05 -7.64
N ALA Z 93 68.73 -14.96 -8.38
CA ALA Z 93 68.08 -13.78 -7.84
C ALA Z 93 67.23 -13.13 -8.92
N ILE Z 94 66.28 -12.30 -8.49
CA ILE Z 94 65.33 -11.65 -9.38
C ILE Z 94 65.40 -10.15 -9.14
N VAL Z 95 65.40 -9.38 -10.23
CA VAL Z 95 65.40 -7.92 -10.17
C VAL Z 95 64.12 -7.44 -10.84
N GLY Z 96 63.33 -6.67 -10.11
CA GLY Z 96 62.09 -6.12 -10.63
C GLY Z 96 62.27 -4.68 -11.08
N ALA Z 97 61.56 -4.31 -12.15
CA ALA Z 97 61.64 -2.95 -12.69
C ALA Z 97 60.29 -2.56 -13.25
N GLY Z 98 59.76 -1.43 -12.77
CA GLY Z 98 58.49 -0.93 -13.26
C GLY Z 98 57.68 -0.24 -12.18
N THR Z 99 56.36 -0.20 -12.35
CA THR Z 99 55.46 0.40 -11.39
C THR Z 99 54.33 -0.57 -11.07
N GLY Z 100 53.93 -0.60 -9.81
CA GLY Z 100 52.94 -1.54 -9.36
C GLY Z 100 53.55 -2.81 -8.81
N THR Z 101 52.71 -3.83 -8.68
CA THR Z 101 53.10 -5.13 -8.16
C THR Z 101 52.66 -6.22 -9.11
N SER Z 102 53.45 -7.29 -9.20
CA SER Z 102 53.16 -8.41 -10.08
C SER Z 102 53.33 -9.72 -9.33
N SER Z 103 52.48 -10.69 -9.64
CA SER Z 103 52.60 -12.04 -9.07
C SER Z 103 53.54 -12.84 -9.95
N VAL Z 104 54.78 -13.00 -9.51
CA VAL Z 104 55.83 -13.61 -10.31
C VAL Z 104 56.18 -14.96 -9.69
N LYS Z 105 56.14 -16.01 -10.50
CA LYS Z 105 56.39 -17.38 -10.06
C LYS Z 105 57.78 -17.81 -10.53
N ILE Z 106 58.60 -18.26 -9.59
CA ILE Z 106 59.94 -18.75 -9.86
C ILE Z 106 59.99 -20.22 -9.54
N SER Z 107 60.43 -21.02 -10.50
CA SER Z 107 60.67 -22.44 -10.31
C SER Z 107 62.07 -22.79 -10.80
N PHE Z 108 62.66 -23.82 -10.22
CA PHE Z 108 63.98 -24.23 -10.66
C PHE Z 108 64.29 -25.65 -10.19
N SER Z 109 65.07 -26.34 -11.01
CA SER Z 109 65.49 -27.71 -10.73
C SER Z 109 66.95 -27.73 -10.33
N ILE Z 110 67.25 -28.49 -9.27
CA ILE Z 110 68.62 -28.70 -8.80
C ILE Z 110 68.96 -30.16 -9.10
N ASN Z 111 69.98 -30.38 -9.93
CA ASN Z 111 70.44 -31.70 -10.28
C ASN Z 111 71.92 -31.81 -9.97
N TYR Z 112 72.29 -32.84 -9.21
CA TYR Z 112 73.69 -33.08 -8.87
C TYR Z 112 73.83 -34.53 -8.44
N LYS Z 113 75.04 -34.89 -8.01
CA LYS Z 113 75.34 -36.23 -7.55
C LYS Z 113 76.24 -36.15 -6.32
N PHE Z 114 76.09 -37.11 -5.41
CA PHE Z 114 76.90 -37.13 -4.19
C PHE Z 114 77.26 -38.55 -3.79
N ALA AA 2 94.51 -68.51 -7.48
CA ALA AA 2 93.08 -68.50 -7.76
C ALA AA 2 92.33 -67.69 -6.71
N GLN AA 3 91.51 -66.74 -7.18
CA GLN AA 3 90.74 -65.90 -6.27
C GLN AA 3 89.73 -66.73 -5.49
N ILE AA 4 89.60 -66.43 -4.21
CA ILE AA 4 88.63 -67.08 -3.33
C ILE AA 4 87.67 -66.00 -2.84
N GLY AA 5 86.39 -66.15 -3.19
CA GLY AA 5 85.41 -65.14 -2.86
C GLY AA 5 85.54 -63.92 -3.74
N ASN AA 6 84.72 -62.92 -3.44
CA ASN AA 6 84.74 -61.67 -4.18
C ASN AA 6 84.56 -60.52 -3.19
N CYS AA 7 85.45 -59.54 -3.27
CA CYS AA 7 85.29 -58.34 -2.44
C CYS AA 7 83.96 -57.66 -2.74
N CYS AA 8 83.59 -57.58 -4.02
CA CYS AA 8 82.29 -57.08 -4.44
C CYS AA 8 82.02 -55.69 -3.89
N THR AA 9 80.84 -55.50 -3.30
CA THR AA 9 80.42 -54.22 -2.77
C THR AA 9 79.34 -54.44 -1.74
N GLU AA 10 78.84 -53.36 -1.16
CA GLU AA 10 77.79 -53.35 -0.15
C GLU AA 10 76.70 -52.35 -0.54
N GLN AA 11 76.21 -52.49 -1.77
CA GLN AA 11 75.37 -51.47 -2.42
C GLN AA 11 74.41 -50.83 -1.42
N LEU AA 12 74.30 -49.52 -1.50
CA LEU AA 12 73.52 -48.71 -0.57
C LEU AA 12 72.34 -48.09 -1.29
N CYS AA 13 71.17 -48.17 -0.68
CA CYS AA 13 69.98 -47.53 -1.22
C CYS AA 13 70.01 -46.04 -0.87
N CYS AA 14 69.69 -45.20 -1.84
CA CYS AA 14 69.73 -43.76 -1.67
C CYS AA 14 68.33 -43.24 -1.41
N VAL AA 15 68.15 -42.58 -0.27
CA VAL AA 15 66.86 -42.04 0.15
C VAL AA 15 66.83 -40.55 -0.14
N ASN AA 16 65.78 -40.11 -0.82
CA ASN AA 16 65.57 -38.70 -1.16
C ASN AA 16 64.10 -38.41 -0.85
N ASP AA 17 63.84 -37.85 0.32
CA ASP AA 17 62.49 -37.53 0.77
C ASP AA 17 62.30 -36.01 0.82
N ALA AA 18 61.04 -35.59 0.81
CA ALA AA 18 60.67 -34.20 0.87
C ALA AA 18 59.60 -34.01 1.93
N VAL AA 19 59.68 -32.90 2.66
CA VAL AA 19 58.72 -32.57 3.71
C VAL AA 19 58.26 -31.14 3.52
N CYS AA 20 56.97 -30.90 3.77
CA CYS AA 20 56.37 -29.58 3.65
C CYS AA 20 55.33 -29.40 4.76
N CYS AA 21 55.32 -28.22 5.38
CA CYS AA 21 54.25 -27.88 6.30
C CYS AA 21 54.09 -26.37 6.36
N THR AA 22 52.97 -25.94 6.93
CA THR AA 22 52.63 -24.53 7.09
C THR AA 22 52.34 -24.26 8.56
N ILE AA 23 52.82 -23.12 9.06
CA ILE AA 23 52.68 -22.76 10.45
C ILE AA 23 52.20 -21.32 10.55
N ILE AA 24 51.57 -21.01 11.68
CA ILE AA 24 51.17 -19.66 12.02
C ILE AA 24 52.25 -19.11 12.95
N LEU AA 25 53.09 -18.23 12.41
CA LEU AA 25 54.26 -17.74 13.12
C LEU AA 25 53.95 -16.37 13.74
N ASP AA 26 54.24 -16.24 15.02
CA ASP AA 26 54.11 -14.98 15.75
C ASP AA 26 55.45 -14.68 16.44
N ASP AA 27 55.45 -13.66 17.29
CA ASP AA 27 56.66 -13.28 18.00
C ASP AA 27 56.98 -14.30 19.08
N THR AA 28 58.17 -14.90 18.99
CA THR AA 28 58.60 -15.92 19.94
C THR AA 28 59.68 -15.42 20.88
N GLY AA 29 60.05 -14.14 20.81
CA GLY AA 29 61.05 -13.60 21.72
C GLY AA 29 62.43 -14.21 21.55
N GLY AA 30 62.82 -14.49 20.31
CA GLY AA 30 64.14 -15.02 20.03
C GLY AA 30 64.30 -16.51 20.22
N THR AA 31 63.25 -17.21 20.64
CA THR AA 31 63.33 -18.65 20.85
C THR AA 31 63.07 -19.38 19.54
N ALA AA 32 63.87 -20.41 19.29
CA ALA AA 32 63.77 -21.17 18.04
C ALA AA 32 62.74 -22.28 18.19
N LEU AA 33 61.73 -22.27 17.33
CA LEU AA 33 60.73 -23.32 17.33
C LEU AA 33 61.27 -24.54 16.60
N PRO AA 34 61.34 -25.70 17.24
CA PRO AA 34 61.92 -26.88 16.56
C PRO AA 34 61.04 -27.34 15.41
N ILE AA 35 61.65 -27.55 14.26
CA ILE AA 35 60.96 -28.02 13.07
C ILE AA 35 61.42 -29.43 12.69
N TRP AA 36 62.73 -29.66 12.67
CA TRP AA 36 63.26 -30.97 12.29
C TRP AA 36 64.49 -31.26 13.13
N ASP AA 37 64.62 -32.53 13.52
CA ASP AA 37 65.77 -32.97 14.31
C ASP AA 37 66.25 -34.31 13.78
N ASP AA 38 67.53 -34.58 13.97
CA ASP AA 38 68.16 -35.81 13.50
C ASP AA 38 68.49 -36.70 14.68
N ALA AA 39 68.08 -37.96 14.59
CA ALA AA 39 68.35 -38.95 15.63
C ALA AA 39 69.13 -40.15 15.10
N THR AA 40 69.60 -40.11 13.86
CA THR AA 40 70.32 -41.20 13.25
C THR AA 40 71.82 -40.86 13.18
N THR AA 41 72.60 -41.82 12.71
CA THR AA 41 74.04 -41.66 12.56
C THR AA 41 74.45 -41.39 11.12
N PHE AA 42 73.49 -41.18 10.23
CA PHE AA 42 73.78 -40.95 8.82
C PHE AA 42 74.25 -39.52 8.60
N VAL AA 43 74.76 -39.27 7.40
CA VAL AA 43 75.12 -37.92 6.94
C VAL AA 43 74.03 -37.48 5.98
N ILE AA 44 73.40 -36.35 6.27
CA ILE AA 44 72.19 -35.90 5.59
C ILE AA 44 72.50 -34.58 4.89
N ASN AA 45 72.17 -34.51 3.60
CA ASN AA 45 72.25 -33.29 2.83
C ASN AA 45 70.85 -32.86 2.40
N GLY AA 46 70.74 -31.64 1.87
CA GLY AA 46 69.48 -31.25 1.27
C GLY AA 46 69.32 -29.74 1.24
N THR AA 47 68.18 -29.33 0.72
CA THR AA 47 67.83 -27.93 0.56
C THR AA 47 66.64 -27.59 1.44
N ILE AA 48 66.68 -26.39 2.04
CA ILE AA 48 65.65 -25.90 2.94
C ILE AA 48 65.09 -24.62 2.34
N MET AA 49 63.77 -24.56 2.21
CA MET AA 49 63.08 -23.40 1.64
C MET AA 49 62.04 -22.90 2.64
N VAL AA 50 62.02 -21.57 2.82
CA VAL AA 50 61.07 -20.90 3.70
C VAL AA 50 60.38 -19.82 2.89
N GLU AA 51 59.05 -19.83 2.88
CA GLU AA 51 58.25 -18.84 2.16
C GLU AA 51 57.30 -18.19 3.15
N ASN AA 52 57.33 -16.85 3.20
CA ASN AA 52 56.48 -16.09 4.12
C ASN AA 52 55.37 -15.45 3.30
N ASN AA 53 54.16 -16.00 3.43
CA ASN AA 53 53.02 -15.54 2.66
C ASN AA 53 52.16 -14.53 3.41
N GLY AA 54 52.56 -14.12 4.61
CA GLY AA 54 51.79 -13.18 5.39
C GLY AA 54 51.57 -11.87 4.66
N THR AA 55 50.75 -11.00 5.25
CA THR AA 55 50.48 -9.70 4.63
C THR AA 55 51.77 -8.89 4.53
N VAL AA 56 51.90 -8.15 3.43
CA VAL AA 56 53.12 -7.41 3.17
C VAL AA 56 53.21 -6.23 4.12
N GLY AA 57 54.37 -6.09 4.78
CA GLY AA 57 54.62 -4.97 5.66
C GLY AA 57 53.93 -5.05 7.01
N VAL AA 58 53.29 -6.17 7.33
CA VAL AA 58 52.57 -6.30 8.59
C VAL AA 58 53.06 -7.54 9.33
N GLY AA 59 53.06 -8.67 8.66
CA GLY AA 59 53.36 -9.94 9.27
C GLY AA 59 54.80 -10.03 9.76
N PRO AA 60 55.04 -10.83 10.80
CA PRO AA 60 56.42 -10.97 11.31
C PRO AA 60 57.33 -11.62 10.30
N THR AA 61 58.62 -11.34 10.44
CA THR AA 61 59.64 -11.98 9.63
C THR AA 61 60.12 -13.27 10.29
N ALA AA 62 60.68 -14.16 9.48
CA ALA AA 62 61.16 -15.46 9.94
C ALA AA 62 62.64 -15.61 9.62
N ALA AA 63 63.35 -16.30 10.49
CA ALA AA 63 64.77 -16.57 10.32
C ALA AA 63 65.04 -18.06 10.54
N LEU AA 64 65.91 -18.62 9.72
CA LEU AA 64 66.25 -20.03 9.80
C LEU AA 64 67.42 -20.26 10.75
N THR AA 65 67.38 -21.38 11.46
CA THR AA 65 68.45 -21.79 12.34
C THR AA 65 68.76 -23.25 12.07
N VAL AA 66 70.04 -23.56 11.84
CA VAL AA 66 70.47 -24.91 11.52
C VAL AA 66 71.66 -25.25 12.40
N ASN AA 67 71.64 -26.46 12.98
CA ASN AA 67 72.72 -26.93 13.85
C ASN AA 67 72.90 -26.01 15.05
N GLY AA 68 71.83 -25.33 15.45
CA GLY AA 68 71.90 -24.43 16.58
C GLY AA 68 72.53 -23.08 16.30
N THR AA 69 72.87 -22.80 15.05
CA THR AA 69 73.49 -21.54 14.67
C THR AA 69 72.66 -20.90 13.56
N ALA AA 70 72.35 -19.61 13.73
CA ALA AA 70 71.55 -18.90 12.75
C ALA AA 70 72.31 -18.76 11.44
N VAL AA 71 71.60 -18.94 10.33
CA VAL AA 71 72.21 -18.79 9.01
C VAL AA 71 72.42 -17.31 8.73
N GLY AA 72 73.62 -16.96 8.26
CA GLY AA 72 73.98 -15.58 8.03
C GLY AA 72 73.07 -14.88 7.05
N GLY AA 73 72.27 -13.93 7.54
CA GLY AA 73 71.44 -13.11 6.69
C GLY AA 73 70.17 -13.76 6.20
N PHE AA 74 69.84 -14.96 6.66
CA PHE AA 74 68.65 -15.67 6.19
C PHE AA 74 67.44 -15.17 7.00
N VAL AA 75 66.90 -14.04 6.56
CA VAL AA 75 65.66 -13.49 7.09
C VAL AA 75 64.74 -13.25 5.91
N VAL AA 76 63.49 -13.70 6.04
CA VAL AA 76 62.52 -13.64 4.95
C VAL AA 76 61.40 -12.69 5.35
N ALA AA 77 61.19 -11.66 4.52
CA ALA AA 77 60.11 -10.72 4.71
C ALA AA 77 58.84 -11.26 4.04
N PRO AA 78 57.67 -10.75 4.44
CA PRO AA 78 56.43 -11.25 3.83
C PRO AA 78 56.40 -11.00 2.33
N GLY AA 79 55.80 -11.94 1.61
CA GLY AA 79 55.80 -11.90 0.16
C GLY AA 79 57.09 -12.35 -0.49
N GLU AA 80 57.83 -13.26 0.15
CA GLU AA 80 59.11 -13.71 -0.35
C GLU AA 80 59.31 -15.19 -0.04
N CYS AA 81 60.25 -15.80 -0.76
CA CYS AA 81 60.73 -17.13 -0.44
C CYS AA 81 62.25 -17.13 -0.54
N ARG AA 82 62.88 -18.02 0.22
CA ARG AA 82 64.33 -18.15 0.17
C ARG AA 82 64.70 -19.60 0.46
N SER AA 83 65.66 -20.11 -0.32
CA SER AA 83 66.09 -21.49 -0.22
C SER AA 83 67.61 -21.55 -0.12
N ILE AA 84 68.10 -22.55 0.59
CA ILE AA 84 69.53 -22.74 0.81
C ILE AA 84 69.83 -24.23 0.82
N THR AA 85 70.88 -24.63 0.12
CA THR AA 85 71.33 -26.01 0.09
C THR AA 85 72.51 -26.18 1.04
N MET AA 86 72.57 -27.32 1.73
CA MET AA 86 73.60 -27.56 2.72
C MET AA 86 73.83 -29.05 2.88
N ASN AA 87 74.95 -29.37 3.53
CA ASN AA 87 75.39 -30.73 3.80
C ASN AA 87 75.61 -30.87 5.30
N ASP AA 88 75.42 -32.09 5.80
CA ASP AA 88 75.56 -32.38 7.22
C ASP AA 88 74.57 -31.54 8.04
N ILE AA 89 73.29 -31.74 7.75
CA ILE AA 89 72.20 -31.04 8.42
C ILE AA 89 71.64 -31.95 9.50
N ASN AA 90 71.57 -31.43 10.73
CA ASN AA 90 71.08 -32.20 11.87
C ASN AA 90 69.90 -31.55 12.59
N SER AA 91 69.64 -30.27 12.37
CA SER AA 91 68.53 -29.60 13.04
C SER AA 91 68.06 -28.42 12.19
N ILE AA 92 66.76 -28.18 12.20
CA ILE AA 92 66.13 -27.08 11.49
C ILE AA 92 65.10 -26.45 12.42
N ALA AA 93 65.18 -25.13 12.59
CA ALA AA 93 64.25 -24.41 13.44
C ALA AA 93 64.00 -23.04 12.84
N ILE AA 94 62.90 -22.42 13.27
CA ILE AA 94 62.46 -21.13 12.76
C ILE AA 94 62.27 -20.18 13.94
N VAL AA 95 62.75 -18.95 13.79
CA VAL AA 95 62.60 -17.90 14.79
C VAL AA 95 61.79 -16.78 14.16
N GLY AA 96 60.67 -16.43 14.79
CA GLY AA 96 59.81 -15.35 14.32
C GLY AA 96 60.07 -14.07 15.08
N ALA AA 97 59.96 -12.94 14.38
CA ALA AA 97 60.19 -11.63 14.99
C ALA AA 97 59.27 -10.61 14.33
N GLY AA 98 58.48 -9.93 15.16
CA GLY AA 98 57.57 -8.90 14.66
C GLY AA 98 56.28 -8.82 15.44
N THR AA 99 55.23 -8.32 14.81
CA THR AA 99 53.92 -8.21 15.42
C THR AA 99 52.87 -8.81 14.51
N GLY AA 100 51.90 -9.50 15.10
CA GLY AA 100 50.88 -10.19 14.33
C GLY AA 100 51.26 -11.63 14.06
N THR AA 101 50.55 -12.23 13.11
CA THR AA 101 50.74 -13.62 12.74
C THR AA 101 50.92 -13.72 11.23
N SER AA 102 51.74 -14.69 10.81
CA SER AA 102 52.02 -14.90 9.39
C SER AA 102 51.90 -16.37 9.05
N SER AA 103 51.40 -16.66 7.85
CA SER AA 103 51.34 -18.03 7.35
C SER AA 103 52.66 -18.35 6.66
N VAL AA 104 53.53 -19.09 7.35
CA VAL AA 104 54.88 -19.35 6.90
C VAL AA 104 54.99 -20.83 6.52
N LYS AA 105 55.44 -21.09 5.31
CA LYS AA 105 55.56 -22.44 4.77
C LYS AA 105 57.01 -22.86 4.77
N ILE AA 106 57.30 -24.00 5.40
CA ILE AA 106 58.65 -24.56 5.47
C ILE AA 106 58.65 -25.88 4.70
N SER AA 107 59.58 -26.00 3.75
CA SER AA 107 59.80 -27.24 3.03
C SER AA 107 61.28 -27.58 3.09
N PHE AA 108 61.59 -28.87 3.00
CA PHE AA 108 62.99 -29.27 3.01
C PHE AA 108 63.13 -30.69 2.48
N SER AA 109 64.28 -30.92 1.83
CA SER AA 109 64.61 -32.22 1.27
C SER AA 109 65.69 -32.90 2.12
N ILE AA 110 65.48 -34.18 2.39
CA ILE AA 110 66.44 -35.02 3.11
C ILE AA 110 67.01 -36.00 2.10
N ASN AA 111 68.32 -35.94 1.87
CA ASN AA 111 69.00 -36.85 0.96
C ASN AA 111 70.13 -37.53 1.70
N TYR AA 112 70.16 -38.86 1.64
CA TYR AA 112 71.22 -39.63 2.27
C TYR AA 112 71.25 -41.01 1.63
N LYS AA 113 72.12 -41.87 2.15
CA LYS AA 113 72.26 -43.24 1.67
C LYS AA 113 72.42 -44.18 2.85
N PHE AA 114 71.92 -45.40 2.71
CA PHE AA 114 72.01 -46.38 3.79
C PHE AA 114 72.25 -47.79 3.25
N ALA BA 2 91.01 -72.34 -12.25
CA ALA BA 2 89.90 -71.77 -12.99
C ALA BA 2 88.68 -71.59 -12.10
N GLN BA 3 88.12 -70.38 -12.11
CA GLN BA 3 86.96 -70.09 -11.28
C GLN BA 3 85.76 -70.89 -11.76
N ILE BA 4 85.00 -71.43 -10.81
CA ILE BA 4 83.77 -72.17 -11.08
C ILE BA 4 82.63 -71.39 -10.45
N GLY BA 5 81.69 -70.94 -11.28
CA GLY BA 5 80.60 -70.12 -10.81
C GLY BA 5 81.06 -68.71 -10.50
N ASN BA 6 80.12 -67.91 -9.98
CA ASN BA 6 80.40 -66.54 -9.61
C ASN BA 6 79.69 -66.23 -8.31
N CYS BA 7 80.42 -65.69 -7.33
CA CYS BA 7 79.79 -65.26 -6.09
C CYS BA 7 78.73 -64.21 -6.36
N CYS BA 8 79.03 -63.27 -7.27
CA CYS BA 8 78.07 -62.28 -7.73
C CYS BA 8 77.46 -61.51 -6.58
N THR BA 9 76.13 -61.40 -6.57
CA THR BA 9 75.42 -60.64 -5.55
C THR BA 9 73.98 -61.14 -5.49
N GLU BA 10 73.20 -60.54 -4.61
CA GLU BA 10 71.78 -60.85 -4.40
C GLU BA 10 70.95 -59.58 -4.42
N GLN BA 11 71.14 -58.80 -5.49
CA GLN BA 11 70.64 -57.43 -5.56
C GLN BA 11 69.28 -57.28 -4.91
N LEU BA 12 69.12 -56.22 -4.12
CA LEU BA 12 67.93 -55.98 -3.33
C LEU BA 12 67.21 -54.74 -3.86
N CYS BA 13 65.89 -54.85 -4.00
CA CYS BA 13 65.08 -53.71 -4.39
C CYS BA 13 64.83 -52.82 -3.18
N CYS BA 14 64.95 -51.52 -3.37
CA CYS BA 14 64.81 -50.57 -2.28
C CYS BA 14 63.42 -49.94 -2.34
N VAL BA 15 62.66 -50.09 -1.26
CA VAL BA 15 61.29 -49.59 -1.17
C VAL BA 15 61.31 -48.29 -0.38
N ASN BA 16 60.68 -47.26 -0.93
CA ASN BA 16 60.56 -45.95 -0.31
C ASN BA 16 59.11 -45.52 -0.52
N ASP BA 17 58.28 -45.75 0.49
CA ASP BA 17 56.86 -45.40 0.44
C ASP BA 17 56.57 -44.25 1.39
N ALA BA 18 55.44 -43.58 1.15
CA ALA BA 18 54.98 -42.47 1.96
C ALA BA 18 53.52 -42.68 2.32
N VAL BA 19 53.15 -42.31 3.55
CA VAL BA 19 51.79 -42.45 4.04
C VAL BA 19 51.37 -41.13 4.67
N CYS BA 20 50.11 -40.75 4.47
CA CYS BA 20 49.54 -39.52 5.02
C CYS BA 20 48.09 -39.77 5.41
N CYS BA 21 47.70 -39.27 6.58
CA CYS BA 21 46.30 -39.27 6.95
C CYS BA 21 46.02 -38.14 7.92
N THR BA 22 44.72 -37.87 8.11
CA THR BA 22 44.26 -36.82 9.00
C THR BA 22 43.25 -37.42 9.99
N ILE BA 23 43.36 -37.01 11.25
CA ILE BA 23 42.54 -37.54 12.32
C ILE BA 23 41.96 -36.39 13.13
N ILE BA 24 40.85 -36.68 13.80
CA ILE BA 24 40.22 -35.76 14.75
C ILE BA 24 40.67 -36.22 16.12
N LEU BA 25 41.61 -35.47 16.72
CA LEU BA 25 42.25 -35.85 17.97
C LEU BA 25 41.58 -35.12 19.12
N ASP BA 26 41.20 -35.88 20.15
CA ASP BA 26 40.64 -35.35 21.39
C ASP BA 26 41.45 -35.90 22.55
N ASP BA 27 40.96 -35.66 23.77
CA ASP BA 27 41.64 -36.13 24.96
C ASP BA 27 41.48 -37.64 25.09
N THR BA 28 42.59 -38.37 25.13
CA THR BA 28 42.59 -39.82 25.22
C THR BA 28 43.03 -40.32 26.60
N GLY BA 29 43.29 -39.43 27.54
CA GLY BA 29 43.68 -39.84 28.87
C GLY BA 29 45.01 -40.58 28.92
N GLY BA 30 45.98 -40.15 28.12
CA GLY BA 30 47.29 -40.73 28.13
C GLY BA 30 47.45 -42.01 27.33
N THR BA 31 46.39 -42.50 26.70
CA THR BA 31 46.46 -43.71 25.91
C THR BA 31 46.93 -43.40 24.50
N ALA BA 32 47.82 -44.23 23.97
CA ALA BA 32 48.39 -44.00 22.65
C ALA BA 32 47.50 -44.64 21.59
N LEU BA 33 47.03 -43.84 20.65
CA LEU BA 33 46.24 -44.35 19.55
C LEU BA 33 47.16 -44.96 18.50
N PRO BA 34 46.99 -46.24 18.16
CA PRO BA 34 47.92 -46.86 17.20
C PRO BA 34 47.73 -46.27 15.81
N ILE BA 35 48.85 -45.89 15.19
CA ILE BA 35 48.86 -45.34 13.85
C ILE BA 35 49.55 -46.27 12.86
N TRP BA 36 50.71 -46.80 13.23
CA TRP BA 36 51.45 -47.69 12.34
C TRP BA 36 52.14 -48.76 13.17
N ASP BA 37 52.16 -49.98 12.65
CA ASP BA 37 52.80 -51.11 13.31
C ASP BA 37 53.58 -51.91 12.28
N ASP BA 38 54.63 -52.59 12.75
CA ASP BA 38 55.49 -53.39 11.90
C ASP BA 38 55.27 -54.86 12.18
N ALA BA 39 55.06 -55.64 11.12
CA ALA BA 39 54.85 -57.08 11.23
C ALA BA 39 55.86 -57.87 10.42
N THR BA 40 56.88 -57.22 9.86
CA THR BA 40 57.90 -57.85 9.04
C THR BA 40 59.19 -57.96 9.84
N THR BA 41 60.18 -58.62 9.22
CA THR BA 41 61.49 -58.82 9.82
C THR BA 41 62.53 -57.85 9.25
N PHE BA 42 62.11 -56.88 8.45
CA PHE BA 42 63.03 -55.94 7.83
C PHE BA 42 63.45 -54.87 8.83
N VAL BA 43 64.45 -54.09 8.45
CA VAL BA 43 64.89 -52.92 9.19
C VAL BA 43 64.38 -51.70 8.43
N ILE BA 44 63.60 -50.86 9.11
CA ILE BA 44 62.86 -49.78 8.49
C ILE BA 44 63.36 -48.45 9.05
N ASN BA 45 63.69 -47.53 8.15
CA ASN BA 45 64.06 -46.16 8.51
C ASN BA 45 63.01 -45.20 7.95
N GLY BA 46 63.09 -43.95 8.37
CA GLY BA 46 62.25 -42.95 7.75
C GLY BA 46 62.01 -41.76 8.66
N THR BA 47 61.24 -40.81 8.14
CA THR BA 47 60.91 -39.57 8.83
C THR BA 47 59.42 -39.53 9.12
N ILE BA 48 59.08 -39.02 10.30
CA ILE BA 48 57.71 -38.91 10.78
C ILE BA 48 57.42 -37.44 11.02
N MET BA 49 56.33 -36.95 10.45
CA MET BA 49 55.93 -35.55 10.57
C MET BA 49 54.50 -35.49 11.11
N VAL BA 50 54.29 -34.61 12.09
CA VAL BA 50 52.99 -34.38 12.70
C VAL BA 50 52.71 -32.88 12.62
N GLU BA 51 51.54 -32.52 12.08
CA GLU BA 51 51.12 -31.13 11.95
C GLU BA 51 49.77 -30.97 12.63
N ASN BA 52 49.67 -30.03 13.55
CA ASN BA 52 48.44 -29.79 14.28
C ASN BA 52 47.82 -28.50 13.75
N ASN BA 53 46.75 -28.65 12.96
CA ASN BA 53 46.09 -27.52 12.32
C ASN BA 53 44.90 -26.99 13.11
N GLY BA 54 44.64 -27.52 14.30
CA GLY BA 54 43.52 -27.08 15.10
C GLY BA 54 43.58 -25.60 15.43
N THR BA 55 42.52 -25.07 16.03
CA THR BA 55 42.49 -23.67 16.39
C THR BA 55 43.61 -23.35 17.39
N VAL BA 56 44.20 -22.18 17.24
CA VAL BA 56 45.34 -21.79 18.06
C VAL BA 56 44.87 -21.52 19.49
N GLY BA 57 45.54 -22.13 20.46
CA GLY BA 57 45.25 -21.89 21.86
C GLY BA 57 44.01 -22.59 22.38
N VAL BA 58 43.37 -23.43 21.59
CA VAL BA 58 42.14 -24.10 22.00
C VAL BA 58 42.30 -25.61 21.84
N GLY BA 59 42.72 -26.05 20.65
CA GLY BA 59 42.77 -27.46 20.34
C GLY BA 59 43.79 -28.21 21.17
N PRO BA 60 43.55 -29.50 21.40
CA PRO BA 60 44.51 -30.30 22.17
C PRO BA 60 45.85 -30.42 21.48
N THR BA 61 46.89 -30.65 22.27
CA THR BA 61 48.22 -30.92 21.77
C THR BA 61 48.40 -32.41 21.52
N ALA BA 62 49.35 -32.75 20.66
CA ALA BA 62 49.63 -34.12 20.28
C ALA BA 62 51.09 -34.44 20.57
N ALA BA 63 51.34 -35.69 20.95
CA ALA BA 63 52.68 -36.18 21.25
C ALA BA 63 52.90 -37.49 20.51
N LEU BA 64 54.11 -37.66 19.98
CA LEU BA 64 54.48 -38.85 19.22
C LEU BA 64 55.04 -39.92 20.15
N THR BA 65 54.74 -41.18 19.83
CA THR BA 65 55.28 -42.32 20.57
C THR BA 65 55.79 -43.32 19.55
N VAL BA 66 57.03 -43.76 19.71
CA VAL BA 66 57.67 -44.69 18.80
C VAL BA 66 58.30 -45.82 19.61
N ASN BA 67 58.09 -47.06 19.16
CA ASN BA 67 58.64 -48.24 19.84
C ASN BA 67 58.15 -48.32 21.28
N GLY BA 68 56.97 -47.77 21.55
CA GLY BA 68 56.42 -47.80 22.89
C GLY BA 68 57.01 -46.81 23.86
N THR BA 69 57.90 -45.93 23.40
CA THR BA 69 58.53 -44.92 24.24
C THR BA 69 58.29 -43.54 23.64
N ALA BA 70 57.85 -42.60 24.47
CA ALA BA 70 57.58 -41.26 23.99
C ALA BA 70 58.86 -40.57 23.57
N VAL BA 71 58.80 -39.83 22.46
CA VAL BA 71 59.97 -39.09 21.97
C VAL BA 71 60.17 -37.87 22.87
N GLY BA 72 61.41 -37.67 23.29
CA GLY BA 72 61.73 -36.59 24.20
C GLY BA 72 61.37 -35.21 23.68
N GLY BA 73 60.36 -34.59 24.29
CA GLY BA 73 60.00 -33.23 23.96
C GLY BA 73 59.17 -33.07 22.71
N PHE BA 74 58.75 -34.15 22.06
CA PHE BA 74 57.99 -34.08 20.82
C PHE BA 74 56.51 -33.86 21.16
N VAL BA 75 56.18 -32.60 21.42
CA VAL BA 75 54.80 -32.17 21.62
C VAL BA 75 54.55 -31.02 20.65
N VAL BA 76 53.44 -31.09 19.93
CA VAL BA 76 53.11 -30.12 18.88
C VAL BA 76 51.88 -29.34 19.32
N ALA BA 77 52.02 -28.02 19.39
CA ALA BA 77 50.91 -27.13 19.68
C ALA BA 77 50.17 -26.78 18.40
N PRO BA 78 48.93 -26.31 18.50
CA PRO BA 78 48.18 -25.98 17.28
C PRO BA 78 48.86 -24.87 16.49
N GLY BA 79 48.76 -24.97 15.18
CA GLY BA 79 49.46 -24.06 14.30
C GLY BA 79 50.93 -24.37 14.11
N GLU BA 80 51.33 -25.63 14.20
CA GLU BA 80 52.73 -26.01 14.12
C GLU BA 80 52.85 -27.36 13.42
N CYS BA 81 54.06 -27.64 12.95
CA CYS BA 81 54.42 -28.96 12.45
C CYS BA 81 55.80 -29.31 13.00
N ARG BA 82 56.04 -30.62 13.16
CA ARG BA 82 57.34 -31.09 13.63
C ARG BA 82 57.64 -32.44 13.00
N SER BA 83 58.88 -32.61 12.57
CA SER BA 83 59.32 -33.82 11.89
C SER BA 83 60.60 -34.34 12.53
N ILE BA 84 60.75 -35.66 12.52
CA ILE BA 84 61.90 -36.32 13.11
C ILE BA 84 62.26 -37.53 12.25
N THR BA 85 63.55 -37.69 11.98
CA THR BA 85 64.05 -38.83 11.22
C THR BA 85 64.63 -39.85 12.19
N MET BA 86 64.42 -41.14 11.89
CA MET BA 86 64.86 -42.20 12.77
C MET BA 86 65.10 -43.48 11.98
N ASN BA 87 65.78 -44.42 12.64
CA ASN BA 87 66.13 -45.72 12.08
C ASN BA 87 65.61 -46.79 13.02
N ASP BA 88 65.28 -47.95 12.46
CA ASP BA 88 64.73 -49.07 13.22
C ASP BA 88 63.41 -48.67 13.89
N ILE BA 89 62.45 -48.29 13.05
CA ILE BA 89 61.13 -47.87 13.50
C ILE BA 89 60.18 -49.05 13.34
N ASN BA 90 59.48 -49.38 14.43
CA ASN BA 90 58.56 -50.51 14.44
C ASN BA 90 57.13 -50.14 14.85
N SER BA 91 56.92 -48.98 15.45
CA SER BA 91 55.58 -48.58 15.87
C SER BA 91 55.50 -47.07 15.92
N ILE BA 92 54.35 -46.53 15.54
CA ILE BA 92 54.06 -45.10 15.58
C ILE BA 92 52.67 -44.90 16.16
N ALA BA 93 52.56 -44.06 17.18
CA ALA BA 93 51.28 -43.77 17.81
C ALA BA 93 51.25 -42.32 18.24
N ILE BA 94 50.04 -41.81 18.47
CA ILE BA 94 49.81 -40.41 18.82
C ILE BA 94 49.00 -40.37 20.11
N VAL BA 95 49.41 -39.50 21.02
CA VAL BA 95 48.72 -39.27 22.29
C VAL BA 95 48.23 -37.84 22.31
N GLY BA 96 46.93 -37.65 22.49
CA GLY BA 96 46.33 -36.33 22.55
C GLY BA 96 46.09 -35.90 23.99
N ALA BA 97 46.26 -34.61 24.25
CA ALA BA 97 46.06 -34.05 25.59
C ALA BA 97 45.50 -32.65 25.47
N GLY BA 98 44.36 -32.41 26.12
CA GLY BA 98 43.74 -31.11 26.12
C GLY BA 98 42.23 -31.17 26.14
N THR BA 99 41.59 -30.11 25.66
CA THR BA 99 40.13 -30.05 25.58
C THR BA 99 39.72 -29.64 24.18
N GLY BA 100 38.63 -30.25 23.70
CA GLY BA 100 38.17 -30.02 22.35
C GLY BA 100 38.73 -31.04 21.37
N THR BA 101 38.62 -30.71 20.09
CA THR BA 101 39.07 -31.58 19.02
C THR BA 101 39.97 -30.79 18.07
N SER BA 102 40.96 -31.47 17.50
CA SER BA 102 41.90 -30.85 16.58
C SER BA 102 42.07 -31.71 15.34
N SER BA 103 42.24 -31.06 14.19
CA SER BA 103 42.52 -31.76 12.94
C SER BA 103 44.04 -31.95 12.84
N VAL BA 104 44.51 -33.16 13.14
CA VAL BA 104 45.93 -33.45 13.23
C VAL BA 104 46.32 -34.35 12.06
N LYS BA 105 47.33 -33.94 11.31
CA LYS BA 105 47.77 -34.65 10.12
C LYS BA 105 49.08 -35.38 10.44
N ILE BA 106 49.10 -36.67 10.18
CA ILE BA 106 50.28 -37.51 10.40
C ILE BA 106 50.75 -38.03 9.06
N SER BA 107 52.03 -37.80 8.76
CA SER BA 107 52.67 -38.36 7.57
C SER BA 107 53.95 -39.05 7.98
N PHE BA 108 54.37 -40.04 7.20
CA PHE BA 108 55.60 -40.73 7.51
C PHE BA 108 56.10 -41.51 6.30
N SER BA 109 57.41 -41.61 6.21
CA SER BA 109 58.08 -42.33 5.13
C SER BA 109 58.65 -43.64 5.64
N ILE BA 110 58.44 -44.71 4.88
CA ILE BA 110 58.98 -46.03 5.18
C ILE BA 110 60.04 -46.31 4.12
N ASN BA 111 61.28 -46.49 4.55
CA ASN BA 111 62.39 -46.79 3.65
C ASN BA 111 63.07 -48.06 4.12
N TYR BA 112 63.21 -49.03 3.22
CA TYR BA 112 63.89 -50.28 3.53
C TYR BA 112 64.33 -50.93 2.23
N LYS BA 113 64.89 -52.13 2.35
CA LYS BA 113 65.35 -52.89 1.20
C LYS BA 113 64.98 -54.36 1.39
N PHE BA 114 64.70 -55.05 0.28
CA PHE BA 114 64.33 -56.46 0.35
C PHE BA 114 64.91 -57.24 -0.82
#